data_5TCJ
#
_entry.id   5TCJ
#
_cell.length_a   135.092
_cell.length_b   159.875
_cell.length_c   165.331
_cell.angle_alpha   90.00
_cell.angle_beta   90.00
_cell.angle_gamma   90.00
#
_symmetry.space_group_name_H-M   'P 21 21 21'
#
loop_
_entity.id
_entity.type
_entity.pdbx_description
1 polymer 'Tryptophan synthase alpha chain'
2 polymer 'Tryptophan synthase beta chain'
3 non-polymer 'MALONATE ION'
4 non-polymer 'FORMIC ACID'
5 non-polymer '2-[({3-HYDROXY-2-METHYL-5-[(PHOSPHONOOXY)METHYL]PYRIDIN-4-YL}METHYL)AMINO]ACRYLIC ACID'
6 non-polymer 'CESIUM ION'
7 non-polymer "(2R,3S,4R)-3-(2'-fluoro[1,1'-biphenyl]-4-yl)-4-(hydroxymethyl)azetidine-2-carbonitrile"
8 water water
#
loop_
_entity_poly.entity_id
_entity_poly.type
_entity_poly.pdbx_seq_one_letter_code
_entity_poly.pdbx_strand_id
1 'polypeptide(L)'
;MVAVEQSEASRLGPVFDSCRANNRAALIGYLPTGYPDVPASVAAMTALVESGCDIIEVGVPYSDPGMDGPTIARATEAAL
RGGVRVRDTLAAVEAISIAGGRAVVMTYWNPVLRYGVDAFARDLAAAGGLGLITPDLIPDEAQQWLAASEEHRLDRIFLV
APSSTPERLAATVEASRGFVYAASTMGVTGARDAVSQAAPELVGRVKAVSDIPVGVGLGVRSRAQAAQIAQYADGVIVGS
ALVTALTEGLPRLRALTGELAAGVRLGMSAHHHHHH
;
A,G,E,C
2 'polypeptide(L)'
;MSAAIAEPTSHDPDSGGHFGGPSGWGGRYVPEALMAVIEEVTAAYQKERVSQDFLDDLDRLQANYAGRPSPLYEATRLSQ
HAGSARIFLKREDLNHTGSHKINNVLGQALLARRMGKTRVIAETGAGQHGVATATACALLGLDCVIYMGGIDTARQALNV
ARMRLLGAEVVAVQTGSKTLKDAINEAFRDWVANADNTYYCFGTAAGPHPFPTMVRDFQRIIGMEARVQIQGQAGRLPDA
VVACVGGGSNAIGIFHAFLDDPGVRLVGFEAAGDGVETGRHAATFTAGSPGAFHGSFSYLLQDEDGQTIESHSISAGLDY
PGVGPEHAWLKEAGRVDYRPITDSEAMDAFGLLCRMEGIIPAIESAHAVAGALKLGVELGRGAVIVVNLSGRGDKDVETA
AKWFGLLGND
;
B,H,F,D
#
loop_
_chem_comp.id
_chem_comp.type
_chem_comp.name
_chem_comp.formula
79V non-polymer (2R,3S,4R)-3-(2'-fluoro[1,1'-biphenyl]-4-yl)-4-(hydroxymethyl)azetidine-2-carbonitrile 'C17 H15 F N2 O'
CS non-polymer 'CESIUM ION' 'Cs 1'
FMT non-polymer 'FORMIC ACID' 'C H2 O2'
MLI non-polymer 'MALONATE ION' 'C3 H2 O4 -2'
P1T non-polymer '2-[({3-HYDROXY-2-METHYL-5-[(PHOSPHONOOXY)METHYL]PYRIDIN-4-YL}METHYL)AMINO]ACRYLIC ACID' 'C11 H15 N2 O7 P'
#
# COMPACT_ATOMS: atom_id res chain seq x y z
N GLU A 8 -10.86 58.85 -21.38
CA GLU A 8 -11.88 59.82 -20.86
C GLU A 8 -12.20 59.59 -19.36
N ALA A 9 -12.84 60.59 -18.75
CA ALA A 9 -13.26 60.50 -17.35
C ALA A 9 -14.39 59.46 -17.18
N SER A 10 -14.44 58.88 -15.99
CA SER A 10 -15.50 57.93 -15.65
C SER A 10 -16.83 58.68 -15.54
N ARG A 11 -17.93 57.96 -15.77
CA ARG A 11 -19.28 58.53 -15.66
C ARG A 11 -19.59 59.11 -14.26
N LEU A 12 -19.10 58.43 -13.22
CA LEU A 12 -19.28 58.87 -11.83
C LEU A 12 -18.22 59.83 -11.31
N GLY A 13 -17.18 60.10 -12.12
CA GLY A 13 -16.14 61.08 -11.79
C GLY A 13 -16.63 62.42 -11.27
N PRO A 14 -17.50 63.11 -12.05
CA PRO A 14 -18.06 64.40 -11.60
C PRO A 14 -18.76 64.40 -10.23
N VAL A 15 -19.42 63.31 -9.86
CA VAL A 15 -20.10 63.23 -8.56
C VAL A 15 -19.09 63.26 -7.41
N PHE A 16 -18.04 62.43 -7.53
CA PHE A 16 -16.99 62.36 -6.50
C PHE A 16 -16.15 63.63 -6.42
N ASP A 17 -15.83 64.22 -7.57
CA ASP A 17 -15.15 65.52 -7.62
C ASP A 17 -15.97 66.59 -6.90
N SER A 18 -17.27 66.62 -7.20
CA SER A 18 -18.21 67.56 -6.58
C SER A 18 -18.34 67.36 -5.06
N CYS A 19 -18.44 66.10 -4.62
CA CYS A 19 -18.47 65.77 -3.18
C CYS A 19 -17.17 66.17 -2.48
N ARG A 20 -16.05 65.81 -3.09
CA ARG A 20 -14.73 66.13 -2.53
C ARG A 20 -14.47 67.65 -2.43
N ALA A 21 -15.09 68.44 -3.31
CA ALA A 21 -15.03 69.91 -3.25
C ALA A 21 -15.87 70.50 -2.11
N ASN A 22 -16.95 69.81 -1.74
CA ASN A 22 -17.78 70.18 -0.58
C ASN A 22 -17.44 69.40 0.71
N ASN A 23 -16.23 68.84 0.78
CA ASN A 23 -15.68 68.22 1.99
C ASN A 23 -16.57 67.11 2.57
N ARG A 24 -17.13 66.30 1.68
CA ARG A 24 -18.01 65.20 2.07
C ARG A 24 -17.78 63.96 1.22
N ALA A 25 -18.39 62.86 1.65
CA ALA A 25 -18.42 61.63 0.88
C ALA A 25 -19.73 61.60 0.10
N ALA A 26 -19.75 60.81 -0.97
CA ALA A 26 -20.99 60.52 -1.66
C ALA A 26 -21.80 59.52 -0.83
N LEU A 27 -23.10 59.77 -0.70
CA LEU A 27 -24.02 58.77 -0.13
C LEU A 27 -24.50 57.86 -1.27
N ILE A 28 -24.25 56.57 -1.13
CA ILE A 28 -24.59 55.57 -2.13
C ILE A 28 -25.66 54.66 -1.52
N GLY A 29 -26.90 54.74 -2.04
CA GLY A 29 -28.05 54.04 -1.46
C GLY A 29 -28.53 52.87 -2.31
N TYR A 30 -28.68 51.70 -1.68
CA TYR A 30 -29.16 50.51 -2.36
C TYR A 30 -30.63 50.24 -2.04
N LEU A 31 -31.45 49.98 -3.08
CA LEU A 31 -32.74 49.34 -2.92
C LEU A 31 -32.95 48.28 -4.02
N PRO A 32 -33.64 47.18 -3.69
CA PRO A 32 -33.92 46.17 -4.71
C PRO A 32 -35.21 46.49 -5.43
N THR A 33 -35.17 46.42 -6.75
CA THR A 33 -36.35 46.58 -7.58
C THR A 33 -37.42 45.57 -7.14
N GLY A 34 -38.69 46.00 -7.13
CA GLY A 34 -39.82 45.12 -6.81
C GLY A 34 -40.20 44.88 -5.35
N TYR A 35 -39.45 45.45 -4.41
CA TYR A 35 -39.79 45.33 -2.99
C TYR A 35 -40.37 46.66 -2.47
N PRO A 36 -41.55 46.66 -1.84
CA PRO A 36 -42.45 45.49 -1.65
C PRO A 36 -43.27 45.07 -2.89
N ASP A 37 -43.46 45.99 -3.83
CA ASP A 37 -43.90 45.67 -5.21
C ASP A 37 -43.16 46.62 -6.17
N VAL A 38 -43.42 46.51 -7.48
CA VAL A 38 -42.66 47.30 -8.45
C VAL A 38 -42.94 48.81 -8.34
N PRO A 39 -44.24 49.23 -8.31
CA PRO A 39 -44.49 50.68 -8.15
C PRO A 39 -43.98 51.26 -6.82
N ALA A 40 -44.12 50.54 -5.71
CA ALA A 40 -43.68 51.07 -4.41
C ALA A 40 -42.14 51.23 -4.36
N SER A 41 -41.42 50.31 -5.00
CA SER A 41 -39.96 50.37 -5.07
C SER A 41 -39.45 51.55 -5.90
N VAL A 42 -40.14 51.87 -6.98
CA VAL A 42 -39.85 53.04 -7.81
C VAL A 42 -40.11 54.34 -7.03
N ALA A 43 -41.22 54.41 -6.31
CA ALA A 43 -41.50 55.52 -5.40
C ALA A 43 -40.43 55.65 -4.31
N ALA A 44 -39.97 54.53 -3.78
CA ALA A 44 -38.92 54.52 -2.78
C ALA A 44 -37.58 55.05 -3.32
N MET A 45 -37.21 54.60 -4.51
CA MET A 45 -35.97 55.06 -5.15
C MET A 45 -36.00 56.53 -5.54
N THR A 46 -37.15 57.02 -5.99
CA THR A 46 -37.37 58.44 -6.20
C THR A 46 -37.20 59.23 -4.90
N ALA A 47 -37.72 58.70 -3.80
CA ALA A 47 -37.57 59.34 -2.50
C ALA A 47 -36.10 59.49 -2.08
N LEU A 48 -35.27 58.50 -2.41
CA LEU A 48 -33.82 58.55 -2.15
C LEU A 48 -33.15 59.70 -2.89
N VAL A 49 -33.53 59.90 -4.16
CA VAL A 49 -33.03 61.02 -4.95
C VAL A 49 -33.41 62.35 -4.29
N GLU A 50 -34.70 62.46 -3.93
CA GLU A 50 -35.26 63.66 -3.29
C GLU A 50 -34.67 63.95 -1.90
N SER A 51 -34.26 62.89 -1.18
CA SER A 51 -33.71 63.01 0.18
C SER A 51 -32.17 63.13 0.27
N GLY A 52 -31.49 63.19 -0.87
CA GLY A 52 -30.05 63.49 -0.93
C GLY A 52 -29.10 62.31 -1.14
N CYS A 53 -29.56 61.27 -1.83
CA CYS A 53 -28.66 60.23 -2.31
C CYS A 53 -27.94 60.75 -3.55
N ASP A 54 -26.61 60.66 -3.53
CA ASP A 54 -25.82 61.09 -4.66
C ASP A 54 -25.85 60.04 -5.77
N ILE A 55 -25.79 58.76 -5.38
CA ILE A 55 -25.87 57.63 -6.30
C ILE A 55 -26.83 56.56 -5.76
N ILE A 56 -27.65 55.97 -6.63
CA ILE A 56 -28.55 54.86 -6.27
C ILE A 56 -28.02 53.56 -6.89
N GLU A 57 -27.88 52.52 -6.06
CA GLU A 57 -27.66 51.15 -6.55
C GLU A 57 -29.02 50.48 -6.68
N VAL A 58 -29.41 50.24 -7.92
CA VAL A 58 -30.64 49.54 -8.22
C VAL A 58 -30.29 48.06 -8.21
N GLY A 59 -30.78 47.34 -7.19
CA GLY A 59 -30.56 45.89 -7.08
C GLY A 59 -31.46 45.08 -8.00
N VAL A 60 -30.90 44.07 -8.67
CA VAL A 60 -31.66 43.11 -9.48
C VAL A 60 -31.86 41.87 -8.61
N PRO A 61 -33.12 41.60 -8.18
CA PRO A 61 -33.37 40.39 -7.39
C PRO A 61 -32.98 39.10 -8.11
N TYR A 62 -32.20 38.27 -7.43
CA TYR A 62 -31.70 37.02 -7.97
C TYR A 62 -32.16 35.85 -7.07
N SER A 63 -32.47 34.72 -7.70
CA SER A 63 -32.98 33.53 -7.01
C SER A 63 -32.01 32.95 -5.96
N ASP A 64 -30.71 33.09 -6.19
CA ASP A 64 -29.70 32.48 -5.31
C ASP A 64 -28.59 33.49 -4.97
N PRO A 65 -28.93 34.54 -4.18
CA PRO A 65 -28.00 35.64 -3.94
C PRO A 65 -27.06 35.35 -2.76
N GLY A 66 -25.89 34.79 -3.05
CA GLY A 66 -25.00 34.30 -2.01
C GLY A 66 -24.34 35.37 -1.15
N MET A 67 -24.19 36.57 -1.69
CA MET A 67 -23.54 37.68 -0.99
C MET A 67 -24.50 38.64 -0.27
N ASP A 68 -25.82 38.47 -0.44
CA ASP A 68 -26.81 39.32 0.25
C ASP A 68 -27.05 38.85 1.67
N GLY A 69 -27.15 39.79 2.62
CA GLY A 69 -27.49 39.47 4.01
C GLY A 69 -28.98 39.14 4.17
N PRO A 70 -29.40 38.70 5.37
CA PRO A 70 -30.80 38.28 5.59
C PRO A 70 -31.86 39.33 5.22
N THR A 71 -31.66 40.58 5.63
CA THR A 71 -32.62 41.64 5.33
C THR A 71 -32.81 41.82 3.82
N ILE A 72 -31.70 41.85 3.08
CA ILE A 72 -31.78 41.99 1.62
C ILE A 72 -32.32 40.72 0.94
N ALA A 73 -31.94 39.56 1.47
CA ALA A 73 -32.37 38.27 0.92
C ALA A 73 -33.89 38.05 1.04
N ARG A 74 -34.47 38.33 2.21
CA ARG A 74 -35.94 38.25 2.40
C ARG A 74 -36.70 39.20 1.45
N ALA A 75 -36.13 40.38 1.25
CA ALA A 75 -36.73 41.41 0.39
C ALA A 75 -36.66 41.03 -1.09
N THR A 76 -35.54 40.45 -1.53
CA THR A 76 -35.43 39.98 -2.91
C THR A 76 -36.32 38.74 -3.19
N GLU A 77 -36.45 37.85 -2.21
CA GLU A 77 -37.45 36.77 -2.30
C GLU A 77 -38.87 37.31 -2.49
N ALA A 78 -39.23 38.33 -1.71
CA ALA A 78 -40.56 38.93 -1.77
C ALA A 78 -40.80 39.58 -3.12
N ALA A 79 -39.79 40.24 -3.66
CA ALA A 79 -39.85 40.83 -4.99
C ALA A 79 -40.11 39.78 -6.07
N LEU A 80 -39.40 38.66 -5.98
CA LEU A 80 -39.54 37.57 -6.95
C LEU A 80 -40.89 36.87 -6.86
N ARG A 81 -41.45 36.77 -5.66
CA ARG A 81 -42.83 36.30 -5.48
C ARG A 81 -43.83 37.27 -6.11
N GLY A 82 -43.56 38.57 -6.01
CA GLY A 82 -44.35 39.60 -6.71
C GLY A 82 -44.29 39.57 -8.23
N GLY A 83 -43.32 38.85 -8.80
CA GLY A 83 -43.20 38.69 -10.25
C GLY A 83 -42.25 39.69 -10.92
N VAL A 84 -41.30 40.22 -10.17
CA VAL A 84 -40.35 41.23 -10.67
C VAL A 84 -39.48 40.67 -11.81
N ARG A 85 -39.22 41.52 -12.81
CA ARG A 85 -38.45 41.15 -14.00
C ARG A 85 -37.20 41.99 -14.09
N VAL A 86 -36.25 41.58 -14.95
CA VAL A 86 -35.02 42.34 -15.16
C VAL A 86 -35.32 43.68 -15.84
N ARG A 87 -36.25 43.69 -16.79
CA ARG A 87 -36.68 44.93 -17.46
C ARG A 87 -37.29 45.96 -16.48
N ASP A 88 -37.81 45.51 -15.34
CA ASP A 88 -38.28 46.42 -14.28
C ASP A 88 -37.13 47.22 -13.66
N THR A 89 -35.96 46.61 -13.54
CA THR A 89 -34.74 47.33 -13.13
C THR A 89 -34.34 48.44 -14.11
N LEU A 90 -34.48 48.17 -15.41
CA LEU A 90 -34.25 49.19 -16.43
C LEU A 90 -35.26 50.34 -16.31
N ALA A 91 -36.54 50.01 -16.08
CA ALA A 91 -37.57 51.03 -15.84
C ALA A 91 -37.26 51.86 -14.59
N ALA A 92 -36.79 51.20 -13.52
CA ALA A 92 -36.40 51.91 -12.28
C ALA A 92 -35.28 52.91 -12.54
N VAL A 93 -34.30 52.52 -13.34
CA VAL A 93 -33.20 53.41 -13.73
C VAL A 93 -33.70 54.60 -14.54
N GLU A 94 -34.64 54.37 -15.45
CA GLU A 94 -35.27 55.45 -16.22
C GLU A 94 -35.93 56.47 -15.28
N ALA A 95 -36.80 55.98 -14.39
CA ALA A 95 -37.45 56.80 -13.36
C ALA A 95 -36.47 57.60 -12.49
N ILE A 96 -35.39 56.95 -12.06
CA ILE A 96 -34.31 57.62 -11.33
C ILE A 96 -33.64 58.73 -12.16
N SER A 97 -33.37 58.47 -13.44
CA SER A 97 -32.77 59.45 -14.35
C SER A 97 -33.72 60.65 -14.58
N ILE A 98 -35.00 60.36 -14.79
CA ILE A 98 -36.05 61.40 -14.95
C ILE A 98 -36.17 62.31 -13.73
N ALA A 99 -36.01 61.74 -12.53
CA ALA A 99 -36.09 62.48 -11.26
C ALA A 99 -34.83 63.33 -10.92
N GLY A 100 -33.83 63.35 -11.80
CA GLY A 100 -32.59 64.11 -11.58
C GLY A 100 -31.52 63.29 -10.87
N GLY A 101 -31.75 62.00 -10.69
CA GLY A 101 -30.84 61.13 -9.97
C GLY A 101 -29.81 60.46 -10.87
N ARG A 102 -28.97 59.65 -10.22
CA ARG A 102 -27.88 58.93 -10.87
C ARG A 102 -27.91 57.46 -10.41
N ALA A 103 -28.16 56.56 -11.36
CA ALA A 103 -28.31 55.14 -11.04
C ALA A 103 -27.15 54.30 -11.58
N VAL A 104 -26.72 53.34 -10.76
CA VAL A 104 -25.95 52.18 -11.21
C VAL A 104 -26.76 50.95 -10.84
N VAL A 105 -26.52 49.84 -11.54
CA VAL A 105 -27.21 48.58 -11.26
C VAL A 105 -26.25 47.64 -10.53
N MET A 106 -26.75 46.98 -9.48
CA MET A 106 -26.05 45.88 -8.82
C MET A 106 -26.75 44.58 -9.16
N THR A 107 -26.03 43.65 -9.77
CA THR A 107 -26.60 42.40 -10.20
C THR A 107 -25.57 41.27 -10.13
N TYR A 108 -26.09 40.08 -9.88
CA TYR A 108 -25.34 38.84 -10.06
C TYR A 108 -25.26 38.62 -11.56
N TRP A 109 -24.28 37.84 -12.01
CA TRP A 109 -23.90 37.85 -13.43
C TRP A 109 -24.87 37.14 -14.37
N ASN A 110 -25.51 36.06 -13.92
CA ASN A 110 -26.33 35.24 -14.83
C ASN A 110 -27.52 35.97 -15.46
N PRO A 111 -28.25 36.81 -14.70
CA PRO A 111 -29.26 37.63 -15.38
C PRO A 111 -28.70 38.48 -16.52
N VAL A 112 -27.46 38.97 -16.37
CA VAL A 112 -26.80 39.73 -17.45
C VAL A 112 -26.46 38.81 -18.65
N LEU A 113 -25.91 37.62 -18.38
CA LEU A 113 -25.65 36.64 -19.44
C LEU A 113 -26.91 36.25 -20.22
N ARG A 114 -28.01 36.03 -19.50
CA ARG A 114 -29.27 35.58 -20.10
C ARG A 114 -29.87 36.68 -20.97
N TYR A 115 -29.83 37.92 -20.49
CA TYR A 115 -30.24 39.09 -21.27
C TYR A 115 -29.31 39.30 -22.48
N GLY A 116 -28.02 39.01 -22.33
CA GLY A 116 -27.00 39.32 -23.33
C GLY A 116 -26.19 40.49 -22.79
N VAL A 117 -24.87 40.31 -22.69
CA VAL A 117 -24.01 41.28 -22.02
C VAL A 117 -24.00 42.61 -22.78
N ASP A 118 -23.75 42.53 -24.09
CA ASP A 118 -23.74 43.72 -24.93
C ASP A 118 -25.09 44.42 -24.93
N ALA A 119 -26.17 43.65 -25.07
CA ALA A 119 -27.52 44.20 -25.08
C ALA A 119 -27.93 44.85 -23.76
N PHE A 120 -27.57 44.22 -22.63
CA PHE A 120 -27.88 44.80 -21.33
C PHE A 120 -27.10 46.11 -21.10
N ALA A 121 -25.84 46.14 -21.50
CA ALA A 121 -25.02 47.36 -21.40
C ALA A 121 -25.59 48.48 -22.28
N ARG A 122 -26.03 48.14 -23.49
CA ARG A 122 -26.69 49.09 -24.40
C ARG A 122 -27.95 49.68 -23.77
N ASP A 123 -28.81 48.81 -23.26
CA ASP A 123 -30.10 49.24 -22.72
C ASP A 123 -29.97 49.98 -21.39
N LEU A 124 -29.00 49.59 -20.56
CA LEU A 124 -28.71 50.29 -19.32
C LEU A 124 -28.21 51.70 -19.57
N ALA A 125 -27.31 51.85 -20.54
CA ALA A 125 -26.83 53.16 -20.98
C ALA A 125 -27.93 54.03 -21.58
N ALA A 126 -28.83 53.39 -22.33
CA ALA A 126 -29.98 54.08 -22.95
C ALA A 126 -30.91 54.68 -21.89
N ALA A 127 -31.16 53.91 -20.83
CA ALA A 127 -31.96 54.38 -19.68
C ALA A 127 -31.30 55.47 -18.80
N GLY A 128 -30.05 55.83 -19.09
CA GLY A 128 -29.32 56.80 -18.29
C GLY A 128 -28.49 56.16 -17.17
N GLY A 129 -28.39 54.84 -17.19
CA GLY A 129 -27.58 54.14 -16.19
C GLY A 129 -26.11 54.47 -16.39
N LEU A 130 -25.37 54.55 -15.28
CA LEU A 130 -23.99 55.02 -15.29
C LEU A 130 -22.96 53.94 -15.12
N GLY A 131 -23.38 52.75 -14.70
CA GLY A 131 -22.44 51.67 -14.45
C GLY A 131 -23.09 50.47 -13.83
N LEU A 132 -22.25 49.50 -13.48
CA LEU A 132 -22.67 48.18 -13.07
C LEU A 132 -21.77 47.66 -11.94
N ILE A 133 -22.39 47.21 -10.85
CA ILE A 133 -21.67 46.64 -9.70
C ILE A 133 -21.86 45.15 -9.78
N THR A 134 -20.76 44.40 -9.78
CA THR A 134 -20.76 42.96 -10.09
C THR A 134 -20.15 42.08 -8.99
N PRO A 135 -20.94 41.74 -7.95
CA PRO A 135 -20.39 41.01 -6.79
C PRO A 135 -19.89 39.58 -7.03
N ASP A 136 -20.42 38.88 -8.03
CA ASP A 136 -19.93 37.55 -8.40
C ASP A 136 -19.18 37.49 -9.75
N LEU A 137 -18.83 38.65 -10.32
CA LEU A 137 -17.95 38.69 -11.50
C LEU A 137 -16.63 39.32 -11.09
N ILE A 138 -15.56 38.55 -11.26
CA ILE A 138 -14.20 39.02 -11.01
C ILE A 138 -13.59 39.41 -12.36
N PRO A 139 -12.54 40.25 -12.36
CA PRO A 139 -11.96 40.68 -13.65
C PRO A 139 -11.45 39.53 -14.52
N ASP A 140 -10.97 38.45 -13.89
CA ASP A 140 -10.57 37.19 -14.57
C ASP A 140 -11.59 36.66 -15.60
N GLU A 141 -12.88 36.81 -15.32
CA GLU A 141 -13.98 36.35 -16.21
C GLU A 141 -14.71 37.49 -16.93
N ALA A 142 -14.18 38.71 -16.88
CA ALA A 142 -14.90 39.92 -17.31
C ALA A 142 -14.58 40.44 -18.72
N GLN A 143 -14.10 39.58 -19.62
CA GLN A 143 -13.67 40.00 -20.97
C GLN A 143 -14.81 40.66 -21.77
N GLN A 144 -15.97 40.00 -21.83
CA GLN A 144 -17.14 40.52 -22.55
C GLN A 144 -17.65 41.82 -21.92
N TRP A 145 -17.65 41.85 -20.59
CA TRP A 145 -18.12 43.00 -19.83
C TRP A 145 -17.20 44.19 -20.03
N LEU A 146 -15.89 43.97 -20.00
CA LEU A 146 -14.96 45.06 -20.29
C LEU A 146 -15.16 45.66 -21.67
N ALA A 147 -15.43 44.82 -22.67
CA ALA A 147 -15.69 45.28 -24.04
C ALA A 147 -16.99 46.09 -24.14
N ALA A 148 -18.05 45.60 -23.49
CA ALA A 148 -19.34 46.27 -23.47
C ALA A 148 -19.30 47.56 -22.66
N SER A 149 -18.53 47.55 -21.58
CA SER A 149 -18.34 48.69 -20.72
C SER A 149 -17.66 49.86 -21.45
N GLU A 150 -16.62 49.57 -22.22
CA GLU A 150 -15.95 50.59 -23.04
C GLU A 150 -16.84 51.10 -24.19
N GLU A 151 -17.52 50.17 -24.86
CA GLU A 151 -18.40 50.47 -25.99
C GLU A 151 -19.57 51.36 -25.59
N HIS A 152 -20.21 51.09 -24.45
CA HIS A 152 -21.41 51.83 -24.01
C HIS A 152 -21.16 52.85 -22.89
N ARG A 153 -19.89 53.15 -22.60
CA ARG A 153 -19.52 54.20 -21.65
C ARG A 153 -20.16 54.00 -20.28
N LEU A 154 -19.99 52.81 -19.73
CA LEU A 154 -20.51 52.46 -18.41
C LEU A 154 -19.36 52.18 -17.46
N ASP A 155 -19.47 52.66 -16.23
CA ASP A 155 -18.49 52.38 -15.19
C ASP A 155 -18.59 50.91 -14.74
N ARG A 156 -17.48 50.38 -14.24
CA ARG A 156 -17.40 48.98 -13.85
C ARG A 156 -16.82 48.89 -12.44
N ILE A 157 -17.69 48.57 -11.50
CA ILE A 157 -17.36 48.60 -10.10
C ILE A 157 -17.21 47.16 -9.63
N PHE A 158 -15.95 46.73 -9.52
CA PHE A 158 -15.61 45.44 -8.94
C PHE A 158 -15.43 45.61 -7.42
N LEU A 159 -15.53 44.50 -6.70
CA LEU A 159 -15.33 44.48 -5.25
C LEU A 159 -13.92 44.06 -4.88
N VAL A 160 -13.45 44.60 -3.76
CA VAL A 160 -12.26 44.10 -3.07
C VAL A 160 -12.64 43.74 -1.63
N ALA A 161 -11.89 42.83 -1.05
CA ALA A 161 -12.13 42.33 0.31
C ALA A 161 -10.86 42.46 1.15
N PRO A 162 -11.00 42.43 2.49
CA PRO A 162 -9.80 42.45 3.35
C PRO A 162 -8.82 41.30 3.08
N SER A 163 -9.34 40.14 2.66
CA SER A 163 -8.51 38.98 2.33
C SER A 163 -7.78 39.09 0.98
N SER A 164 -8.16 40.06 0.13
CA SER A 164 -7.56 40.21 -1.19
C SER A 164 -6.03 40.30 -1.14
N THR A 165 -5.36 39.50 -1.97
CA THR A 165 -3.89 39.51 -2.02
C THR A 165 -3.43 40.81 -2.69
N PRO A 166 -2.18 41.23 -2.47
CA PRO A 166 -1.65 42.40 -3.19
C PRO A 166 -1.84 42.34 -4.71
N GLU A 167 -1.63 41.18 -5.31
CA GLU A 167 -1.71 41.01 -6.76
C GLU A 167 -3.14 41.24 -7.25
N ARG A 168 -4.09 40.57 -6.60
CA ARG A 168 -5.50 40.64 -6.97
C ARG A 168 -6.14 42.00 -6.69
N LEU A 169 -5.75 42.63 -5.58
CA LEU A 169 -6.22 43.97 -5.28
C LEU A 169 -5.77 44.96 -6.34
N ALA A 170 -4.50 44.91 -6.73
CA ALA A 170 -3.99 45.79 -7.79
C ALA A 170 -4.69 45.53 -9.14
N ALA A 171 -4.87 44.27 -9.50
CA ALA A 171 -5.59 43.91 -10.73
C ALA A 171 -7.08 44.30 -10.73
N THR A 172 -7.72 44.27 -9.55
CA THR A 172 -9.13 44.62 -9.43
C THR A 172 -9.36 46.12 -9.49
N VAL A 173 -8.44 46.89 -8.90
CA VAL A 173 -8.49 48.36 -8.97
C VAL A 173 -8.20 48.84 -10.38
N GLU A 174 -7.19 48.28 -11.03
CA GLU A 174 -6.85 48.55 -12.42
C GLU A 174 -8.03 48.29 -13.37
N ALA A 175 -8.78 47.22 -13.13
CA ALA A 175 -9.93 46.86 -13.96
C ALA A 175 -11.18 47.70 -13.68
N SER A 176 -11.26 48.35 -12.51
CA SER A 176 -12.43 49.15 -12.14
C SER A 176 -12.41 50.55 -12.75
N ARG A 177 -13.60 51.08 -13.03
CA ARG A 177 -13.82 52.48 -13.42
C ARG A 177 -14.98 53.01 -12.59
N GLY A 178 -14.91 54.27 -12.18
CA GLY A 178 -15.96 54.90 -11.37
C GLY A 178 -15.63 54.84 -9.89
N PHE A 179 -15.82 53.67 -9.28
CA PHE A 179 -15.31 53.44 -7.93
C PHE A 179 -15.02 51.95 -7.66
N VAL A 180 -14.20 51.68 -6.64
CA VAL A 180 -13.99 50.31 -6.15
C VAL A 180 -14.82 50.14 -4.88
N TYR A 181 -15.55 49.02 -4.81
CA TYR A 181 -16.42 48.72 -3.69
C TYR A 181 -15.59 47.96 -2.66
N ALA A 182 -15.25 48.63 -1.56
CA ALA A 182 -14.54 47.98 -0.45
C ALA A 182 -15.55 47.35 0.52
N ALA A 183 -15.87 46.08 0.29
CA ALA A 183 -16.85 45.35 1.13
C ALA A 183 -16.17 44.64 2.31
N SER A 184 -16.86 44.59 3.44
CA SER A 184 -16.29 43.98 4.67
C SER A 184 -17.32 43.10 5.39
N SER A 196 -13.97 47.92 14.43
CA SER A 196 -13.21 47.07 13.52
C SER A 196 -12.37 47.92 12.54
N GLN A 197 -11.04 47.72 12.55
CA GLN A 197 -10.11 48.49 11.69
C GLN A 197 -9.86 47.89 10.29
N ALA A 198 -10.60 46.85 9.89
CA ALA A 198 -10.46 46.24 8.56
C ALA A 198 -10.74 47.21 7.41
N ALA A 199 -11.83 47.98 7.54
CA ALA A 199 -12.27 48.88 6.47
C ALA A 199 -11.31 50.05 6.16
N PRO A 200 -10.85 50.81 7.18
CA PRO A 200 -9.83 51.82 6.85
C PRO A 200 -8.52 51.23 6.28
N GLU A 201 -8.08 50.09 6.83
CA GLU A 201 -6.91 49.38 6.31
C GLU A 201 -7.06 48.96 4.86
N LEU A 202 -8.25 48.50 4.47
CA LEU A 202 -8.52 48.08 3.09
C LEU A 202 -8.56 49.27 2.13
N VAL A 203 -9.22 50.35 2.54
CA VAL A 203 -9.21 51.60 1.77
C VAL A 203 -7.78 52.11 1.63
N GLY A 204 -7.03 52.10 2.73
CA GLY A 204 -5.61 52.47 2.74
C GLY A 204 -4.73 51.71 1.74
N ARG A 205 -5.02 50.42 1.55
CA ARG A 205 -4.33 49.59 0.55
C ARG A 205 -4.71 49.96 -0.89
N VAL A 206 -5.97 50.35 -1.12
CA VAL A 206 -6.41 50.78 -2.45
C VAL A 206 -5.78 52.12 -2.83
N LYS A 207 -5.72 53.03 -1.86
CA LYS A 207 -5.12 54.36 -2.09
C LYS A 207 -3.61 54.31 -2.39
N ALA A 208 -2.92 53.28 -1.89
CA ALA A 208 -1.49 53.13 -2.14
C ALA A 208 -1.14 52.79 -3.60
N VAL A 209 -2.10 52.26 -4.37
CA VAL A 209 -1.86 51.88 -5.79
C VAL A 209 -2.62 52.71 -6.84
N SER A 210 -3.59 53.53 -6.41
CA SER A 210 -4.47 54.23 -7.35
C SER A 210 -5.29 55.33 -6.69
N ASP A 211 -5.67 56.34 -7.48
CA ASP A 211 -6.49 57.47 -7.02
C ASP A 211 -8.00 57.29 -7.27
N ILE A 212 -8.42 56.11 -7.70
CA ILE A 212 -9.84 55.85 -7.90
C ILE A 212 -10.62 55.99 -6.58
N PRO A 213 -11.84 56.59 -6.64
CA PRO A 213 -12.66 56.63 -5.44
C PRO A 213 -13.02 55.24 -4.87
N VAL A 214 -13.13 55.16 -3.55
CA VAL A 214 -13.44 53.93 -2.83
C VAL A 214 -14.72 54.13 -2.02
N GLY A 215 -15.74 53.36 -2.34
CA GLY A 215 -16.99 53.30 -1.57
C GLY A 215 -16.85 52.17 -0.57
N VAL A 216 -17.39 52.37 0.64
CA VAL A 216 -17.26 51.42 1.73
C VAL A 216 -18.62 50.97 2.24
N GLY A 217 -18.77 49.66 2.37
CA GLY A 217 -19.97 49.04 2.91
C GLY A 217 -19.60 48.34 4.20
N LEU A 218 -20.41 48.56 5.24
CA LEU A 218 -20.08 48.13 6.60
C LEU A 218 -21.33 47.83 7.45
N GLY A 219 -22.46 47.52 6.81
CA GLY A 219 -23.77 47.50 7.49
C GLY A 219 -24.07 48.78 8.26
N VAL A 220 -24.07 49.91 7.55
CA VAL A 220 -24.31 51.23 8.15
C VAL A 220 -25.80 51.44 8.42
N ARG A 221 -26.14 51.91 9.60
CA ARG A 221 -27.55 52.13 9.99
C ARG A 221 -27.86 53.45 10.71
N SER A 222 -26.86 54.33 10.83
CA SER A 222 -26.97 55.55 11.63
C SER A 222 -26.02 56.62 11.14
N ARG A 223 -26.37 57.87 11.46
CA ARG A 223 -25.58 59.04 11.08
C ARG A 223 -24.12 58.90 11.52
N ALA A 224 -23.93 58.50 12.77
CA ALA A 224 -22.61 58.36 13.39
C ALA A 224 -21.70 57.42 12.60
N GLN A 225 -22.20 56.26 12.19
CA GLN A 225 -21.40 55.30 11.40
C GLN A 225 -21.01 55.85 10.03
N ALA A 226 -21.95 56.50 9.35
CA ALA A 226 -21.70 57.15 8.06
C ALA A 226 -20.61 58.22 8.14
N ALA A 227 -20.56 58.92 9.28
CA ALA A 227 -19.57 59.98 9.51
C ALA A 227 -18.18 59.42 9.78
N GLN A 228 -18.11 58.32 10.53
CA GLN A 228 -16.86 57.58 10.74
C GLN A 228 -16.22 57.18 9.41
N ILE A 229 -17.02 56.56 8.54
CA ILE A 229 -16.55 56.09 7.23
C ILE A 229 -16.14 57.25 6.31
N ALA A 230 -16.84 58.37 6.38
CA ALA A 230 -16.53 59.53 5.54
C ALA A 230 -15.18 60.22 5.86
N GLN A 231 -14.57 59.92 7.01
CA GLN A 231 -13.22 60.40 7.33
C GLN A 231 -12.18 59.90 6.30
N TYR A 232 -12.27 58.62 5.95
CA TYR A 232 -11.29 57.94 5.07
C TYR A 232 -11.81 57.54 3.67
N ALA A 233 -13.12 57.40 3.51
CA ALA A 233 -13.71 56.91 2.27
C ALA A 233 -14.33 58.02 1.42
N ASP A 234 -14.36 57.80 0.10
CA ASP A 234 -14.91 58.75 -0.87
C ASP A 234 -16.43 58.61 -0.99
N GLY A 235 -16.94 57.41 -0.70
CA GLY A 235 -18.37 57.14 -0.67
C GLY A 235 -18.78 56.20 0.46
N VAL A 236 -19.99 56.39 0.98
CA VAL A 236 -20.54 55.57 2.04
C VAL A 236 -21.70 54.82 1.40
N ILE A 237 -21.63 53.48 1.42
CA ILE A 237 -22.62 52.60 0.83
C ILE A 237 -23.56 52.10 1.92
N VAL A 238 -24.87 52.24 1.70
CA VAL A 238 -25.90 51.81 2.65
C VAL A 238 -26.99 51.04 1.91
N GLY A 239 -27.35 49.87 2.44
CA GLY A 239 -28.27 48.95 1.79
C GLY A 239 -29.26 48.35 2.75
N SER A 240 -28.78 47.46 3.63
CA SER A 240 -29.65 46.78 4.59
C SER A 240 -30.57 47.71 5.37
N ALA A 241 -30.02 48.80 5.90
CA ALA A 241 -30.80 49.76 6.71
C ALA A 241 -31.87 50.53 5.90
N LEU A 242 -31.65 50.74 4.61
CA LEU A 242 -32.67 51.37 3.76
C LEU A 242 -33.86 50.45 3.51
N VAL A 243 -33.57 49.16 3.32
CA VAL A 243 -34.61 48.13 3.15
C VAL A 243 -35.44 48.00 4.43
N THR A 244 -34.77 47.87 5.58
CA THR A 244 -35.45 47.89 6.90
C THR A 244 -36.33 49.14 7.11
N ALA A 245 -35.83 50.30 6.71
CA ALA A 245 -36.56 51.56 6.81
C ALA A 245 -37.81 51.56 5.93
N LEU A 246 -37.68 51.10 4.69
CA LEU A 246 -38.79 51.04 3.73
C LEU A 246 -39.91 50.07 4.13
N THR A 247 -39.52 48.94 4.74
CA THR A 247 -40.47 47.97 5.30
C THR A 247 -41.41 48.62 6.32
N GLU A 248 -40.87 49.47 7.19
CA GLU A 248 -41.67 50.27 8.12
C GLU A 248 -42.55 51.28 7.36
N GLY A 249 -41.95 52.00 6.42
CA GLY A 249 -42.68 52.95 5.59
C GLY A 249 -41.80 53.94 4.85
N LEU A 250 -42.39 54.54 3.82
CA LEU A 250 -41.70 55.54 3.03
C LEU A 250 -41.27 56.80 3.84
N PRO A 251 -42.11 57.28 4.80
CA PRO A 251 -41.63 58.38 5.67
C PRO A 251 -40.37 58.05 6.50
N ARG A 252 -40.28 56.82 7.00
CA ARG A 252 -39.12 56.36 7.77
C ARG A 252 -37.85 56.33 6.89
N LEU A 253 -37.99 55.90 5.63
CA LEU A 253 -36.87 55.94 4.66
C LEU A 253 -36.34 57.36 4.41
N ARG A 254 -37.26 58.33 4.29
N ARG A 254 -37.25 58.33 4.28
CA ARG A 254 -36.91 59.74 4.08
CA ARG A 254 -36.89 59.74 4.08
C ARG A 254 -36.12 60.31 5.26
C ARG A 254 -36.10 60.29 5.26
N ALA A 255 -36.56 59.98 6.48
CA ALA A 255 -35.88 60.43 7.70
C ALA A 255 -34.48 59.84 7.81
N LEU A 256 -34.37 58.52 7.64
CA LEU A 256 -33.07 57.84 7.70
C LEU A 256 -32.10 58.36 6.64
N THR A 257 -32.54 58.46 5.39
CA THR A 257 -31.69 58.98 4.31
C THR A 257 -31.19 60.40 4.63
N GLY A 258 -32.06 61.23 5.21
CA GLY A 258 -31.70 62.58 5.66
C GLY A 258 -30.62 62.62 6.73
N GLU A 259 -30.67 61.68 7.67
CA GLU A 259 -29.64 61.56 8.72
C GLU A 259 -28.30 61.06 8.15
N LEU A 260 -28.36 60.14 7.19
CA LEU A 260 -27.13 59.64 6.55
C LEU A 260 -26.50 60.71 5.65
N ALA A 261 -27.34 61.47 4.95
CA ALA A 261 -26.86 62.63 4.17
C ALA A 261 -26.18 63.68 5.05
N ALA A 262 -26.64 63.85 6.28
CA ALA A 262 -25.95 64.73 7.25
C ALA A 262 -24.63 64.13 7.74
N GLY A 263 -24.58 62.80 7.88
CA GLY A 263 -23.39 62.09 8.31
C GLY A 263 -22.21 62.19 7.36
N VAL A 264 -22.47 62.02 6.06
CA VAL A 264 -21.40 62.12 5.04
C VAL A 264 -20.71 63.48 4.96
N ARG A 265 -21.39 64.55 5.39
CA ARG A 265 -20.83 65.91 5.41
C ARG A 265 -19.96 66.16 6.66
N LEU A 266 -18.83 66.85 6.47
CA LEU A 266 -17.83 67.11 7.54
C LEU A 266 -17.57 68.59 7.86
N GLY A 267 -17.99 69.53 7.01
CA GLY A 267 -17.74 70.95 7.27
C GLY A 267 -18.18 71.87 6.15
N THR B 9 -3.33 14.69 -17.97
CA THR B 9 -3.38 16.17 -18.24
C THR B 9 -4.08 16.56 -19.59
N SER B 10 -4.22 15.63 -20.53
CA SER B 10 -4.84 15.94 -21.85
C SER B 10 -6.27 16.54 -21.81
N HIS B 11 -7.12 16.07 -20.90
CA HIS B 11 -8.51 16.53 -20.82
C HIS B 11 -8.73 17.64 -19.79
N ASP B 12 -7.65 18.13 -19.19
CA ASP B 12 -7.71 19.17 -18.15
C ASP B 12 -8.05 20.55 -18.72
N PRO B 13 -8.59 21.45 -17.87
CA PRO B 13 -8.83 22.83 -18.28
C PRO B 13 -7.55 23.67 -18.16
N ASP B 14 -7.63 24.93 -18.58
CA ASP B 14 -6.51 25.86 -18.43
C ASP B 14 -6.35 26.29 -16.96
N SER B 15 -5.37 27.15 -16.69
CA SER B 15 -5.08 27.62 -15.31
C SER B 15 -6.21 28.48 -14.68
N GLY B 16 -7.10 29.03 -15.51
CA GLY B 16 -8.32 29.71 -15.06
C GLY B 16 -9.51 28.80 -14.80
N GLY B 17 -9.38 27.51 -15.12
CA GLY B 17 -10.45 26.53 -14.93
C GLY B 17 -11.40 26.31 -16.08
N HIS B 18 -11.05 26.78 -17.27
CA HIS B 18 -11.95 26.71 -18.42
C HIS B 18 -11.74 25.47 -19.30
N PHE B 19 -12.82 24.81 -19.69
CA PHE B 19 -12.79 23.73 -20.67
C PHE B 19 -13.22 24.28 -22.04
N GLY B 20 -12.43 24.02 -23.07
CA GLY B 20 -12.83 24.31 -24.45
C GLY B 20 -12.52 25.72 -24.95
N GLY B 21 -11.58 26.40 -24.30
CA GLY B 21 -11.22 27.76 -24.70
C GLY B 21 -11.16 28.68 -23.49
N PRO B 22 -10.45 29.81 -23.62
CA PRO B 22 -10.22 30.71 -22.46
C PRO B 22 -11.49 31.36 -21.86
N SER B 23 -12.59 31.41 -22.63
CA SER B 23 -13.92 31.83 -22.13
C SER B 23 -15.02 30.74 -22.24
N GLY B 24 -14.63 29.47 -22.18
CA GLY B 24 -15.57 28.38 -22.30
C GLY B 24 -16.14 27.95 -20.95
N TRP B 25 -16.32 26.64 -20.79
CA TRP B 25 -17.05 26.08 -19.68
C TRP B 25 -16.18 26.09 -18.45
N GLY B 26 -16.80 26.25 -17.27
CA GLY B 26 -16.08 26.21 -16.02
C GLY B 26 -15.76 27.60 -15.51
N GLY B 27 -14.49 27.84 -15.20
CA GLY B 27 -14.04 29.12 -14.67
C GLY B 27 -14.36 29.31 -13.19
N ARG B 28 -14.45 30.57 -12.79
CA ARG B 28 -14.65 30.96 -11.39
C ARG B 28 -15.57 32.18 -11.32
N TYR B 29 -16.86 31.91 -11.14
CA TYR B 29 -17.87 32.93 -10.99
C TYR B 29 -18.18 33.01 -9.51
N VAL B 30 -17.22 33.62 -8.81
CA VAL B 30 -17.24 33.74 -7.36
C VAL B 30 -16.95 35.18 -6.98
N PRO B 31 -17.26 35.57 -5.74
CA PRO B 31 -16.86 36.88 -5.27
C PRO B 31 -15.38 36.98 -4.93
N GLU B 32 -14.84 38.19 -4.98
CA GLU B 32 -13.45 38.46 -4.67
C GLU B 32 -13.09 38.02 -3.25
N ALA B 33 -14.03 38.12 -2.32
CA ALA B 33 -13.86 37.64 -0.94
C ALA B 33 -13.47 36.15 -0.79
N LEU B 34 -13.84 35.32 -1.77
CA LEU B 34 -13.42 33.90 -1.78
C LEU B 34 -12.12 33.61 -2.52
N MET B 35 -11.57 34.56 -3.25
CA MET B 35 -10.48 34.25 -4.17
C MET B 35 -9.18 33.86 -3.49
N ALA B 36 -8.87 34.45 -2.34
CA ALA B 36 -7.67 34.10 -1.57
C ALA B 36 -7.65 32.62 -1.20
N VAL B 37 -8.74 32.15 -0.60
CA VAL B 37 -8.87 30.74 -0.22
C VAL B 37 -9.05 29.83 -1.41
N ILE B 38 -9.73 30.27 -2.47
CA ILE B 38 -9.77 29.47 -3.70
C ILE B 38 -8.37 29.29 -4.30
N GLU B 39 -7.60 30.36 -4.38
CA GLU B 39 -6.20 30.28 -4.83
C GLU B 39 -5.32 29.45 -3.89
N GLU B 40 -5.57 29.53 -2.59
CA GLU B 40 -4.85 28.71 -1.62
C GLU B 40 -5.11 27.20 -1.84
N VAL B 41 -6.37 26.83 -2.04
CA VAL B 41 -6.77 25.43 -2.31
C VAL B 41 -6.20 24.95 -3.66
N THR B 42 -6.22 25.83 -4.65
CA THR B 42 -5.69 25.49 -5.98
C THR B 42 -4.20 25.20 -5.94
N ALA B 43 -3.44 26.06 -5.28
CA ALA B 43 -2.00 25.89 -5.11
C ALA B 43 -1.66 24.61 -4.34
N ALA B 44 -2.38 24.36 -3.25
CA ALA B 44 -2.21 23.16 -2.44
C ALA B 44 -2.46 21.91 -3.23
N TYR B 45 -3.52 21.92 -4.04
CA TYR B 45 -3.86 20.76 -4.87
C TYR B 45 -2.83 20.53 -5.99
N GLN B 46 -2.41 21.59 -6.67
CA GLN B 46 -1.36 21.47 -7.69
C GLN B 46 -0.06 20.86 -7.15
N LYS B 47 0.30 21.23 -5.92
CA LYS B 47 1.45 20.68 -5.23
C LYS B 47 1.26 19.19 -4.88
N GLU B 48 0.13 18.85 -4.26
CA GLU B 48 -0.10 17.51 -3.74
C GLU B 48 -0.49 16.46 -4.76
N ARG B 49 -1.16 16.84 -5.85
CA ARG B 49 -1.51 15.86 -6.91
C ARG B 49 -0.31 15.20 -7.60
N VAL B 50 0.87 15.83 -7.53
CA VAL B 50 2.13 15.25 -8.07
C VAL B 50 3.14 14.82 -6.99
N SER B 51 2.70 14.74 -5.74
CA SER B 51 3.52 14.23 -4.63
C SER B 51 3.20 12.76 -4.45
N GLN B 52 4.20 11.88 -4.61
CA GLN B 52 3.98 10.45 -4.38
C GLN B 52 3.57 10.13 -2.93
N ASP B 53 4.13 10.84 -1.97
CA ASP B 53 3.78 10.64 -0.55
C ASP B 53 2.28 10.94 -0.27
N PHE B 54 1.71 11.96 -0.92
CA PHE B 54 0.26 12.23 -0.87
C PHE B 54 -0.58 11.12 -1.53
N LEU B 55 -0.22 10.75 -2.74
CA LEU B 55 -0.92 9.69 -3.45
C LEU B 55 -0.78 8.37 -2.70
N ASP B 56 0.38 8.10 -2.08
CA ASP B 56 0.55 6.92 -1.19
C ASP B 56 -0.42 6.97 0.00
N ASP B 57 -0.51 8.12 0.67
CA ASP B 57 -1.45 8.29 1.79
C ASP B 57 -2.91 8.04 1.36
N LEU B 58 -3.30 8.58 0.22
CA LEU B 58 -4.65 8.35 -0.32
C LEU B 58 -4.88 6.88 -0.69
N ASP B 59 -3.93 6.27 -1.39
CA ASP B 59 -3.99 4.83 -1.74
C ASP B 59 -4.13 3.90 -0.53
N ARG B 60 -3.40 4.21 0.54
CA ARG B 60 -3.35 3.38 1.72
C ARG B 60 -4.70 3.40 2.45
N LEU B 61 -5.29 4.58 2.57
CA LEU B 61 -6.66 4.71 3.03
C LEU B 61 -7.69 4.05 2.09
N GLN B 62 -7.53 4.20 0.77
CA GLN B 62 -8.46 3.57 -0.17
C GLN B 62 -8.50 2.05 -0.01
N ALA B 63 -7.32 1.45 0.18
CA ALA B 63 -7.20 -0.01 0.28
C ALA B 63 -7.68 -0.54 1.64
N ASN B 64 -7.10 -0.02 2.71
CA ASN B 64 -7.25 -0.58 4.06
C ASN B 64 -8.41 -0.03 4.88
N TYR B 65 -8.81 1.21 4.60
CA TYR B 65 -9.92 1.85 5.31
C TYR B 65 -11.23 1.75 4.51
N ALA B 66 -11.18 2.13 3.23
CA ALA B 66 -12.34 2.13 2.36
C ALA B 66 -12.61 0.79 1.66
N GLY B 67 -11.64 -0.10 1.63
CA GLY B 67 -11.83 -1.41 0.98
C GLY B 67 -11.80 -1.48 -0.54
N ARG B 68 -11.09 -0.57 -1.21
CA ARG B 68 -10.88 -0.66 -2.66
C ARG B 68 -9.91 -1.80 -3.00
N PRO B 69 -10.00 -2.41 -4.19
CA PRO B 69 -10.95 -2.05 -5.26
C PRO B 69 -12.38 -2.56 -5.03
N SER B 70 -13.36 -1.86 -5.59
CA SER B 70 -14.73 -2.32 -5.61
C SER B 70 -14.84 -3.33 -6.76
N PRO B 71 -15.68 -4.36 -6.62
CA PRO B 71 -15.77 -5.35 -7.69
C PRO B 71 -16.68 -4.93 -8.86
N LEU B 72 -16.60 -5.71 -9.95
CA LEU B 72 -17.45 -5.58 -11.10
C LEU B 72 -18.28 -6.89 -11.18
N TYR B 73 -19.60 -6.76 -11.07
CA TYR B 73 -20.50 -7.90 -11.00
C TYR B 73 -21.38 -7.96 -12.24
N GLU B 74 -21.37 -9.09 -12.94
CA GLU B 74 -22.26 -9.25 -14.10
C GLU B 74 -23.64 -9.67 -13.59
N ALA B 75 -24.61 -8.76 -13.77
CA ALA B 75 -25.98 -8.95 -13.31
C ALA B 75 -26.80 -9.72 -14.36
N THR B 76 -26.55 -11.01 -14.44
CA THR B 76 -27.08 -11.83 -15.53
C THR B 76 -28.60 -11.92 -15.54
N ARG B 77 -29.21 -11.80 -14.36
CA ARG B 77 -30.65 -11.86 -14.21
C ARG B 77 -31.37 -10.55 -14.58
N LEU B 78 -30.63 -9.49 -14.93
CA LEU B 78 -31.22 -8.33 -15.61
C LEU B 78 -31.30 -8.45 -17.13
N SER B 79 -30.54 -9.38 -17.71
CA SER B 79 -30.31 -9.39 -19.15
C SER B 79 -31.59 -9.33 -19.99
N GLN B 80 -32.59 -10.12 -19.60
CA GLN B 80 -33.86 -10.21 -20.35
C GLN B 80 -34.69 -8.91 -20.34
N HIS B 81 -34.48 -8.06 -19.35
CA HIS B 81 -35.05 -6.71 -19.33
C HIS B 81 -34.17 -5.66 -20.02
N ALA B 82 -32.99 -6.05 -20.49
CA ALA B 82 -32.06 -5.16 -21.20
C ALA B 82 -31.79 -5.65 -22.63
N GLY B 83 -32.80 -6.20 -23.31
CA GLY B 83 -32.64 -6.69 -24.69
C GLY B 83 -31.62 -7.81 -24.89
N SER B 84 -31.40 -8.59 -23.82
CA SER B 84 -30.36 -9.63 -23.77
C SER B 84 -28.93 -9.07 -23.78
N ALA B 85 -28.78 -7.80 -23.47
CA ALA B 85 -27.48 -7.20 -23.26
C ALA B 85 -26.96 -7.64 -21.90
N ARG B 86 -25.67 -7.43 -21.70
CA ARG B 86 -24.98 -7.88 -20.50
C ARG B 86 -24.66 -6.68 -19.64
N ILE B 87 -25.36 -6.55 -18.52
CA ILE B 87 -25.18 -5.42 -17.62
C ILE B 87 -24.14 -5.79 -16.57
N PHE B 88 -23.05 -5.03 -16.51
CA PHE B 88 -22.00 -5.20 -15.50
C PHE B 88 -22.08 -4.04 -14.52
N LEU B 89 -22.26 -4.33 -13.23
CA LEU B 89 -22.40 -3.29 -12.19
C LEU B 89 -21.06 -3.02 -11.52
N LYS B 90 -20.61 -1.77 -11.57
CA LYS B 90 -19.40 -1.35 -10.86
C LYS B 90 -19.83 -1.00 -9.45
N ARG B 91 -19.36 -1.79 -8.48
CA ARG B 91 -20.03 -1.82 -7.16
C ARG B 91 -19.50 -0.78 -6.16
N GLU B 92 -19.72 0.49 -6.42
CA GLU B 92 -19.36 1.54 -5.47
C GLU B 92 -20.27 1.50 -4.24
N ASP B 93 -21.43 0.82 -4.35
CA ASP B 93 -22.29 0.54 -3.19
C ASP B 93 -21.59 -0.18 -2.04
N LEU B 94 -20.51 -0.92 -2.33
CA LEU B 94 -19.76 -1.63 -1.31
C LEU B 94 -18.64 -0.83 -0.63
N ASN B 95 -18.46 0.44 -0.98
CA ASN B 95 -17.46 1.29 -0.31
C ASN B 95 -17.90 1.59 1.11
N HIS B 96 -16.92 1.93 1.95
CA HIS B 96 -17.17 2.50 3.27
C HIS B 96 -18.03 3.74 3.12
N THR B 97 -19.08 3.82 3.95
CA THR B 97 -20.15 4.84 3.93
C THR B 97 -21.28 4.57 2.94
N GLY B 98 -21.05 3.67 1.97
CA GLY B 98 -22.07 3.22 1.05
C GLY B 98 -22.17 3.95 -0.27
N SER B 99 -21.15 4.72 -0.66
CA SER B 99 -21.16 5.39 -1.94
C SER B 99 -19.78 5.76 -2.43
N HIS B 100 -19.74 6.17 -3.69
CA HIS B 100 -18.55 6.75 -4.29
C HIS B 100 -18.06 8.04 -3.60
N LYS B 101 -18.91 8.71 -2.82
CA LYS B 101 -18.53 10.00 -2.22
C LYS B 101 -17.25 9.95 -1.39
N ILE B 102 -17.00 8.81 -0.75
CA ILE B 102 -15.80 8.64 0.09
C ILE B 102 -14.45 8.81 -0.65
N ASN B 103 -14.42 8.47 -1.94
CA ASN B 103 -13.22 8.61 -2.78
C ASN B 103 -12.71 10.05 -2.79
N ASN B 104 -13.62 10.97 -3.11
CA ASN B 104 -13.36 12.40 -3.16
C ASN B 104 -13.08 12.96 -1.76
N VAL B 105 -13.87 12.53 -0.78
CA VAL B 105 -13.71 13.04 0.59
C VAL B 105 -12.35 12.69 1.20
N LEU B 106 -11.89 11.46 1.03
CA LEU B 106 -10.56 11.08 1.52
C LEU B 106 -9.46 11.97 0.93
N GLY B 107 -9.51 12.21 -0.37
CA GLY B 107 -8.55 13.12 -1.03
C GLY B 107 -8.59 14.53 -0.47
N GLN B 108 -9.79 15.11 -0.40
CA GLN B 108 -9.96 16.48 0.05
C GLN B 108 -9.69 16.70 1.54
N ALA B 109 -9.98 15.68 2.36
CA ALA B 109 -9.71 15.75 3.80
C ALA B 109 -8.21 15.64 4.05
N LEU B 110 -7.54 14.75 3.32
CA LEU B 110 -6.08 14.68 3.37
C LEU B 110 -5.47 16.02 2.98
N LEU B 111 -6.01 16.64 1.94
CA LEU B 111 -5.58 17.98 1.53
C LEU B 111 -5.83 19.04 2.59
N ALA B 112 -6.97 18.98 3.27
CA ALA B 112 -7.26 19.94 4.35
C ALA B 112 -6.25 19.87 5.49
N ARG B 113 -5.89 18.66 5.93
CA ARG B 113 -4.78 18.46 6.87
C ARG B 113 -3.43 18.99 6.38
N ARG B 114 -3.09 18.73 5.11
CA ARG B 114 -1.85 19.25 4.52
C ARG B 114 -1.80 20.78 4.57
N MET B 115 -2.94 21.42 4.34
CA MET B 115 -3.06 22.88 4.39
C MET B 115 -3.13 23.51 5.80
N GLY B 116 -3.24 22.70 6.84
CA GLY B 116 -3.34 23.20 8.21
C GLY B 116 -4.70 23.74 8.62
N LYS B 117 -5.76 23.36 7.90
CA LYS B 117 -7.12 23.76 8.24
C LYS B 117 -7.64 22.88 9.37
N THR B 118 -8.39 23.48 10.29
CA THR B 118 -8.95 22.78 11.45
C THR B 118 -10.46 22.53 11.37
N ARG B 119 -11.15 23.20 10.45
CA ARG B 119 -12.58 23.12 10.32
C ARG B 119 -12.92 22.77 8.88
N VAL B 120 -13.80 21.80 8.69
CA VAL B 120 -14.28 21.40 7.39
C VAL B 120 -15.79 21.63 7.32
N ILE B 121 -16.27 22.20 6.22
CA ILE B 121 -17.71 22.34 5.96
C ILE B 121 -18.09 21.60 4.67
N ALA B 122 -19.34 21.12 4.62
CA ALA B 122 -19.85 20.48 3.42
C ALA B 122 -21.35 20.64 3.27
N GLU B 123 -21.79 20.63 2.01
CA GLU B 123 -23.21 20.51 1.64
C GLU B 123 -23.57 19.03 1.45
N THR B 124 -24.83 18.68 1.58
CA THR B 124 -25.29 17.35 1.19
C THR B 124 -26.78 17.35 0.88
N GLY B 125 -27.16 16.54 -0.10
CA GLY B 125 -28.56 16.33 -0.48
C GLY B 125 -29.03 14.98 0.00
N ALA B 126 -28.46 13.93 -0.59
CA ALA B 126 -28.75 12.56 -0.17
C ALA B 126 -28.19 12.21 1.22
N GLY B 127 -27.18 12.95 1.67
CA GLY B 127 -26.56 12.70 2.99
C GLY B 127 -25.38 11.76 2.92
N GLN B 128 -25.05 11.29 1.72
CA GLN B 128 -23.94 10.37 1.52
C GLN B 128 -22.60 11.11 1.51
N HIS B 129 -22.60 12.33 0.97
CA HIS B 129 -21.41 13.18 1.01
C HIS B 129 -21.21 13.71 2.43
N GLY B 130 -22.32 14.08 3.07
CA GLY B 130 -22.29 14.58 4.44
C GLY B 130 -21.75 13.56 5.40
N VAL B 131 -22.24 12.32 5.25
CA VAL B 131 -21.73 11.19 6.03
C VAL B 131 -20.27 10.90 5.72
N ALA B 132 -19.91 10.93 4.44
CA ALA B 132 -18.52 10.67 4.05
C ALA B 132 -17.56 11.73 4.64
N THR B 133 -17.96 13.00 4.59
CA THR B 133 -17.17 14.10 5.14
C THR B 133 -17.02 13.96 6.65
N ALA B 134 -18.12 13.70 7.34
CA ALA B 134 -18.13 13.49 8.80
C ALA B 134 -17.19 12.36 9.18
N THR B 135 -17.29 11.27 8.42
CA THR B 135 -16.44 10.10 8.60
C THR B 135 -14.95 10.46 8.52
N ALA B 136 -14.55 11.16 7.44
CA ALA B 136 -13.14 11.55 7.25
C ALA B 136 -12.65 12.51 8.32
N CYS B 137 -13.53 13.40 8.77
CA CYS B 137 -13.19 14.38 9.80
C CYS B 137 -13.02 13.75 11.17
N ALA B 138 -13.83 12.74 11.47
CA ALA B 138 -13.66 11.95 12.69
C ALA B 138 -12.32 11.22 12.63
N LEU B 139 -12.07 10.56 11.51
CA LEU B 139 -10.81 9.86 11.26
C LEU B 139 -9.57 10.74 11.40
N LEU B 140 -9.65 11.99 10.92
CA LEU B 140 -8.50 12.92 10.91
C LEU B 140 -8.54 14.00 11.99
N GLY B 141 -9.52 13.95 12.88
CA GLY B 141 -9.59 14.88 14.01
C GLY B 141 -9.90 16.31 13.65
N LEU B 142 -10.76 16.49 12.64
CA LEU B 142 -11.19 17.81 12.16
C LEU B 142 -12.61 18.12 12.62
N ASP B 143 -12.87 19.39 12.95
CA ASP B 143 -14.22 19.85 13.26
C ASP B 143 -15.01 19.92 11.97
N CYS B 144 -16.28 19.52 12.05
CA CYS B 144 -17.10 19.24 10.89
C CYS B 144 -18.49 19.87 11.02
N VAL B 145 -18.88 20.65 10.02
CA VAL B 145 -20.22 21.24 9.95
C VAL B 145 -20.83 20.89 8.58
N ILE B 146 -22.01 20.26 8.59
CA ILE B 146 -22.68 19.86 7.35
C ILE B 146 -23.98 20.66 7.16
N TYR B 147 -24.16 21.23 5.96
CA TYR B 147 -25.37 21.96 5.60
C TYR B 147 -26.22 21.05 4.72
N MET B 148 -27.51 20.97 5.06
CA MET B 148 -28.43 20.02 4.41
C MET B 148 -29.80 20.68 4.33
N GLY B 149 -30.42 20.64 3.15
CA GLY B 149 -31.76 21.18 2.97
C GLY B 149 -32.79 20.52 3.86
N GLY B 150 -33.70 21.31 4.43
CA GLY B 150 -34.72 20.81 5.36
C GLY B 150 -35.60 19.68 4.85
N ILE B 151 -35.92 19.71 3.55
CA ILE B 151 -36.70 18.64 2.91
C ILE B 151 -35.87 17.36 2.86
N ASP B 152 -34.57 17.50 2.57
CA ASP B 152 -33.64 16.37 2.55
C ASP B 152 -33.39 15.75 3.94
N THR B 153 -33.32 16.55 5.00
CA THR B 153 -33.18 16.01 6.37
C THR B 153 -34.34 15.07 6.72
N ALA B 154 -35.54 15.40 6.24
CA ALA B 154 -36.74 14.62 6.51
C ALA B 154 -36.78 13.33 5.68
N ARG B 155 -36.38 13.38 4.41
CA ARG B 155 -36.43 12.17 3.54
C ARG B 155 -35.12 11.34 3.52
N GLN B 156 -34.03 11.86 4.10
CA GLN B 156 -32.79 11.07 4.29
C GLN B 156 -32.34 11.11 5.76
N ALA B 157 -33.30 10.94 6.66
CA ALA B 157 -33.08 11.03 8.11
C ALA B 157 -32.06 10.04 8.70
N LEU B 158 -31.92 8.85 8.09
CA LEU B 158 -30.91 7.88 8.53
C LEU B 158 -29.50 8.51 8.43
N ASN B 159 -29.24 9.23 7.34
CA ASN B 159 -27.97 9.89 7.18
C ASN B 159 -27.76 11.10 8.09
N VAL B 160 -28.83 11.79 8.50
CA VAL B 160 -28.72 12.88 9.48
C VAL B 160 -28.20 12.30 10.81
N ALA B 161 -28.82 11.23 11.26
CA ALA B 161 -28.45 10.54 12.51
C ALA B 161 -27.00 10.02 12.51
N ARG B 162 -26.58 9.45 11.38
CA ARG B 162 -25.20 8.97 11.20
C ARG B 162 -24.16 10.09 11.33
N MET B 163 -24.39 11.20 10.62
CA MET B 163 -23.57 12.40 10.72
C MET B 163 -23.43 12.90 12.15
N ARG B 164 -24.53 12.89 12.90
CA ARG B 164 -24.54 13.33 14.29
C ARG B 164 -23.75 12.40 15.22
N LEU B 165 -23.87 11.08 15.01
CA LEU B 165 -23.08 10.08 15.76
C LEU B 165 -21.59 10.19 15.47
N LEU B 166 -21.26 10.49 14.22
CA LEU B 166 -19.87 10.75 13.81
C LEU B 166 -19.28 12.04 14.37
N GLY B 167 -20.10 12.89 14.99
CA GLY B 167 -19.62 14.09 15.69
C GLY B 167 -19.77 15.40 14.94
N ALA B 168 -20.47 15.36 13.82
CA ALA B 168 -20.73 16.55 13.00
C ALA B 168 -21.94 17.36 13.50
N GLU B 169 -21.85 18.69 13.43
CA GLU B 169 -23.01 19.56 13.49
C GLU B 169 -23.74 19.52 12.14
N VAL B 170 -25.04 19.22 12.17
CA VAL B 170 -25.88 19.21 10.96
C VAL B 170 -26.82 20.41 11.03
N VAL B 171 -26.74 21.27 10.02
CA VAL B 171 -27.57 22.49 9.93
C VAL B 171 -28.57 22.31 8.79
N ALA B 172 -29.85 22.40 9.17
CA ALA B 172 -30.96 22.25 8.24
C ALA B 172 -31.18 23.60 7.57
N VAL B 173 -31.13 23.63 6.24
CA VAL B 173 -31.29 24.89 5.50
C VAL B 173 -32.76 25.09 5.08
N GLN B 174 -33.36 26.20 5.52
CA GLN B 174 -34.78 26.50 5.22
C GLN B 174 -35.00 27.48 4.05
N THR B 175 -33.93 27.98 3.44
CA THR B 175 -34.03 28.92 2.33
C THR B 175 -34.40 28.20 1.01
N GLY B 176 -35.07 28.92 0.11
CA GLY B 176 -35.34 28.45 -1.26
C GLY B 176 -36.14 27.16 -1.33
N SER B 177 -35.64 26.19 -2.08
CA SER B 177 -36.30 24.87 -2.19
C SER B 177 -36.01 23.88 -1.05
N LYS B 178 -35.15 24.25 -0.10
CA LYS B 178 -34.76 23.38 1.05
C LYS B 178 -34.17 22.04 0.60
N THR B 179 -33.44 22.06 -0.52
CA THR B 179 -32.82 20.87 -1.10
C THR B 179 -31.35 21.21 -1.40
N LEU B 180 -30.68 20.44 -2.25
CA LEU B 180 -29.23 20.51 -2.41
C LEU B 180 -28.69 21.88 -2.84
N LYS B 181 -29.34 22.52 -3.80
CA LYS B 181 -28.84 23.83 -4.27
C LYS B 181 -28.78 24.86 -3.14
N ASP B 182 -29.70 24.73 -2.19
CA ASP B 182 -29.86 25.68 -1.09
C ASP B 182 -28.88 25.37 0.04
N ALA B 183 -28.61 24.09 0.26
CA ALA B 183 -27.51 23.65 1.10
C ALA B 183 -26.17 24.20 0.60
N ILE B 184 -25.95 24.14 -0.71
CA ILE B 184 -24.74 24.68 -1.33
C ILE B 184 -24.59 26.19 -1.08
N ASN B 185 -25.68 26.93 -1.26
CA ASN B 185 -25.70 28.37 -0.98
C ASN B 185 -25.30 28.67 0.46
N GLU B 186 -25.80 27.89 1.43
CA GLU B 186 -25.46 28.14 2.84
C GLU B 186 -24.01 27.81 3.14
N ALA B 187 -23.53 26.69 2.63
CA ALA B 187 -22.13 26.31 2.80
C ALA B 187 -21.18 27.38 2.23
N PHE B 188 -21.53 27.93 1.06
CA PHE B 188 -20.80 29.03 0.45
C PHE B 188 -20.73 30.25 1.38
N ARG B 189 -21.88 30.60 1.98
CA ARG B 189 -21.96 31.73 2.95
C ARG B 189 -21.07 31.53 4.19
N ASP B 190 -21.05 30.29 4.69
CA ASP B 190 -20.16 29.92 5.78
C ASP B 190 -18.71 30.14 5.38
N TRP B 191 -18.34 29.63 4.20
CA TRP B 191 -16.95 29.71 3.73
C TRP B 191 -16.46 31.14 3.57
N VAL B 192 -17.32 31.97 2.98
CA VAL B 192 -17.03 33.41 2.82
C VAL B 192 -16.67 34.02 4.16
N ALA B 193 -17.46 33.73 5.20
CA ALA B 193 -17.24 34.27 6.54
C ALA B 193 -16.05 33.64 7.30
N ASN B 194 -15.73 32.38 7.02
CA ASN B 194 -14.73 31.60 7.79
C ASN B 194 -13.54 31.06 6.98
N ALA B 195 -13.19 31.71 5.87
CA ALA B 195 -12.09 31.27 4.99
C ALA B 195 -10.72 31.00 5.65
N ASP B 196 -10.40 31.72 6.72
CA ASP B 196 -9.12 31.60 7.42
C ASP B 196 -8.81 30.19 7.88
N ASN B 197 -9.77 29.59 8.59
CA ASN B 197 -9.55 28.29 9.22
C ASN B 197 -10.33 27.15 8.58
N THR B 198 -11.23 27.45 7.64
CA THR B 198 -12.19 26.48 7.16
C THR B 198 -11.86 26.00 5.72
N TYR B 199 -11.85 24.68 5.55
CA TYR B 199 -11.79 24.03 4.25
C TYR B 199 -13.21 23.67 3.83
N TYR B 200 -13.56 23.93 2.56
CA TYR B 200 -14.88 23.57 2.03
C TYR B 200 -14.72 22.32 1.20
N CYS B 201 -15.19 21.19 1.74
CA CYS B 201 -15.14 19.90 1.07
C CYS B 201 -16.34 19.76 0.15
N PHE B 202 -16.18 20.16 -1.10
CA PHE B 202 -17.29 20.15 -2.04
C PHE B 202 -17.47 18.77 -2.66
N GLY B 203 -18.72 18.32 -2.70
CA GLY B 203 -19.04 16.92 -2.92
C GLY B 203 -19.40 16.50 -4.32
N THR B 204 -19.38 17.41 -5.29
CA THR B 204 -19.62 16.99 -6.66
C THR B 204 -18.65 17.68 -7.63
N ALA B 205 -18.67 17.25 -8.89
CA ALA B 205 -17.76 17.72 -9.93
C ALA B 205 -18.25 19.00 -10.58
N ALA B 206 -18.53 19.99 -9.75
CA ALA B 206 -19.03 21.30 -10.19
C ALA B 206 -18.31 22.35 -9.35
N GLY B 207 -18.83 23.57 -9.31
CA GLY B 207 -18.19 24.61 -8.55
C GLY B 207 -17.11 25.32 -9.32
N PRO B 208 -16.51 26.34 -8.70
CA PRO B 208 -15.42 27.05 -9.33
C PRO B 208 -14.19 26.18 -9.33
N HIS B 209 -13.32 26.40 -10.31
CA HIS B 209 -11.97 25.82 -10.31
C HIS B 209 -11.33 26.10 -8.95
N PRO B 210 -10.74 25.12 -8.27
CA PRO B 210 -10.30 23.81 -8.82
C PRO B 210 -11.23 22.61 -8.64
N PHE B 211 -12.46 22.82 -8.15
CA PHE B 211 -13.29 21.70 -7.70
C PHE B 211 -13.70 20.69 -8.76
N PRO B 212 -14.14 21.14 -9.94
CA PRO B 212 -14.50 20.15 -10.97
C PRO B 212 -13.35 19.20 -11.30
N THR B 213 -12.14 19.74 -11.39
CA THR B 213 -10.96 18.96 -11.74
C THR B 213 -10.47 18.09 -10.60
N MET B 214 -10.41 18.67 -9.39
CA MET B 214 -10.01 17.94 -8.19
C MET B 214 -10.98 16.80 -7.84
N VAL B 215 -12.26 17.07 -7.87
CA VAL B 215 -13.24 16.02 -7.56
C VAL B 215 -13.16 14.91 -8.60
N ARG B 216 -13.08 15.28 -9.86
CA ARG B 216 -12.89 14.31 -10.92
C ARG B 216 -11.59 13.48 -10.78
N ASP B 217 -10.48 14.13 -10.46
CA ASP B 217 -9.22 13.41 -10.20
C ASP B 217 -9.32 12.39 -9.05
N PHE B 218 -10.05 12.71 -7.99
CA PHE B 218 -10.23 11.72 -6.93
C PHE B 218 -11.26 10.63 -7.25
N GLN B 219 -12.15 10.85 -8.23
CA GLN B 219 -13.09 9.82 -8.65
C GLN B 219 -12.63 8.97 -9.85
N ARG B 220 -11.55 9.41 -10.52
CA ARG B 220 -10.93 8.69 -11.66
C ARG B 220 -10.69 7.20 -11.41
N ILE B 221 -10.32 6.87 -10.18
CA ILE B 221 -10.12 5.49 -9.72
C ILE B 221 -11.26 4.53 -10.10
N ILE B 222 -12.50 5.01 -10.12
CA ILE B 222 -13.63 4.14 -10.47
C ILE B 222 -13.45 3.61 -11.91
N GLY B 223 -13.25 4.53 -12.84
CA GLY B 223 -13.06 4.16 -14.23
C GLY B 223 -11.79 3.39 -14.53
N MET B 224 -10.71 3.74 -13.85
N MET B 224 -10.69 3.71 -13.87
CA MET B 224 -9.41 3.06 -13.99
CA MET B 224 -9.42 3.01 -14.11
C MET B 224 -9.51 1.57 -13.63
C MET B 224 -9.49 1.54 -13.63
N GLU B 225 -10.17 1.30 -12.50
CA GLU B 225 -10.43 -0.08 -12.07
C GLU B 225 -11.39 -0.78 -13.03
N ALA B 226 -12.49 -0.10 -13.37
CA ALA B 226 -13.51 -0.70 -14.24
C ALA B 226 -12.97 -1.08 -15.61
N ARG B 227 -12.07 -0.26 -16.17
CA ARG B 227 -11.51 -0.52 -17.49
C ARG B 227 -10.65 -1.80 -17.50
N VAL B 228 -9.90 -2.04 -16.43
CA VAL B 228 -9.13 -3.28 -16.23
C VAL B 228 -10.08 -4.46 -16.02
N GLN B 229 -11.03 -4.30 -15.11
CA GLN B 229 -11.95 -5.37 -14.74
C GLN B 229 -12.80 -5.87 -15.91
N ILE B 230 -13.38 -4.96 -16.69
CA ILE B 230 -14.25 -5.36 -17.80
C ILE B 230 -13.50 -6.10 -18.89
N GLN B 231 -12.27 -5.67 -19.19
CA GLN B 231 -11.42 -6.38 -20.15
C GLN B 231 -11.11 -7.80 -19.68
N GLY B 232 -10.85 -7.97 -18.38
CA GLY B 232 -10.68 -9.28 -17.75
C GLY B 232 -11.92 -10.16 -17.80
N GLN B 233 -13.08 -9.64 -17.41
CA GLN B 233 -14.31 -10.46 -17.30
C GLN B 233 -15.07 -10.65 -18.61
N ALA B 234 -15.10 -9.64 -19.47
CA ALA B 234 -15.77 -9.78 -20.77
C ALA B 234 -14.83 -10.05 -21.94
N GLY B 235 -13.51 -9.86 -21.76
CA GLY B 235 -12.55 -10.10 -22.85
C GLY B 235 -12.32 -8.92 -23.80
N ARG B 236 -12.94 -7.79 -23.54
CA ARG B 236 -12.88 -6.63 -24.43
C ARG B 236 -13.42 -5.40 -23.74
N LEU B 237 -13.19 -4.25 -24.34
CA LEU B 237 -13.78 -2.99 -23.85
C LEU B 237 -15.30 -3.02 -24.04
N PRO B 238 -16.03 -2.28 -23.21
CA PRO B 238 -17.47 -2.35 -23.31
C PRO B 238 -18.03 -1.63 -24.55
N ASP B 239 -19.29 -1.91 -24.88
CA ASP B 239 -20.02 -1.14 -25.89
C ASP B 239 -20.50 0.19 -25.32
N ALA B 240 -20.77 0.19 -24.01
CA ALA B 240 -21.10 1.40 -23.31
C ALA B 240 -20.74 1.38 -21.83
N VAL B 241 -20.59 2.58 -21.30
CA VAL B 241 -20.40 2.82 -19.86
C VAL B 241 -21.42 3.89 -19.49
N VAL B 242 -22.23 3.67 -18.46
CA VAL B 242 -23.30 4.60 -18.07
C VAL B 242 -23.32 4.92 -16.57
N ALA B 243 -23.83 6.09 -16.24
CA ALA B 243 -23.92 6.51 -14.85
C ALA B 243 -25.03 7.55 -14.70
N CYS B 244 -25.49 7.75 -13.47
CA CYS B 244 -26.41 8.86 -13.21
C CYS B 244 -25.64 10.15 -13.04
N VAL B 245 -26.34 11.27 -13.19
CA VAL B 245 -25.73 12.61 -13.16
C VAL B 245 -26.53 13.56 -12.27
N GLY B 246 -25.94 13.84 -11.10
CA GLY B 246 -26.39 14.89 -10.18
C GLY B 246 -25.59 16.10 -10.59
N GLY B 247 -24.60 16.48 -9.81
CA GLY B 247 -23.60 17.45 -10.29
C GLY B 247 -22.56 16.85 -11.22
N GLY B 248 -22.37 15.54 -11.16
CA GLY B 248 -21.57 14.79 -12.13
C GLY B 248 -20.33 14.01 -11.68
N SER B 249 -20.09 13.86 -10.38
CA SER B 249 -18.85 13.22 -9.89
C SER B 249 -18.71 11.70 -10.18
N ASN B 250 -19.75 10.91 -9.88
CA ASN B 250 -19.65 9.46 -10.11
C ASN B 250 -19.56 9.16 -11.63
N ALA B 251 -20.25 9.95 -12.45
CA ALA B 251 -20.22 9.78 -13.91
C ALA B 251 -18.86 10.10 -14.50
N ILE B 252 -18.36 11.28 -14.18
CA ILE B 252 -17.04 11.67 -14.67
C ILE B 252 -15.96 10.73 -14.12
N GLY B 253 -16.16 10.21 -12.91
CA GLY B 253 -15.23 9.26 -12.32
C GLY B 253 -15.04 8.00 -13.11
N ILE B 254 -16.16 7.42 -13.55
CA ILE B 254 -16.12 6.17 -14.31
C ILE B 254 -15.85 6.39 -15.80
N PHE B 255 -16.34 7.51 -16.36
CA PHE B 255 -16.16 7.85 -17.78
C PHE B 255 -14.72 8.14 -18.19
N HIS B 256 -13.94 8.71 -17.27
CA HIS B 256 -12.71 9.41 -17.66
C HIS B 256 -11.72 8.49 -18.32
N ALA B 257 -11.56 7.30 -17.75
CA ALA B 257 -10.66 6.30 -18.31
C ALA B 257 -11.03 5.77 -19.70
N PHE B 258 -12.29 5.92 -20.13
CA PHE B 258 -12.74 5.47 -21.46
C PHE B 258 -12.84 6.58 -22.51
N LEU B 259 -12.50 7.83 -22.16
CA LEU B 259 -12.69 8.95 -23.08
C LEU B 259 -11.97 8.79 -24.43
N ASP B 260 -10.77 8.21 -24.42
CA ASP B 260 -9.98 7.98 -25.65
C ASP B 260 -10.19 6.59 -26.25
N ASP B 261 -11.21 5.86 -25.80
CA ASP B 261 -11.64 4.62 -26.43
C ASP B 261 -12.80 4.98 -27.35
N PRO B 262 -12.53 5.18 -28.67
CA PRO B 262 -13.57 5.73 -29.56
C PRO B 262 -14.79 4.81 -29.79
N GLY B 263 -14.63 3.51 -29.56
CA GLY B 263 -15.72 2.56 -29.65
C GLY B 263 -16.64 2.47 -28.44
N VAL B 264 -16.25 3.09 -27.32
CA VAL B 264 -17.03 3.03 -26.08
C VAL B 264 -17.98 4.24 -25.96
N ARG B 265 -19.29 3.96 -26.04
N ARG B 265 -19.28 3.98 -26.05
CA ARG B 265 -20.34 4.96 -25.85
CA ARG B 265 -20.29 5.02 -25.86
C ARG B 265 -20.42 5.32 -24.37
C ARG B 265 -20.44 5.33 -24.38
N LEU B 266 -20.71 6.59 -24.09
CA LEU B 266 -20.82 7.08 -22.74
C LEU B 266 -22.18 7.75 -22.62
N VAL B 267 -22.98 7.30 -21.64
CA VAL B 267 -24.30 7.86 -21.44
C VAL B 267 -24.54 8.22 -19.97
N GLY B 268 -24.83 9.51 -19.75
CA GLY B 268 -25.20 10.03 -18.45
C GLY B 268 -26.71 10.09 -18.34
N PHE B 269 -27.26 9.70 -17.18
CA PHE B 269 -28.70 9.72 -16.97
C PHE B 269 -29.08 10.71 -15.90
N GLU B 270 -29.95 11.66 -16.27
CA GLU B 270 -30.35 12.72 -15.36
C GLU B 270 -31.80 12.51 -14.86
N ALA B 271 -32.10 13.04 -13.67
CA ALA B 271 -33.41 12.88 -13.04
C ALA B 271 -34.48 13.70 -13.73
N ALA B 272 -35.47 13.04 -14.32
CA ALA B 272 -36.59 13.70 -15.00
C ALA B 272 -37.86 13.82 -14.14
N GLY B 273 -37.83 13.30 -12.91
CA GLY B 273 -38.90 13.56 -11.94
C GLY B 273 -40.26 13.04 -12.36
N ASP B 274 -41.27 13.92 -12.37
CA ASP B 274 -42.61 13.59 -12.86
C ASP B 274 -42.66 13.57 -14.38
N GLY B 275 -41.61 14.12 -15.02
CA GLY B 275 -41.52 14.20 -16.48
C GLY B 275 -40.98 15.54 -16.88
N VAL B 276 -40.31 15.60 -18.04
CA VAL B 276 -39.68 16.86 -18.52
C VAL B 276 -40.72 17.91 -19.00
N GLU B 277 -41.83 17.42 -19.52
CA GLU B 277 -43.02 18.23 -19.86
C GLU B 277 -43.77 18.87 -18.65
N THR B 278 -43.59 18.36 -17.43
CA THR B 278 -44.36 18.83 -16.24
C THR B 278 -43.78 20.05 -15.50
N GLY B 279 -42.52 20.39 -15.75
CA GLY B 279 -41.81 21.35 -14.91
C GLY B 279 -41.49 20.85 -13.50
N ARG B 280 -41.59 19.55 -13.23
CA ARG B 280 -41.09 18.99 -11.96
C ARG B 280 -40.03 17.93 -12.27
N HIS B 281 -38.80 18.41 -12.45
CA HIS B 281 -37.70 17.58 -12.90
C HIS B 281 -36.38 18.23 -12.58
N ALA B 282 -35.29 17.50 -12.82
CA ALA B 282 -33.93 18.02 -12.72
C ALA B 282 -33.10 17.72 -13.99
N ALA B 283 -33.77 17.66 -15.13
CA ALA B 283 -33.16 17.31 -16.41
C ALA B 283 -32.44 18.49 -17.04
N THR B 284 -31.28 18.78 -16.50
CA THR B 284 -30.51 19.96 -16.84
C THR B 284 -30.10 20.01 -18.31
N PHE B 285 -29.56 18.93 -18.86
CA PHE B 285 -29.18 18.91 -20.29
C PHE B 285 -30.37 18.83 -21.25
N THR B 286 -31.43 18.11 -20.89
CA THR B 286 -32.66 18.03 -21.70
C THR B 286 -33.41 19.37 -21.78
N ALA B 287 -33.58 20.04 -20.64
CA ALA B 287 -34.44 21.24 -20.53
C ALA B 287 -33.73 22.55 -20.18
N GLY B 288 -32.44 22.49 -19.83
CA GLY B 288 -31.71 23.67 -19.37
C GLY B 288 -30.95 24.36 -20.49
N SER B 289 -30.15 25.34 -20.10
CA SER B 289 -29.38 26.13 -21.05
C SER B 289 -28.12 26.70 -20.37
N PRO B 290 -27.14 27.19 -21.16
CA PRO B 290 -25.90 27.63 -20.53
C PRO B 290 -26.06 28.87 -19.64
N GLY B 291 -25.32 28.91 -18.54
CA GLY B 291 -25.31 30.05 -17.64
C GLY B 291 -24.31 29.89 -16.51
N ALA B 292 -24.14 30.94 -15.72
CA ALA B 292 -23.24 30.95 -14.58
C ALA B 292 -24.01 30.64 -13.30
N PHE B 293 -23.57 29.59 -12.60
CA PHE B 293 -24.24 29.10 -11.40
C PHE B 293 -23.28 28.32 -10.52
N HIS B 294 -23.37 28.56 -9.23
CA HIS B 294 -22.52 27.94 -8.20
C HIS B 294 -21.05 27.87 -8.61
N GLY B 295 -20.53 28.98 -9.09
CA GLY B 295 -19.11 29.09 -9.38
C GLY B 295 -18.65 28.80 -10.79
N SER B 296 -19.52 28.24 -11.65
CA SER B 296 -19.10 27.79 -12.98
C SER B 296 -20.07 28.20 -14.08
N PHE B 297 -19.54 28.31 -15.29
CA PHE B 297 -20.35 28.42 -16.50
C PHE B 297 -20.62 27.01 -17.02
N SER B 298 -21.89 26.63 -17.02
CA SER B 298 -22.30 25.27 -17.36
C SER B 298 -23.78 25.30 -17.72
N TYR B 299 -24.44 24.16 -17.79
CA TYR B 299 -25.89 24.15 -18.01
C TYR B 299 -26.62 24.29 -16.69
N LEU B 300 -27.73 25.02 -16.69
CA LEU B 300 -28.67 24.94 -15.58
C LEU B 300 -30.09 25.13 -16.02
N LEU B 301 -31.02 24.68 -15.18
CA LEU B 301 -32.42 24.98 -15.36
C LEU B 301 -32.66 26.43 -14.98
N GLN B 302 -33.12 27.25 -15.92
CA GLN B 302 -33.33 28.67 -15.67
C GLN B 302 -34.47 29.25 -16.52
N ASP B 303 -35.10 30.31 -16.03
CA ASP B 303 -36.22 30.95 -16.75
C ASP B 303 -35.71 32.02 -17.73
N GLU B 304 -36.64 32.75 -18.36
CA GLU B 304 -36.29 33.78 -19.34
C GLU B 304 -35.38 34.90 -18.77
N ASP B 305 -35.46 35.15 -17.47
CA ASP B 305 -34.67 36.21 -16.80
C ASP B 305 -33.34 35.72 -16.24
N GLY B 306 -33.10 34.41 -16.25
CA GLY B 306 -31.90 33.84 -15.70
C GLY B 306 -31.99 33.43 -14.25
N GLN B 307 -33.20 33.35 -13.71
CA GLN B 307 -33.42 32.91 -12.33
C GLN B 307 -33.37 31.38 -12.34
N THR B 308 -32.78 30.80 -11.31
CA THR B 308 -32.72 29.35 -11.19
C THR B 308 -34.13 28.82 -10.98
N ILE B 309 -34.47 27.79 -11.75
CA ILE B 309 -35.73 27.07 -11.57
C ILE B 309 -35.45 25.96 -10.57
N GLU B 310 -36.27 25.88 -9.53
CA GLU B 310 -36.12 24.86 -8.51
C GLU B 310 -36.35 23.48 -9.12
N SER B 311 -35.43 22.56 -8.85
CA SER B 311 -35.52 21.19 -9.35
C SER B 311 -36.43 20.33 -8.46
N HIS B 312 -36.95 19.23 -9.02
CA HIS B 312 -37.60 18.18 -8.23
C HIS B 312 -37.22 16.78 -8.74
N SER B 313 -37.00 15.88 -7.78
CA SER B 313 -36.83 14.44 -8.06
C SER B 313 -37.13 13.65 -6.78
N ILE B 314 -37.56 12.41 -6.95
CA ILE B 314 -37.67 11.49 -5.82
C ILE B 314 -36.32 11.19 -5.20
N SER B 315 -35.26 11.31 -6.01
CA SER B 315 -33.88 11.14 -5.56
C SER B 315 -33.30 12.46 -5.04
N ALA B 316 -32.93 12.50 -3.77
CA ALA B 316 -32.34 13.70 -3.17
C ALA B 316 -30.97 14.05 -3.76
N GLY B 317 -30.22 13.03 -4.17
CA GLY B 317 -28.92 13.21 -4.77
C GLY B 317 -28.89 13.70 -6.21
N LEU B 318 -29.97 13.52 -6.95
CA LEU B 318 -30.10 14.06 -8.32
C LEU B 318 -30.97 15.32 -8.39
N ASP B 319 -31.48 15.79 -7.25
CA ASP B 319 -32.40 16.92 -7.22
C ASP B 319 -31.60 18.23 -7.20
N TYR B 320 -31.08 18.60 -8.37
CA TYR B 320 -30.14 19.71 -8.48
C TYR B 320 -30.31 20.28 -9.89
N PRO B 321 -30.57 21.60 -10.02
CA PRO B 321 -30.86 22.15 -11.34
C PRO B 321 -29.63 22.43 -12.21
N GLY B 322 -28.42 22.22 -11.69
CA GLY B 322 -27.19 22.44 -12.45
C GLY B 322 -26.46 21.16 -12.79
N VAL B 323 -25.27 21.31 -13.37
CA VAL B 323 -24.40 20.18 -13.70
C VAL B 323 -22.98 20.73 -13.86
N GLY B 324 -21.99 19.87 -13.63
CA GLY B 324 -20.58 20.26 -13.76
C GLY B 324 -20.15 20.64 -15.17
N PRO B 325 -19.18 21.56 -15.28
CA PRO B 325 -18.75 22.07 -16.58
C PRO B 325 -18.02 21.08 -17.48
N GLU B 326 -17.38 20.05 -16.91
CA GLU B 326 -16.72 19.05 -17.73
C GLU B 326 -17.76 18.27 -18.52
N HIS B 327 -18.89 17.99 -17.89
CA HIS B 327 -20.03 17.37 -18.57
C HIS B 327 -20.61 18.27 -19.65
N ALA B 328 -20.72 19.57 -19.38
CA ALA B 328 -21.16 20.51 -20.41
C ALA B 328 -20.22 20.47 -21.64
N TRP B 329 -18.92 20.43 -21.38
CA TRP B 329 -17.92 20.38 -22.45
C TRP B 329 -18.00 19.07 -23.23
N LEU B 330 -18.09 17.95 -22.50
CA LEU B 330 -18.20 16.64 -23.13
C LEU B 330 -19.50 16.49 -23.94
N LYS B 331 -20.58 17.08 -23.43
CA LYS B 331 -21.86 17.15 -24.17
C LYS B 331 -21.73 17.93 -25.49
N GLU B 332 -21.11 19.11 -25.41
CA GLU B 332 -20.93 19.96 -26.57
C GLU B 332 -19.99 19.31 -27.61
N ALA B 333 -19.00 18.54 -27.14
CA ALA B 333 -18.04 17.85 -27.99
C ALA B 333 -18.60 16.65 -28.74
N GLY B 334 -19.74 16.12 -28.29
CA GLY B 334 -20.33 14.93 -28.86
C GLY B 334 -19.80 13.64 -28.28
N ARG B 335 -19.10 13.69 -27.14
CA ARG B 335 -18.46 12.50 -26.56
C ARG B 335 -19.38 11.74 -25.61
N VAL B 336 -20.23 12.46 -24.89
CA VAL B 336 -21.21 11.84 -23.98
C VAL B 336 -22.60 12.26 -24.39
N ASP B 337 -23.53 11.32 -24.38
CA ASP B 337 -24.96 11.62 -24.49
C ASP B 337 -25.60 11.64 -23.08
N TYR B 338 -26.47 12.61 -22.85
CA TYR B 338 -27.16 12.77 -21.58
C TYR B 338 -28.64 12.64 -21.85
N ARG B 339 -29.35 11.89 -21.01
N ARG B 339 -29.34 11.88 -21.01
CA ARG B 339 -30.74 11.52 -21.31
CA ARG B 339 -30.71 11.43 -21.27
C ARG B 339 -31.59 11.46 -20.06
C ARG B 339 -31.58 11.49 -20.01
N PRO B 340 -32.88 11.83 -20.16
CA PRO B 340 -33.78 11.81 -19.01
C PRO B 340 -34.24 10.41 -18.55
N ILE B 341 -34.41 10.24 -17.24
CA ILE B 341 -35.03 9.08 -16.63
C ILE B 341 -35.95 9.56 -15.50
N THR B 342 -37.22 9.15 -15.55
CA THR B 342 -38.24 9.61 -14.59
C THR B 342 -38.21 8.87 -13.25
N ASP B 343 -38.88 9.42 -12.26
CA ASP B 343 -39.06 8.77 -10.97
C ASP B 343 -39.54 7.33 -11.10
N SER B 344 -40.56 7.12 -11.93
CA SER B 344 -41.19 5.80 -12.11
C SER B 344 -40.24 4.80 -12.74
N GLU B 345 -39.61 5.21 -13.84
CA GLU B 345 -38.58 4.38 -14.49
C GLU B 345 -37.48 3.95 -13.49
N ALA B 346 -37.03 4.89 -12.66
CA ALA B 346 -36.01 4.61 -11.65
C ALA B 346 -36.49 3.65 -10.56
N MET B 347 -37.72 3.85 -10.08
CA MET B 347 -38.27 2.95 -9.08
C MET B 347 -38.56 1.56 -9.62
N ASP B 348 -38.99 1.45 -10.88
CA ASP B 348 -39.11 0.13 -11.52
C ASP B 348 -37.76 -0.60 -11.55
N ALA B 349 -36.68 0.13 -11.83
CA ALA B 349 -35.34 -0.44 -11.84
C ALA B 349 -34.83 -0.76 -10.43
N PHE B 350 -35.09 0.15 -9.49
CA PHE B 350 -34.76 -0.08 -8.07
C PHE B 350 -35.33 -1.44 -7.66
N GLY B 351 -36.64 -1.59 -7.88
CA GLY B 351 -37.34 -2.82 -7.55
C GLY B 351 -36.84 -4.06 -8.27
N LEU B 352 -36.51 -3.91 -9.55
CA LEU B 352 -36.01 -5.03 -10.33
C LEU B 352 -34.68 -5.53 -9.81
N LEU B 353 -33.81 -4.62 -9.44
CA LEU B 353 -32.49 -4.98 -8.93
C LEU B 353 -32.55 -5.69 -7.59
N CYS B 354 -33.39 -5.19 -6.67
CA CYS B 354 -33.65 -5.90 -5.41
C CYS B 354 -34.11 -7.34 -5.64
N ARG B 355 -35.09 -7.46 -6.51
CA ARG B 355 -35.80 -8.71 -6.77
C ARG B 355 -34.94 -9.77 -7.48
N MET B 356 -34.18 -9.32 -8.47
CA MET B 356 -33.43 -10.21 -9.35
C MET B 356 -32.02 -10.51 -8.87
N GLU B 357 -31.28 -9.50 -8.42
CA GLU B 357 -29.87 -9.67 -8.02
C GLU B 357 -29.58 -9.55 -6.52
N GLY B 358 -30.60 -9.27 -5.72
CA GLY B 358 -30.41 -9.05 -4.30
C GLY B 358 -29.54 -7.87 -3.93
N ILE B 359 -29.57 -6.81 -4.72
CA ILE B 359 -28.82 -5.58 -4.41
C ILE B 359 -29.82 -4.44 -4.28
N ILE B 360 -29.78 -3.75 -3.14
CA ILE B 360 -30.63 -2.59 -2.89
C ILE B 360 -29.81 -1.35 -3.25
N PRO B 361 -30.08 -0.76 -4.42
CA PRO B 361 -29.29 0.39 -4.83
C PRO B 361 -29.80 1.67 -4.22
N ALA B 362 -28.97 2.68 -4.23
CA ALA B 362 -29.45 4.04 -4.06
C ALA B 362 -30.45 4.37 -5.18
N ILE B 363 -31.44 5.18 -4.84
CA ILE B 363 -32.41 5.67 -5.83
C ILE B 363 -31.71 6.50 -6.92
N GLU B 364 -30.62 7.17 -6.55
CA GLU B 364 -29.77 7.85 -7.53
C GLU B 364 -29.30 6.84 -8.58
N SER B 365 -28.67 5.76 -8.10
CA SER B 365 -28.10 4.72 -8.94
C SER B 365 -29.12 3.97 -9.77
N ALA B 366 -30.33 3.82 -9.23
CA ALA B 366 -31.40 3.15 -9.95
C ALA B 366 -31.76 3.88 -11.24
N HIS B 367 -31.51 5.19 -11.31
CA HIS B 367 -31.64 5.92 -12.59
C HIS B 367 -30.65 5.39 -13.64
N ALA B 368 -29.42 5.12 -13.23
CA ALA B 368 -28.42 4.58 -14.14
C ALA B 368 -28.82 3.18 -14.59
N VAL B 369 -29.34 2.39 -13.65
CA VAL B 369 -29.76 1.02 -13.93
C VAL B 369 -30.93 1.05 -14.91
N ALA B 370 -31.87 1.97 -14.68
CA ALA B 370 -33.01 2.15 -15.56
C ALA B 370 -32.59 2.54 -16.98
N GLY B 371 -31.62 3.46 -17.06
CA GLY B 371 -31.05 3.87 -18.34
C GLY B 371 -30.34 2.75 -19.07
N ALA B 372 -29.59 1.93 -18.34
CA ALA B 372 -28.89 0.79 -18.90
C ALA B 372 -29.84 -0.24 -19.51
N LEU B 373 -31.00 -0.44 -18.89
CA LEU B 373 -32.01 -1.35 -19.43
C LEU B 373 -32.53 -0.86 -20.78
N LYS B 374 -32.82 0.43 -20.90
CA LYS B 374 -33.26 1.01 -22.18
C LYS B 374 -32.16 0.94 -23.24
N LEU B 375 -30.95 1.30 -22.83
CA LEU B 375 -29.78 1.22 -23.71
C LEU B 375 -29.56 -0.22 -24.18
N GLY B 376 -29.70 -1.18 -23.26
CA GLY B 376 -29.65 -2.59 -23.60
C GLY B 376 -30.60 -2.98 -24.73
N VAL B 377 -31.84 -2.49 -24.66
CA VAL B 377 -32.83 -2.73 -25.71
C VAL B 377 -32.38 -2.12 -27.05
N GLU B 378 -31.82 -0.91 -26.98
CA GLU B 378 -31.32 -0.21 -28.17
C GLU B 378 -30.15 -0.97 -28.84
N LEU B 379 -29.18 -1.41 -28.04
CA LEU B 379 -27.96 -2.06 -28.55
C LEU B 379 -28.09 -3.56 -28.81
N GLY B 380 -28.88 -4.25 -28.01
CA GLY B 380 -29.28 -5.63 -28.28
C GLY B 380 -28.40 -6.71 -27.69
N ARG B 381 -28.60 -7.93 -28.19
CA ARG B 381 -28.05 -9.17 -27.63
C ARG B 381 -26.52 -9.20 -27.54
N GLY B 382 -26.01 -9.40 -26.32
CA GLY B 382 -24.57 -9.55 -26.10
C GLY B 382 -23.78 -8.26 -25.95
N ALA B 383 -24.43 -7.10 -26.06
CA ALA B 383 -23.76 -5.83 -25.87
C ALA B 383 -23.34 -5.71 -24.40
N VAL B 384 -22.15 -5.19 -24.18
CA VAL B 384 -21.54 -5.12 -22.88
C VAL B 384 -21.70 -3.69 -22.37
N ILE B 385 -22.47 -3.53 -21.31
CA ILE B 385 -22.77 -2.23 -20.71
C ILE B 385 -22.27 -2.26 -19.28
N VAL B 386 -21.34 -1.37 -18.96
CA VAL B 386 -20.87 -1.16 -17.59
C VAL B 386 -21.71 -0.04 -16.98
N VAL B 387 -22.23 -0.29 -15.78
CA VAL B 387 -23.09 0.64 -15.06
C VAL B 387 -22.44 0.97 -13.74
N ASN B 388 -22.32 2.27 -13.44
CA ASN B 388 -21.81 2.71 -12.15
C ASN B 388 -22.92 2.60 -11.13
N LEU B 389 -22.79 1.64 -10.22
CA LEU B 389 -23.75 1.51 -9.15
C LEU B 389 -23.21 2.33 -7.99
N SER B 390 -23.58 3.62 -8.02
CA SER B 390 -22.90 4.66 -7.24
C SER B 390 -23.02 4.49 -5.74
N GLY B 391 -24.14 3.93 -5.28
CA GLY B 391 -24.35 3.73 -3.86
C GLY B 391 -25.43 2.74 -3.51
N ARG B 392 -25.49 2.39 -2.23
CA ARG B 392 -26.52 1.51 -1.71
C ARG B 392 -27.74 2.28 -1.20
N GLY B 393 -28.83 1.54 -1.06
CA GLY B 393 -30.13 2.12 -0.81
C GLY B 393 -30.66 2.12 0.60
N ASP B 394 -29.83 1.93 1.60
CA ASP B 394 -30.29 1.86 3.00
C ASP B 394 -31.00 3.14 3.47
N LYS B 395 -30.50 4.30 3.05
CA LYS B 395 -31.15 5.59 3.28
C LYS B 395 -32.52 5.74 2.60
N ASP B 396 -32.71 5.00 1.50
CA ASP B 396 -33.93 5.03 0.70
C ASP B 396 -34.92 3.91 1.03
N VAL B 397 -34.61 3.04 1.97
CA VAL B 397 -35.46 1.87 2.27
C VAL B 397 -36.87 2.27 2.65
N GLU B 398 -37.02 3.29 3.49
CA GLU B 398 -38.33 3.75 3.95
C GLU B 398 -39.16 4.28 2.76
N THR B 399 -38.58 5.18 1.99
CA THR B 399 -39.16 5.65 0.71
C THR B 399 -39.56 4.51 -0.25
N ALA B 400 -38.67 3.52 -0.42
CA ALA B 400 -38.91 2.41 -1.33
C ALA B 400 -39.98 1.43 -0.81
N ALA B 401 -39.91 1.10 0.49
CA ALA B 401 -40.93 0.27 1.12
C ALA B 401 -42.34 0.87 0.95
N LYS B 402 -42.43 2.18 1.12
CA LYS B 402 -43.66 2.95 0.91
C LYS B 402 -44.10 2.92 -0.56
N TRP B 403 -43.19 3.22 -1.48
CA TRP B 403 -43.46 3.08 -2.92
C TRP B 403 -44.05 1.72 -3.33
N PHE B 404 -43.54 0.62 -2.77
CA PHE B 404 -43.97 -0.72 -3.16
C PHE B 404 -45.05 -1.36 -2.28
N GLY B 405 -45.59 -0.58 -1.34
CA GLY B 405 -46.68 -1.02 -0.49
C GLY B 405 -46.28 -2.07 0.52
N LEU B 406 -45.11 -1.88 1.13
CA LEU B 406 -44.53 -2.82 2.09
C LEU B 406 -44.38 -2.17 3.47
N LEU B 407 -45.35 -1.34 3.85
CA LEU B 407 -45.35 -0.48 5.05
C LEU B 407 -44.74 0.88 4.70
N ALA C 9 0.88 -56.06 -29.36
CA ALA C 9 2.13 -56.78 -28.93
C ALA C 9 3.35 -55.89 -29.14
N SER C 10 3.98 -55.46 -28.03
CA SER C 10 5.16 -54.61 -28.08
C SER C 10 6.39 -55.36 -28.58
N ARG C 11 7.41 -54.59 -28.98
CA ARG C 11 8.67 -55.15 -29.51
C ARG C 11 9.49 -55.92 -28.46
N LEU C 12 9.49 -55.43 -27.23
CA LEU C 12 10.17 -56.06 -26.09
C LEU C 12 9.30 -57.08 -25.32
N GLY C 13 8.04 -57.25 -25.73
CA GLY C 13 7.14 -58.25 -25.17
C GLY C 13 7.69 -59.67 -25.08
N PRO C 14 8.19 -60.22 -26.20
CA PRO C 14 8.84 -61.53 -26.20
C PRO C 14 10.03 -61.68 -25.24
N VAL C 15 10.83 -60.63 -25.08
CA VAL C 15 11.97 -60.69 -24.15
C VAL C 15 11.50 -60.87 -22.71
N PHE C 16 10.56 -60.02 -22.29
CA PHE C 16 10.02 -60.08 -20.92
C PHE C 16 9.19 -61.34 -20.65
N ASP C 17 8.52 -61.87 -21.67
CA ASP C 17 7.77 -63.15 -21.56
C ASP C 17 8.72 -64.36 -21.41
N SER C 18 9.81 -64.32 -22.19
CA SER C 18 10.89 -65.28 -22.09
C SER C 18 11.52 -65.30 -20.68
N CYS C 19 11.79 -64.12 -20.12
CA CYS C 19 12.34 -63.99 -18.75
C CYS C 19 11.36 -64.50 -17.69
N ARG C 20 10.11 -64.07 -17.78
CA ARG C 20 9.03 -64.50 -16.88
C ARG C 20 8.83 -66.04 -16.88
N ALA C 21 8.99 -66.67 -18.04
CA ALA C 21 8.91 -68.15 -18.15
C ALA C 21 10.11 -68.90 -17.50
N ASN C 22 11.28 -68.28 -17.47
CA ASN C 22 12.47 -68.81 -16.77
C ASN C 22 12.67 -68.23 -15.35
N ASN C 23 11.59 -67.73 -14.73
CA ASN C 23 11.57 -67.27 -13.34
C ASN C 23 12.68 -66.27 -12.98
N ARG C 24 12.86 -65.28 -13.85
CA ARG C 24 13.89 -64.27 -13.68
C ARG C 24 13.48 -62.88 -14.22
N ALA C 25 14.31 -61.89 -13.91
CA ALA C 25 14.17 -60.55 -14.46
C ALA C 25 15.07 -60.42 -15.67
N ALA C 26 14.76 -59.45 -16.54
CA ALA C 26 15.65 -59.08 -17.65
C ALA C 26 16.79 -58.22 -17.13
N LEU C 27 17.99 -58.39 -17.69
CA LEU C 27 19.11 -57.50 -17.38
C LEU C 27 19.16 -56.47 -18.47
N ILE C 28 19.04 -55.20 -18.09
CA ILE C 28 18.99 -54.07 -19.03
C ILE C 28 20.25 -53.22 -18.80
N GLY C 29 21.10 -53.13 -19.82
CA GLY C 29 22.43 -52.53 -19.68
C GLY C 29 22.62 -51.28 -20.51
N TYR C 30 23.11 -50.22 -19.88
CA TYR C 30 23.32 -48.94 -20.55
C TYR C 30 24.82 -48.67 -20.76
N LEU C 31 25.16 -48.30 -22.00
CA LEU C 31 26.46 -47.71 -22.32
C LEU C 31 26.26 -46.53 -23.27
N PRO C 32 27.00 -45.42 -23.05
CA PRO C 32 26.91 -44.28 -23.93
C PRO C 32 27.71 -44.50 -25.22
N THR C 33 27.18 -44.09 -26.36
CA THR C 33 27.88 -44.21 -27.63
C THR C 33 29.10 -43.30 -27.65
N GLY C 34 30.22 -43.83 -28.15
CA GLY C 34 31.46 -43.05 -28.28
C GLY C 34 32.33 -42.90 -27.05
N TYR C 35 32.07 -43.67 -26.00
CA TYR C 35 32.98 -43.71 -24.85
C TYR C 35 33.70 -45.08 -24.82
N PRO C 36 35.04 -45.13 -24.78
CA PRO C 36 35.96 -43.97 -24.81
C PRO C 36 36.25 -43.42 -26.23
N ASP C 37 35.85 -44.20 -27.25
CA ASP C 37 35.74 -43.73 -28.63
C ASP C 37 34.66 -44.57 -29.32
N VAL C 38 34.30 -44.24 -30.55
CA VAL C 38 33.18 -44.92 -31.24
C VAL C 38 33.41 -46.44 -31.44
N PRO C 39 34.54 -46.86 -32.08
CA PRO C 39 34.85 -48.30 -32.17
C PRO C 39 34.85 -49.06 -30.82
N ALA C 40 35.43 -48.47 -29.79
CA ALA C 40 35.54 -49.12 -28.49
C ALA C 40 34.17 -49.30 -27.83
N SER C 41 33.28 -48.32 -27.98
CA SER C 41 31.91 -48.41 -27.44
C SER C 41 31.10 -49.53 -28.09
N VAL C 42 31.26 -49.73 -29.40
CA VAL C 42 30.61 -50.82 -30.13
C VAL C 42 31.13 -52.19 -29.67
N ALA C 43 32.45 -52.32 -29.50
CA ALA C 43 33.03 -53.55 -28.96
C ALA C 43 32.48 -53.82 -27.54
N ALA C 44 32.36 -52.76 -26.73
CA ALA C 44 31.81 -52.87 -25.39
C ALA C 44 30.32 -53.25 -25.40
N MET C 45 29.56 -52.71 -26.35
CA MET C 45 28.14 -53.05 -26.47
C MET C 45 27.92 -54.46 -27.00
N THR C 46 28.76 -54.89 -27.92
CA THR C 46 28.76 -56.27 -28.41
C THR C 46 29.10 -57.24 -27.28
N ALA C 47 30.02 -56.84 -26.39
CA ALA C 47 30.41 -57.67 -25.25
C ALA C 47 29.27 -57.86 -24.24
N LEU C 48 28.43 -56.83 -24.09
CA LEU C 48 27.22 -56.94 -23.26
C LEU C 48 26.24 -58.00 -23.78
N VAL C 49 26.10 -58.12 -25.10
CA VAL C 49 25.24 -59.13 -25.72
C VAL C 49 25.81 -60.52 -25.41
N GLU C 50 27.13 -60.68 -25.60
CA GLU C 50 27.84 -61.92 -25.30
C GLU C 50 27.76 -62.33 -23.82
N SER C 51 27.84 -61.35 -22.91
CA SER C 51 27.88 -61.60 -21.45
C SER C 51 26.51 -61.77 -20.75
N GLY C 52 25.41 -61.58 -21.49
CA GLY C 52 24.07 -61.91 -20.97
C GLY C 52 23.06 -60.80 -20.76
N CYS C 53 23.35 -59.57 -21.22
CA CYS C 53 22.32 -58.50 -21.25
C CYS C 53 21.19 -58.89 -22.17
N ASP C 54 19.97 -58.73 -21.69
CA ASP C 54 18.79 -59.08 -22.47
C ASP C 54 18.37 -57.90 -23.35
N ILE C 55 18.46 -56.70 -22.79
CA ILE C 55 18.18 -55.45 -23.52
C ILE C 55 19.34 -54.48 -23.28
N ILE C 56 19.80 -53.84 -24.35
CA ILE C 56 20.84 -52.81 -24.26
C ILE C 56 20.22 -51.43 -24.51
N GLU C 57 20.46 -50.50 -23.59
CA GLU C 57 20.12 -49.09 -23.76
C GLU C 57 21.36 -48.42 -24.35
N VAL C 58 21.28 -48.02 -25.61
CA VAL C 58 22.34 -47.26 -26.25
C VAL C 58 22.08 -45.76 -25.97
N GLY C 59 22.97 -45.16 -25.21
CA GLY C 59 22.85 -43.77 -24.83
C GLY C 59 23.35 -42.83 -25.92
N VAL C 60 22.56 -41.79 -26.21
CA VAL C 60 22.96 -40.70 -27.09
C VAL C 60 23.60 -39.61 -26.22
N PRO C 61 24.93 -39.40 -26.34
CA PRO C 61 25.53 -38.33 -25.55
C PRO C 61 24.96 -36.95 -25.87
N TYR C 62 24.73 -36.16 -24.82
CA TYR C 62 24.09 -34.86 -24.93
C TYR C 62 24.89 -33.80 -24.14
N SER C 63 24.98 -32.61 -24.71
CA SER C 63 25.77 -31.50 -24.16
C SER C 63 25.34 -31.02 -22.76
N ASP C 64 24.05 -31.16 -22.42
CA ASP C 64 23.49 -30.69 -21.15
C ASP C 64 22.59 -31.77 -20.53
N PRO C 65 23.19 -32.88 -20.05
CA PRO C 65 22.41 -34.03 -19.61
C PRO C 65 22.03 -33.91 -18.13
N GLY C 66 20.97 -33.15 -17.86
CA GLY C 66 20.51 -32.87 -16.50
C GLY C 66 20.21 -34.04 -15.57
N MET C 67 19.77 -35.16 -16.13
CA MET C 67 19.46 -36.36 -15.35
C MET C 67 20.63 -37.34 -15.17
N ASP C 68 21.74 -37.12 -15.86
CA ASP C 68 22.87 -38.06 -15.80
C ASP C 68 23.72 -37.76 -14.56
N GLY C 69 23.98 -38.79 -13.75
CA GLY C 69 24.90 -38.69 -12.61
C GLY C 69 26.34 -38.48 -13.08
N PRO C 70 27.26 -38.14 -12.15
CA PRO C 70 28.64 -37.75 -12.50
C PRO C 70 29.42 -38.76 -13.37
N THR C 71 29.32 -40.07 -13.09
CA THR C 71 29.99 -41.09 -13.90
C THR C 71 29.60 -41.02 -15.39
N ILE C 72 28.30 -41.00 -15.67
CA ILE C 72 27.82 -40.94 -17.06
C ILE C 72 28.00 -39.55 -17.70
N ALA C 73 27.92 -38.49 -16.89
CA ALA C 73 28.16 -37.13 -17.38
C ALA C 73 29.62 -36.94 -17.82
N ARG C 74 30.59 -37.40 -17.03
CA ARG C 74 32.01 -37.31 -17.42
C ARG C 74 32.27 -38.12 -18.70
N ALA C 75 31.72 -39.34 -18.76
CA ALA C 75 31.84 -40.20 -19.95
C ALA C 75 31.21 -39.63 -21.22
N THR C 76 30.01 -39.06 -21.12
CA THR C 76 29.34 -38.43 -22.28
C THR C 76 30.07 -37.17 -22.78
N GLU C 77 30.63 -36.39 -21.86
CA GLU C 77 31.49 -35.26 -22.20
C GLU C 77 32.74 -35.68 -22.96
N ALA C 78 33.34 -36.80 -22.56
CA ALA C 78 34.52 -37.37 -23.22
C ALA C 78 34.19 -37.86 -24.63
N ALA C 79 33.05 -38.53 -24.76
CA ALA C 79 32.54 -38.98 -26.05
C ALA C 79 32.30 -37.81 -27.02
N LEU C 80 31.78 -36.69 -26.49
CA LEU C 80 31.56 -35.47 -27.30
C LEU C 80 32.86 -34.76 -27.67
N ARG C 81 33.82 -34.66 -26.74
CA ARG C 81 35.17 -34.20 -27.09
C ARG C 81 35.78 -35.04 -28.21
N GLY C 82 35.49 -36.34 -28.23
CA GLY C 82 35.92 -37.24 -29.29
C GLY C 82 35.19 -37.15 -30.63
N GLY C 83 34.16 -36.32 -30.73
CA GLY C 83 33.45 -36.05 -31.99
C GLY C 83 32.34 -37.04 -32.30
N VAL C 84 31.68 -37.59 -31.27
CA VAL C 84 30.58 -38.55 -31.47
C VAL C 84 29.35 -37.88 -32.05
N ARG C 85 28.66 -38.60 -32.92
CA ARG C 85 27.52 -38.09 -33.67
C ARG C 85 26.29 -38.95 -33.37
N VAL C 86 25.10 -38.40 -33.61
CA VAL C 86 23.85 -39.13 -33.43
C VAL C 86 23.80 -40.36 -34.34
N ARG C 87 24.27 -40.24 -35.57
CA ARG C 87 24.33 -41.40 -36.48
C ARG C 87 25.25 -42.54 -35.99
N ASP C 88 26.23 -42.24 -35.13
CA ASP C 88 27.05 -43.27 -34.46
C ASP C 88 26.19 -44.15 -33.54
N THR C 89 25.18 -43.55 -32.90
CA THR C 89 24.21 -44.34 -32.13
C THR C 89 23.42 -45.31 -33.02
N LEU C 90 22.95 -44.82 -34.18
CA LEU C 90 22.27 -45.71 -35.16
C LEU C 90 23.17 -46.84 -35.68
N ALA C 91 24.47 -46.56 -35.83
CA ALA C 91 25.46 -47.59 -36.18
C ALA C 91 25.61 -48.64 -35.06
N ALA C 92 25.68 -48.18 -33.81
CA ALA C 92 25.77 -49.08 -32.66
C ALA C 92 24.54 -49.99 -32.55
N VAL C 93 23.34 -49.43 -32.75
CA VAL C 93 22.10 -50.21 -32.75
C VAL C 93 22.19 -51.34 -33.79
N GLU C 94 22.68 -50.99 -34.97
CA GLU C 94 22.86 -51.97 -36.04
C GLU C 94 23.85 -53.09 -35.70
N ALA C 95 24.97 -52.74 -35.06
CA ALA C 95 25.98 -53.75 -34.65
C ALA C 95 25.44 -54.68 -33.55
N ILE C 96 24.69 -54.11 -32.60
CA ILE C 96 24.04 -54.88 -31.53
C ILE C 96 23.05 -55.89 -32.11
N SER C 97 22.24 -55.44 -33.06
CA SER C 97 21.22 -56.30 -33.69
C SER C 97 21.81 -57.43 -34.51
N ILE C 98 22.88 -57.15 -35.28
CA ILE C 98 23.61 -58.20 -36.04
C ILE C 98 24.26 -59.25 -35.12
N ALA C 99 24.75 -58.79 -33.96
CA ALA C 99 25.31 -59.67 -32.92
C ALA C 99 24.28 -60.49 -32.11
N GLY C 100 22.98 -60.36 -32.43
CA GLY C 100 21.90 -61.09 -31.75
C GLY C 100 21.17 -60.32 -30.66
N GLY C 101 21.66 -59.14 -30.28
CA GLY C 101 21.09 -58.35 -29.20
C GLY C 101 19.80 -57.63 -29.54
N ARG C 102 19.16 -57.10 -28.50
CA ARG C 102 18.00 -56.23 -28.61
C ARG C 102 18.45 -54.87 -28.08
N ALA C 103 18.25 -53.82 -28.88
CA ALA C 103 18.67 -52.49 -28.49
C ALA C 103 17.53 -51.51 -28.49
N VAL C 104 17.46 -50.73 -27.42
CA VAL C 104 16.69 -49.49 -27.38
C VAL C 104 17.69 -48.35 -27.24
N VAL C 105 17.22 -47.14 -27.51
CA VAL C 105 18.02 -45.92 -27.46
C VAL C 105 17.52 -45.07 -26.29
N MET C 106 18.44 -44.56 -25.47
CA MET C 106 18.11 -43.56 -24.46
C MET C 106 18.68 -42.22 -24.90
N THR C 107 17.83 -41.20 -24.92
CA THR C 107 18.22 -39.90 -25.45
C THR C 107 17.38 -38.78 -24.84
N TYR C 108 18.02 -37.64 -24.64
CA TYR C 108 17.31 -36.38 -24.37
C TYR C 108 16.55 -36.02 -25.65
N TRP C 109 15.52 -35.19 -25.51
CA TRP C 109 14.58 -34.99 -26.60
C TRP C 109 15.09 -34.05 -27.71
N ASN C 110 15.98 -33.11 -27.39
CA ASN C 110 16.36 -32.16 -28.41
C ASN C 110 17.14 -32.74 -29.60
N PRO C 111 18.04 -33.71 -29.36
CA PRO C 111 18.65 -34.35 -30.54
C PRO C 111 17.65 -35.01 -31.48
N VAL C 112 16.56 -35.55 -30.91
CA VAL C 112 15.48 -36.14 -31.68
C VAL C 112 14.69 -35.08 -32.45
N LEU C 113 14.35 -33.96 -31.79
CA LEU C 113 13.69 -32.83 -32.48
C LEU C 113 14.51 -32.30 -33.64
N ARG C 114 15.82 -32.10 -33.41
CA ARG C 114 16.74 -31.62 -34.45
C ARG C 114 16.81 -32.57 -35.65
N TYR C 115 16.85 -33.86 -35.35
CA TYR C 115 16.89 -34.91 -36.38
C TYR C 115 15.60 -34.88 -37.18
N GLY C 116 14.48 -34.67 -36.48
CA GLY C 116 13.14 -34.89 -36.99
C GLY C 116 12.58 -36.14 -36.31
N VAL C 117 11.40 -36.03 -35.70
CA VAL C 117 10.85 -37.15 -34.90
C VAL C 117 10.48 -38.34 -35.80
N ASP C 118 9.72 -38.08 -36.86
CA ASP C 118 9.39 -39.11 -37.84
C ASP C 118 10.66 -39.73 -38.45
N ALA C 119 11.57 -38.88 -38.90
CA ALA C 119 12.84 -39.31 -39.50
C ALA C 119 13.70 -40.17 -38.57
N PHE C 120 13.77 -39.76 -37.30
CA PHE C 120 14.54 -40.53 -36.32
C PHE C 120 13.89 -41.86 -36.03
N ALA C 121 12.56 -41.88 -35.90
CA ALA C 121 11.81 -43.11 -35.74
C ALA C 121 12.05 -44.07 -36.91
N ARG C 122 11.96 -43.56 -38.13
CA ARG C 122 12.23 -44.39 -39.31
C ARG C 122 13.66 -44.97 -39.32
N ASP C 123 14.64 -44.14 -38.96
CA ASP C 123 16.05 -44.54 -39.00
C ASP C 123 16.41 -45.49 -37.87
N LEU C 124 15.85 -45.25 -36.70
CA LEU C 124 15.95 -46.20 -35.59
C LEU C 124 15.39 -47.59 -35.96
N ALA C 125 14.24 -47.64 -36.62
CA ALA C 125 13.63 -48.91 -37.07
C ALA C 125 14.47 -49.60 -38.15
N ALA C 126 15.04 -48.80 -39.06
CA ALA C 126 15.92 -49.31 -40.12
C ALA C 126 17.24 -49.89 -39.59
N ALA C 127 17.68 -49.37 -38.44
CA ALA C 127 18.87 -49.89 -37.76
C ALA C 127 18.63 -51.18 -36.99
N GLY C 128 17.37 -51.58 -36.81
CA GLY C 128 16.98 -52.72 -35.97
C GLY C 128 16.65 -52.37 -34.53
N GLY C 129 16.52 -51.08 -34.23
CA GLY C 129 16.14 -50.61 -32.90
C GLY C 129 14.71 -50.99 -32.54
N LEU C 130 14.48 -51.20 -31.25
CA LEU C 130 13.19 -51.69 -30.76
C LEU C 130 12.38 -50.64 -30.01
N GLY C 131 13.03 -49.59 -29.52
CA GLY C 131 12.34 -48.54 -28.81
C GLY C 131 13.23 -47.41 -28.33
N LEU C 132 12.59 -46.44 -27.69
CA LEU C 132 13.22 -45.21 -27.27
C LEU C 132 12.89 -44.94 -25.81
N ILE C 133 13.91 -44.63 -25.00
CA ILE C 133 13.71 -44.17 -23.62
C ILE C 133 13.89 -42.66 -23.61
N THR C 134 12.93 -41.95 -23.03
CA THR C 134 12.83 -40.50 -23.14
C THR C 134 12.73 -39.84 -21.75
N PRO C 135 13.89 -39.62 -21.07
CA PRO C 135 13.93 -39.05 -19.70
C PRO C 135 13.50 -37.58 -19.53
N ASP C 136 13.58 -36.75 -20.58
CA ASP C 136 13.07 -35.36 -20.49
C ASP C 136 11.84 -35.09 -21.38
N LEU C 137 11.20 -36.17 -21.86
CA LEU C 137 9.94 -36.06 -22.59
C LEU C 137 8.85 -36.74 -21.77
N ILE C 138 7.87 -35.94 -21.35
CA ILE C 138 6.69 -36.47 -20.66
C ILE C 138 5.62 -36.67 -21.73
N PRO C 139 4.62 -37.55 -21.47
CA PRO C 139 3.57 -37.79 -22.45
C PRO C 139 2.79 -36.53 -22.85
N ASP C 140 2.72 -35.55 -21.96
CA ASP C 140 2.07 -34.25 -22.23
C ASP C 140 2.62 -33.57 -23.48
N GLU C 141 3.92 -33.77 -23.77
CA GLU C 141 4.58 -33.21 -24.96
C GLU C 141 4.86 -34.20 -26.10
N ALA C 142 4.36 -35.43 -26.00
CA ALA C 142 4.81 -36.54 -26.86
C ALA C 142 3.93 -36.90 -28.07
N GLN C 143 3.07 -35.99 -28.53
CA GLN C 143 2.10 -36.30 -29.61
C GLN C 143 2.77 -36.82 -30.88
N GLN C 144 3.74 -36.06 -31.40
CA GLN C 144 4.54 -36.47 -32.57
C GLN C 144 5.20 -37.84 -32.36
N TRP C 145 5.71 -38.06 -31.15
CA TRP C 145 6.39 -39.31 -30.79
C TRP C 145 5.42 -40.50 -30.68
N LEU C 146 4.28 -40.30 -30.03
CA LEU C 146 3.23 -41.33 -29.95
C LEU C 146 2.75 -41.76 -31.34
N ALA C 147 2.61 -40.81 -32.25
CA ALA C 147 2.25 -41.10 -33.64
C ALA C 147 3.33 -41.91 -34.37
N ALA C 148 4.59 -41.48 -34.26
CA ALA C 148 5.73 -42.16 -34.89
C ALA C 148 6.02 -43.55 -34.31
N SER C 149 5.91 -43.66 -32.99
CA SER C 149 6.05 -44.92 -32.26
C SER C 149 5.05 -45.97 -32.78
N GLU C 150 3.79 -45.55 -32.95
CA GLU C 150 2.74 -46.41 -33.51
C GLU C 150 2.97 -46.78 -34.96
N GLU C 151 3.32 -45.79 -35.78
CA GLU C 151 3.45 -45.99 -37.22
C GLU C 151 4.64 -46.88 -37.59
N HIS C 152 5.78 -46.69 -36.93
CA HIS C 152 7.03 -47.43 -37.23
C HIS C 152 7.40 -48.55 -36.23
N ARG C 153 6.44 -48.90 -35.37
CA ARG C 153 6.47 -50.10 -34.51
C ARG C 153 7.66 -50.07 -33.55
N LEU C 154 7.71 -49.02 -32.73
CA LEU C 154 8.76 -48.89 -31.73
C LEU C 154 8.15 -48.73 -30.35
N ASP C 155 8.79 -49.37 -29.37
CA ASP C 155 8.41 -49.21 -27.98
C ASP C 155 8.77 -47.81 -27.50
N ARG C 156 8.00 -47.32 -26.52
CA ARG C 156 8.18 -46.00 -25.97
C ARG C 156 8.14 -46.10 -24.46
N ILE C 157 9.30 -45.88 -23.85
CA ILE C 157 9.51 -46.12 -22.44
C ILE C 157 9.58 -44.77 -21.73
N PHE C 158 8.51 -44.40 -21.05
CA PHE C 158 8.51 -43.18 -20.24
C PHE C 158 8.95 -43.54 -18.82
N LEU C 159 9.35 -42.52 -18.06
CA LEU C 159 9.80 -42.69 -16.67
C LEU C 159 8.73 -42.32 -15.66
N VAL C 160 8.74 -43.00 -14.52
CA VAL C 160 7.95 -42.64 -13.36
C VAL C 160 8.91 -42.47 -12.19
N ALA C 161 8.49 -41.67 -11.20
CA ALA C 161 9.32 -41.41 -10.02
C ALA C 161 8.50 -41.65 -8.75
N PRO C 162 9.18 -41.76 -7.59
CA PRO C 162 8.44 -41.89 -6.32
C PRO C 162 7.46 -40.76 -6.04
N SER C 163 7.79 -39.53 -6.48
CA SER C 163 6.94 -38.36 -6.29
C SER C 163 5.75 -38.25 -7.27
N SER C 164 5.71 -39.11 -8.30
CA SER C 164 4.61 -39.11 -9.28
C SER C 164 3.24 -39.20 -8.61
N THR C 165 2.33 -38.31 -9.02
CA THR C 165 0.99 -38.28 -8.43
C THR C 165 0.21 -39.47 -9.00
N PRO C 166 -0.87 -39.90 -8.32
CA PRO C 166 -1.64 -41.04 -8.85
C PRO C 166 -2.12 -40.86 -10.29
N GLU C 167 -2.49 -39.62 -10.64
CA GLU C 167 -3.05 -39.32 -11.97
C GLU C 167 -1.98 -39.36 -13.06
N ARG C 168 -0.82 -38.78 -12.74
CA ARG C 168 0.32 -38.76 -13.64
C ARG C 168 0.99 -40.13 -13.79
N LEU C 169 1.06 -40.89 -12.71
CA LEU C 169 1.54 -42.27 -12.80
C LEU C 169 0.64 -43.10 -13.72
N ALA C 170 -0.68 -42.97 -13.55
CA ALA C 170 -1.65 -43.68 -14.41
C ALA C 170 -1.49 -43.33 -15.88
N ALA C 171 -1.39 -42.03 -16.19
CA ALA C 171 -1.28 -41.55 -17.58
C ALA C 171 0.06 -41.90 -18.24
N THR C 172 1.13 -41.90 -17.45
CA THR C 172 2.47 -42.27 -17.93
C THR C 172 2.57 -43.78 -18.22
N VAL C 173 1.95 -44.61 -17.38
CA VAL C 173 1.90 -46.07 -17.61
C VAL C 173 1.11 -46.41 -18.90
N GLU C 174 -0.07 -45.80 -19.05
CA GLU C 174 -0.91 -45.92 -20.26
C GLU C 174 -0.20 -45.47 -21.57
N ALA C 175 0.69 -44.48 -21.47
CA ALA C 175 1.42 -43.99 -22.64
C ALA C 175 2.62 -44.87 -23.03
N SER C 176 3.09 -45.70 -22.09
CA SER C 176 4.28 -46.52 -22.31
C SER C 176 3.96 -47.82 -23.05
N ARG C 177 4.91 -48.25 -23.88
CA ARG C 177 4.89 -49.57 -24.52
C ARG C 177 6.25 -50.21 -24.32
N GLY C 178 6.28 -51.53 -24.07
CA GLY C 178 7.53 -52.25 -23.83
C GLY C 178 7.80 -52.39 -22.35
N PHE C 179 8.28 -51.30 -21.74
CA PHE C 179 8.32 -51.21 -20.27
C PHE C 179 8.20 -49.77 -19.77
N VAL C 180 7.96 -49.66 -18.48
CA VAL C 180 7.94 -48.40 -17.74
C VAL C 180 9.23 -48.40 -16.94
N TYR C 181 9.95 -47.29 -17.00
CA TYR C 181 11.21 -47.14 -16.29
C TYR C 181 10.90 -46.45 -14.96
N ALA C 182 11.06 -47.20 -13.88
CA ALA C 182 10.92 -46.64 -12.52
C ALA C 182 12.29 -46.16 -12.05
N ALA C 183 12.50 -44.85 -12.15
CA ALA C 183 13.75 -44.19 -11.73
C ALA C 183 13.65 -43.77 -10.27
N SER C 184 14.79 -43.60 -9.61
CA SER C 184 14.83 -43.31 -8.17
C SER C 184 16.19 -42.81 -7.71
N SER C 196 14.70 -45.70 0.66
CA SER C 196 15.21 -47.05 0.90
C SER C 196 14.20 -48.14 0.50
N GLN C 197 12.91 -47.88 0.78
CA GLN C 197 11.80 -48.75 0.37
C GLN C 197 11.00 -48.13 -0.80
N ALA C 198 11.53 -47.05 -1.41
CA ALA C 198 10.77 -46.28 -2.39
C ALA C 198 10.61 -47.00 -3.73
N ALA C 199 11.63 -47.73 -4.16
CA ALA C 199 11.56 -48.49 -5.41
C ALA C 199 10.46 -49.57 -5.40
N PRO C 200 10.44 -50.46 -4.38
CA PRO C 200 9.35 -51.44 -4.35
C PRO C 200 7.93 -50.85 -4.17
N GLU C 201 7.78 -49.75 -3.43
CA GLU C 201 6.49 -49.04 -3.32
C GLU C 201 6.05 -48.50 -4.68
N LEU C 202 7.00 -47.93 -5.42
CA LEU C 202 6.74 -47.37 -6.74
C LEU C 202 6.28 -48.44 -7.73
N VAL C 203 7.05 -49.52 -7.82
CA VAL C 203 6.69 -50.67 -8.68
C VAL C 203 5.30 -51.21 -8.31
N GLY C 204 5.01 -51.30 -7.01
CA GLY C 204 3.69 -51.73 -6.52
C GLY C 204 2.55 -50.87 -7.03
N ARG C 205 2.77 -49.55 -7.10
CA ARG C 205 1.77 -48.62 -7.64
C ARG C 205 1.55 -48.74 -9.14
N VAL C 206 2.59 -49.09 -9.89
CA VAL C 206 2.43 -49.39 -11.32
C VAL C 206 1.61 -50.68 -11.51
N LYS C 207 1.94 -51.72 -10.75
CA LYS C 207 1.28 -53.02 -10.89
C LYS C 207 -0.17 -53.04 -10.39
N ALA C 208 -0.56 -52.06 -9.57
CA ALA C 208 -1.96 -51.83 -9.23
C ALA C 208 -2.81 -51.38 -10.44
N VAL C 209 -2.20 -50.70 -11.42
CA VAL C 209 -2.93 -50.19 -12.60
C VAL C 209 -2.59 -50.85 -13.96
N SER C 210 -1.54 -51.66 -14.02
CA SER C 210 -1.10 -52.22 -15.30
C SER C 210 -0.30 -53.51 -15.15
N ASP C 211 -0.37 -54.35 -16.18
CA ASP C 211 0.48 -55.55 -16.30
C ASP C 211 1.75 -55.29 -17.14
N ILE C 212 2.00 -54.04 -17.52
CA ILE C 212 3.20 -53.71 -18.28
C ILE C 212 4.45 -54.03 -17.45
N PRO C 213 5.51 -54.56 -18.11
CA PRO C 213 6.76 -54.79 -17.38
C PRO C 213 7.35 -53.50 -16.82
N VAL C 214 7.92 -53.58 -15.63
CA VAL C 214 8.56 -52.42 -14.99
C VAL C 214 10.06 -52.69 -14.86
N GLY C 215 10.86 -51.76 -15.37
CA GLY C 215 12.30 -51.76 -15.16
C GLY C 215 12.64 -50.81 -14.03
N VAL C 216 13.55 -51.24 -13.15
CA VAL C 216 14.02 -50.43 -12.03
C VAL C 216 15.51 -50.19 -12.16
N GLY C 217 15.90 -48.91 -12.12
CA GLY C 217 17.31 -48.52 -11.98
C GLY C 217 17.50 -47.93 -10.58
N LEU C 218 18.65 -48.23 -9.97
CA LEU C 218 18.88 -47.84 -8.56
C LEU C 218 20.36 -47.80 -8.14
N GLY C 219 21.24 -47.36 -9.04
CA GLY C 219 22.70 -47.39 -8.81
C GLY C 219 23.24 -48.77 -8.50
N VAL C 220 22.78 -49.77 -9.27
CA VAL C 220 23.16 -51.18 -9.06
C VAL C 220 24.62 -51.37 -9.42
N ARG C 221 25.41 -51.89 -8.46
CA ARG C 221 26.84 -52.20 -8.64
C ARG C 221 27.23 -53.67 -8.54
N SER C 222 26.34 -54.54 -8.04
CA SER C 222 26.72 -55.93 -7.73
C SER C 222 25.61 -56.93 -7.99
N ARG C 223 25.98 -58.21 -7.92
CA ARG C 223 25.05 -59.34 -8.01
C ARG C 223 23.90 -59.23 -6.99
N ALA C 224 24.27 -59.00 -5.72
CA ALA C 224 23.31 -58.90 -4.62
C ALA C 224 22.23 -57.85 -4.86
N GLN C 225 22.64 -56.68 -5.35
CA GLN C 225 21.70 -55.61 -5.65
C GLN C 225 20.83 -55.92 -6.86
N ALA C 226 21.40 -56.54 -7.89
CA ALA C 226 20.61 -56.97 -9.03
C ALA C 226 19.54 -57.97 -8.57
N ALA C 227 19.93 -58.90 -7.69
CA ALA C 227 19.00 -59.86 -7.10
C ALA C 227 17.93 -59.23 -6.22
N GLN C 228 18.28 -58.21 -5.44
CA GLN C 228 17.28 -57.50 -4.61
C GLN C 228 16.13 -56.97 -5.47
N ILE C 229 16.48 -56.29 -6.56
CA ILE C 229 15.51 -55.65 -7.45
C ILE C 229 14.69 -56.70 -8.23
N ALA C 230 15.32 -57.83 -8.55
CA ALA C 230 14.64 -58.94 -9.24
C ALA C 230 13.48 -59.59 -8.48
N GLN C 231 13.42 -59.42 -7.15
CA GLN C 231 12.31 -59.96 -6.36
C GLN C 231 10.98 -59.23 -6.58
N TYR C 232 11.02 -57.98 -7.06
CA TYR C 232 9.80 -57.19 -7.31
C TYR C 232 9.68 -56.53 -8.70
N ALA C 233 10.78 -56.34 -9.41
CA ALA C 233 10.76 -55.73 -10.74
C ALA C 233 10.95 -56.77 -11.83
N ASP C 234 10.51 -56.44 -13.05
CA ASP C 234 10.64 -57.31 -14.21
C ASP C 234 11.96 -57.11 -14.96
N GLY C 235 12.54 -55.92 -14.84
CA GLY C 235 13.85 -55.63 -15.42
C GLY C 235 14.74 -54.90 -14.42
N VAL C 236 16.03 -55.25 -14.44
CA VAL C 236 17.05 -54.58 -13.64
C VAL C 236 17.94 -53.77 -14.58
N ILE C 237 17.88 -52.43 -14.45
CA ILE C 237 18.63 -51.50 -15.29
C ILE C 237 19.94 -51.09 -14.59
N VAL C 238 21.04 -51.18 -15.34
CA VAL C 238 22.39 -50.91 -14.85
C VAL C 238 23.13 -50.08 -15.89
N GLY C 239 23.73 -48.96 -15.46
CA GLY C 239 24.37 -48.01 -16.36
C GLY C 239 25.70 -47.49 -15.85
N SER C 240 25.64 -46.76 -14.74
CA SER C 240 26.82 -46.17 -14.11
C SER C 240 27.89 -47.20 -13.81
N ALA C 241 27.46 -48.34 -13.28
CA ALA C 241 28.37 -49.43 -12.96
C ALA C 241 29.02 -50.04 -14.19
N LEU C 242 28.29 -50.10 -15.31
CA LEU C 242 28.85 -50.61 -16.57
C LEU C 242 29.91 -49.67 -17.14
N VAL C 243 29.63 -48.36 -17.10
CA VAL C 243 30.59 -47.34 -17.52
C VAL C 243 31.87 -47.41 -16.67
N THR C 244 31.72 -47.48 -15.35
CA THR C 244 32.86 -47.59 -14.43
C THR C 244 33.73 -48.82 -14.77
N ALA C 245 33.08 -49.95 -15.01
CA ALA C 245 33.73 -51.19 -15.40
C ALA C 245 34.52 -51.08 -16.70
N LEU C 246 33.92 -50.43 -17.70
CA LEU C 246 34.57 -50.24 -19.01
C LEU C 246 35.80 -49.35 -18.93
N THR C 247 35.76 -48.35 -18.05
CA THR C 247 36.91 -47.47 -17.80
C THR C 247 38.12 -48.25 -17.25
N GLU C 248 37.87 -49.27 -16.42
CA GLU C 248 38.93 -50.18 -15.99
C GLU C 248 39.42 -50.97 -17.20
N GLY C 249 38.47 -51.49 -17.97
CA GLY C 249 38.79 -52.22 -19.20
C GLY C 249 37.67 -53.14 -19.59
N LEU C 250 37.72 -53.61 -20.82
CA LEU C 250 36.68 -54.45 -21.38
C LEU C 250 36.55 -55.82 -20.66
N PRO C 251 37.69 -56.44 -20.23
CA PRO C 251 37.56 -57.68 -19.44
C PRO C 251 36.80 -57.52 -18.09
N ARG C 252 36.92 -56.35 -17.47
CA ARG C 252 36.18 -56.03 -16.24
C ARG C 252 34.68 -55.89 -16.52
N LEU C 253 34.31 -55.27 -17.64
CA LEU C 253 32.92 -55.20 -18.09
C LEU C 253 32.27 -56.57 -18.28
N ARG C 254 32.98 -57.49 -18.91
N ARG C 254 32.99 -57.48 -18.93
CA ARG C 254 32.50 -58.86 -19.14
CA ARG C 254 32.53 -58.86 -19.15
C ARG C 254 32.28 -59.62 -17.83
C ARG C 254 32.28 -59.60 -17.83
N ALA C 255 33.18 -59.41 -16.87
CA ALA C 255 33.07 -60.02 -15.53
C ALA C 255 31.86 -59.49 -14.78
N LEU C 256 31.74 -58.17 -14.70
CA LEU C 256 30.63 -57.54 -13.99
C LEU C 256 29.27 -57.96 -14.58
N THR C 257 29.16 -57.89 -15.91
CA THR C 257 27.93 -58.24 -16.61
C THR C 257 27.53 -59.70 -16.31
N GLY C 258 28.52 -60.59 -16.26
CA GLY C 258 28.31 -61.99 -15.84
C GLY C 258 27.78 -62.14 -14.41
N GLU C 259 28.35 -61.38 -13.48
CA GLU C 259 27.86 -61.33 -12.09
C GLU C 259 26.39 -60.87 -12.05
N LEU C 260 26.11 -59.76 -12.74
CA LEU C 260 24.76 -59.19 -12.79
C LEU C 260 23.73 -60.11 -13.45
N ALA C 261 24.15 -60.86 -14.47
CA ALA C 261 23.27 -61.80 -15.16
C ALA C 261 22.85 -62.96 -14.26
N ALA C 262 23.78 -63.46 -13.45
CA ALA C 262 23.45 -64.47 -12.44
C ALA C 262 22.52 -63.88 -11.36
N GLY C 263 22.81 -62.65 -10.95
CA GLY C 263 21.99 -61.92 -9.99
C GLY C 263 20.51 -61.79 -10.32
N VAL C 264 20.18 -61.50 -11.58
CA VAL C 264 18.76 -61.36 -12.01
C VAL C 264 17.96 -62.69 -12.00
N ARG C 265 18.68 -63.81 -11.97
CA ARG C 265 18.08 -65.15 -11.89
C ARG C 265 17.83 -65.66 -10.46
N LEU C 266 18.30 -64.92 -9.45
CA LEU C 266 18.20 -65.38 -8.06
C LEU C 266 16.81 -65.16 -7.43
N GLY C 267 16.44 -66.06 -6.52
CA GLY C 267 15.26 -65.89 -5.67
C GLY C 267 13.95 -66.21 -6.37
N GLU D 7 -5.35 -8.06 -13.74
CA GLU D 7 -4.83 -7.76 -15.11
C GLU D 7 -5.07 -8.95 -16.08
N PRO D 8 -5.72 -8.71 -17.25
CA PRO D 8 -6.20 -9.81 -18.13
C PRO D 8 -5.19 -10.89 -18.58
N THR D 9 -5.73 -12.01 -19.06
CA THR D 9 -4.96 -13.18 -19.48
C THR D 9 -5.07 -13.38 -21.02
N SER D 10 -5.04 -12.28 -21.77
CA SER D 10 -5.30 -12.32 -23.22
C SER D 10 -4.12 -12.89 -24.03
N HIS D 11 -2.90 -12.53 -23.63
CA HIS D 11 -1.67 -13.02 -24.28
C HIS D 11 -1.07 -14.28 -23.61
N ASP D 12 -1.84 -14.91 -22.72
CA ASP D 12 -1.34 -16.04 -21.93
C ASP D 12 -1.32 -17.33 -22.75
N PRO D 13 -0.52 -18.32 -22.30
CA PRO D 13 -0.50 -19.62 -22.93
C PRO D 13 -1.64 -20.49 -22.42
N ASP D 14 -1.84 -21.66 -23.04
CA ASP D 14 -2.83 -22.64 -22.55
C ASP D 14 -2.40 -23.29 -21.22
N SER D 15 -3.21 -24.19 -20.67
CA SER D 15 -2.91 -24.77 -19.35
C SER D 15 -1.64 -25.66 -19.34
N GLY D 16 -1.25 -26.19 -20.51
CA GLY D 16 0.03 -26.87 -20.68
C GLY D 16 1.24 -25.95 -20.84
N GLY D 17 0.98 -24.65 -20.98
CA GLY D 17 2.04 -23.63 -21.04
C GLY D 17 2.53 -23.30 -22.45
N HIS D 18 1.72 -23.61 -23.47
CA HIS D 18 2.07 -23.36 -24.86
C HIS D 18 1.55 -22.01 -25.38
N PHE D 19 2.41 -21.28 -26.09
CA PHE D 19 2.04 -20.06 -26.78
C PHE D 19 1.77 -20.34 -28.26
N GLY D 20 0.68 -19.80 -28.77
CA GLY D 20 0.34 -19.92 -30.18
C GLY D 20 -0.12 -21.28 -30.66
N GLY D 21 -0.79 -22.06 -29.80
CA GLY D 21 -1.38 -23.35 -30.19
C GLY D 21 -1.00 -24.52 -29.29
N PRO D 22 -1.78 -25.63 -29.35
CA PRO D 22 -1.60 -26.77 -28.42
C PRO D 22 -0.17 -27.36 -28.33
N SER D 23 0.60 -27.28 -29.42
CA SER D 23 2.00 -27.75 -29.45
C SER D 23 2.98 -26.64 -29.92
N GLY D 24 2.75 -25.42 -29.47
CA GLY D 24 3.55 -24.29 -29.90
C GLY D 24 4.77 -24.14 -29.04
N TRP D 25 5.07 -22.88 -28.70
CA TRP D 25 6.26 -22.53 -27.95
C TRP D 25 6.02 -22.74 -26.45
N GLY D 26 7.08 -23.07 -25.72
CA GLY D 26 7.01 -23.20 -24.28
C GLY D 26 6.84 -24.65 -23.85
N GLY D 27 5.79 -24.91 -23.09
CA GLY D 27 5.49 -26.23 -22.58
C GLY D 27 6.36 -26.61 -21.41
N ARG D 28 6.52 -27.92 -21.23
CA ARG D 28 7.27 -28.52 -20.12
C ARG D 28 8.12 -29.69 -20.59
N TYR D 29 9.37 -29.38 -20.91
CA TYR D 29 10.35 -30.41 -21.30
C TYR D 29 11.22 -30.70 -20.11
N VAL D 30 10.64 -31.49 -19.22
CA VAL D 30 11.23 -31.80 -17.92
C VAL D 30 11.03 -33.28 -17.64
N PRO D 31 11.81 -33.82 -16.70
CA PRO D 31 11.57 -35.20 -16.29
C PRO D 31 10.34 -35.31 -15.40
N GLU D 32 9.75 -36.49 -15.39
CA GLU D 32 8.61 -36.79 -14.54
C GLU D 32 8.93 -36.56 -13.06
N ALA D 33 10.19 -36.79 -12.68
CA ALA D 33 10.64 -36.54 -11.30
C ALA D 33 10.34 -35.12 -10.81
N LEU D 34 10.40 -34.13 -11.71
CA LEU D 34 10.07 -32.74 -11.36
C LEU D 34 8.60 -32.35 -11.46
N MET D 35 7.74 -33.22 -11.98
CA MET D 35 6.39 -32.79 -12.31
C MET D 35 5.51 -32.57 -11.08
N ALA D 36 5.69 -33.34 -10.02
CA ALA D 36 4.94 -33.08 -8.77
C ALA D 36 5.17 -31.65 -8.28
N VAL D 37 6.44 -31.24 -8.16
CA VAL D 37 6.76 -29.89 -7.65
C VAL D 37 6.42 -28.77 -8.66
N ILE D 38 6.56 -29.04 -9.95
CA ILE D 38 6.10 -28.11 -10.98
C ILE D 38 4.57 -27.92 -10.98
N GLU D 39 3.82 -29.00 -10.80
CA GLU D 39 2.36 -28.85 -10.67
C GLU D 39 1.99 -28.09 -9.38
N GLU D 40 2.71 -28.38 -8.31
CA GLU D 40 2.54 -27.69 -7.02
C GLU D 40 2.74 -26.18 -7.18
N VAL D 41 3.83 -25.78 -7.85
CA VAL D 41 4.14 -24.36 -8.06
C VAL D 41 3.12 -23.70 -8.99
N THR D 42 2.74 -24.41 -10.05
CA THR D 42 1.70 -23.94 -10.96
C THR D 42 0.39 -23.70 -10.21
N ALA D 43 -0.02 -24.66 -9.39
CA ALA D 43 -1.26 -24.52 -8.62
C ALA D 43 -1.20 -23.38 -7.60
N ALA D 44 -0.03 -23.22 -6.98
CA ALA D 44 0.16 -22.16 -6.02
C ALA D 44 0.12 -20.81 -6.70
N TYR D 45 0.72 -20.72 -7.88
CA TYR D 45 0.75 -19.47 -8.60
C TYR D 45 -0.65 -19.10 -9.13
N GLN D 46 -1.40 -20.06 -9.66
CA GLN D 46 -2.77 -19.79 -10.12
C GLN D 46 -3.65 -19.23 -9.01
N LYS D 47 -3.53 -19.83 -7.83
CA LYS D 47 -4.26 -19.37 -6.67
C LYS D 47 -3.86 -17.95 -6.28
N GLU D 48 -2.56 -17.70 -6.17
CA GLU D 48 -2.07 -16.46 -5.61
C GLU D 48 -2.11 -15.26 -6.58
N ARG D 49 -2.06 -15.48 -7.90
CA ARG D 49 -2.11 -14.38 -8.88
C ARG D 49 -3.46 -13.61 -8.92
N VAL D 50 -4.53 -14.26 -8.48
CA VAL D 50 -5.86 -13.66 -8.33
C VAL D 50 -6.21 -13.36 -6.86
N SER D 51 -5.26 -13.50 -5.94
CA SER D 51 -5.50 -13.15 -4.54
C SER D 51 -5.12 -11.69 -4.34
N GLN D 52 -6.11 -10.85 -4.01
N GLN D 52 -6.12 -10.88 -4.00
CA GLN D 52 -5.83 -9.43 -3.77
CA GLN D 52 -5.91 -9.46 -3.70
C GLN D 52 -4.91 -9.22 -2.55
C GLN D 52 -4.90 -9.26 -2.57
N ASP D 53 -4.92 -10.16 -1.58
CA ASP D 53 -3.98 -10.09 -0.44
C ASP D 53 -2.52 -10.39 -0.80
N PHE D 54 -2.30 -11.31 -1.73
CA PHE D 54 -0.95 -11.58 -2.25
C PHE D 54 -0.45 -10.37 -3.04
N LEU D 55 -1.30 -9.80 -3.87
CA LEU D 55 -0.91 -8.64 -4.68
C LEU D 55 -0.65 -7.41 -3.82
N ASP D 56 -1.38 -7.26 -2.72
CA ASP D 56 -1.10 -6.19 -1.74
C ASP D 56 0.24 -6.38 -1.03
N ASP D 57 0.54 -7.61 -0.64
CA ASP D 57 1.84 -7.96 -0.04
C ASP D 57 2.97 -7.59 -0.97
N LEU D 58 2.85 -8.01 -2.23
CA LEU D 58 3.87 -7.72 -3.24
C LEU D 58 4.00 -6.22 -3.50
N ASP D 59 2.86 -5.57 -3.68
CA ASP D 59 2.80 -4.13 -3.88
C ASP D 59 3.44 -3.33 -2.72
N ARG D 60 3.25 -3.79 -1.49
CA ARG D 60 3.74 -3.08 -0.30
C ARG D 60 5.28 -3.15 -0.20
N LEU D 61 5.83 -4.33 -0.45
CA LEU D 61 7.27 -4.51 -0.57
C LEU D 61 7.88 -3.71 -1.74
N GLN D 62 7.22 -3.74 -2.90
N GLN D 62 7.22 -3.75 -2.90
CA GLN D 62 7.70 -2.97 -4.05
CA GLN D 62 7.63 -2.97 -4.07
C GLN D 62 7.77 -1.46 -3.78
C GLN D 62 7.77 -1.48 -3.77
N ALA D 63 6.80 -0.93 -3.04
CA ALA D 63 6.79 0.51 -2.74
C ALA D 63 7.79 0.88 -1.63
N ASN D 64 7.65 0.27 -0.47
CA ASN D 64 8.41 0.67 0.72
C ASN D 64 9.81 0.07 0.81
N TYR D 65 9.97 -1.14 0.31
CA TYR D 65 11.24 -1.84 0.38
C TYR D 65 12.07 -1.64 -0.90
N ALA D 66 11.47 -1.90 -2.06
CA ALA D 66 12.20 -1.81 -3.33
C ALA D 66 12.26 -0.41 -3.89
N GLY D 67 11.40 0.48 -3.41
CA GLY D 67 11.39 1.88 -3.83
C GLY D 67 10.67 2.21 -5.13
N ARG D 68 9.74 1.37 -5.59
CA ARG D 68 8.94 1.67 -6.79
C ARG D 68 7.95 2.86 -6.57
N PRO D 69 7.50 3.55 -7.64
CA PRO D 69 7.89 3.31 -9.02
C PRO D 69 9.31 3.81 -9.35
N SER D 70 9.97 3.15 -10.30
CA SER D 70 11.22 3.67 -10.83
C SER D 70 10.89 4.85 -11.76
N PRO D 71 11.76 5.86 -11.81
CA PRO D 71 11.47 7.00 -12.66
C PRO D 71 11.75 6.76 -14.16
N LEU D 72 11.27 7.70 -14.98
CA LEU D 72 11.52 7.70 -16.42
C LEU D 72 12.24 8.98 -16.76
N TYR D 73 13.48 8.87 -17.25
CA TYR D 73 14.38 10.01 -17.44
C TYR D 73 14.70 10.23 -18.89
N GLU D 74 14.42 11.43 -19.41
CA GLU D 74 14.79 11.77 -20.77
C GLU D 74 16.27 12.11 -20.81
N ALA D 75 17.04 11.25 -21.48
CA ALA D 75 18.47 11.42 -21.64
C ALA D 75 18.74 12.31 -22.85
N THR D 76 18.52 13.61 -22.67
CA THR D 76 18.66 14.62 -23.74
C THR D 76 20.08 14.67 -24.32
N ARG D 77 21.08 14.44 -23.49
CA ARG D 77 22.48 14.48 -23.93
C ARG D 77 22.91 13.27 -24.78
N LEU D 78 22.05 12.26 -24.93
CA LEU D 78 22.26 11.18 -25.90
C LEU D 78 21.75 11.46 -27.32
N SER D 79 20.93 12.48 -27.48
CA SER D 79 20.12 12.65 -28.67
C SER D 79 20.89 12.75 -29.98
N GLN D 80 21.99 13.50 -29.99
CA GLN D 80 22.81 13.68 -31.18
C GLN D 80 23.47 12.39 -31.69
N HIS D 81 23.69 11.43 -30.79
CA HIS D 81 24.17 10.09 -31.15
C HIS D 81 23.05 9.13 -31.53
N ALA D 82 21.78 9.52 -31.33
CA ALA D 82 20.63 8.69 -31.69
C ALA D 82 19.79 9.33 -32.80
N GLY D 83 20.42 9.96 -33.79
CA GLY D 83 19.71 10.62 -34.89
C GLY D 83 18.81 11.79 -34.52
N SER D 84 19.02 12.35 -33.33
CA SER D 84 18.14 13.37 -32.73
C SER D 84 16.77 12.85 -32.29
N ALA D 85 16.67 11.53 -32.13
CA ALA D 85 15.56 10.93 -31.41
C ALA D 85 15.64 11.26 -29.93
N ARG D 86 14.58 10.94 -29.22
CA ARG D 86 14.46 11.23 -27.79
C ARG D 86 14.48 9.91 -27.03
N ILE D 87 15.58 9.67 -26.32
CA ILE D 87 15.78 8.46 -25.55
C ILE D 87 15.29 8.67 -24.10
N PHE D 88 14.24 7.93 -23.70
CA PHE D 88 13.74 7.94 -22.32
C PHE D 88 14.20 6.67 -21.64
N LEU D 89 14.94 6.80 -20.53
CA LEU D 89 15.45 5.66 -19.78
C LEU D 89 14.53 5.29 -18.62
N LYS D 90 14.03 4.07 -18.64
CA LYS D 90 13.26 3.51 -17.56
C LYS D 90 14.26 3.01 -16.55
N ARG D 91 14.27 3.62 -15.38
CA ARG D 91 15.39 3.53 -14.49
C ARG D 91 15.32 2.34 -13.51
N GLU D 92 15.31 1.11 -14.02
CA GLU D 92 15.34 -0.07 -13.14
C GLU D 92 16.68 -0.20 -12.39
N ASP D 93 17.71 0.51 -12.86
CA ASP D 93 18.99 0.67 -12.15
C ASP D 93 18.89 1.24 -10.73
N LEU D 94 17.82 1.96 -10.43
CA LEU D 94 17.59 2.55 -9.10
C LEU D 94 16.84 1.63 -8.13
N ASN D 95 16.39 0.45 -8.59
CA ASN D 95 15.76 -0.51 -7.72
C ASN D 95 16.70 -0.97 -6.62
N HIS D 96 16.14 -1.37 -5.48
CA HIS D 96 16.91 -2.10 -4.45
C HIS D 96 17.56 -3.30 -5.12
N THR D 97 18.86 -3.45 -4.85
CA THR D 97 19.77 -4.44 -5.43
C THR D 97 20.35 -4.08 -6.81
N GLY D 98 19.82 -3.04 -7.45
CA GLY D 98 20.40 -2.51 -8.68
C GLY D 98 19.96 -3.10 -10.00
N SER D 99 18.86 -3.84 -10.00
CA SER D 99 18.28 -4.31 -11.23
C SER D 99 16.81 -4.62 -11.10
N HIS D 100 16.23 -4.91 -12.25
CA HIS D 100 14.86 -5.42 -12.37
C HIS D 100 14.63 -6.78 -11.72
N LYS D 101 15.70 -7.56 -11.51
CA LYS D 101 15.57 -8.90 -10.96
C LYS D 101 14.78 -8.96 -9.65
N ILE D 102 14.90 -7.93 -8.81
CA ILE D 102 14.18 -7.87 -7.54
C ILE D 102 12.64 -7.99 -7.70
N ASN D 103 12.09 -7.55 -8.84
CA ASN D 103 10.65 -7.60 -9.08
C ASN D 103 10.10 -9.01 -9.08
N ASN D 104 10.79 -9.87 -9.82
CA ASN D 104 10.46 -11.28 -9.91
C ASN D 104 10.74 -12.01 -8.61
N VAL D 105 11.88 -11.73 -8.01
CA VAL D 105 12.27 -12.37 -6.76
C VAL D 105 11.28 -12.12 -5.62
N LEU D 106 10.82 -10.89 -5.48
CA LEU D 106 9.86 -10.57 -4.42
C LEU D 106 8.56 -11.40 -4.56
N GLY D 107 8.04 -11.50 -5.78
CA GLY D 107 6.89 -12.33 -6.08
C GLY D 107 7.10 -13.80 -5.79
N GLN D 108 8.21 -14.37 -6.25
CA GLN D 108 8.48 -15.79 -6.05
C GLN D 108 8.83 -16.18 -4.62
N ALA D 109 9.52 -15.27 -3.92
CA ALA D 109 9.85 -15.47 -2.50
C ALA D 109 8.61 -15.45 -1.62
N LEU D 110 7.72 -14.48 -1.87
CA LEU D 110 6.39 -14.51 -1.24
C LEU D 110 5.65 -15.80 -1.55
N LEU D 111 5.70 -16.25 -2.79
CA LEU D 111 5.07 -17.49 -3.18
C LEU D 111 5.67 -18.68 -2.45
N ALA D 112 7.00 -18.71 -2.31
CA ALA D 112 7.68 -19.80 -1.58
C ALA D 112 7.21 -19.88 -0.13
N ARG D 113 7.09 -18.74 0.54
CA ARG D 113 6.54 -18.68 1.89
C ARG D 113 5.08 -19.11 1.97
N ARG D 114 4.26 -18.72 0.98
CA ARG D 114 2.86 -19.19 0.93
C ARG D 114 2.79 -20.71 0.82
N MET D 115 3.73 -21.28 0.07
CA MET D 115 3.85 -22.75 -0.14
C MET D 115 4.43 -23.54 1.04
N GLY D 116 4.97 -22.85 2.05
CA GLY D 116 5.64 -23.51 3.17
C GLY D 116 7.00 -24.11 2.86
N LYS D 117 7.68 -23.59 1.84
CA LYS D 117 9.05 -24.02 1.53
C LYS D 117 10.00 -23.30 2.46
N THR D 118 11.05 -24.00 2.87
CA THR D 118 12.06 -23.47 3.81
C THR D 118 13.41 -23.15 3.16
N ARG D 119 13.62 -23.64 1.94
CA ARG D 119 14.89 -23.56 1.26
C ARG D 119 14.62 -23.03 -0.15
N VAL D 120 15.40 -22.05 -0.58
CA VAL D 120 15.27 -21.49 -1.93
C VAL D 120 16.60 -21.68 -2.65
N ILE D 121 16.52 -22.08 -3.92
CA ILE D 121 17.70 -22.16 -4.78
C ILE D 121 17.53 -21.24 -5.97
N ALA D 122 18.65 -20.71 -6.46
CA ALA D 122 18.65 -19.95 -7.69
C ALA D 122 19.94 -20.09 -8.49
N GLU D 123 19.81 -19.93 -9.79
CA GLU D 123 20.95 -19.76 -10.69
C GLU D 123 21.25 -18.26 -10.79
N THR D 124 22.48 -17.92 -11.16
CA THR D 124 22.79 -16.56 -11.56
C THR D 124 23.97 -16.51 -12.52
N GLY D 125 23.99 -15.47 -13.36
CA GLY D 125 25.11 -15.20 -14.28
C GLY D 125 25.84 -13.91 -13.91
N ALA D 126 25.16 -12.79 -14.09
CA ALA D 126 25.66 -11.49 -13.61
C ALA D 126 25.74 -11.38 -12.09
N GLY D 127 25.01 -12.26 -11.38
CA GLY D 127 24.96 -12.21 -9.93
C GLY D 127 23.86 -11.29 -9.43
N GLN D 128 23.13 -10.62 -10.32
CA GLN D 128 22.08 -9.69 -9.90
C GLN D 128 20.82 -10.46 -9.44
N HIS D 129 20.46 -11.54 -10.15
CA HIS D 129 19.37 -12.39 -9.71
C HIS D 129 19.74 -13.13 -8.41
N GLY D 130 20.99 -13.60 -8.34
CA GLY D 130 21.53 -14.20 -7.13
C GLY D 130 21.51 -13.28 -5.92
N VAL D 131 21.90 -12.02 -6.12
CA VAL D 131 21.90 -11.01 -5.03
C VAL D 131 20.45 -10.72 -4.61
N ALA D 132 19.57 -10.59 -5.59
CA ALA D 132 18.16 -10.31 -5.30
C ALA D 132 17.51 -11.48 -4.54
N THR D 133 17.78 -12.72 -4.98
CA THR D 133 17.28 -13.91 -4.31
C THR D 133 17.81 -14.01 -2.87
N ALA D 134 19.10 -13.76 -2.68
CA ALA D 134 19.70 -13.76 -1.35
C ALA D 134 19.11 -12.70 -0.43
N THR D 135 18.84 -11.54 -1.03
CA THR D 135 18.16 -10.43 -0.39
C THR D 135 16.76 -10.79 0.11
N ALA D 136 15.91 -11.32 -0.78
CA ALA D 136 14.54 -11.74 -0.41
C ALA D 136 14.52 -12.87 0.59
N CYS D 137 15.50 -13.79 0.48
CA CYS D 137 15.61 -14.88 1.43
C CYS D 137 16.01 -14.45 2.85
N ALA D 138 16.83 -13.40 2.95
CA ALA D 138 17.20 -12.84 4.26
C ALA D 138 16.00 -12.10 4.89
N LEU D 139 15.34 -11.27 4.07
CA LEU D 139 14.12 -10.55 4.46
C LEU D 139 13.02 -11.48 5.02
N LEU D 140 12.82 -12.60 4.33
CA LEU D 140 11.77 -13.57 4.66
C LEU D 140 12.20 -14.79 5.46
N GLY D 141 13.48 -14.87 5.87
CA GLY D 141 13.99 -15.95 6.72
C GLY D 141 14.08 -17.32 6.06
N LEU D 142 14.35 -17.35 4.76
CA LEU D 142 14.49 -18.59 4.00
C LEU D 142 15.97 -18.92 3.84
N ASP D 143 16.32 -20.21 3.87
CA ASP D 143 17.69 -20.66 3.57
C ASP D 143 17.93 -20.55 2.05
N CYS D 144 19.11 -20.07 1.67
CA CYS D 144 19.37 -19.71 0.29
C CYS D 144 20.65 -20.37 -0.24
N VAL D 145 20.55 -21.06 -1.37
CA VAL D 145 21.73 -21.55 -2.08
C VAL D 145 21.69 -21.03 -3.53
N ILE D 146 22.81 -20.43 -3.97
CA ILE D 146 22.92 -19.82 -5.30
C ILE D 146 23.96 -20.56 -6.11
N TYR D 147 23.58 -21.05 -7.30
CA TYR D 147 24.49 -21.65 -8.27
C TYR D 147 24.95 -20.59 -9.27
N MET D 148 26.26 -20.49 -9.45
CA MET D 148 26.87 -19.50 -10.33
C MET D 148 28.06 -20.14 -11.03
N GLY D 149 28.16 -19.90 -12.34
CA GLY D 149 29.26 -20.42 -13.15
C GLY D 149 30.62 -19.93 -12.65
N GLY D 150 31.61 -20.83 -12.64
CA GLY D 150 32.99 -20.50 -12.23
C GLY D 150 33.59 -19.28 -12.91
N ILE D 151 33.34 -19.13 -14.21
CA ILE D 151 33.83 -17.98 -14.99
C ILE D 151 33.13 -16.69 -14.53
N ASP D 152 31.83 -16.79 -14.28
CA ASP D 152 31.05 -15.66 -13.76
C ASP D 152 31.40 -15.25 -12.32
N THR D 153 31.79 -16.20 -11.45
CA THR D 153 32.20 -15.86 -10.07
C THR D 153 33.47 -14.96 -10.05
N ALA D 154 34.32 -15.13 -11.06
CA ALA D 154 35.54 -14.34 -11.21
C ALA D 154 35.24 -12.93 -11.75
N ARG D 155 34.44 -12.82 -12.80
CA ARG D 155 34.20 -11.50 -13.44
C ARG D 155 33.08 -10.66 -12.80
N GLN D 156 32.26 -11.28 -11.95
CA GLN D 156 31.23 -10.54 -11.19
C GLN D 156 31.45 -10.78 -9.68
N ALA D 157 32.72 -10.71 -9.25
CA ALA D 157 33.10 -11.00 -7.86
C ALA D 157 32.44 -10.11 -6.79
N LEU D 158 32.14 -8.86 -7.12
CA LEU D 158 31.40 -7.99 -6.18
C LEU D 158 30.07 -8.62 -5.73
N ASN D 159 29.35 -9.20 -6.68
CA ASN D 159 28.09 -9.87 -6.39
C ASN D 159 28.24 -11.17 -5.63
N VAL D 160 29.33 -11.90 -5.82
CA VAL D 160 29.57 -13.10 -5.02
C VAL D 160 29.65 -12.69 -3.55
N ALA D 161 30.42 -11.64 -3.26
CA ALA D 161 30.59 -11.17 -1.88
C ALA D 161 29.31 -10.65 -1.22
N ARG D 162 28.49 -9.95 -1.97
CA ARG D 162 27.19 -9.50 -1.48
C ARG D 162 26.31 -10.70 -1.10
N MET D 163 26.21 -11.69 -2.00
CA MET D 163 25.45 -12.92 -1.72
C MET D 163 25.88 -13.55 -0.41
N ARG D 164 27.18 -13.58 -0.19
CA ARG D 164 27.74 -14.22 1.00
C ARG D 164 27.50 -13.40 2.27
N LEU D 165 27.55 -12.08 2.17
CA LEU D 165 27.18 -11.21 3.28
C LEU D 165 25.69 -11.31 3.66
N LEU D 166 24.85 -11.49 2.65
CA LEU D 166 23.42 -11.73 2.84
C LEU D 166 23.05 -13.13 3.40
N GLY D 167 24.03 -14.01 3.58
CA GLY D 167 23.84 -15.31 4.23
C GLY D 167 23.58 -16.47 3.29
N ALA D 168 23.67 -16.24 1.98
CA ALA D 168 23.55 -17.30 0.98
C ALA D 168 24.83 -18.13 0.88
N GLU D 169 24.69 -19.42 0.64
CA GLU D 169 25.78 -20.27 0.17
C GLU D 169 25.95 -20.04 -1.33
N VAL D 170 27.18 -19.80 -1.80
CA VAL D 170 27.42 -19.67 -3.25
C VAL D 170 28.21 -20.88 -3.73
N VAL D 171 27.68 -21.57 -4.73
CA VAL D 171 28.35 -22.73 -5.33
C VAL D 171 28.83 -22.38 -6.74
N ALA D 172 30.15 -22.42 -6.92
CA ALA D 172 30.79 -22.25 -8.22
C ALA D 172 30.60 -23.53 -9.04
N VAL D 173 30.01 -23.38 -10.23
CA VAL D 173 29.75 -24.50 -11.12
C VAL D 173 30.86 -24.59 -12.17
N GLN D 174 31.60 -25.70 -12.16
CA GLN D 174 32.75 -25.90 -13.07
C GLN D 174 32.46 -26.73 -14.35
N THR D 175 31.21 -27.14 -14.55
CA THR D 175 30.83 -27.91 -15.74
C THR D 175 30.64 -27.00 -16.96
N GLY D 176 30.87 -27.58 -18.14
CA GLY D 176 30.56 -26.97 -19.43
C GLY D 176 31.30 -25.68 -19.67
N SER D 177 30.54 -24.65 -20.06
CA SER D 177 31.06 -23.30 -20.30
C SER D 177 31.27 -22.47 -19.02
N LYS D 178 30.83 -22.99 -17.86
CA LYS D 178 30.96 -22.32 -16.54
C LYS D 178 30.31 -20.94 -16.51
N THR D 179 29.19 -20.80 -17.20
CA THR D 179 28.44 -19.54 -17.29
C THR D 179 26.96 -19.85 -16.99
N LEU D 180 26.05 -18.96 -17.37
CA LEU D 180 24.67 -19.05 -16.90
C LEU D 180 23.99 -20.40 -17.20
N LYS D 181 24.16 -20.91 -18.43
CA LYS D 181 23.50 -22.17 -18.80
C LYS D 181 23.89 -23.34 -17.87
N ASP D 182 25.14 -23.36 -17.44
CA ASP D 182 25.69 -24.44 -16.63
C ASP D 182 25.28 -24.30 -15.17
N ALA D 183 25.14 -23.06 -14.71
CA ALA D 183 24.53 -22.78 -13.40
C ALA D 183 23.07 -23.27 -13.32
N ILE D 184 22.31 -23.04 -14.38
CA ILE D 184 20.91 -23.50 -14.47
C ILE D 184 20.83 -25.02 -14.38
N ASN D 185 21.72 -25.71 -15.07
CA ASN D 185 21.84 -27.17 -15.01
C ASN D 185 22.01 -27.67 -13.56
N GLU D 186 22.93 -27.05 -12.82
CA GLU D 186 23.20 -27.47 -11.43
C GLU D 186 22.05 -27.19 -10.50
N ALA D 187 21.42 -26.01 -10.67
CA ALA D 187 20.22 -25.67 -9.91
C ALA D 187 19.11 -26.71 -10.13
N PHE D 188 18.87 -27.03 -11.40
CA PHE D 188 17.92 -28.07 -11.79
C PHE D 188 18.18 -29.40 -11.09
N ARG D 189 19.45 -29.82 -11.03
CA ARG D 189 19.83 -31.06 -10.35
C ARG D 189 19.57 -31.01 -8.84
N ASP D 190 19.77 -29.83 -8.25
CA ASP D 190 19.45 -29.59 -6.85
C ASP D 190 17.95 -29.80 -6.65
N TRP D 191 17.13 -29.21 -7.54
CA TRP D 191 15.67 -29.24 -7.36
C TRP D 191 15.10 -30.66 -7.43
N VAL D 192 15.58 -31.44 -8.40
CA VAL D 192 15.21 -32.85 -8.56
C VAL D 192 15.45 -33.64 -7.25
N ALA D 193 16.62 -33.45 -6.65
CA ALA D 193 16.97 -34.12 -5.40
C ALA D 193 16.19 -33.59 -4.18
N ASN D 194 15.93 -32.28 -4.14
CA ASN D 194 15.41 -31.60 -2.94
C ASN D 194 14.00 -31.01 -3.08
N ALA D 195 13.20 -31.55 -4.02
CA ALA D 195 11.85 -31.02 -4.32
C ALA D 195 10.89 -30.90 -3.13
N ASP D 196 10.98 -31.83 -2.18
CA ASP D 196 10.21 -31.77 -0.92
C ASP D 196 10.19 -30.41 -0.27
N ASN D 197 11.38 -29.88 -0.01
CA ASN D 197 11.55 -28.70 0.85
C ASN D 197 12.01 -27.41 0.14
N THR D 198 12.28 -27.49 -1.16
CA THR D 198 13.00 -26.45 -1.91
C THR D 198 12.16 -25.83 -3.02
N TYR D 199 12.19 -24.50 -3.08
CA TYR D 199 11.58 -23.74 -4.16
C TYR D 199 12.69 -23.28 -5.10
N TYR D 200 12.52 -23.48 -6.40
CA TYR D 200 13.48 -22.96 -7.39
C TYR D 200 13.00 -21.60 -7.89
N CYS D 201 13.71 -20.55 -7.47
CA CYS D 201 13.43 -19.18 -7.83
C CYS D 201 14.16 -18.86 -9.12
N PHE D 202 13.52 -19.14 -10.25
CA PHE D 202 14.14 -18.97 -11.57
C PHE D 202 14.10 -17.50 -11.98
N GLY D 203 15.20 -17.00 -12.53
CA GLY D 203 15.42 -15.57 -12.70
C GLY D 203 15.20 -14.94 -14.07
N THR D 204 14.80 -15.74 -15.05
CA THR D 204 14.46 -15.18 -16.35
C THR D 204 13.14 -15.76 -16.88
N ALA D 205 12.67 -15.18 -17.99
CA ALA D 205 11.36 -15.54 -18.53
C ALA D 205 11.49 -16.74 -19.47
N ALA D 206 11.90 -17.86 -18.90
CA ALA D 206 12.18 -19.06 -19.65
C ALA D 206 11.90 -20.24 -18.72
N GLY D 207 12.34 -21.44 -19.07
CA GLY D 207 12.05 -22.58 -18.23
C GLY D 207 10.72 -23.22 -18.60
N PRO D 208 10.37 -24.33 -17.94
CA PRO D 208 9.06 -24.92 -18.17
C PRO D 208 7.96 -24.04 -17.56
N HIS D 209 6.75 -24.21 -18.07
CA HIS D 209 5.54 -23.69 -17.43
C HIS D 209 5.52 -24.14 -15.96
N PRO D 210 5.31 -23.25 -14.99
CA PRO D 210 4.75 -21.90 -15.16
C PRO D 210 5.73 -20.74 -15.27
N PHE D 211 7.03 -21.00 -15.27
CA PHE D 211 8.04 -19.92 -15.09
C PHE D 211 8.00 -18.73 -16.09
N PRO D 212 7.85 -18.99 -17.41
CA PRO D 212 7.77 -17.85 -18.33
C PRO D 212 6.63 -16.87 -18.03
N THR D 213 5.46 -17.41 -17.73
CA THR D 213 4.27 -16.63 -17.42
C THR D 213 4.38 -15.92 -16.07
N MET D 214 4.79 -16.67 -15.04
CA MET D 214 4.96 -16.12 -13.71
C MET D 214 6.00 -15.00 -13.64
N VAL D 215 7.15 -15.20 -14.28
CA VAL D 215 8.25 -14.22 -14.25
C VAL D 215 7.82 -12.97 -15.03
N ARG D 216 7.14 -13.19 -16.15
CA ARG D 216 6.59 -12.08 -16.93
C ARG D 216 5.54 -11.28 -16.15
N ASP D 217 4.64 -11.97 -15.47
CA ASP D 217 3.64 -11.30 -14.62
C ASP D 217 4.26 -10.46 -13.51
N PHE D 218 5.33 -10.94 -12.89
CA PHE D 218 6.04 -10.14 -11.89
C PHE D 218 6.89 -8.99 -12.46
N GLN D 219 7.21 -9.03 -13.76
CA GLN D 219 7.93 -7.96 -14.44
C GLN D 219 7.05 -6.98 -15.22
N ARG D 220 5.78 -7.33 -15.42
CA ARG D 220 4.80 -6.44 -16.09
C ARG D 220 4.76 -5.00 -15.56
N ILE D 221 4.99 -4.85 -14.25
CA ILE D 221 4.99 -3.56 -13.58
C ILE D 221 5.90 -2.53 -14.28
N ILE D 222 6.97 -2.96 -14.93
CA ILE D 222 7.90 -2.05 -15.59
C ILE D 222 7.18 -1.31 -16.74
N GLY D 223 6.60 -2.08 -17.65
CA GLY D 223 5.82 -1.53 -18.77
C GLY D 223 4.56 -0.77 -18.36
N MET D 224 3.86 -1.25 -17.32
N MET D 224 3.88 -1.27 -17.32
CA MET D 224 2.65 -0.55 -16.85
CA MET D 224 2.68 -0.62 -16.78
C MET D 224 2.98 0.83 -16.29
C MET D 224 3.00 0.81 -16.30
N GLU D 225 4.05 0.94 -15.51
CA GLU D 225 4.56 2.26 -15.07
C GLU D 225 5.05 3.09 -16.26
N ALA D 226 5.84 2.48 -17.14
CA ALA D 226 6.42 3.22 -18.25
C ALA D 226 5.39 3.79 -19.22
N ARG D 227 4.33 3.03 -19.48
CA ARG D 227 3.29 3.45 -20.40
C ARG D 227 2.55 4.71 -19.90
N VAL D 228 2.32 4.77 -18.58
CA VAL D 228 1.73 5.96 -17.95
C VAL D 228 2.75 7.10 -17.99
N GLN D 229 3.98 6.81 -17.60
CA GLN D 229 4.99 7.85 -17.50
C GLN D 229 5.29 8.53 -18.82
N ILE D 230 5.50 7.73 -19.88
CA ILE D 230 5.81 8.30 -21.21
C ILE D 230 4.67 9.17 -21.77
N GLN D 231 3.43 8.77 -21.51
CA GLN D 231 2.28 9.60 -21.92
C GLN D 231 2.27 10.93 -21.18
N GLY D 232 2.61 10.91 -19.89
CA GLY D 232 2.73 12.12 -19.11
C GLY D 232 3.86 13.05 -19.55
N GLN D 233 5.03 12.50 -19.88
CA GLN D 233 6.21 13.30 -20.21
C GLN D 233 6.36 13.65 -21.69
N ALA D 234 6.07 12.71 -22.58
CA ALA D 234 6.13 12.96 -24.03
C ALA D 234 4.79 13.42 -24.61
N GLY D 235 3.70 13.25 -23.86
CA GLY D 235 2.34 13.62 -24.32
C GLY D 235 1.67 12.59 -25.22
N ARG D 236 2.29 11.42 -25.37
CA ARG D 236 1.79 10.42 -26.32
C ARG D 236 2.49 9.10 -26.08
N LEU D 237 1.96 8.04 -26.69
CA LEU D 237 2.64 6.75 -26.73
C LEU D 237 3.96 6.86 -27.52
N PRO D 238 4.97 6.05 -27.18
CA PRO D 238 6.24 6.15 -27.85
C PRO D 238 6.23 5.51 -29.24
N ASP D 239 7.22 5.85 -30.05
CA ASP D 239 7.37 5.22 -31.37
C ASP D 239 8.01 3.82 -31.23
N ALA D 240 8.81 3.63 -30.19
CA ALA D 240 9.43 2.35 -29.92
C ALA D 240 9.74 2.18 -28.45
N VAL D 241 9.72 0.93 -28.03
CA VAL D 241 10.19 0.50 -26.73
C VAL D 241 11.24 -0.59 -26.96
N VAL D 242 12.36 -0.50 -26.26
CA VAL D 242 13.48 -1.40 -26.47
C VAL D 242 14.11 -1.89 -25.17
N ALA D 243 14.74 -3.04 -25.25
CA ALA D 243 15.34 -3.70 -24.10
C ALA D 243 16.34 -4.74 -24.55
N CYS D 244 17.30 -5.06 -23.68
CA CYS D 244 18.19 -6.18 -23.93
C CYS D 244 17.49 -7.49 -23.62
N VAL D 245 18.00 -8.56 -24.21
CA VAL D 245 17.40 -9.89 -24.09
C VAL D 245 18.48 -10.92 -23.72
N GLY D 246 18.47 -11.34 -22.46
CA GLY D 246 19.21 -12.51 -22.00
C GLY D 246 18.29 -13.71 -22.24
N GLY D 247 17.65 -14.18 -21.18
CA GLY D 247 16.56 -15.12 -21.29
C GLY D 247 15.23 -14.44 -21.54
N GLY D 248 15.13 -13.15 -21.23
CA GLY D 248 14.00 -12.31 -21.67
C GLY D 248 13.10 -11.62 -20.64
N SER D 249 13.46 -11.64 -19.35
CA SER D 249 12.57 -11.07 -18.33
C SER D 249 12.41 -9.54 -18.33
N ASN D 250 13.49 -8.76 -18.48
CA ASN D 250 13.32 -7.30 -18.46
C ASN D 250 12.60 -6.82 -19.73
N ALA D 251 12.88 -7.46 -20.86
CA ALA D 251 12.24 -7.09 -22.12
C ALA D 251 10.76 -7.40 -22.11
N ILE D 252 10.39 -8.62 -21.75
CA ILE D 252 8.97 -8.96 -21.69
C ILE D 252 8.25 -8.09 -20.64
N GLY D 253 8.93 -7.75 -19.54
CA GLY D 253 8.37 -6.87 -18.54
C GLY D 253 7.96 -5.52 -19.07
N ILE D 254 8.87 -4.86 -19.79
CA ILE D 254 8.58 -3.56 -20.38
C ILE D 254 7.70 -3.64 -21.67
N PHE D 255 7.84 -4.69 -22.47
CA PHE D 255 7.02 -4.82 -23.70
C PHE D 255 5.52 -5.05 -23.44
N HIS D 256 5.19 -5.83 -22.42
CA HIS D 256 3.84 -6.42 -22.32
C HIS D 256 2.72 -5.40 -22.35
N ALA D 257 2.86 -4.33 -21.58
CA ALA D 257 1.86 -3.26 -21.56
C ALA D 257 1.61 -2.57 -22.91
N PHE D 258 2.60 -2.60 -23.80
CA PHE D 258 2.52 -2.00 -25.13
C PHE D 258 2.12 -2.95 -26.28
N LEU D 259 1.88 -4.24 -26.01
CA LEU D 259 1.60 -5.21 -27.09
C LEU D 259 0.38 -4.86 -27.96
N ASP D 260 -0.68 -4.33 -27.36
CA ASP D 260 -1.91 -3.99 -28.10
C ASP D 260 -1.99 -2.53 -28.54
N ASP D 261 -0.87 -1.81 -28.47
CA ASP D 261 -0.71 -0.48 -29.09
C ASP D 261 -0.05 -0.67 -30.46
N PRO D 262 -0.85 -0.80 -31.55
CA PRO D 262 -0.26 -1.23 -32.83
C PRO D 262 0.84 -0.31 -33.41
N GLY D 263 0.82 0.99 -33.12
CA GLY D 263 1.88 1.90 -33.54
C GLY D 263 3.19 1.88 -32.75
N VAL D 264 3.29 1.11 -31.67
CA VAL D 264 4.52 1.05 -30.87
C VAL D 264 5.43 -0.12 -31.32
N ARG D 265 6.61 0.21 -31.86
CA ARG D 265 7.58 -0.80 -32.29
C ARG D 265 8.26 -1.38 -31.07
N LEU D 266 8.46 -2.70 -31.06
CA LEU D 266 9.14 -3.37 -29.97
C LEU D 266 10.38 -4.04 -30.53
N VAL D 267 11.52 -3.71 -29.95
CA VAL D 267 12.79 -4.26 -30.39
C VAL D 267 13.58 -4.79 -29.21
N GLY D 268 13.98 -6.05 -29.31
CA GLY D 268 14.84 -6.70 -28.31
C GLY D 268 16.25 -6.82 -28.87
N PHE D 269 17.25 -6.47 -28.06
CA PHE D 269 18.64 -6.49 -28.50
C PHE D 269 19.40 -7.61 -27.78
N GLU D 270 19.96 -8.54 -28.56
CA GLU D 270 20.69 -9.69 -28.00
C GLU D 270 22.19 -9.53 -28.20
N ALA D 271 22.96 -10.26 -27.40
CA ALA D 271 24.40 -10.14 -27.34
C ALA D 271 25.10 -10.85 -28.50
N ALA D 272 25.82 -10.10 -29.32
CA ALA D 272 26.53 -10.68 -30.44
C ALA D 272 28.02 -10.92 -30.14
N GLY D 273 28.48 -10.62 -28.92
CA GLY D 273 29.87 -10.95 -28.53
C GLY D 273 30.88 -10.35 -29.49
N ASP D 274 31.79 -11.17 -29.99
CA ASP D 274 32.80 -10.73 -30.98
C ASP D 274 32.21 -10.48 -32.38
N GLY D 275 31.01 -10.98 -32.63
CA GLY D 275 30.31 -10.85 -33.91
C GLY D 275 29.53 -12.12 -34.17
N VAL D 276 28.37 -12.01 -34.85
CA VAL D 276 27.57 -13.20 -35.21
C VAL D 276 28.30 -14.16 -36.16
N GLU D 277 29.15 -13.62 -37.01
CA GLU D 277 30.01 -14.41 -37.91
C GLU D 277 31.22 -15.11 -37.24
N THR D 278 31.58 -14.75 -36.01
CA THR D 278 32.77 -15.30 -35.32
C THR D 278 32.54 -16.64 -34.60
N GLY D 279 31.28 -17.01 -34.37
CA GLY D 279 30.96 -18.15 -33.51
C GLY D 279 31.23 -17.91 -32.02
N ARG D 280 31.43 -16.65 -31.60
CA ARG D 280 31.58 -16.28 -30.19
C ARG D 280 30.56 -15.18 -29.90
N HIS D 281 29.34 -15.62 -29.61
CA HIS D 281 28.16 -14.76 -29.47
C HIS D 281 27.05 -15.45 -28.69
N ALA D 282 25.98 -14.70 -28.39
CA ALA D 282 24.79 -15.24 -27.77
C ALA D 282 23.53 -14.79 -28.55
N ALA D 283 23.69 -14.64 -29.86
CA ALA D 283 22.64 -14.12 -30.72
C ALA D 283 21.64 -15.20 -31.11
N THR D 284 20.74 -15.49 -30.19
CA THR D 284 19.85 -16.65 -30.27
C THR D 284 18.88 -16.55 -31.45
N PHE D 285 18.17 -15.44 -31.58
CA PHE D 285 17.25 -15.26 -32.72
C PHE D 285 17.96 -15.07 -34.08
N THR D 286 19.08 -14.34 -34.08
CA THR D 286 19.85 -14.11 -35.31
C THR D 286 20.48 -15.38 -35.89
N ALA D 287 21.05 -16.23 -35.02
CA ALA D 287 21.82 -17.44 -35.43
C ALA D 287 21.33 -18.78 -34.88
N GLY D 288 20.29 -18.78 -34.06
CA GLY D 288 19.79 -20.01 -33.45
C GLY D 288 18.66 -20.58 -34.28
N SER D 289 18.02 -21.62 -33.75
CA SER D 289 16.92 -22.29 -34.41
C SER D 289 16.04 -22.97 -33.35
N PRO D 290 14.80 -23.36 -33.74
CA PRO D 290 13.88 -23.87 -32.70
C PRO D 290 14.35 -25.19 -32.07
N GLY D 291 14.13 -25.32 -30.75
CA GLY D 291 14.47 -26.54 -30.05
C GLY D 291 14.00 -26.54 -28.61
N ALA D 292 14.20 -27.69 -27.97
CA ALA D 292 13.82 -27.90 -26.58
C ALA D 292 15.05 -27.76 -25.71
N PHE D 293 14.98 -26.91 -24.70
CA PHE D 293 16.14 -26.63 -23.86
C PHE D 293 15.67 -25.89 -22.60
N HIS D 294 16.20 -26.34 -21.47
CA HIS D 294 15.86 -25.82 -20.15
C HIS D 294 14.34 -25.72 -19.94
N GLY D 295 13.63 -26.79 -20.27
CA GLY D 295 12.20 -26.87 -20.00
C GLY D 295 11.23 -26.32 -21.02
N SER D 296 11.70 -25.56 -22.02
CA SER D 296 10.82 -24.94 -23.01
C SER D 296 11.21 -25.29 -24.44
N PHE D 297 10.23 -25.24 -25.33
CA PHE D 297 10.46 -25.25 -26.78
C PHE D 297 10.54 -23.78 -27.18
N SER D 298 11.71 -23.37 -27.65
CA SER D 298 11.99 -21.97 -27.97
C SER D 298 13.13 -21.94 -28.99
N TYR D 299 13.86 -20.84 -29.09
CA TYR D 299 15.08 -20.78 -29.92
C TYR D 299 16.33 -21.07 -29.11
N LEU D 300 17.28 -21.81 -29.69
CA LEU D 300 18.61 -21.93 -29.08
C LEU D 300 19.72 -22.05 -30.09
N LEU D 301 20.91 -21.62 -29.67
CA LEU D 301 22.11 -21.85 -30.44
C LEU D 301 22.46 -23.34 -30.34
N GLN D 302 22.41 -24.05 -31.47
CA GLN D 302 22.67 -25.48 -31.48
C GLN D 302 23.35 -25.93 -32.76
N ASP D 303 24.05 -27.05 -32.69
CA ASP D 303 24.75 -27.58 -33.86
C ASP D 303 23.81 -28.53 -34.64
N GLU D 304 24.33 -29.14 -35.71
CA GLU D 304 23.52 -29.98 -36.60
C GLU D 304 22.94 -31.25 -35.94
N ASP D 305 23.52 -31.67 -34.81
CA ASP D 305 23.00 -32.80 -34.02
C ASP D 305 22.06 -32.40 -32.87
N GLY D 306 21.84 -31.10 -32.66
CA GLY D 306 21.03 -30.62 -31.54
C GLY D 306 21.78 -30.43 -30.22
N GLN D 307 23.11 -30.42 -30.30
CA GLN D 307 23.95 -30.13 -29.13
C GLN D 307 24.02 -28.63 -28.95
N THR D 308 23.93 -28.19 -27.70
CA THR D 308 23.97 -26.79 -27.38
C THR D 308 25.33 -26.21 -27.70
N ILE D 309 25.33 -25.11 -28.46
CA ILE D 309 26.55 -24.32 -28.72
C ILE D 309 26.75 -23.35 -27.56
N GLU D 310 27.96 -23.35 -27.00
CA GLU D 310 28.31 -22.48 -25.88
C GLU D 310 28.34 -21.02 -26.33
N SER D 311 27.68 -20.16 -25.56
CA SER D 311 27.59 -18.75 -25.88
C SER D 311 28.82 -18.03 -25.33
N HIS D 312 29.09 -16.85 -25.88
CA HIS D 312 30.12 -15.95 -25.37
C HIS D 312 29.63 -14.48 -25.47
N SER D 313 29.79 -13.76 -24.37
CA SER D 313 29.55 -12.30 -24.32
C SER D 313 30.46 -11.72 -23.23
N ILE D 314 30.84 -10.46 -23.41
CA ILE D 314 31.47 -9.69 -22.34
C ILE D 314 30.50 -9.48 -21.16
N SER D 315 29.21 -9.53 -21.47
CA SER D 315 28.13 -9.43 -20.49
C SER D 315 27.72 -10.79 -19.94
N ALA D 316 27.93 -11.01 -18.65
CA ALA D 316 27.56 -12.27 -18.01
C ALA D 316 26.04 -12.55 -18.06
N GLY D 317 25.25 -11.48 -17.98
CA GLY D 317 23.81 -11.60 -17.97
C GLY D 317 23.16 -11.97 -19.29
N LEU D 318 23.80 -11.64 -20.42
CA LEU D 318 23.32 -11.95 -21.76
C LEU D 318 24.03 -13.17 -22.35
N ASP D 319 24.99 -13.74 -21.61
CA ASP D 319 25.79 -14.87 -22.05
C ASP D 319 25.01 -16.17 -21.85
N TYR D 320 24.03 -16.39 -22.71
CA TYR D 320 23.08 -17.49 -22.60
C TYR D 320 22.63 -17.90 -24.02
N PRO D 321 22.76 -19.20 -24.38
CA PRO D 321 22.42 -19.56 -25.77
C PRO D 321 20.91 -19.74 -26.04
N GLY D 322 20.08 -19.70 -24.99
CA GLY D 322 18.64 -19.91 -25.11
C GLY D 322 17.87 -18.61 -25.03
N VAL D 323 16.55 -18.71 -25.11
CA VAL D 323 15.66 -17.54 -24.96
C VAL D 323 14.26 -18.02 -24.58
N GLY D 324 13.54 -17.15 -23.87
CA GLY D 324 12.20 -17.43 -23.40
C GLY D 324 11.21 -17.71 -24.50
N PRO D 325 10.26 -18.64 -24.27
CA PRO D 325 9.31 -19.02 -25.31
C PRO D 325 8.30 -17.93 -25.73
N GLU D 326 7.91 -17.03 -24.81
CA GLU D 326 6.99 -15.95 -25.20
C GLU D 326 7.64 -15.07 -26.27
N HIS D 327 8.97 -14.87 -26.17
CA HIS D 327 9.72 -14.09 -27.17
C HIS D 327 9.78 -14.79 -28.53
N ALA D 328 9.97 -16.11 -28.56
CA ALA D 328 9.91 -16.88 -29.80
C ALA D 328 8.55 -16.70 -30.49
N TRP D 329 7.48 -16.74 -29.71
CA TRP D 329 6.11 -16.51 -30.21
C TRP D 329 5.94 -15.09 -30.76
N LEU D 330 6.37 -14.10 -29.98
CA LEU D 330 6.32 -12.70 -30.41
C LEU D 330 7.17 -12.44 -31.67
N LYS D 331 8.27 -13.16 -31.83
CA LYS D 331 9.05 -13.09 -33.06
C LYS D 331 8.29 -13.73 -34.22
N GLU D 332 7.81 -14.95 -34.04
CA GLU D 332 7.05 -15.64 -35.09
C GLU D 332 5.83 -14.83 -35.55
N ALA D 333 5.14 -14.19 -34.60
CA ALA D 333 3.98 -13.35 -34.92
C ALA D 333 4.32 -12.03 -35.62
N GLY D 334 5.60 -11.66 -35.67
CA GLY D 334 6.02 -10.37 -36.21
C GLY D 334 5.75 -9.16 -35.32
N ARG D 335 5.46 -9.38 -34.03
CA ARG D 335 5.14 -8.28 -33.14
C ARG D 335 6.38 -7.58 -32.60
N VAL D 336 7.44 -8.36 -32.34
CA VAL D 336 8.70 -7.86 -31.83
C VAL D 336 9.83 -8.25 -32.78
N ASP D 337 10.74 -7.32 -33.07
CA ASP D 337 11.98 -7.60 -33.81
C ASP D 337 13.15 -7.83 -32.86
N TYR D 338 14.01 -8.78 -33.19
CA TYR D 338 15.19 -9.07 -32.37
C TYR D 338 16.46 -8.86 -33.19
N ARG D 339 17.42 -8.14 -32.61
CA ARG D 339 18.60 -7.61 -33.32
C ARG D 339 19.88 -7.81 -32.50
N PRO D 340 21.01 -8.10 -33.18
CA PRO D 340 22.30 -8.28 -32.50
C PRO D 340 23.06 -6.98 -32.17
N ILE D 341 23.68 -6.94 -30.99
CA ILE D 341 24.59 -5.86 -30.60
C ILE D 341 25.89 -6.49 -30.08
N THR D 342 27.03 -6.11 -30.66
CA THR D 342 28.33 -6.69 -30.29
C THR D 342 28.85 -6.12 -28.99
N ASP D 343 29.82 -6.81 -28.38
CA ASP D 343 30.56 -6.34 -27.19
C ASP D 343 31.01 -4.88 -27.36
N SER D 344 31.62 -4.58 -28.51
CA SER D 344 32.12 -3.22 -28.83
C SER D 344 31.04 -2.17 -28.89
N GLU D 345 29.95 -2.48 -29.57
CA GLU D 345 28.81 -1.57 -29.63
C GLU D 345 28.25 -1.30 -28.22
N ALA D 346 28.21 -2.33 -27.38
CA ALA D 346 27.68 -2.20 -26.02
C ALA D 346 28.58 -1.32 -25.16
N MET D 347 29.89 -1.53 -25.23
CA MET D 347 30.84 -0.79 -24.42
C MET D 347 30.95 0.67 -24.88
N ASP D 348 30.90 0.91 -26.19
CA ASP D 348 30.77 2.27 -26.70
C ASP D 348 29.58 2.99 -26.04
N ALA D 349 28.41 2.37 -26.03
CA ALA D 349 27.22 2.96 -25.38
C ALA D 349 27.37 3.05 -23.87
N PHE D 350 28.01 2.07 -23.24
CA PHE D 350 28.36 2.12 -21.81
C PHE D 350 29.09 3.44 -21.49
N GLY D 351 30.15 3.69 -22.25
CA GLY D 351 30.96 4.88 -22.08
C GLY D 351 30.19 6.16 -22.33
N LEU D 352 29.38 6.17 -23.38
CA LEU D 352 28.61 7.36 -23.73
C LEU D 352 27.63 7.74 -22.62
N LEU D 353 26.97 6.75 -22.04
CA LEU D 353 26.01 7.01 -20.97
C LEU D 353 26.68 7.53 -19.70
N CYS D 354 27.85 6.99 -19.36
CA CYS D 354 28.65 7.50 -18.24
C CYS D 354 29.00 8.98 -18.43
N ARG D 355 29.59 9.30 -19.57
CA ARG D 355 30.13 10.65 -19.86
C ARG D 355 29.06 11.71 -19.99
N MET D 356 27.97 11.36 -20.69
CA MET D 356 26.91 12.32 -21.03
C MET D 356 25.86 12.49 -19.92
N GLU D 357 25.39 11.39 -19.33
CA GLU D 357 24.28 11.46 -18.39
C GLU D 357 24.66 11.15 -16.94
N GLY D 358 25.91 10.80 -16.69
CA GLY D 358 26.34 10.44 -15.33
C GLY D 358 25.69 9.20 -14.75
N ILE D 359 25.34 8.26 -15.62
CA ILE D 359 24.73 6.99 -15.23
C ILE D 359 25.63 5.83 -15.69
N ILE D 360 26.06 5.00 -14.74
CA ILE D 360 26.88 3.83 -15.03
C ILE D 360 25.92 2.65 -15.16
N PRO D 361 25.64 2.21 -16.40
CA PRO D 361 24.68 1.16 -16.58
C PRO D 361 25.35 -0.21 -16.45
N ALA D 362 24.56 -1.25 -16.23
CA ALA D 362 25.03 -2.61 -16.40
C ALA D 362 25.46 -2.79 -17.87
N ILE D 363 26.42 -3.67 -18.10
CA ILE D 363 26.88 -3.96 -19.47
C ILE D 363 25.74 -4.59 -20.27
N GLU D 364 24.86 -5.32 -19.59
CA GLU D 364 23.65 -5.89 -20.19
C GLU D 364 22.79 -4.76 -20.75
N SER D 365 22.45 -3.81 -19.90
CA SER D 365 21.59 -2.67 -20.27
C SER D 365 22.24 -1.81 -21.35
N ALA D 366 23.57 -1.71 -21.35
CA ALA D 366 24.28 -0.97 -22.39
C ALA D 366 24.10 -1.53 -23.79
N HIS D 367 23.72 -2.81 -23.91
CA HIS D 367 23.32 -3.36 -25.21
C HIS D 367 22.01 -2.74 -25.71
N ALA D 368 21.08 -2.43 -24.81
CA ALA D 368 19.80 -1.83 -25.21
C ALA D 368 19.99 -0.36 -25.59
N VAL D 369 20.82 0.33 -24.82
CA VAL D 369 21.19 1.70 -25.11
C VAL D 369 21.85 1.78 -26.49
N ALA D 370 22.80 0.90 -26.78
CA ALA D 370 23.46 0.85 -28.09
C ALA D 370 22.46 0.60 -29.22
N GLY D 371 21.53 -0.31 -28.98
CA GLY D 371 20.45 -0.59 -29.92
C GLY D 371 19.54 0.60 -30.16
N ALA D 372 19.26 1.34 -29.09
CA ALA D 372 18.42 2.54 -29.17
C ALA D 372 19.04 3.66 -30.00
N LEU D 373 20.37 3.80 -29.93
CA LEU D 373 21.07 4.81 -30.71
C LEU D 373 20.95 4.50 -32.19
N LYS D 374 21.12 3.24 -32.56
CA LYS D 374 20.93 2.79 -33.94
C LYS D 374 19.49 2.97 -34.39
N LEU D 375 18.55 2.67 -33.50
CA LEU D 375 17.13 2.77 -33.81
C LEU D 375 16.73 4.23 -34.00
N GLY D 376 17.33 5.12 -33.21
CA GLY D 376 17.08 6.55 -33.33
C GLY D 376 17.52 7.11 -34.66
N VAL D 377 18.67 6.66 -35.16
CA VAL D 377 19.14 7.03 -36.50
C VAL D 377 18.13 6.64 -37.59
N GLU D 378 17.52 5.45 -37.45
CA GLU D 378 16.61 4.96 -38.50
C GLU D 378 15.19 5.54 -38.40
N LEU D 379 14.71 5.79 -37.19
CA LEU D 379 13.40 6.44 -36.96
C LEU D 379 13.47 7.95 -37.14
N GLY D 380 14.57 8.55 -36.73
CA GLY D 380 14.86 9.96 -37.00
C GLY D 380 14.51 10.94 -35.89
N ARG D 381 14.64 12.22 -36.23
CA ARG D 381 14.49 13.34 -35.29
C ARG D 381 13.11 13.42 -34.63
N GLY D 382 13.09 13.53 -33.30
CA GLY D 382 11.85 13.66 -32.55
C GLY D 382 11.17 12.36 -32.19
N ALA D 383 11.60 11.23 -32.77
CA ALA D 383 11.08 9.93 -32.40
C ALA D 383 11.31 9.70 -30.91
N VAL D 384 10.32 9.12 -30.26
CA VAL D 384 10.31 8.91 -28.83
C VAL D 384 10.55 7.41 -28.59
N ILE D 385 11.68 7.10 -27.96
CA ILE D 385 12.13 5.74 -27.76
C ILE D 385 12.30 5.52 -26.25
N VAL D 386 11.61 4.52 -25.72
CA VAL D 386 11.74 4.16 -24.31
C VAL D 386 12.70 2.98 -24.21
N VAL D 387 13.70 3.11 -23.36
CA VAL D 387 14.75 2.12 -23.21
C VAL D 387 14.70 1.63 -21.77
N ASN D 388 14.63 0.32 -21.59
CA ASN D 388 14.66 -0.28 -20.27
C ASN D 388 16.13 -0.27 -19.85
N LEU D 389 16.45 0.54 -18.85
CA LEU D 389 17.78 0.52 -18.30
C LEU D 389 17.76 -0.48 -17.17
N SER D 390 18.00 -1.74 -17.50
CA SER D 390 17.68 -2.87 -16.63
C SER D 390 18.51 -2.94 -15.35
N GLY D 391 19.73 -2.42 -15.37
CA GLY D 391 20.53 -2.36 -14.15
C GLY D 391 21.64 -1.35 -14.13
N ARG D 392 22.23 -1.20 -12.95
CA ARG D 392 23.39 -0.36 -12.75
C ARG D 392 24.69 -1.16 -12.88
N GLY D 393 25.78 -0.43 -13.11
CA GLY D 393 27.05 -1.02 -13.52
C GLY D 393 28.08 -1.31 -12.46
N ASP D 394 27.73 -1.16 -11.18
CA ASP D 394 28.70 -1.33 -10.08
C ASP D 394 29.52 -2.65 -10.16
N LYS D 395 28.85 -3.73 -10.51
CA LYS D 395 29.47 -5.04 -10.73
C LYS D 395 30.44 -5.09 -11.92
N ASP D 396 30.21 -4.21 -12.91
CA ASP D 396 31.03 -4.11 -14.13
C ASP D 396 32.08 -2.99 -14.16
N VAL D 397 32.24 -2.28 -13.05
CA VAL D 397 33.18 -1.16 -12.96
C VAL D 397 34.61 -1.59 -13.28
N GLU D 398 35.04 -2.71 -12.70
CA GLU D 398 36.38 -3.24 -12.97
C GLU D 398 36.57 -3.54 -14.47
N THR D 399 35.68 -4.34 -15.05
CA THR D 399 35.70 -4.65 -16.49
C THR D 399 35.74 -3.41 -17.40
N ALA D 400 34.87 -2.43 -17.13
CA ALA D 400 34.79 -1.19 -17.90
C ALA D 400 36.03 -0.36 -17.75
N ALA D 401 36.54 -0.24 -16.52
CA ALA D 401 37.79 0.47 -16.25
C ALA D 401 38.98 -0.06 -17.07
N LYS D 402 39.10 -1.39 -17.19
CA LYS D 402 40.10 -2.03 -18.07
C LYS D 402 39.87 -1.65 -19.51
N TRP D 403 38.63 -1.86 -19.95
CA TRP D 403 38.20 -1.56 -21.31
C TRP D 403 38.62 -0.14 -21.73
N PHE D 404 38.43 0.84 -20.85
CA PHE D 404 38.71 2.26 -21.15
C PHE D 404 40.10 2.77 -20.68
N GLY D 405 40.98 1.88 -20.25
CA GLY D 405 42.34 2.24 -19.82
C GLY D 405 42.42 3.07 -18.55
N LEU D 406 41.46 2.90 -17.65
CA LEU D 406 41.38 3.74 -16.46
C LEU D 406 41.82 3.05 -15.18
N LEU D 407 42.57 1.94 -15.28
CA LEU D 407 43.19 1.34 -14.10
C LEU D 407 44.13 2.36 -13.44
N ALA E 9 49.33 56.26 18.55
CA ALA E 9 50.28 55.69 17.54
C ALA E 9 50.47 54.18 17.70
N SER E 10 50.81 53.50 16.61
CA SER E 10 51.05 52.05 16.64
C SER E 10 52.42 51.72 17.28
N ARG E 11 52.66 50.43 17.49
CA ARG E 11 53.91 49.93 18.07
C ARG E 11 55.03 49.79 17.02
N LEU E 12 54.70 49.34 15.82
CA LEU E 12 55.67 49.23 14.72
C LEU E 12 55.91 50.56 13.98
N GLY E 13 55.11 51.59 14.28
CA GLY E 13 55.28 52.93 13.70
C GLY E 13 56.69 53.52 13.68
N PRO E 14 57.37 53.59 14.85
CA PRO E 14 58.77 54.05 14.93
C PRO E 14 59.76 53.30 14.03
N VAL E 15 59.54 51.99 13.83
CA VAL E 15 60.43 51.16 12.99
C VAL E 15 60.27 51.51 11.50
N PHE E 16 59.03 51.71 11.06
CA PHE E 16 58.76 52.08 9.66
C PHE E 16 59.18 53.52 9.33
N ASP E 17 59.09 54.44 10.29
CA ASP E 17 59.56 55.82 10.11
C ASP E 17 61.08 55.90 10.09
N SER E 18 61.71 55.13 10.98
CA SER E 18 63.17 54.94 10.99
C SER E 18 63.71 54.45 9.65
N CYS E 19 62.95 53.55 9.02
CA CYS E 19 63.26 53.04 7.66
C CYS E 19 62.98 54.10 6.58
N ARG E 20 61.81 54.72 6.64
CA ARG E 20 61.37 55.69 5.61
C ARG E 20 62.24 56.95 5.61
N ALA E 21 62.77 57.32 6.78
CA ALA E 21 63.75 58.42 6.89
C ALA E 21 65.09 58.09 6.22
N ASN E 22 65.47 56.80 6.20
CA ASN E 22 66.69 56.33 5.51
C ASN E 22 66.46 55.85 4.07
N ASN E 23 65.33 56.23 3.45
CA ASN E 23 65.08 55.94 2.04
C ASN E 23 65.18 54.44 1.73
N ARG E 24 64.54 53.64 2.60
CA ARG E 24 64.55 52.18 2.45
C ARG E 24 63.29 51.52 2.99
N ALA E 25 63.09 50.26 2.57
CA ALA E 25 62.00 49.43 3.06
C ALA E 25 62.52 48.56 4.20
N ALA E 26 61.62 48.20 5.11
CA ALA E 26 61.93 47.30 6.23
C ALA E 26 62.04 45.87 5.74
N LEU E 27 63.09 45.16 6.16
CA LEU E 27 63.21 43.73 5.89
C LEU E 27 62.49 42.96 6.99
N ILE E 28 61.42 42.25 6.61
CA ILE E 28 60.60 41.46 7.54
C ILE E 28 60.83 39.96 7.26
N GLY E 29 61.44 39.28 8.21
CA GLY E 29 61.83 37.87 8.06
C GLY E 29 60.91 36.98 8.85
N TYR E 30 60.55 35.82 8.28
CA TYR E 30 59.74 34.81 8.95
C TYR E 30 60.56 33.56 9.23
N LEU E 31 60.38 32.98 10.42
CA LEU E 31 60.87 31.63 10.73
C LEU E 31 59.89 30.92 11.67
N PRO E 32 59.72 29.59 11.48
CA PRO E 32 58.87 28.84 12.39
C PRO E 32 59.62 28.38 13.65
N THR E 33 59.01 28.64 14.80
CA THR E 33 59.51 28.13 16.07
C THR E 33 59.62 26.62 16.02
N GLY E 34 60.74 26.08 16.51
CA GLY E 34 60.95 24.64 16.57
C GLY E 34 61.56 23.96 15.36
N TYR E 35 61.90 24.70 14.30
CA TYR E 35 62.60 24.12 13.14
C TYR E 35 64.07 24.56 13.07
N PRO E 36 65.04 23.64 13.02
CA PRO E 36 64.82 22.17 13.06
C PRO E 36 64.50 21.62 14.46
N ASP E 37 64.90 22.35 15.50
CA ASP E 37 64.45 22.12 16.88
C ASP E 37 64.27 23.48 17.59
N VAL E 38 63.79 23.46 18.83
CA VAL E 38 63.48 24.71 19.55
C VAL E 38 64.74 25.60 19.80
N PRO E 39 65.81 25.07 20.43
CA PRO E 39 67.03 25.87 20.58
C PRO E 39 67.64 26.42 19.28
N ALA E 40 67.74 25.57 18.25
CA ALA E 40 68.30 25.96 16.94
C ALA E 40 67.49 27.04 16.23
N SER E 41 66.17 27.03 16.40
CA SER E 41 65.30 28.06 15.83
C SER E 41 65.49 29.41 16.53
N VAL E 42 65.76 29.39 17.84
CA VAL E 42 66.14 30.60 18.58
C VAL E 42 67.52 31.11 18.13
N ALA E 43 68.45 30.20 17.87
CA ALA E 43 69.77 30.56 17.31
C ALA E 43 69.62 31.19 15.91
N ALA E 44 68.70 30.67 15.11
CA ALA E 44 68.38 31.24 13.80
C ALA E 44 67.71 32.61 13.90
N MET E 45 66.75 32.76 14.81
CA MET E 45 66.04 34.05 14.97
C MET E 45 66.91 35.14 15.54
N THR E 46 67.81 34.77 16.45
CA THR E 46 68.84 35.67 16.95
C THR E 46 69.72 36.16 15.79
N ALA E 47 70.10 35.24 14.91
CA ALA E 47 70.92 35.55 13.73
C ALA E 47 70.26 36.54 12.77
N LEU E 48 68.94 36.44 12.60
CA LEU E 48 68.18 37.40 11.78
C LEU E 48 68.30 38.83 12.29
N VAL E 49 68.23 39.01 13.61
CA VAL E 49 68.42 40.33 14.23
C VAL E 49 69.84 40.85 13.99
N GLU E 50 70.85 39.98 14.11
CA GLU E 50 72.26 40.32 13.84
C GLU E 50 72.51 40.67 12.37
N SER E 51 71.99 39.83 11.47
CA SER E 51 72.14 40.02 10.01
C SER E 51 71.33 41.20 9.44
N GLY E 52 70.46 41.83 10.26
CA GLY E 52 69.81 43.09 9.90
C GLY E 52 68.34 43.02 9.49
N CYS E 53 67.64 41.94 9.86
CA CYS E 53 66.17 41.93 9.78
C CYS E 53 65.63 42.95 10.77
N ASP E 54 64.78 43.84 10.30
CA ASP E 54 64.21 44.89 11.14
C ASP E 54 63.10 44.33 12.03
N ILE E 55 62.17 43.59 11.42
CA ILE E 55 61.05 42.95 12.10
C ILE E 55 61.15 41.44 11.89
N ILE E 56 60.91 40.66 12.95
CA ILE E 56 60.88 39.19 12.87
C ILE E 56 59.44 38.68 13.05
N GLU E 57 58.96 37.87 12.10
CA GLU E 57 57.69 37.15 12.22
C GLU E 57 57.97 35.79 12.83
N VAL E 58 57.59 35.60 14.10
CA VAL E 58 57.78 34.32 14.77
C VAL E 58 56.56 33.45 14.46
N GLY E 59 56.74 32.43 13.64
CA GLY E 59 55.64 31.56 13.24
C GLY E 59 55.24 30.56 14.32
N VAL E 60 53.94 30.32 14.47
CA VAL E 60 53.42 29.28 15.36
C VAL E 60 53.05 28.07 14.49
N PRO E 61 53.82 26.97 14.59
CA PRO E 61 53.50 25.77 13.80
C PRO E 61 52.11 25.23 14.13
N TYR E 62 51.36 24.93 13.08
CA TYR E 62 49.98 24.50 13.16
C TYR E 62 49.79 23.27 12.28
N SER E 63 48.94 22.35 12.73
CA SER E 63 48.77 21.03 12.14
C SER E 63 48.17 21.05 10.73
N ASP E 64 47.28 22.02 10.45
CA ASP E 64 46.63 22.16 9.14
C ASP E 64 46.77 23.62 8.60
N PRO E 65 47.98 24.01 8.17
CA PRO E 65 48.26 25.38 7.74
C PRO E 65 47.87 25.63 6.28
N GLY E 66 46.64 26.11 6.09
CA GLY E 66 46.04 26.20 4.77
C GLY E 66 46.67 27.18 3.82
N MET E 67 47.26 28.25 4.35
CA MET E 67 47.89 29.30 3.52
C MET E 67 49.38 29.11 3.26
N ASP E 68 50.05 28.23 4.00
CA ASP E 68 51.51 28.06 3.90
C ASP E 68 51.91 27.27 2.66
N GLY E 69 52.97 27.71 2.00
CA GLY E 69 53.54 26.98 0.87
C GLY E 69 54.27 25.71 1.33
N PRO E 70 54.75 24.88 0.38
CA PRO E 70 55.36 23.58 0.70
C PRO E 70 56.61 23.61 1.59
N THR E 71 57.45 24.64 1.47
CA THR E 71 58.66 24.77 2.28
C THR E 71 58.34 24.99 3.76
N ILE E 72 57.43 25.92 4.02
CA ILE E 72 57.03 26.25 5.39
C ILE E 72 56.21 25.11 6.01
N ALA E 73 55.33 24.49 5.23
CA ALA E 73 54.49 23.37 5.69
C ALA E 73 55.31 22.16 6.16
N ARG E 74 56.32 21.77 5.37
N ARG E 74 56.32 21.76 5.37
CA ARG E 74 57.24 20.68 5.71
CA ARG E 74 57.25 20.67 5.73
C ARG E 74 58.08 20.97 6.96
C ARG E 74 58.06 20.97 6.99
N ALA E 75 58.46 22.23 7.14
CA ALA E 75 59.20 22.68 8.32
C ALA E 75 58.32 22.71 9.57
N THR E 76 57.07 23.20 9.44
CA THR E 76 56.14 23.20 10.58
C THR E 76 55.72 21.80 10.99
N GLU E 77 55.58 20.88 10.03
CA GLU E 77 55.38 19.45 10.34
C GLU E 77 56.53 18.84 11.14
N ALA E 78 57.77 19.21 10.79
CA ALA E 78 58.96 18.70 11.46
C ALA E 78 59.07 19.28 12.86
N ALA E 79 58.80 20.58 13.00
CA ALA E 79 58.69 21.23 14.30
C ALA E 79 57.69 20.50 15.19
N LEU E 80 56.50 20.24 14.64
CA LEU E 80 55.45 19.52 15.37
C LEU E 80 55.83 18.09 15.73
N ARG E 81 56.49 17.36 14.83
CA ARG E 81 57.08 16.05 15.19
C ARG E 81 58.12 16.16 16.31
N GLY E 82 58.91 17.24 16.32
CA GLY E 82 59.86 17.54 17.40
C GLY E 82 59.25 17.91 18.75
N GLY E 83 57.94 18.16 18.82
CA GLY E 83 57.24 18.40 20.08
C GLY E 83 57.13 19.86 20.50
N VAL E 84 57.23 20.77 19.52
CA VAL E 84 57.11 22.22 19.75
C VAL E 84 55.75 22.58 20.34
N ARG E 85 55.76 23.54 21.26
CA ARG E 85 54.56 24.01 21.93
C ARG E 85 54.35 25.49 21.63
N VAL E 86 53.15 25.98 21.88
CA VAL E 86 52.81 27.38 21.67
C VAL E 86 53.60 28.26 22.64
N ARG E 87 53.85 27.78 23.85
CA ARG E 87 54.68 28.52 24.82
C ARG E 87 56.14 28.73 24.37
N ASP E 88 56.67 27.85 23.53
CA ASP E 88 58.02 28.01 22.95
C ASP E 88 58.09 29.23 22.02
N THR E 89 56.97 29.57 21.37
CA THR E 89 56.88 30.79 20.58
C THR E 89 57.03 32.02 21.46
N LEU E 90 56.34 32.05 22.60
CA LEU E 90 56.51 33.15 23.57
C LEU E 90 57.93 33.28 24.10
N ALA E 91 58.60 32.14 24.33
CA ALA E 91 60.00 32.09 24.77
C ALA E 91 60.96 32.67 23.73
N ALA E 92 60.70 32.38 22.45
CA ALA E 92 61.48 32.94 21.34
C ALA E 92 61.26 34.45 21.16
N VAL E 93 60.02 34.91 21.37
CA VAL E 93 59.72 36.35 21.36
C VAL E 93 60.46 37.08 22.48
N GLU E 94 60.59 36.45 23.66
CA GLU E 94 61.37 37.04 24.75
C GLU E 94 62.85 37.17 24.38
N ALA E 95 63.43 36.11 23.81
CA ALA E 95 64.85 36.11 23.44
C ALA E 95 65.21 37.13 22.36
N ILE E 96 64.28 37.37 21.42
CA ILE E 96 64.46 38.37 20.37
C ILE E 96 64.40 39.81 20.91
N SER E 97 63.54 40.06 21.89
CA SER E 97 63.45 41.38 22.53
C SER E 97 64.72 41.71 23.32
N ILE E 98 65.19 40.77 24.14
CA ILE E 98 66.41 40.97 24.94
C ILE E 98 67.70 40.95 24.10
N ALA E 99 67.63 40.46 22.86
CA ALA E 99 68.71 40.58 21.87
C ALA E 99 68.64 41.89 21.05
N GLY E 100 67.64 42.73 21.33
CA GLY E 100 67.48 44.02 20.65
C GLY E 100 66.51 44.02 19.47
N GLY E 101 65.90 42.87 19.17
CA GLY E 101 65.01 42.72 18.02
C GLY E 101 63.57 43.15 18.24
N ARG E 102 62.84 43.29 17.13
CA ARG E 102 61.42 43.64 17.14
C ARG E 102 60.65 42.43 16.60
N ALA E 103 59.80 41.83 17.44
CA ALA E 103 59.12 40.58 17.07
C ALA E 103 57.60 40.71 17.02
N VAL E 104 57.02 40.13 15.97
CA VAL E 104 55.58 39.86 15.89
C VAL E 104 55.41 38.37 15.73
N VAL E 105 54.19 37.89 15.95
CA VAL E 105 53.86 36.47 15.84
C VAL E 105 52.87 36.25 14.70
N MET E 106 53.16 35.26 13.85
CA MET E 106 52.21 34.81 12.82
C MET E 106 51.60 33.51 13.32
N THR E 107 50.28 33.43 13.33
CA THR E 107 49.61 32.21 13.78
C THR E 107 48.24 32.06 13.16
N TYR E 108 47.82 30.81 13.03
CA TYR E 108 46.44 30.48 12.72
C TYR E 108 45.65 30.71 14.00
N TRP E 109 44.35 30.97 13.88
CA TRP E 109 43.58 31.49 15.00
C TRP E 109 43.25 30.44 16.09
N ASN E 110 43.18 29.16 15.74
CA ASN E 110 42.73 28.18 16.74
C ASN E 110 43.66 28.00 17.93
N PRO E 111 44.98 27.98 17.72
CA PRO E 111 45.88 27.98 18.89
C PRO E 111 45.67 29.15 19.85
N VAL E 112 45.25 30.29 19.31
CA VAL E 112 44.99 31.50 20.10
C VAL E 112 43.70 31.33 20.91
N LEU E 113 42.64 30.85 20.26
CA LEU E 113 41.38 30.50 20.95
C LEU E 113 41.58 29.50 22.09
N ARG E 114 42.43 28.50 21.86
CA ARG E 114 42.71 27.45 22.84
C ARG E 114 43.43 27.99 24.07
N TYR E 115 44.50 28.75 23.81
CA TYR E 115 45.27 29.46 24.84
C TYR E 115 44.36 30.43 25.62
N GLY E 116 43.42 31.05 24.89
CA GLY E 116 42.60 32.15 25.37
C GLY E 116 43.13 33.39 24.67
N VAL E 117 42.23 34.18 24.08
CA VAL E 117 42.62 35.32 23.24
C VAL E 117 43.24 36.43 24.09
N ASP E 118 42.50 36.81 25.13
CA ASP E 118 42.90 37.83 26.07
C ASP E 118 44.22 37.47 26.75
N ALA E 119 44.31 36.23 27.22
CA ALA E 119 45.50 35.73 27.92
C ALA E 119 46.72 35.58 27.01
N PHE E 120 46.50 35.25 25.73
CA PHE E 120 47.60 35.15 24.76
C PHE E 120 48.14 36.54 24.40
N ALA E 121 47.24 37.50 24.20
CA ALA E 121 47.63 38.91 24.03
C ALA E 121 48.44 39.44 25.23
N ARG E 122 48.00 39.12 26.44
CA ARG E 122 48.70 39.52 27.67
C ARG E 122 50.09 38.90 27.75
N ASP E 123 50.17 37.59 27.55
CA ASP E 123 51.45 36.86 27.66
C ASP E 123 52.41 37.18 26.52
N LEU E 124 51.88 37.52 25.34
CA LEU E 124 52.68 38.02 24.23
C LEU E 124 53.26 39.41 24.53
N ALA E 125 52.41 40.32 25.01
CA ALA E 125 52.84 41.70 25.31
C ALA E 125 53.75 41.77 26.53
N ALA E 126 53.53 40.91 27.52
CA ALA E 126 54.43 40.78 28.68
C ALA E 126 55.80 40.20 28.28
N ALA E 127 55.84 39.43 27.19
CA ALA E 127 57.09 38.92 26.61
C ALA E 127 57.80 39.89 25.65
N GLY E 128 57.25 41.09 25.44
CA GLY E 128 57.83 42.09 24.54
C GLY E 128 57.37 42.07 23.09
N GLY E 129 56.53 41.09 22.72
CA GLY E 129 55.97 41.04 21.36
C GLY E 129 55.17 42.28 21.04
N LEU E 130 55.16 42.66 19.77
CA LEU E 130 54.56 43.93 19.35
C LEU E 130 53.26 43.80 18.56
N GLY E 131 52.97 42.60 18.06
CA GLY E 131 51.74 42.41 17.31
C GLY E 131 51.49 41.00 16.83
N LEU E 132 50.43 40.84 16.04
CA LEU E 132 49.96 39.55 15.60
C LEU E 132 49.52 39.57 14.13
N ILE E 133 50.06 38.64 13.35
CA ILE E 133 49.64 38.43 11.96
C ILE E 133 48.67 37.25 11.95
N THR E 134 47.46 37.49 11.46
CA THR E 134 46.35 36.53 11.54
C THR E 134 45.83 36.16 10.12
N PRO E 135 46.49 35.19 9.44
CA PRO E 135 46.09 34.79 8.08
C PRO E 135 44.70 34.17 7.88
N ASP E 136 44.12 33.54 8.89
CA ASP E 136 42.74 33.00 8.81
C ASP E 136 41.69 33.71 9.68
N LEU E 137 42.08 34.79 10.35
CA LEU E 137 41.13 35.69 11.00
C LEU E 137 40.95 36.92 10.11
N ILE E 138 39.72 37.12 9.64
CA ILE E 138 39.29 38.36 9.01
C ILE E 138 38.68 39.26 10.08
N PRO E 139 38.59 40.59 9.83
CA PRO E 139 37.98 41.52 10.81
C PRO E 139 36.54 41.18 11.23
N ASP E 140 35.77 40.60 10.30
CA ASP E 140 34.38 40.16 10.54
C ASP E 140 34.26 39.26 11.78
N GLU E 141 35.28 38.44 12.04
CA GLU E 141 35.34 37.55 13.20
C GLU E 141 36.24 38.05 14.34
N ALA E 142 36.65 39.31 14.32
CA ALA E 142 37.76 39.77 15.17
C ALA E 142 37.35 40.50 16.45
N GLN E 143 36.07 40.45 16.84
CA GLN E 143 35.56 41.21 18.01
C GLN E 143 36.49 41.10 19.23
N GLN E 144 36.79 39.87 19.62
CA GLN E 144 37.63 39.56 20.79
C GLN E 144 39.06 40.08 20.66
N TRP E 145 39.61 39.96 19.45
CA TRP E 145 40.98 40.38 19.17
C TRP E 145 41.13 41.91 19.19
N LEU E 146 40.16 42.61 18.60
CA LEU E 146 40.15 44.08 18.61
C LEU E 146 40.14 44.63 20.04
N ALA E 147 39.41 43.97 20.96
CA ALA E 147 39.39 44.36 22.38
C ALA E 147 40.72 44.07 23.08
N ALA E 148 41.24 42.86 22.88
CA ALA E 148 42.51 42.43 23.47
C ALA E 148 43.73 43.17 22.90
N SER E 149 43.64 43.60 21.65
CA SER E 149 44.71 44.39 21.02
C SER E 149 44.78 45.80 21.62
N GLU E 150 43.61 46.41 21.86
CA GLU E 150 43.54 47.75 22.48
C GLU E 150 43.97 47.71 23.96
N GLU E 151 43.44 46.75 24.71
CA GLU E 151 43.74 46.60 26.15
C GLU E 151 45.23 46.33 26.39
N HIS E 152 45.84 45.47 25.58
CA HIS E 152 47.25 45.07 25.76
C HIS E 152 48.24 45.71 24.76
N ARG E 153 47.76 46.66 23.97
CA ARG E 153 48.59 47.52 23.11
C ARG E 153 49.44 46.74 22.09
N LEU E 154 48.79 45.82 21.38
CA LEU E 154 49.45 45.03 20.33
C LEU E 154 48.93 45.46 18.98
N ASP E 155 49.82 45.43 17.98
CA ASP E 155 49.45 45.68 16.59
C ASP E 155 48.72 44.48 16.01
N ARG E 156 47.89 44.75 15.02
CA ARG E 156 47.10 43.72 14.38
C ARG E 156 47.23 43.86 12.88
N ILE E 157 47.92 42.89 12.28
CA ILE E 157 48.21 42.88 10.86
C ILE E 157 47.27 41.89 10.16
N PHE E 158 46.23 42.42 9.55
CA PHE E 158 45.34 41.62 8.70
C PHE E 158 45.88 41.58 7.27
N LEU E 159 45.54 40.51 6.55
CA LEU E 159 45.97 40.31 5.17
C LEU E 159 44.97 40.89 4.19
N VAL E 160 45.48 41.37 3.05
CA VAL E 160 44.66 41.64 1.89
C VAL E 160 45.20 40.84 0.72
N ALA E 161 44.37 40.69 -0.31
CA ALA E 161 44.70 39.88 -1.48
C ALA E 161 44.30 40.62 -2.76
N PRO E 162 44.84 40.20 -3.92
CA PRO E 162 44.45 40.85 -5.18
C PRO E 162 42.95 40.76 -5.52
N SER E 163 42.28 39.69 -5.06
CA SER E 163 40.85 39.49 -5.27
C SER E 163 39.96 40.28 -4.30
N SER E 164 40.55 40.87 -3.25
CA SER E 164 39.81 41.67 -2.28
C SER E 164 38.93 42.72 -2.95
N THR E 165 37.63 42.75 -2.63
CA THR E 165 36.73 43.76 -3.19
C THR E 165 37.07 45.12 -2.57
N PRO E 166 36.70 46.23 -3.24
CA PRO E 166 37.04 47.54 -2.66
C PRO E 166 36.46 47.79 -1.25
N GLU E 167 35.28 47.24 -0.97
CA GLU E 167 34.60 47.40 0.31
C GLU E 167 35.38 46.68 1.41
N ARG E 168 35.75 45.43 1.16
CA ARG E 168 36.51 44.61 2.11
C ARG E 168 37.96 45.06 2.27
N LEU E 169 38.57 45.52 1.18
CA LEU E 169 39.90 46.12 1.26
C LEU E 169 39.92 47.33 2.19
N ALA E 170 38.94 48.23 2.03
CA ALA E 170 38.82 49.42 2.89
C ALA E 170 38.54 49.05 4.34
N ALA E 171 37.66 48.07 4.55
CA ALA E 171 37.31 47.58 5.89
C ALA E 171 38.48 46.89 6.60
N THR E 172 39.25 46.10 5.84
CA THR E 172 40.40 45.37 6.38
C THR E 172 41.56 46.31 6.74
N VAL E 173 41.81 47.29 5.88
CA VAL E 173 42.83 48.31 6.10
C VAL E 173 42.54 49.13 7.38
N GLU E 174 41.29 49.53 7.59
CA GLU E 174 40.90 50.31 8.78
C GLU E 174 41.02 49.53 10.10
N ALA E 175 40.76 48.22 10.05
CA ALA E 175 40.92 47.34 11.22
C ALA E 175 42.38 47.02 11.54
N SER E 176 43.29 47.22 10.59
CA SER E 176 44.73 46.94 10.79
C SER E 176 45.47 48.05 11.54
N ARG E 177 46.46 47.66 12.35
CA ARG E 177 47.44 48.56 12.97
C ARG E 177 48.85 48.01 12.76
N GLY E 178 49.84 48.88 12.62
CA GLY E 178 51.23 48.49 12.39
C GLY E 178 51.53 48.46 10.90
N PHE E 179 51.12 47.38 10.24
CA PHE E 179 51.13 47.32 8.77
C PHE E 179 50.06 46.41 8.21
N VAL E 180 49.92 46.42 6.89
CA VAL E 180 49.01 45.55 6.15
C VAL E 180 49.85 44.59 5.32
N TYR E 181 49.54 43.30 5.44
CA TYR E 181 50.26 42.25 4.74
C TYR E 181 49.57 42.05 3.39
N ALA E 182 50.28 42.37 2.30
CA ALA E 182 49.77 42.19 0.94
C ALA E 182 50.40 40.94 0.28
N ALA E 183 49.62 39.85 0.25
CA ALA E 183 50.13 38.55 -0.22
C ALA E 183 49.67 38.17 -1.66
N SER E 184 50.63 37.86 -2.54
CA SER E 184 50.36 37.25 -3.85
C SER E 184 51.14 35.94 -3.98
N SER E 196 54.93 39.88 -12.82
CA SER E 196 53.48 39.72 -12.71
C SER E 196 52.78 41.08 -12.53
N GLN E 197 53.32 41.90 -11.62
CA GLN E 197 52.85 43.28 -11.36
C GLN E 197 51.40 43.41 -10.80
N ALA E 198 50.95 42.38 -10.09
CA ALA E 198 49.69 42.43 -9.34
C ALA E 198 49.88 42.92 -7.90
N ALA E 199 51.09 42.73 -7.35
CA ALA E 199 51.44 43.26 -6.04
C ALA E 199 51.51 44.79 -5.96
N PRO E 200 52.13 45.45 -6.98
CA PRO E 200 52.08 46.92 -6.95
C PRO E 200 50.67 47.50 -7.10
N GLU E 201 49.81 46.86 -7.91
CA GLU E 201 48.40 47.27 -8.02
C GLU E 201 47.67 47.09 -6.70
N LEU E 202 47.98 46.01 -5.98
CA LEU E 202 47.40 45.76 -4.65
C LEU E 202 47.86 46.80 -3.63
N VAL E 203 49.14 47.15 -3.66
CA VAL E 203 49.70 48.18 -2.76
C VAL E 203 49.10 49.56 -3.08
N GLY E 204 49.00 49.91 -4.36
CA GLY E 204 48.36 51.15 -4.78
C GLY E 204 46.95 51.36 -4.24
N ARG E 205 46.17 50.29 -4.20
CA ARG E 205 44.77 50.35 -3.70
C ARG E 205 44.69 50.58 -2.19
N VAL E 206 45.69 50.10 -1.44
CA VAL E 206 45.80 50.39 0.00
C VAL E 206 46.15 51.87 0.21
N LYS E 207 47.10 52.37 -0.59
CA LYS E 207 47.52 53.77 -0.52
C LYS E 207 46.38 54.75 -0.79
N ALA E 208 45.50 54.38 -1.71
CA ALA E 208 44.35 55.24 -2.08
C ALA E 208 43.37 55.50 -0.93
N VAL E 209 43.28 54.60 0.05
CA VAL E 209 42.39 54.80 1.23
C VAL E 209 43.10 55.00 2.58
N SER E 210 44.42 54.75 2.65
CA SER E 210 45.13 54.84 3.93
C SER E 210 46.63 55.10 3.79
N ASP E 211 47.17 55.78 4.81
CA ASP E 211 48.61 56.04 4.93
C ASP E 211 49.36 54.90 5.64
N ILE E 212 48.68 53.84 6.03
CA ILE E 212 49.29 52.75 6.80
C ILE E 212 50.42 52.05 6.02
N PRO E 213 51.51 51.64 6.70
CA PRO E 213 52.59 50.91 6.00
C PRO E 213 52.13 49.57 5.44
N VAL E 214 52.66 49.21 4.27
CA VAL E 214 52.30 47.97 3.57
C VAL E 214 53.50 47.06 3.37
N GLY E 215 53.41 45.82 3.87
CA GLY E 215 54.41 44.79 3.66
C GLY E 215 53.97 43.89 2.52
N VAL E 216 54.92 43.45 1.68
CA VAL E 216 54.64 42.61 0.51
C VAL E 216 55.41 41.29 0.57
N GLY E 217 54.69 40.17 0.43
CA GLY E 217 55.28 38.82 0.32
C GLY E 217 54.99 38.21 -1.05
N LEU E 218 56.05 37.75 -1.72
CA LEU E 218 55.99 37.23 -3.10
C LEU E 218 56.88 35.99 -3.34
N GLY E 219 57.25 35.28 -2.27
CA GLY E 219 58.29 34.24 -2.38
C GLY E 219 59.63 34.81 -2.85
N VAL E 220 60.09 35.86 -2.18
CA VAL E 220 61.35 36.55 -2.53
C VAL E 220 62.55 35.66 -2.17
N ARG E 221 63.49 35.52 -3.10
CA ARG E 221 64.69 34.68 -2.89
C ARG E 221 66.04 35.33 -3.28
N SER E 222 66.05 36.63 -3.59
CA SER E 222 67.25 37.29 -4.12
C SER E 222 67.37 38.74 -3.67
N ARG E 223 68.59 39.28 -3.80
CA ARG E 223 68.83 40.73 -3.67
C ARG E 223 68.00 41.55 -4.68
N ALA E 224 67.87 41.05 -5.91
CA ALA E 224 67.19 41.76 -7.00
C ALA E 224 65.68 41.90 -6.79
N GLN E 225 65.00 40.80 -6.45
CA GLN E 225 63.56 40.82 -6.20
C GLN E 225 63.18 41.72 -5.01
N ALA E 226 64.00 41.72 -3.97
CA ALA E 226 63.80 42.56 -2.80
C ALA E 226 63.84 44.04 -3.16
N ALA E 227 64.84 44.42 -3.96
CA ALA E 227 65.00 45.80 -4.46
C ALA E 227 63.77 46.29 -5.23
N GLN E 228 63.28 45.46 -6.15
CA GLN E 228 62.06 45.76 -6.91
C GLN E 228 60.90 46.12 -6.00
N ILE E 229 60.69 45.30 -4.97
CA ILE E 229 59.56 45.46 -4.07
C ILE E 229 59.68 46.71 -3.20
N ALA E 230 60.90 47.03 -2.77
CA ALA E 230 61.16 48.23 -1.95
C ALA E 230 60.88 49.57 -2.66
N GLN E 231 60.82 49.55 -3.99
CA GLN E 231 60.48 50.76 -4.77
C GLN E 231 59.04 51.26 -4.56
N TYR E 232 58.12 50.36 -4.22
CA TYR E 232 56.70 50.71 -4.00
C TYR E 232 56.10 50.35 -2.64
N ALA E 233 56.68 49.35 -1.95
CA ALA E 233 56.16 48.86 -0.67
C ALA E 233 57.01 49.30 0.52
N ASP E 234 56.38 49.45 1.68
CA ASP E 234 57.08 49.87 2.90
C ASP E 234 57.86 48.73 3.57
N GLY E 235 57.42 47.49 3.36
CA GLY E 235 58.07 46.31 3.94
C GLY E 235 58.22 45.19 2.94
N VAL E 236 59.31 44.44 3.06
CA VAL E 236 59.57 43.28 2.20
C VAL E 236 59.64 42.05 3.08
N ILE E 237 58.67 41.15 2.87
CA ILE E 237 58.46 39.98 3.70
C ILE E 237 59.14 38.79 3.05
N VAL E 238 60.01 38.11 3.81
CA VAL E 238 60.68 36.89 3.35
C VAL E 238 60.39 35.76 4.35
N GLY E 239 60.15 34.55 3.83
CA GLY E 239 59.87 33.37 4.66
C GLY E 239 60.42 32.09 4.07
N SER E 240 59.80 31.63 2.99
CA SER E 240 60.21 30.41 2.27
C SER E 240 61.72 30.33 2.02
N ALA E 241 62.29 31.41 1.51
CA ALA E 241 63.72 31.45 1.24
C ALA E 241 64.59 31.36 2.51
N LEU E 242 64.12 31.98 3.61
CA LEU E 242 64.84 31.90 4.88
C LEU E 242 64.86 30.47 5.43
N VAL E 243 63.74 29.75 5.30
CA VAL E 243 63.64 28.38 5.79
C VAL E 243 64.51 27.42 4.96
N THR E 244 64.50 27.61 3.63
CA THR E 244 65.35 26.84 2.69
C THR E 244 66.83 27.05 2.98
N ALA E 245 67.22 28.27 3.35
CA ALA E 245 68.59 28.60 3.74
C ALA E 245 69.00 27.88 5.02
N LEU E 246 68.15 27.99 6.06
CA LEU E 246 68.40 27.35 7.35
C LEU E 246 68.53 25.82 7.27
N THR E 247 67.81 25.21 6.34
CA THR E 247 67.87 23.75 6.15
C THR E 247 69.27 23.31 5.73
N GLU E 248 69.81 23.94 4.68
CA GLU E 248 71.19 23.70 4.21
C GLU E 248 72.23 24.05 5.29
N GLY E 249 71.99 25.10 6.05
CA GLY E 249 72.86 25.47 7.17
C GLY E 249 72.62 26.87 7.71
N LEU E 250 73.03 27.08 8.96
CA LEU E 250 72.92 28.39 9.61
C LEU E 250 73.84 29.46 8.97
N PRO E 251 75.07 29.09 8.55
CA PRO E 251 75.90 30.03 7.79
C PRO E 251 75.27 30.54 6.47
N ARG E 252 74.49 29.69 5.79
CA ARG E 252 73.75 30.11 4.59
C ARG E 252 72.65 31.14 4.90
N LEU E 253 72.01 31.00 6.07
CA LEU E 253 70.99 31.97 6.52
C LEU E 253 71.57 33.36 6.81
N ARG E 254 72.79 33.39 7.34
CA ARG E 254 73.51 34.65 7.61
C ARG E 254 73.78 35.40 6.30
N ALA E 255 74.40 34.69 5.35
CA ALA E 255 74.74 35.24 4.03
C ALA E 255 73.50 35.77 3.30
N LEU E 256 72.44 34.98 3.23
CA LEU E 256 71.21 35.36 2.52
C LEU E 256 70.53 36.58 3.12
N THR E 257 70.34 36.58 4.44
CA THR E 257 69.74 37.71 5.14
C THR E 257 70.56 39.00 4.93
N GLY E 258 71.88 38.87 4.88
CA GLY E 258 72.77 39.99 4.55
C GLY E 258 72.55 40.57 3.17
N GLU E 259 72.35 39.70 2.19
CA GLU E 259 72.01 40.12 0.81
C GLU E 259 70.66 40.84 0.73
N LEU E 260 69.67 40.35 1.48
CA LEU E 260 68.33 40.95 1.50
C LEU E 260 68.30 42.30 2.23
N ALA E 261 69.03 42.39 3.34
CA ALA E 261 69.11 43.63 4.12
C ALA E 261 69.76 44.77 3.33
N ALA E 262 70.71 44.43 2.46
CA ALA E 262 71.32 45.37 1.52
C ALA E 262 70.41 45.62 0.31
N GLY E 263 69.81 44.54 -0.20
CA GLY E 263 68.89 44.61 -1.35
C GLY E 263 67.71 45.56 -1.22
N VAL E 264 67.26 45.83 0.02
CA VAL E 264 66.16 46.77 0.28
C VAL E 264 66.53 48.29 0.27
N ARG E 265 67.69 48.65 -0.31
CA ARG E 265 68.09 50.06 -0.53
C ARG E 265 68.58 50.24 -1.96
N THR F 9 13.03 31.65 8.69
CA THR F 9 12.85 30.62 9.78
C THR F 9 13.80 30.90 10.95
N SER F 10 13.32 30.64 12.18
CA SER F 10 14.09 30.92 13.42
C SER F 10 15.40 30.11 13.58
N HIS F 11 15.56 29.03 12.82
CA HIS F 11 16.77 28.17 12.87
C HIS F 11 17.94 28.64 11.99
N ASP F 12 17.75 29.67 11.17
CA ASP F 12 18.82 30.18 10.32
C ASP F 12 19.78 31.06 11.11
N PRO F 13 21.05 31.12 10.68
CA PRO F 13 22.02 32.00 11.32
C PRO F 13 21.84 33.45 10.87
N ASP F 14 22.58 34.37 11.49
CA ASP F 14 22.62 35.75 11.01
C ASP F 14 23.40 35.85 9.67
N SER F 15 23.56 37.05 9.13
CA SER F 15 24.17 37.27 7.81
C SER F 15 25.66 36.91 7.76
N GLY F 16 26.36 37.00 8.90
CA GLY F 16 27.74 36.52 9.05
C GLY F 16 27.86 35.00 9.15
N GLY F 17 26.74 34.32 9.36
CA GLY F 17 26.69 32.86 9.44
C GLY F 17 26.78 32.29 10.83
N HIS F 18 26.41 33.09 11.84
CA HIS F 18 26.50 32.69 13.24
C HIS F 18 25.17 32.13 13.77
N PHE F 19 25.24 30.96 14.42
CA PHE F 19 24.13 30.36 15.13
C PHE F 19 24.23 30.68 16.62
N GLY F 20 23.13 31.13 17.21
CA GLY F 20 23.02 31.24 18.66
C GLY F 20 23.46 32.52 19.33
N GLY F 21 24.05 33.46 18.58
CA GLY F 21 24.49 34.74 19.16
C GLY F 21 25.78 34.69 19.98
N PRO F 22 25.70 34.73 21.35
CA PRO F 22 26.92 34.77 22.21
C PRO F 22 27.93 33.61 22.03
N SER F 23 27.43 32.38 21.85
CA SER F 23 28.31 31.22 21.59
C SER F 23 29.09 31.43 20.28
N GLY F 24 28.39 31.95 19.25
CA GLY F 24 29.00 32.36 18.00
C GLY F 24 29.40 31.20 17.11
N TRP F 25 28.59 30.14 17.08
CA TRP F 25 28.91 28.96 16.28
C TRP F 25 28.83 29.31 14.79
N GLY F 26 29.74 28.76 13.99
CA GLY F 26 29.72 28.96 12.55
C GLY F 26 30.67 30.06 12.14
N GLY F 27 30.13 31.07 11.45
CA GLY F 27 30.92 32.17 10.94
C GLY F 27 31.74 31.81 9.71
N ARG F 28 32.78 32.62 9.46
CA ARG F 28 33.71 32.47 8.34
C ARG F 28 35.15 32.66 8.83
N TYR F 29 35.80 31.56 9.18
CA TYR F 29 37.21 31.55 9.56
C TYR F 29 38.03 31.10 8.33
N VAL F 30 38.11 32.03 7.39
CA VAL F 30 38.84 31.84 6.14
C VAL F 30 39.80 33.00 5.91
N PRO F 31 40.78 32.83 5.02
CA PRO F 31 41.64 33.98 4.65
C PRO F 31 40.91 34.96 3.75
N GLU F 32 41.31 36.23 3.82
CA GLU F 32 40.74 37.28 2.97
C GLU F 32 40.78 36.92 1.48
N ALA F 33 41.78 36.14 1.05
CA ALA F 33 41.87 35.68 -0.33
C ALA F 33 40.63 34.94 -0.85
N LEU F 34 39.93 34.22 0.04
CA LEU F 34 38.71 33.50 -0.30
C LEU F 34 37.40 34.30 -0.16
N MET F 35 37.44 35.49 0.41
CA MET F 35 36.20 36.16 0.78
C MET F 35 35.38 36.66 -0.41
N ALA F 36 36.04 37.02 -1.51
CA ALA F 36 35.31 37.47 -2.71
C ALA F 36 34.42 36.37 -3.27
N VAL F 37 34.97 35.17 -3.42
CA VAL F 37 34.19 34.03 -3.95
C VAL F 37 33.19 33.47 -2.95
N ILE F 38 33.50 33.55 -1.66
CA ILE F 38 32.55 33.16 -0.62
C ILE F 38 31.34 34.10 -0.59
N GLU F 39 31.58 35.40 -0.75
CA GLU F 39 30.49 36.36 -0.91
C GLU F 39 29.72 36.14 -2.22
N GLU F 40 30.44 35.80 -3.29
CA GLU F 40 29.83 35.50 -4.58
C GLU F 40 28.88 34.29 -4.49
N VAL F 41 29.31 33.24 -3.79
CA VAL F 41 28.47 32.06 -3.60
C VAL F 41 27.27 32.35 -2.69
N THR F 42 27.51 33.06 -1.59
CA THR F 42 26.43 33.43 -0.67
C THR F 42 25.33 34.20 -1.42
N ALA F 43 25.73 35.21 -2.17
CA ALA F 43 24.77 36.06 -2.87
C ALA F 43 24.01 35.28 -3.94
N ALA F 44 24.73 34.39 -4.65
CA ALA F 44 24.14 33.56 -5.70
C ALA F 44 23.12 32.59 -5.15
N TYR F 45 23.44 31.99 -4.00
CA TYR F 45 22.51 31.10 -3.31
C TYR F 45 21.26 31.85 -2.84
N GLN F 46 21.44 33.01 -2.23
CA GLN F 46 20.29 33.84 -1.81
C GLN F 46 19.39 34.24 -2.97
N LYS F 47 19.98 34.46 -4.13
CA LYS F 47 19.26 34.81 -5.36
C LYS F 47 18.48 33.61 -5.90
N GLU F 48 19.16 32.47 -6.07
CA GLU F 48 18.57 31.28 -6.71
C GLU F 48 17.60 30.46 -5.82
N ARG F 49 17.74 30.50 -4.50
CA ARG F 49 16.85 29.71 -3.63
C ARG F 49 15.38 30.15 -3.69
N VAL F 50 15.13 31.40 -4.11
CA VAL F 50 13.78 31.95 -4.30
C VAL F 50 13.41 32.18 -5.77
N SER F 51 14.17 31.59 -6.68
CA SER F 51 13.88 31.62 -8.11
C SER F 51 13.14 30.34 -8.48
N GLN F 52 11.94 30.48 -9.04
CA GLN F 52 11.11 29.33 -9.40
C GLN F 52 11.73 28.45 -10.49
N ASP F 53 12.45 29.05 -11.45
CA ASP F 53 13.19 28.27 -12.45
C ASP F 53 14.24 27.35 -11.82
N PHE F 54 14.93 27.85 -10.79
CA PHE F 54 15.91 27.06 -10.08
C PHE F 54 15.27 25.90 -9.30
N LEU F 55 14.17 26.18 -8.60
CA LEU F 55 13.48 25.15 -7.84
C LEU F 55 12.82 24.13 -8.76
N ASP F 56 12.27 24.58 -9.88
CA ASP F 56 11.76 23.66 -10.91
C ASP F 56 12.85 22.74 -11.48
N ASP F 57 14.02 23.30 -11.80
CA ASP F 57 15.13 22.47 -12.26
C ASP F 57 15.55 21.43 -11.22
N LEU F 58 15.67 21.86 -9.97
CA LEU F 58 16.10 20.97 -8.91
C LEU F 58 15.05 19.88 -8.64
N ASP F 59 13.79 20.27 -8.54
CA ASP F 59 12.68 19.31 -8.35
C ASP F 59 12.62 18.27 -9.47
N ARG F 60 12.81 18.71 -10.71
CA ARG F 60 12.72 17.84 -11.85
C ARG F 60 13.86 16.81 -11.82
N LEU F 61 15.08 17.24 -11.52
CA LEU F 61 16.21 16.31 -11.36
C LEU F 61 16.04 15.38 -10.16
N GLN F 62 15.61 15.91 -9.02
N GLN F 62 15.60 15.89 -9.01
CA GLN F 62 15.31 15.09 -7.84
CA GLN F 62 15.34 15.05 -7.86
C GLN F 62 14.34 13.93 -8.17
C GLN F 62 14.34 13.92 -8.17
N ALA F 63 13.27 14.23 -8.90
CA ALA F 63 12.28 13.21 -9.28
C ALA F 63 12.79 12.20 -10.34
N ASN F 64 13.06 12.70 -11.55
CA ASN F 64 13.33 11.83 -12.70
C ASN F 64 14.74 11.29 -12.77
N TYR F 65 15.70 12.00 -12.19
CA TYR F 65 17.09 11.61 -12.31
C TYR F 65 17.52 10.86 -11.05
N ALA F 66 17.36 11.49 -9.89
CA ALA F 66 17.76 10.90 -8.62
C ALA F 66 16.76 9.90 -8.02
N GLY F 67 15.50 9.92 -8.45
CA GLY F 67 14.48 8.98 -7.98
C GLY F 67 13.83 9.28 -6.64
N ARG F 68 13.70 10.56 -6.27
CA ARG F 68 12.97 10.95 -5.05
C ARG F 68 11.46 10.85 -5.28
N PRO F 69 10.67 10.67 -4.22
CA PRO F 69 11.12 10.46 -2.83
C PRO F 69 11.73 9.07 -2.58
N SER F 70 12.62 8.97 -1.60
CA SER F 70 13.10 7.68 -1.13
C SER F 70 12.01 7.12 -0.22
N PRO F 71 11.88 5.78 -0.18
CA PRO F 71 10.85 5.20 0.67
C PRO F 71 11.24 5.14 2.15
N LEU F 72 10.23 4.88 2.97
CA LEU F 72 10.38 4.62 4.40
C LEU F 72 9.95 3.18 4.65
N TYR F 73 10.85 2.36 5.19
CA TYR F 73 10.64 0.93 5.34
C TYR F 73 10.70 0.49 6.79
N GLU F 74 9.63 -0.15 7.28
CA GLU F 74 9.58 -0.67 8.65
C GLU F 74 10.32 -2.01 8.70
N ALA F 75 11.50 -2.00 9.31
CA ALA F 75 12.37 -3.16 9.39
C ALA F 75 11.92 -4.06 10.54
N THR F 76 10.91 -4.88 10.28
CA THR F 76 10.24 -5.66 11.32
C THR F 76 11.09 -6.79 11.85
N ARG F 77 12.04 -7.27 11.05
CA ARG F 77 12.97 -8.30 11.50
C ARG F 77 14.09 -7.74 12.43
N LEU F 78 14.25 -6.42 12.49
CA LEU F 78 15.15 -5.82 13.50
C LEU F 78 14.52 -5.64 14.88
N SER F 79 13.20 -5.74 14.98
CA SER F 79 12.48 -5.37 16.19
C SER F 79 12.91 -6.15 17.42
N GLN F 80 13.04 -7.47 17.28
CA GLN F 80 13.50 -8.34 18.37
C GLN F 80 14.93 -8.00 18.86
N HIS F 81 15.77 -7.45 17.98
CA HIS F 81 17.14 -7.01 18.34
C HIS F 81 17.20 -5.57 18.85
N ALA F 82 16.04 -4.91 18.95
CA ALA F 82 15.93 -3.51 19.37
C ALA F 82 14.89 -3.34 20.48
N GLY F 83 14.76 -4.32 21.36
CA GLY F 83 13.80 -4.23 22.47
C GLY F 83 12.34 -4.19 22.06
N SER F 84 12.03 -4.78 20.91
CA SER F 84 10.70 -4.77 20.31
C SER F 84 10.17 -3.36 19.93
N ALA F 85 11.11 -2.42 19.72
CA ALA F 85 10.78 -1.13 19.16
C ALA F 85 10.59 -1.31 17.65
N ARG F 86 10.08 -0.26 17.02
CA ARG F 86 9.75 -0.31 15.61
C ARG F 86 10.70 0.58 14.84
N ILE F 87 11.65 -0.03 14.15
CA ILE F 87 12.70 0.67 13.42
C ILE F 87 12.23 0.91 11.98
N PHE F 88 12.14 2.18 11.60
CA PHE F 88 11.83 2.60 10.24
C PHE F 88 13.09 3.14 9.60
N LEU F 89 13.40 2.66 8.39
CA LEU F 89 14.59 3.05 7.66
C LEU F 89 14.21 4.02 6.55
N LYS F 90 14.73 5.24 6.61
CA LYS F 90 14.60 6.20 5.51
C LYS F 90 15.67 5.83 4.50
N ARG F 91 15.25 5.43 3.32
CA ARG F 91 16.11 4.67 2.43
C ARG F 91 16.83 5.55 1.42
N GLU F 92 17.70 6.40 1.92
CA GLU F 92 18.57 7.22 1.05
C GLU F 92 19.56 6.37 0.26
N ASP F 93 19.87 5.15 0.74
CA ASP F 93 20.61 4.11 -0.01
C ASP F 93 20.10 3.81 -1.42
N LEU F 94 18.83 4.11 -1.68
CA LEU F 94 18.24 3.85 -3.01
C LEU F 94 18.35 5.02 -3.98
N ASN F 95 18.85 6.16 -3.55
CA ASN F 95 19.01 7.31 -4.46
C ASN F 95 20.01 7.00 -5.55
N HIS F 96 19.93 7.72 -6.66
CA HIS F 96 20.97 7.64 -7.69
C HIS F 96 22.34 7.91 -7.06
N THR F 97 23.31 7.05 -7.36
CA THR F 97 24.67 7.04 -6.79
C THR F 97 24.83 6.35 -5.44
N GLY F 98 23.73 6.07 -4.75
CA GLY F 98 23.75 5.23 -3.55
C GLY F 98 23.88 5.93 -2.21
N SER F 99 23.66 7.24 -2.16
CA SER F 99 23.65 7.95 -0.90
C SER F 99 22.85 9.24 -0.97
N HIS F 100 22.68 9.83 0.20
CA HIS F 100 22.11 11.17 0.36
C HIS F 100 22.91 12.32 -0.28
N LYS F 101 24.19 12.10 -0.58
CA LYS F 101 25.07 13.14 -1.13
C LYS F 101 24.53 13.79 -2.40
N ILE F 102 23.84 13.00 -3.24
CA ILE F 102 23.27 13.52 -4.49
C ILE F 102 22.29 14.71 -4.30
N ASN F 103 21.59 14.78 -3.17
CA ASN F 103 20.62 15.87 -2.93
C ASN F 103 21.31 17.23 -2.90
N ASN F 104 22.43 17.29 -2.18
CA ASN F 104 23.20 18.50 -2.03
C ASN F 104 23.97 18.85 -3.30
N VAL F 105 24.56 17.84 -3.92
CA VAL F 105 25.29 18.00 -5.18
C VAL F 105 24.42 18.57 -6.31
N LEU F 106 23.23 18.03 -6.53
CA LEU F 106 22.36 18.56 -7.59
C LEU F 106 22.06 20.06 -7.40
N GLY F 107 21.86 20.48 -6.16
CA GLY F 107 21.62 21.90 -5.86
C GLY F 107 22.85 22.76 -6.13
N GLN F 108 24.00 22.31 -5.65
CA GLN F 108 25.24 23.08 -5.82
C GLN F 108 25.75 23.11 -7.25
N ALA F 109 25.60 22.01 -7.98
CA ALA F 109 26.04 21.92 -9.37
C ALA F 109 25.20 22.83 -10.25
N LEU F 110 23.89 22.82 -10.02
CA LEU F 110 23.01 23.78 -10.70
C LEU F 110 23.40 25.21 -10.36
N LEU F 111 23.73 25.46 -9.08
CA LEU F 111 24.18 26.77 -8.65
C LEU F 111 25.46 27.18 -9.36
N ALA F 112 26.42 26.27 -9.39
CA ALA F 112 27.69 26.51 -10.07
C ALA F 112 27.47 26.94 -11.52
N ARG F 113 26.58 26.22 -12.23
CA ARG F 113 26.24 26.59 -13.60
C ARG F 113 25.53 27.96 -13.67
N ARG F 114 24.61 28.26 -12.73
CA ARG F 114 23.95 29.60 -12.71
C ARG F 114 24.96 30.76 -12.55
N MET F 115 26.02 30.53 -11.77
CA MET F 115 27.08 31.52 -11.52
C MET F 115 28.07 31.71 -12.66
N GLY F 116 28.08 30.81 -13.65
CA GLY F 116 29.02 30.89 -14.77
C GLY F 116 30.38 30.28 -14.48
N LYS F 117 30.50 29.52 -13.37
CA LYS F 117 31.72 28.77 -13.08
C LYS F 117 31.83 27.63 -14.08
N THR F 118 33.06 27.31 -14.48
CA THR F 118 33.33 26.32 -15.52
C THR F 118 34.09 25.09 -14.99
N ARG F 119 34.28 25.02 -13.68
CA ARG F 119 35.11 24.02 -13.06
C ARG F 119 34.61 23.79 -11.63
N VAL F 120 34.44 22.51 -11.27
CA VAL F 120 33.94 22.14 -9.98
C VAL F 120 34.96 21.25 -9.33
N ILE F 121 35.27 21.53 -8.06
CA ILE F 121 36.15 20.70 -7.27
C ILE F 121 35.40 20.23 -6.02
N ALA F 122 35.82 19.09 -5.49
CA ALA F 122 35.24 18.54 -4.26
C ALA F 122 36.21 17.63 -3.55
N GLU F 123 36.08 17.57 -2.24
CA GLU F 123 36.73 16.58 -1.39
C GLU F 123 35.89 15.32 -1.37
N THR F 124 36.51 14.19 -1.07
CA THR F 124 35.74 13.01 -0.74
C THR F 124 36.52 12.08 0.20
N GLY F 125 35.80 11.43 1.11
CA GLY F 125 36.37 10.44 2.04
C GLY F 125 35.91 9.06 1.64
N ALA F 126 34.61 8.81 1.79
CA ALA F 126 34.00 7.56 1.32
C ALA F 126 33.90 7.41 -0.21
N GLY F 127 33.96 8.53 -0.93
CA GLY F 127 33.79 8.51 -2.39
C GLY F 127 32.37 8.67 -2.88
N GLN F 128 31.41 8.78 -1.97
CA GLN F 128 30.02 8.95 -2.38
C GLN F 128 29.77 10.39 -2.80
N HIS F 129 30.38 11.34 -2.10
CA HIS F 129 30.30 12.75 -2.51
C HIS F 129 31.05 12.99 -3.82
N GLY F 130 32.19 12.34 -3.98
CA GLY F 130 32.96 12.42 -5.22
C GLY F 130 32.19 11.87 -6.40
N VAL F 131 31.56 10.71 -6.21
CA VAL F 131 30.80 10.07 -7.28
C VAL F 131 29.56 10.91 -7.60
N ALA F 132 28.88 11.41 -6.58
CA ALA F 132 27.72 12.30 -6.82
C ALA F 132 28.15 13.56 -7.59
N THR F 133 29.24 14.17 -7.17
CA THR F 133 29.76 15.38 -7.82
C THR F 133 30.13 15.14 -9.28
N ALA F 134 30.85 14.06 -9.54
CA ALA F 134 31.21 13.63 -10.89
C ALA F 134 29.98 13.35 -11.73
N THR F 135 28.98 12.79 -11.11
CA THR F 135 27.69 12.48 -11.73
C THR F 135 27.01 13.75 -12.25
N ALA F 136 26.88 14.74 -11.38
CA ALA F 136 26.27 16.03 -11.73
C ALA F 136 27.10 16.77 -12.77
N CYS F 137 28.41 16.76 -12.62
CA CYS F 137 29.30 17.43 -13.57
C CYS F 137 29.24 16.81 -14.97
N ALA F 138 29.11 15.50 -15.05
CA ALA F 138 28.83 14.83 -16.32
C ALA F 138 27.48 15.26 -16.91
N LEU F 139 26.46 15.29 -16.07
CA LEU F 139 25.12 15.68 -16.51
C LEU F 139 25.05 17.12 -17.02
N LEU F 140 25.77 18.04 -16.37
CA LEU F 140 25.76 19.47 -16.73
C LEU F 140 26.91 19.93 -17.65
N GLY F 141 27.89 19.08 -17.93
CA GLY F 141 29.01 19.45 -18.79
C GLY F 141 30.07 20.31 -18.16
N LEU F 142 30.35 20.11 -16.87
CA LEU F 142 31.34 20.89 -16.13
C LEU F 142 32.64 20.08 -15.91
N ASP F 143 33.81 20.71 -16.02
CA ASP F 143 35.07 20.08 -15.61
C ASP F 143 35.01 19.76 -14.12
N CYS F 144 35.52 18.59 -13.74
CA CYS F 144 35.40 18.08 -12.38
C CYS F 144 36.75 17.58 -11.89
N VAL F 145 37.16 17.98 -10.69
CA VAL F 145 38.35 17.45 -10.04
C VAL F 145 37.99 17.06 -8.62
N ILE F 146 38.20 15.78 -8.28
CA ILE F 146 37.93 15.29 -6.95
C ILE F 146 39.24 15.05 -6.20
N TYR F 147 39.32 15.56 -4.96
CA TYR F 147 40.46 15.35 -4.05
C TYR F 147 40.10 14.27 -3.05
N MET F 148 40.93 13.23 -2.98
CA MET F 148 40.67 12.09 -2.10
C MET F 148 41.92 11.69 -1.32
N GLY F 149 41.82 11.61 0.00
CA GLY F 149 42.93 11.11 0.81
C GLY F 149 43.43 9.75 0.35
N GLY F 150 44.75 9.57 0.38
CA GLY F 150 45.41 8.36 -0.14
C GLY F 150 45.04 7.03 0.50
N ILE F 151 44.79 7.03 1.81
CA ILE F 151 44.28 5.86 2.54
C ILE F 151 42.86 5.50 2.06
N ASP F 152 42.07 6.54 1.77
CA ASP F 152 40.72 6.39 1.23
C ASP F 152 40.64 5.91 -0.23
N THR F 153 41.62 6.27 -1.07
CA THR F 153 41.65 5.70 -2.43
C THR F 153 41.87 4.18 -2.39
N ALA F 154 42.59 3.71 -1.38
CA ALA F 154 42.82 2.27 -1.19
C ALA F 154 41.59 1.51 -0.63
N ARG F 155 40.87 2.08 0.33
CA ARG F 155 39.77 1.36 1.01
C ARG F 155 38.37 1.66 0.45
N GLN F 156 38.27 2.57 -0.53
CA GLN F 156 37.02 2.87 -1.24
C GLN F 156 37.28 2.90 -2.75
N ALA F 157 38.06 1.93 -3.23
CA ALA F 157 38.55 1.88 -4.63
C ALA F 157 37.45 1.78 -5.70
N LEU F 158 36.31 1.20 -5.34
CA LEU F 158 35.16 1.13 -6.24
C LEU F 158 34.73 2.54 -6.69
N ASN F 159 34.67 3.46 -5.73
CA ASN F 159 34.24 4.81 -6.00
C ASN F 159 35.26 5.63 -6.79
N VAL F 160 36.54 5.26 -6.71
CA VAL F 160 37.56 5.91 -7.53
C VAL F 160 37.35 5.54 -9.01
N ALA F 161 37.05 4.27 -9.26
CA ALA F 161 36.83 3.81 -10.62
C ALA F 161 35.52 4.36 -11.21
N ARG F 162 34.50 4.50 -10.37
CA ARG F 162 33.24 5.13 -10.77
C ARG F 162 33.47 6.57 -11.18
N MET F 163 34.18 7.33 -10.35
CA MET F 163 34.51 8.73 -10.61
C MET F 163 35.23 8.93 -11.93
N ARG F 164 36.18 8.05 -12.24
N ARG F 164 36.19 8.05 -12.23
CA ARG F 164 36.96 8.16 -13.46
CA ARG F 164 36.96 8.13 -13.47
C ARG F 164 36.14 7.77 -14.71
C ARG F 164 36.12 7.79 -14.70
N LEU F 165 35.27 6.77 -14.60
CA LEU F 165 34.32 6.42 -15.68
C LEU F 165 33.31 7.55 -15.98
N LEU F 166 32.91 8.27 -14.94
CA LEU F 166 32.07 9.46 -15.05
C LEU F 166 32.77 10.71 -15.63
N GLY F 167 34.07 10.63 -15.89
CA GLY F 167 34.84 11.69 -16.51
C GLY F 167 35.39 12.73 -15.55
N ALA F 168 35.42 12.42 -14.26
CA ALA F 168 36.07 13.30 -13.28
C ALA F 168 37.56 12.94 -13.17
N GLU F 169 38.38 13.90 -12.77
CA GLU F 169 39.77 13.65 -12.47
C GLU F 169 39.89 13.46 -10.98
N VAL F 170 40.70 12.52 -10.54
CA VAL F 170 40.88 12.24 -9.11
C VAL F 170 42.32 12.46 -8.72
N VAL F 171 42.56 13.28 -7.70
CA VAL F 171 43.90 13.58 -7.20
C VAL F 171 43.99 12.97 -5.81
N ALA F 172 44.93 12.03 -5.63
CA ALA F 172 45.15 11.38 -4.36
C ALA F 172 45.97 12.31 -3.47
N VAL F 173 45.49 12.55 -2.26
CA VAL F 173 46.13 13.47 -1.34
C VAL F 173 46.96 12.67 -0.32
N GLN F 174 48.28 12.84 -0.37
CA GLN F 174 49.22 12.08 0.50
C GLN F 174 49.71 12.84 1.75
N THR F 175 49.16 14.04 2.04
CA THR F 175 49.52 14.85 3.22
C THR F 175 48.76 14.43 4.48
N GLY F 176 49.34 14.71 5.65
CA GLY F 176 48.68 14.52 6.94
C GLY F 176 48.24 13.09 7.21
N SER F 177 47.00 12.93 7.67
CA SER F 177 46.39 11.60 7.87
C SER F 177 45.93 10.87 6.58
N LYS F 178 45.99 11.54 5.42
CA LYS F 178 45.62 10.97 4.11
C LYS F 178 44.16 10.53 4.05
N THR F 179 43.28 11.30 4.69
CA THR F 179 41.85 11.01 4.82
C THR F 179 41.07 12.31 4.58
N LEU F 180 39.81 12.36 4.97
CA LEU F 180 38.90 13.42 4.57
C LEU F 180 39.40 14.84 4.89
N LYS F 181 39.90 15.06 6.10
CA LYS F 181 40.36 16.40 6.48
C LYS F 181 41.51 16.91 5.61
N ASP F 182 42.35 15.98 5.17
CA ASP F 182 43.51 16.30 4.35
C ASP F 182 43.07 16.57 2.91
N ALA F 183 42.01 15.89 2.46
CA ALA F 183 41.40 16.18 1.16
C ALA F 183 40.75 17.56 1.12
N ILE F 184 40.09 17.94 2.22
CA ILE F 184 39.46 19.25 2.33
C ILE F 184 40.52 20.35 2.26
N ASN F 185 41.61 20.17 3.01
CA ASN F 185 42.75 21.09 2.96
C ASN F 185 43.29 21.29 1.54
N GLU F 186 43.39 20.22 0.76
CA GLU F 186 43.93 20.32 -0.62
C GLU F 186 42.95 20.94 -1.59
N ALA F 187 41.67 20.60 -1.46
CA ALA F 187 40.63 21.24 -2.25
C ALA F 187 40.53 22.75 -1.96
N PHE F 188 40.67 23.09 -0.68
CA PHE F 188 40.68 24.48 -0.24
C PHE F 188 41.80 25.28 -0.92
N ARG F 189 43.03 24.72 -0.94
CA ARG F 189 44.16 25.37 -1.62
C ARG F 189 43.94 25.56 -3.14
N ASP F 190 43.31 24.57 -3.78
CA ASP F 190 42.90 24.69 -5.19
C ASP F 190 41.96 25.89 -5.33
N TRP F 191 40.92 25.94 -4.49
CA TRP F 191 39.92 27.01 -4.57
C TRP F 191 40.51 28.39 -4.41
N VAL F 192 41.43 28.55 -3.44
CA VAL F 192 42.12 29.81 -3.22
C VAL F 192 42.82 30.31 -4.50
N ALA F 193 43.50 29.39 -5.19
CA ALA F 193 44.22 29.73 -6.41
C ALA F 193 43.31 29.91 -7.64
N ASN F 194 42.18 29.20 -7.70
CA ASN F 194 41.34 29.17 -8.91
C ASN F 194 39.94 29.70 -8.73
N ALA F 195 39.73 30.55 -7.73
CA ALA F 195 38.40 31.06 -7.39
C ALA F 195 37.65 31.76 -8.55
N ASP F 196 38.37 32.45 -9.42
CA ASP F 196 37.78 33.12 -10.59
C ASP F 196 36.85 32.23 -11.41
N ASN F 197 37.27 30.98 -11.64
CA ASN F 197 36.58 30.03 -12.52
C ASN F 197 36.00 28.79 -11.81
N THR F 198 36.33 28.57 -10.54
CA THR F 198 36.08 27.30 -9.89
C THR F 198 35.05 27.42 -8.77
N TYR F 199 34.05 26.53 -8.82
CA TYR F 199 33.10 26.33 -7.74
C TYR F 199 33.57 25.17 -6.85
N TYR F 200 33.53 25.35 -5.53
CA TYR F 200 33.81 24.27 -4.59
C TYR F 200 32.50 23.64 -4.06
N CYS F 201 32.24 22.41 -4.52
CA CYS F 201 31.06 21.64 -4.12
C CYS F 201 31.36 20.91 -2.82
N PHE F 202 31.15 21.61 -1.70
CA PHE F 202 31.45 21.04 -0.39
C PHE F 202 30.30 20.11 0.06
N GLY F 203 30.67 18.92 0.56
CA GLY F 203 29.76 17.81 0.70
C GLY F 203 29.20 17.53 2.09
N THR F 204 29.58 18.29 3.08
CA THR F 204 28.96 18.14 4.38
C THR F 204 28.48 19.47 4.95
N ALA F 205 27.78 19.41 6.08
CA ALA F 205 27.15 20.60 6.69
C ALA F 205 28.09 21.32 7.65
N ALA F 206 29.31 21.54 7.20
CA ALA F 206 30.34 22.24 7.96
C ALA F 206 30.93 23.29 7.01
N GLY F 207 32.11 23.79 7.34
CA GLY F 207 32.71 24.82 6.50
C GLY F 207 32.18 26.20 6.88
N PRO F 208 32.66 27.22 6.17
CA PRO F 208 32.22 28.59 6.45
C PRO F 208 30.90 28.90 5.77
N HIS F 209 30.17 29.87 6.32
CA HIS F 209 28.97 30.42 5.70
C HIS F 209 29.30 30.74 4.25
N PRO F 210 28.52 30.28 3.27
CA PRO F 210 27.15 29.77 3.41
C PRO F 210 26.96 28.24 3.50
N PHE F 211 28.03 27.47 3.61
CA PHE F 211 27.97 26.03 3.38
C PHE F 211 27.12 25.22 4.36
N PRO F 212 27.27 25.45 5.68
CA PRO F 212 26.41 24.76 6.63
C PRO F 212 24.94 24.91 6.32
N THR F 213 24.50 26.14 6.09
CA THR F 213 23.09 26.42 5.84
C THR F 213 22.64 25.92 4.46
N MET F 214 23.45 26.16 3.44
CA MET F 214 23.15 25.73 2.07
C MET F 214 23.04 24.22 1.96
N VAL F 215 24.00 23.49 2.54
CA VAL F 215 23.99 22.04 2.44
C VAL F 215 22.79 21.49 3.21
N ARG F 216 22.53 22.05 4.38
CA ARG F 216 21.34 21.68 5.14
C ARG F 216 20.05 21.94 4.36
N ASP F 217 19.96 23.06 3.65
CA ASP F 217 18.77 23.38 2.87
C ASP F 217 18.51 22.39 1.74
N PHE F 218 19.57 21.93 1.07
CA PHE F 218 19.42 20.93 0.02
C PHE F 218 19.13 19.52 0.57
N GLN F 219 19.47 19.28 1.83
CA GLN F 219 19.24 17.99 2.48
C GLN F 219 17.95 17.92 3.33
N ARG F 220 17.36 19.08 3.64
CA ARG F 220 16.05 19.19 4.32
C ARG F 220 14.95 18.30 3.79
N ILE F 221 14.95 18.09 2.46
CA ILE F 221 14.00 17.22 1.76
C ILE F 221 13.89 15.82 2.40
N ILE F 222 14.99 15.29 2.95
CA ILE F 222 14.98 13.96 3.57
C ILE F 222 14.00 13.94 4.75
N GLY F 223 14.18 14.87 5.69
CA GLY F 223 13.30 14.99 6.85
C GLY F 223 11.88 15.43 6.51
N MET F 224 11.73 16.26 5.48
CA MET F 224 10.39 16.67 5.02
C MET F 224 9.56 15.48 4.53
N GLU F 225 10.20 14.60 3.75
CA GLU F 225 9.57 13.37 3.29
C GLU F 225 9.30 12.43 4.44
N ALA F 226 10.27 12.26 5.33
CA ALA F 226 10.15 11.31 6.43
C ALA F 226 9.00 11.65 7.37
N ARG F 227 8.81 12.94 7.64
CA ARG F 227 7.76 13.38 8.56
C ARG F 227 6.36 13.08 8.03
N VAL F 228 6.18 13.25 6.73
CA VAL F 228 4.92 12.89 6.07
C VAL F 228 4.75 11.37 6.06
N GLN F 229 5.79 10.67 5.65
CA GLN F 229 5.74 9.21 5.52
C GLN F 229 5.47 8.48 6.83
N ILE F 230 6.16 8.89 7.92
CA ILE F 230 5.98 8.22 9.22
C ILE F 230 4.58 8.46 9.75
N GLN F 231 4.02 9.66 9.55
CA GLN F 231 2.65 9.97 9.96
C GLN F 231 1.64 9.11 9.21
N GLY F 232 1.89 8.90 7.93
CA GLY F 232 1.06 8.05 7.11
C GLY F 232 1.09 6.58 7.49
N GLN F 233 2.29 6.04 7.70
CA GLN F 233 2.49 4.60 7.99
C GLN F 233 2.22 4.22 9.43
N ALA F 234 2.76 4.99 10.35
CA ALA F 234 2.65 4.71 11.79
C ALA F 234 1.46 5.38 12.47
N GLY F 235 0.84 6.35 11.80
CA GLY F 235 -0.29 7.11 12.37
C GLY F 235 0.08 8.25 13.29
N ARG F 236 1.37 8.55 13.43
CA ARG F 236 1.83 9.58 14.38
C ARG F 236 3.29 9.95 14.15
N LEU F 237 3.75 10.98 14.87
CA LEU F 237 5.15 11.39 14.84
C LEU F 237 5.99 10.38 15.61
N PRO F 238 7.26 10.21 15.20
CA PRO F 238 8.07 9.21 15.85
C PRO F 238 8.48 9.58 17.28
N ASP F 239 8.89 8.58 18.05
CA ASP F 239 9.46 8.80 19.37
C ASP F 239 10.90 9.28 19.27
N ALA F 240 11.58 8.90 18.20
CA ALA F 240 12.93 9.36 17.91
C ALA F 240 13.25 9.35 16.43
N VAL F 241 14.14 10.25 16.02
CA VAL F 241 14.78 10.24 14.70
C VAL F 241 16.29 10.20 14.95
N VAL F 242 17.00 9.32 14.24
CA VAL F 242 18.44 9.12 14.47
C VAL F 242 19.22 9.06 13.16
N ALA F 243 20.51 9.39 13.24
CA ALA F 243 21.36 9.36 12.08
C ALA F 243 22.81 9.34 12.46
N CYS F 244 23.68 8.92 11.54
CA CYS F 244 25.12 9.02 11.77
C CYS F 244 25.56 10.45 11.49
N VAL F 245 26.66 10.85 12.15
CA VAL F 245 27.21 12.19 12.06
C VAL F 245 28.70 12.12 11.70
N GLY F 246 29.00 12.47 10.45
CA GLY F 246 30.36 12.65 9.96
C GLY F 246 30.69 14.11 10.17
N GLY F 247 30.54 14.90 9.11
CA GLY F 247 30.52 16.35 9.23
C GLY F 247 29.13 16.87 9.57
N GLY F 248 28.09 16.12 9.18
CA GLY F 248 26.73 16.39 9.62
C GLY F 248 25.60 16.57 8.61
N SER F 249 25.82 16.35 7.32
CA SER F 249 24.77 16.62 6.32
C SER F 249 23.52 15.70 6.40
N ASN F 250 23.70 14.38 6.44
CA ASN F 250 22.54 13.47 6.46
C ASN F 250 21.71 13.62 7.74
N ALA F 251 22.38 13.87 8.88
CA ALA F 251 21.70 14.02 10.16
C ALA F 251 20.90 15.31 10.21
N ILE F 252 21.51 16.43 9.83
CA ILE F 252 20.79 17.71 9.80
C ILE F 252 19.63 17.64 8.78
N GLY F 253 19.87 16.97 7.65
CA GLY F 253 18.83 16.78 6.64
C GLY F 253 17.57 16.07 7.14
N ILE F 254 17.74 14.94 7.81
CA ILE F 254 16.59 14.24 8.38
C ILE F 254 16.05 14.92 9.65
N PHE F 255 16.91 15.55 10.46
CA PHE F 255 16.47 16.21 11.71
C PHE F 255 15.67 17.49 11.53
N HIS F 256 15.92 18.23 10.45
CA HIS F 256 15.47 19.64 10.43
C HIS F 256 13.96 19.77 10.53
N ALA F 257 13.25 18.97 9.73
CA ALA F 257 11.78 18.94 9.75
C ALA F 257 11.12 18.68 11.10
N PHE F 258 11.86 18.09 12.04
CA PHE F 258 11.35 17.70 13.36
C PHE F 258 11.76 18.61 14.51
N LEU F 259 12.58 19.64 14.25
CA LEU F 259 13.12 20.52 15.32
C LEU F 259 12.05 21.12 16.22
N ASP F 260 10.92 21.55 15.66
CA ASP F 260 9.80 22.14 16.42
C ASP F 260 8.71 21.15 16.87
N ASP F 261 9.01 19.85 16.83
CA ASP F 261 8.16 18.79 17.41
C ASP F 261 8.74 18.36 18.78
N PRO F 262 8.27 18.99 19.88
CA PRO F 262 8.97 18.81 21.18
C PRO F 262 9.02 17.36 21.73
N GLY F 263 8.05 16.53 21.38
CA GLY F 263 8.07 15.11 21.77
C GLY F 263 8.98 14.17 20.98
N VAL F 264 9.67 14.66 19.96
CA VAL F 264 10.54 13.83 19.12
C VAL F 264 12.01 13.99 19.55
N ARG F 265 12.55 12.93 20.14
CA ARG F 265 13.98 12.84 20.44
C ARG F 265 14.78 12.78 19.15
N LEU F 266 15.90 13.49 19.13
CA LEU F 266 16.83 13.49 18.01
C LEU F 266 18.18 13.01 18.52
N VAL F 267 18.74 11.98 17.88
CA VAL F 267 20.02 11.41 18.32
C VAL F 267 20.99 11.24 17.14
N GLY F 268 22.14 11.91 17.22
CA GLY F 268 23.21 11.76 16.25
C GLY F 268 24.23 10.77 16.78
N PHE F 269 24.62 9.79 15.96
CA PHE F 269 25.65 8.81 16.34
C PHE F 269 26.95 9.05 15.58
N GLU F 270 28.03 9.18 16.32
CA GLU F 270 29.33 9.53 15.75
C GLU F 270 30.27 8.37 15.95
N ALA F 271 31.32 8.30 15.12
CA ALA F 271 32.20 7.14 15.09
C ALA F 271 33.20 7.17 16.26
N ALA F 272 33.26 6.08 17.01
CA ALA F 272 34.18 5.95 18.14
C ALA F 272 35.36 5.01 17.88
N GLY F 273 35.50 4.51 16.64
CA GLY F 273 36.68 3.76 16.22
C GLY F 273 36.97 2.53 17.07
N ASP F 274 38.19 2.42 17.60
CA ASP F 274 38.55 1.36 18.56
C ASP F 274 38.05 1.63 20.00
N GLY F 275 37.42 2.80 20.23
CA GLY F 275 36.92 3.22 21.56
C GLY F 275 37.36 4.66 21.82
N VAL F 276 36.48 5.45 22.46
CA VAL F 276 36.79 6.87 22.78
C VAL F 276 37.96 7.02 23.76
N GLU F 277 38.09 6.03 24.65
CA GLU F 277 39.22 5.91 25.58
C GLU F 277 40.58 5.53 24.95
N THR F 278 40.64 5.30 23.63
CA THR F 278 41.84 4.73 22.98
C THR F 278 42.68 5.70 22.16
N GLY F 279 42.17 6.91 21.88
CA GLY F 279 42.83 7.83 20.96
C GLY F 279 42.73 7.49 19.46
N ARG F 280 41.95 6.47 19.09
CA ARG F 280 41.69 6.12 17.69
C ARG F 280 40.19 6.13 17.48
N HIS F 281 39.65 7.33 17.23
CA HIS F 281 38.21 7.57 17.11
C HIS F 281 37.93 8.88 16.37
N ALA F 282 36.66 9.15 16.10
CA ALA F 282 36.20 10.39 15.47
C ALA F 282 35.02 11.00 16.22
N ALA F 283 34.96 10.73 17.53
CA ALA F 283 33.87 11.14 18.40
C ALA F 283 34.03 12.59 18.88
N THR F 284 33.57 13.52 18.03
CA THR F 284 33.90 14.93 18.15
C THR F 284 33.17 15.56 19.30
N PHE F 285 31.87 15.33 19.39
CA PHE F 285 31.07 15.83 20.49
C PHE F 285 31.41 15.16 21.82
N THR F 286 31.70 13.86 21.78
CA THR F 286 32.01 13.10 22.97
C THR F 286 33.36 13.44 23.59
N ALA F 287 34.38 13.63 22.73
CA ALA F 287 35.77 13.81 23.19
C ALA F 287 36.46 15.13 22.78
N GLY F 288 35.80 15.96 21.98
CA GLY F 288 36.43 17.17 21.43
C GLY F 288 36.02 18.40 22.20
N SER F 289 36.37 19.56 21.67
CA SER F 289 36.05 20.84 22.33
C SER F 289 35.85 21.95 21.29
N PRO F 290 35.25 23.09 21.69
CA PRO F 290 35.01 24.16 20.71
C PRO F 290 36.29 24.76 20.14
N GLY F 291 36.26 25.08 18.85
CA GLY F 291 37.38 25.74 18.20
C GLY F 291 37.11 26.05 16.74
N ALA F 292 38.05 26.76 16.14
CA ALA F 292 38.00 27.18 14.75
C ALA F 292 38.75 26.19 13.88
N PHE F 293 38.08 25.63 12.88
CA PHE F 293 38.68 24.65 11.99
C PHE F 293 37.83 24.49 10.71
N HIS F 294 38.50 24.44 9.56
CA HIS F 294 37.85 24.35 8.24
C HIS F 294 36.73 25.37 8.06
N GLY F 295 36.97 26.61 8.45
CA GLY F 295 36.04 27.70 8.18
C GLY F 295 35.02 28.06 9.26
N SER F 296 34.80 27.18 10.24
CA SER F 296 33.75 27.39 11.26
C SER F 296 34.28 27.34 12.68
N PHE F 297 33.56 27.99 13.58
CA PHE F 297 33.69 27.76 15.02
C PHE F 297 32.65 26.69 15.39
N SER F 298 33.16 25.53 15.82
CA SER F 298 32.35 24.35 16.12
C SER F 298 33.16 23.45 17.03
N TYR F 299 32.81 22.17 17.12
CA TYR F 299 33.60 21.22 17.91
C TYR F 299 34.65 20.56 17.03
N LEU F 300 35.82 20.27 17.60
CA LEU F 300 36.80 19.40 16.95
C LEU F 300 37.66 18.63 17.94
N LEU F 301 38.22 17.52 17.47
CA LEU F 301 39.24 16.81 18.19
C LEU F 301 40.53 17.61 18.07
N GLN F 302 41.03 18.11 19.21
CA GLN F 302 42.21 18.97 19.25
C GLN F 302 42.99 18.79 20.55
N ASP F 303 44.30 19.02 20.48
CA ASP F 303 45.16 18.78 21.64
C ASP F 303 45.25 20.03 22.54
N GLU F 304 46.15 19.99 23.53
CA GLU F 304 46.32 21.08 24.51
C GLU F 304 46.60 22.45 23.90
N ASP F 305 47.33 22.48 22.79
CA ASP F 305 47.67 23.72 22.08
C ASP F 305 46.73 24.10 20.92
N GLY F 306 45.65 23.35 20.70
CA GLY F 306 44.75 23.59 19.58
C GLY F 306 45.19 22.98 18.25
N GLN F 307 46.13 22.05 18.28
CA GLN F 307 46.50 21.28 17.09
C GLN F 307 45.43 20.22 16.87
N THR F 308 45.14 19.92 15.61
CA THR F 308 44.11 18.93 15.27
C THR F 308 44.61 17.52 15.56
N ILE F 309 43.80 16.75 16.27
CA ILE F 309 44.07 15.33 16.50
C ILE F 309 43.45 14.58 15.34
N GLU F 310 44.24 13.70 14.74
CA GLU F 310 43.81 12.93 13.59
C GLU F 310 42.75 11.92 14.02
N SER F 311 41.63 11.90 13.30
CA SER F 311 40.57 10.94 13.55
C SER F 311 40.92 9.55 13.02
N HIS F 312 40.22 8.54 13.55
CA HIS F 312 40.28 7.17 13.03
C HIS F 312 38.90 6.49 13.13
N SER F 313 38.50 5.86 12.03
CA SER F 313 37.32 5.02 11.98
C SER F 313 37.52 3.97 10.88
N ILE F 314 36.88 2.81 11.03
CA ILE F 314 36.72 1.86 9.94
C ILE F 314 35.90 2.46 8.78
N SER F 315 35.05 3.43 9.11
CA SER F 315 34.26 4.17 8.14
C SER F 315 34.98 5.37 7.55
N ALA F 316 35.09 5.45 6.23
CA ALA F 316 35.77 6.58 5.57
C ALA F 316 34.96 7.90 5.64
N GLY F 317 33.64 7.78 5.57
CA GLY F 317 32.75 8.91 5.67
C GLY F 317 32.62 9.56 7.04
N LEU F 318 32.90 8.82 8.11
CA LEU F 318 32.84 9.34 9.48
C LEU F 318 34.21 9.64 10.03
N ASP F 319 35.27 9.38 9.26
CA ASP F 319 36.67 9.55 9.72
C ASP F 319 37.09 11.01 9.53
N TYR F 320 36.55 11.84 10.40
CA TYR F 320 36.70 13.30 10.31
C TYR F 320 36.68 13.88 11.74
N PRO F 321 37.70 14.66 12.12
CA PRO F 321 37.76 15.15 13.51
C PRO F 321 36.87 16.38 13.80
N GLY F 322 36.20 16.92 12.78
CA GLY F 322 35.28 18.06 12.97
C GLY F 322 33.81 17.70 12.96
N VAL F 323 32.98 18.73 13.05
CA VAL F 323 31.54 18.58 12.95
C VAL F 323 30.98 19.95 12.60
N GLY F 324 29.81 19.97 11.98
CA GLY F 324 29.22 21.19 11.48
C GLY F 324 28.66 22.06 12.59
N PRO F 325 28.68 23.39 12.39
CA PRO F 325 28.31 24.33 13.46
C PRO F 325 26.84 24.33 13.90
N GLU F 326 25.92 23.97 13.00
CA GLU F 326 24.50 23.88 13.37
C GLU F 326 24.28 22.75 14.41
N HIS F 327 25.01 21.65 14.28
CA HIS F 327 24.97 20.60 15.28
C HIS F 327 25.49 21.08 16.66
N ALA F 328 26.57 21.84 16.66
CA ALA F 328 27.11 22.40 17.91
C ALA F 328 26.09 23.28 18.62
N TRP F 329 25.35 24.07 17.85
CA TRP F 329 24.25 24.89 18.39
C TRP F 329 23.10 24.02 18.91
N LEU F 330 22.75 22.96 18.16
CA LEU F 330 21.72 22.02 18.61
C LEU F 330 22.13 21.20 19.83
N LYS F 331 23.43 20.91 19.98
CA LYS F 331 23.94 20.27 21.20
C LYS F 331 23.79 21.23 22.37
N GLU F 332 24.29 22.45 22.21
CA GLU F 332 24.23 23.45 23.27
C GLU F 332 22.80 23.72 23.75
N ALA F 333 21.88 23.87 22.80
CA ALA F 333 20.46 24.13 23.13
C ALA F 333 19.71 22.97 23.81
N GLY F 334 20.29 21.78 23.81
CA GLY F 334 19.68 20.61 24.42
C GLY F 334 18.77 19.87 23.45
N ARG F 335 18.75 20.26 22.18
CA ARG F 335 17.78 19.71 21.24
C ARG F 335 18.15 18.33 20.73
N VAL F 336 19.44 18.10 20.48
CA VAL F 336 19.91 16.83 19.93
C VAL F 336 20.97 16.27 20.86
N ASP F 337 20.86 14.98 21.19
N ASP F 337 20.87 14.99 21.18
CA ASP F 337 21.89 14.24 21.92
CA ASP F 337 21.90 14.27 21.91
C ASP F 337 22.84 13.61 20.90
C ASP F 337 22.84 13.60 20.91
N TYR F 338 24.13 13.58 21.22
CA TYR F 338 25.16 13.00 20.35
C TYR F 338 25.92 11.92 21.10
N ARG F 339 25.93 10.69 20.57
CA ARG F 339 26.49 9.54 21.26
C ARG F 339 27.48 8.76 20.39
N PRO F 340 28.46 8.07 21.02
CA PRO F 340 29.51 7.36 20.30
C PRO F 340 29.12 5.93 19.96
N ILE F 341 29.55 5.46 18.81
CA ILE F 341 29.37 4.07 18.38
C ILE F 341 30.71 3.56 17.86
N THR F 342 31.17 2.42 18.36
CA THR F 342 32.45 1.85 17.93
C THR F 342 32.39 1.17 16.56
N ASP F 343 33.56 1.00 15.94
CA ASP F 343 33.76 0.10 14.79
C ASP F 343 33.00 -1.23 14.95
N SER F 344 33.20 -1.88 16.11
CA SER F 344 32.59 -3.18 16.40
C SER F 344 31.07 -3.15 16.47
N GLU F 345 30.52 -2.14 17.13
CA GLU F 345 29.07 -2.02 17.27
C GLU F 345 28.44 -1.78 15.90
N ALA F 346 29.10 -0.97 15.09
CA ALA F 346 28.66 -0.69 13.73
C ALA F 346 28.68 -1.94 12.85
N MET F 347 29.77 -2.69 12.88
CA MET F 347 29.91 -3.90 12.08
C MET F 347 28.94 -5.00 12.50
N ASP F 348 28.68 -5.15 13.80
CA ASP F 348 27.63 -6.06 14.27
C ASP F 348 26.27 -5.70 13.66
N ALA F 349 25.95 -4.41 13.61
CA ALA F 349 24.70 -3.93 13.04
C ALA F 349 24.67 -4.04 11.51
N PHE F 350 25.80 -3.79 10.86
CA PHE F 350 25.96 -4.03 9.42
C PHE F 350 25.50 -5.43 9.07
N GLY F 351 26.07 -6.40 9.76
CA GLY F 351 25.82 -7.82 9.53
C GLY F 351 24.39 -8.20 9.84
N LEU F 352 23.88 -7.65 10.94
CA LEU F 352 22.51 -7.90 11.32
C LEU F 352 21.53 -7.39 10.26
N LEU F 353 21.75 -6.18 9.75
CA LEU F 353 20.89 -5.64 8.71
C LEU F 353 20.93 -6.44 7.41
N CYS F 354 22.11 -6.98 7.09
CA CYS F 354 22.26 -7.87 5.93
C CYS F 354 21.40 -9.12 6.06
N ARG F 355 21.46 -9.77 7.22
CA ARG F 355 20.80 -11.06 7.42
C ARG F 355 19.31 -10.93 7.76
N MET F 356 18.91 -9.82 8.35
CA MET F 356 17.55 -9.64 8.79
C MET F 356 16.67 -9.00 7.71
N GLU F 357 17.16 -7.95 7.07
CA GLU F 357 16.37 -7.20 6.10
C GLU F 357 16.80 -7.30 4.64
N GLY F 358 17.92 -7.98 4.39
CA GLY F 358 18.49 -8.05 3.04
C GLY F 358 19.02 -6.74 2.52
N ILE F 359 19.41 -5.83 3.42
CA ILE F 359 19.98 -4.54 3.04
C ILE F 359 21.42 -4.46 3.48
N ILE F 360 22.31 -4.24 2.52
CA ILE F 360 23.74 -4.03 2.77
C ILE F 360 23.99 -2.52 2.89
N PRO F 361 24.16 -2.01 4.12
CA PRO F 361 24.32 -0.59 4.29
C PRO F 361 25.77 -0.13 4.10
N ALA F 362 25.93 1.16 3.89
CA ALA F 362 27.22 1.79 4.06
C ALA F 362 27.63 1.60 5.52
N ILE F 363 28.94 1.45 5.74
CA ILE F 363 29.47 1.30 7.10
C ILE F 363 29.13 2.57 7.93
N GLU F 364 29.04 3.71 7.26
CA GLU F 364 28.59 4.97 7.89
C GLU F 364 27.20 4.77 8.51
N SER F 365 26.24 4.40 7.66
CA SER F 365 24.85 4.16 8.05
C SER F 365 24.71 3.10 9.14
N ALA F 366 25.57 2.09 9.12
CA ALA F 366 25.55 1.04 10.12
C ALA F 366 25.80 1.52 11.55
N HIS F 367 26.48 2.66 11.69
CA HIS F 367 26.61 3.34 12.99
C HIS F 367 25.24 3.78 13.52
N ALA F 368 24.41 4.34 12.63
CA ALA F 368 23.08 4.79 12.99
C ALA F 368 22.18 3.63 13.35
N VAL F 369 22.30 2.54 12.59
CA VAL F 369 21.54 1.30 12.88
C VAL F 369 21.95 0.79 14.26
N ALA F 370 23.24 0.67 14.50
CA ALA F 370 23.73 0.23 15.82
C ALA F 370 23.16 1.09 16.94
N GLY F 371 23.13 2.40 16.69
CA GLY F 371 22.60 3.37 17.65
C GLY F 371 21.12 3.17 17.92
N ALA F 372 20.37 2.97 16.85
CA ALA F 372 18.93 2.72 16.90
C ALA F 372 18.56 1.44 17.67
N LEU F 373 19.37 0.39 17.54
CA LEU F 373 19.18 -0.86 18.29
C LEU F 373 19.34 -0.65 19.80
N LYS F 374 20.30 0.18 20.18
CA LYS F 374 20.50 0.51 21.59
C LYS F 374 19.38 1.40 22.12
N LEU F 375 18.94 2.35 21.32
CA LEU F 375 17.85 3.23 21.71
C LEU F 375 16.50 2.49 21.77
N GLY F 376 16.33 1.50 20.90
CA GLY F 376 15.15 0.65 20.96
C GLY F 376 15.00 -0.04 22.32
N VAL F 377 16.11 -0.56 22.83
CA VAL F 377 16.15 -1.18 24.15
C VAL F 377 15.83 -0.16 25.26
N GLU F 378 16.28 1.09 25.14
CA GLU F 378 15.94 2.15 26.13
C GLU F 378 14.47 2.56 26.10
N LEU F 379 13.91 2.70 24.90
CA LEU F 379 12.55 3.24 24.74
C LEU F 379 11.46 2.19 24.90
N GLY F 380 11.75 0.95 24.55
CA GLY F 380 10.90 -0.16 24.84
C GLY F 380 9.94 -0.51 23.73
N ARG F 381 9.06 -1.45 24.04
CA ARG F 381 8.20 -2.04 23.06
C ARG F 381 7.25 -0.99 22.45
N GLY F 382 7.14 -1.03 21.11
CA GLY F 382 6.23 -0.19 20.36
C GLY F 382 6.73 1.21 20.04
N ALA F 383 7.89 1.60 20.58
CA ALA F 383 8.46 2.90 20.26
C ALA F 383 8.80 2.96 18.78
N VAL F 384 8.53 4.10 18.16
CA VAL F 384 8.75 4.29 16.73
C VAL F 384 10.03 5.09 16.56
N ILE F 385 11.01 4.52 15.87
CA ILE F 385 12.31 5.15 15.67
C ILE F 385 12.62 5.21 14.19
N VAL F 386 12.79 6.43 13.67
CA VAL F 386 13.16 6.61 12.28
C VAL F 386 14.69 6.76 12.18
N VAL F 387 15.30 5.95 11.33
CA VAL F 387 16.75 5.89 11.16
C VAL F 387 17.09 6.30 9.73
N ASN F 388 17.96 7.30 9.59
CA ASN F 388 18.47 7.66 8.27
C ASN F 388 19.44 6.59 7.78
N LEU F 389 19.05 5.86 6.75
CA LEU F 389 19.93 4.87 6.16
C LEU F 389 20.62 5.58 5.02
N SER F 390 21.69 6.28 5.36
CA SER F 390 22.25 7.32 4.50
C SER F 390 22.82 6.82 3.17
N GLY F 391 23.34 5.60 3.13
CA GLY F 391 23.81 5.03 1.87
C GLY F 391 23.90 3.52 1.84
N ARG F 392 24.20 2.98 0.67
CA ARG F 392 24.35 1.54 0.47
C ARG F 392 25.82 1.09 0.55
N GLY F 393 26.01 -0.21 0.75
CA GLY F 393 27.32 -0.77 1.11
C GLY F 393 28.20 -1.38 0.04
N ASP F 394 27.96 -1.10 -1.24
CA ASP F 394 28.76 -1.71 -2.33
C ASP F 394 30.25 -1.39 -2.17
N LYS F 395 30.55 -0.12 -1.94
CA LYS F 395 31.91 0.34 -1.67
C LYS F 395 32.61 -0.36 -0.48
N ASP F 396 31.81 -0.82 0.50
CA ASP F 396 32.29 -1.44 1.73
C ASP F 396 32.26 -2.98 1.75
N VAL F 397 31.91 -3.60 0.62
CA VAL F 397 31.75 -5.05 0.54
C VAL F 397 33.04 -5.83 0.86
N GLU F 398 34.16 -5.42 0.27
CA GLU F 398 35.46 -6.04 0.53
C GLU F 398 35.91 -5.93 2.00
N THR F 399 35.74 -4.75 2.59
CA THR F 399 36.02 -4.52 4.03
C THR F 399 35.17 -5.42 4.93
N ALA F 400 33.87 -5.48 4.63
CA ALA F 400 32.93 -6.26 5.42
C ALA F 400 33.23 -7.75 5.31
N ALA F 401 33.45 -8.24 4.09
CA ALA F 401 33.76 -9.65 3.85
C ALA F 401 35.02 -10.10 4.58
N LYS F 402 36.00 -9.20 4.69
CA LYS F 402 37.27 -9.47 5.39
C LYS F 402 37.04 -9.56 6.89
N TRP F 403 36.30 -8.60 7.44
CA TRP F 403 35.91 -8.56 8.84
C TRP F 403 35.15 -9.81 9.31
N PHE F 404 34.26 -10.34 8.46
CA PHE F 404 33.44 -11.52 8.78
C PHE F 404 34.07 -12.85 8.32
N GLY F 405 35.25 -12.80 7.68
CA GLY F 405 35.98 -14.00 7.25
C GLY F 405 35.33 -14.72 6.08
N LEU F 406 34.87 -13.96 5.09
CA LEU F 406 34.14 -14.50 3.94
C LEU F 406 35.02 -14.40 2.69
N LEU F 407 36.10 -15.20 2.72
CA LEU F 407 37.03 -15.34 1.58
C LEU F 407 37.55 -16.78 1.59
N GLU G 8 -35.61 -60.26 31.27
CA GLU G 8 -36.23 -61.26 30.34
C GLU G 8 -37.23 -60.63 29.34
N ALA G 9 -37.94 -59.59 29.77
CA ALA G 9 -38.95 -58.92 28.95
C ALA G 9 -39.21 -57.51 29.46
N SER G 10 -39.80 -56.67 28.60
CA SER G 10 -40.07 -55.28 28.93
C SER G 10 -41.09 -55.11 30.05
N ARG G 11 -41.07 -53.94 30.69
CA ARG G 11 -42.00 -53.59 31.77
C ARG G 11 -43.45 -53.45 31.28
N LEU G 12 -43.64 -52.86 30.10
CA LEU G 12 -44.98 -52.68 29.53
C LEU G 12 -45.52 -53.88 28.74
N GLY G 13 -44.68 -54.90 28.51
CA GLY G 13 -45.07 -56.13 27.81
C GLY G 13 -46.33 -56.87 28.26
N PRO G 14 -46.50 -57.09 29.60
CA PRO G 14 -47.74 -57.66 30.15
C PRO G 14 -49.01 -56.83 29.92
N VAL G 15 -48.89 -55.51 29.83
CA VAL G 15 -50.04 -54.63 29.53
C VAL G 15 -50.52 -54.85 28.09
N PHE G 16 -49.57 -54.86 27.14
CA PHE G 16 -49.90 -55.12 25.74
C PHE G 16 -50.36 -56.56 25.47
N ASP G 17 -49.83 -57.53 26.21
CA ASP G 17 -50.31 -58.92 26.11
C ASP G 17 -51.73 -59.08 26.68
N SER G 18 -52.02 -58.41 27.80
CA SER G 18 -53.36 -58.38 28.38
C SER G 18 -54.39 -57.73 27.44
N CYS G 19 -53.97 -56.69 26.72
CA CYS G 19 -54.79 -56.07 25.66
C CYS G 19 -54.96 -57.01 24.48
N ARG G 20 -53.85 -57.57 24.01
CA ARG G 20 -53.83 -58.54 22.89
C ARG G 20 -54.59 -59.85 23.19
N ALA G 21 -54.74 -60.18 24.47
CA ALA G 21 -55.59 -61.32 24.92
C ALA G 21 -57.08 -60.96 24.97
N ASN G 22 -57.40 -59.71 25.31
CA ASN G 22 -58.79 -59.19 25.28
C ASN G 22 -59.18 -58.56 23.92
N ASN G 23 -58.44 -58.89 22.87
CA ASN G 23 -58.68 -58.40 21.51
C ASN G 23 -58.97 -56.90 21.42
N ARG G 24 -57.96 -56.12 21.80
CA ARG G 24 -58.05 -54.66 21.78
C ARG G 24 -56.69 -54.00 21.85
N ALA G 25 -56.69 -52.70 21.59
CA ALA G 25 -55.52 -51.85 21.72
C ALA G 25 -55.50 -51.20 23.10
N ALA G 26 -54.31 -50.83 23.56
CA ALA G 26 -54.14 -50.11 24.82
C ALA G 26 -54.41 -48.61 24.61
N LEU G 27 -55.11 -47.99 25.55
CA LEU G 27 -55.31 -46.53 25.54
C LEU G 27 -54.20 -45.86 26.35
N ILE G 28 -53.39 -45.04 25.68
CA ILE G 28 -52.24 -44.39 26.30
C ILE G 28 -52.55 -42.90 26.44
N GLY G 29 -52.64 -42.41 27.68
CA GLY G 29 -53.11 -41.05 27.96
C GLY G 29 -52.00 -40.11 28.42
N TYR G 30 -51.82 -39.01 27.71
CA TYR G 30 -50.86 -37.95 28.10
C TYR G 30 -51.54 -36.79 28.82
N LEU G 31 -50.97 -36.43 29.98
CA LEU G 31 -51.22 -35.14 30.61
C LEU G 31 -49.90 -34.53 31.06
N PRO G 32 -49.79 -33.18 31.02
CA PRO G 32 -48.61 -32.52 31.56
C PRO G 32 -48.75 -32.17 33.06
N THR G 33 -47.70 -32.46 33.82
CA THR G 33 -47.62 -32.17 35.26
C THR G 33 -47.72 -30.68 35.49
N GLY G 34 -48.50 -30.30 36.51
CA GLY G 34 -48.67 -28.91 36.91
C GLY G 34 -49.68 -28.06 36.14
N TYR G 35 -50.44 -28.66 35.22
CA TYR G 35 -51.56 -27.96 34.57
C TYR G 35 -52.90 -28.55 35.07
N PRO G 36 -53.85 -27.71 35.53
CA PRO G 36 -53.69 -26.24 35.70
C PRO G 36 -52.82 -25.83 36.90
N ASP G 37 -52.68 -26.72 37.88
CA ASP G 37 -51.68 -26.62 38.95
C ASP G 37 -51.27 -28.05 39.33
N VAL G 38 -50.33 -28.21 40.28
CA VAL G 38 -49.80 -29.54 40.58
C VAL G 38 -50.83 -30.51 41.21
N PRO G 39 -51.56 -30.07 42.27
CA PRO G 39 -52.63 -30.93 42.85
C PRO G 39 -53.76 -31.33 41.87
N ALA G 40 -54.21 -30.40 41.03
CA ALA G 40 -55.26 -30.68 40.05
C ALA G 40 -54.80 -31.66 38.96
N SER G 41 -53.56 -31.50 38.50
CA SER G 41 -52.96 -32.38 37.48
C SER G 41 -52.83 -33.83 37.96
N VAL G 42 -52.47 -34.01 39.23
CA VAL G 42 -52.36 -35.34 39.84
C VAL G 42 -53.76 -35.94 40.00
N ALA G 43 -54.73 -35.14 40.42
CA ALA G 43 -56.13 -35.59 40.51
C ALA G 43 -56.70 -35.95 39.13
N ALA G 44 -56.25 -35.25 38.08
CA ALA G 44 -56.62 -35.59 36.71
C ALA G 44 -55.98 -36.91 36.24
N MET G 45 -54.71 -37.09 36.56
CA MET G 45 -54.00 -38.33 36.23
C MET G 45 -54.56 -39.57 36.94
N THR G 46 -55.04 -39.39 38.16
CA THR G 46 -55.74 -40.44 38.89
C THR G 46 -57.08 -40.75 38.21
N ALA G 47 -57.81 -39.69 37.82
CA ALA G 47 -59.06 -39.83 37.07
C ALA G 47 -58.92 -40.66 35.78
N LEU G 48 -57.80 -40.49 35.08
CA LEU G 48 -57.47 -41.29 33.89
C LEU G 48 -57.35 -42.78 34.19
N VAL G 49 -56.70 -43.12 35.31
CA VAL G 49 -56.60 -44.51 35.76
C VAL G 49 -58.00 -45.09 35.98
N GLU G 50 -58.84 -44.34 36.69
CA GLU G 50 -60.23 -44.75 36.98
C GLU G 50 -61.08 -44.84 35.71
N SER G 51 -60.88 -43.90 34.79
CA SER G 51 -61.64 -43.86 33.53
C SER G 51 -61.17 -44.85 32.44
N GLY G 52 -60.09 -45.58 32.70
CA GLY G 52 -59.71 -46.75 31.90
C GLY G 52 -58.54 -46.58 30.95
N CYS G 53 -57.53 -45.78 31.35
CA CYS G 53 -56.30 -45.63 30.58
C CYS G 53 -55.33 -46.72 31.01
N ASP G 54 -54.84 -47.49 30.05
CA ASP G 54 -53.93 -48.60 30.36
C ASP G 54 -52.54 -48.13 30.73
N ILE G 55 -52.05 -47.11 30.01
CA ILE G 55 -50.75 -46.47 30.31
C ILE G 55 -50.95 -44.95 30.37
N ILE G 56 -50.25 -44.29 31.30
CA ILE G 56 -50.27 -42.83 31.44
C ILE G 56 -48.90 -42.24 31.08
N GLU G 57 -48.87 -41.32 30.11
CA GLU G 57 -47.67 -40.53 29.81
C GLU G 57 -47.68 -39.27 30.67
N VAL G 58 -46.78 -39.22 31.66
CA VAL G 58 -46.60 -38.04 32.48
C VAL G 58 -45.60 -37.07 31.81
N GLY G 59 -46.12 -35.96 31.30
CA GLY G 59 -45.32 -34.94 30.64
C GLY G 59 -44.54 -34.09 31.62
N VAL G 60 -43.26 -33.87 31.33
CA VAL G 60 -42.41 -32.95 32.07
C VAL G 60 -42.40 -31.63 31.30
N PRO G 61 -43.01 -30.57 31.86
CA PRO G 61 -42.99 -29.29 31.13
C PRO G 61 -41.56 -28.78 30.86
N TYR G 62 -41.32 -28.37 29.61
CA TYR G 62 -40.05 -27.85 29.15
C TYR G 62 -40.24 -26.45 28.55
N SER G 63 -39.27 -25.58 28.79
CA SER G 63 -39.36 -24.19 28.36
C SER G 63 -39.37 -23.99 26.83
N ASP G 64 -38.73 -24.89 26.08
CA ASP G 64 -38.66 -24.78 24.60
C ASP G 64 -39.06 -26.09 23.89
N PRO G 65 -40.35 -26.48 24.01
CA PRO G 65 -40.81 -27.79 23.59
C PRO G 65 -41.04 -27.89 22.09
N GLY G 66 -39.98 -28.24 21.36
CA GLY G 66 -39.95 -28.17 19.92
C GLY G 66 -41.01 -28.96 19.19
N MET G 67 -41.32 -30.15 19.72
CA MET G 67 -42.28 -31.06 19.09
C MET G 67 -43.72 -30.98 19.61
N ASP G 68 -43.96 -30.25 20.71
CA ASP G 68 -45.32 -30.11 21.26
C ASP G 68 -46.17 -29.17 20.41
N GLY G 69 -47.40 -29.59 20.12
CA GLY G 69 -48.38 -28.72 19.44
C GLY G 69 -48.92 -27.61 20.35
N PRO G 70 -49.81 -26.76 19.82
CA PRO G 70 -50.24 -25.53 20.52
C PRO G 70 -51.00 -25.77 21.84
N THR G 71 -51.87 -26.77 21.88
CA THR G 71 -52.62 -27.13 23.09
C THR G 71 -51.70 -27.57 24.25
N ILE G 72 -50.78 -28.47 23.94
CA ILE G 72 -49.81 -28.93 24.94
C ILE G 72 -48.78 -27.84 25.28
N ALA G 73 -48.31 -27.11 24.27
CA ALA G 73 -47.33 -26.03 24.49
C ALA G 73 -47.84 -24.97 25.45
N ARG G 74 -49.09 -24.54 25.25
CA ARG G 74 -49.69 -23.51 26.11
C ARG G 74 -49.97 -24.02 27.52
N ALA G 75 -50.33 -25.30 27.63
CA ALA G 75 -50.53 -25.92 28.95
C ALA G 75 -49.20 -26.04 29.72
N THR G 76 -48.14 -26.47 29.05
CA THR G 76 -46.82 -26.59 29.70
C THR G 76 -46.25 -25.20 30.05
N GLU G 77 -46.46 -24.21 29.16
CA GLU G 77 -46.14 -22.79 29.47
C GLU G 77 -46.82 -22.34 30.76
N ALA G 78 -48.11 -22.65 30.89
CA ALA G 78 -48.90 -22.29 32.08
C ALA G 78 -48.42 -23.02 33.35
N ALA G 79 -48.09 -24.31 33.22
CA ALA G 79 -47.52 -25.07 34.33
C ALA G 79 -46.21 -24.47 34.82
N LEU G 80 -45.35 -24.03 33.89
CA LEU G 80 -44.09 -23.38 34.24
C LEU G 80 -44.29 -22.03 34.94
N ARG G 81 -45.13 -21.15 34.40
CA ARG G 81 -45.58 -19.93 35.12
C ARG G 81 -46.02 -20.21 36.56
N GLY G 82 -46.76 -21.30 36.75
CA GLY G 82 -47.18 -21.72 38.06
C GLY G 82 -46.12 -22.33 38.96
N GLY G 83 -44.88 -22.49 38.47
CA GLY G 83 -43.76 -22.94 39.30
C GLY G 83 -43.47 -24.43 39.31
N VAL G 84 -44.00 -25.17 38.33
CA VAL G 84 -43.82 -26.63 38.27
C VAL G 84 -42.35 -26.98 38.23
N ARG G 85 -42.02 -28.08 38.89
CA ARG G 85 -40.65 -28.56 39.02
C ARG G 85 -40.61 -30.01 38.59
N VAL G 86 -39.42 -30.45 38.17
CA VAL G 86 -39.20 -31.82 37.73
C VAL G 86 -39.60 -32.85 38.79
N ARG G 87 -39.37 -32.55 40.07
CA ARG G 87 -39.78 -33.46 41.15
C ARG G 87 -41.30 -33.68 41.27
N ASP G 88 -42.09 -32.68 40.87
CA ASP G 88 -43.55 -32.81 40.79
C ASP G 88 -43.96 -33.96 39.85
N THR G 89 -43.19 -34.19 38.78
CA THR G 89 -43.44 -35.32 37.87
C THR G 89 -43.25 -36.67 38.58
N LEU G 90 -42.19 -36.81 39.35
CA LEU G 90 -41.93 -38.05 40.09
C LEU G 90 -42.96 -38.28 41.18
N ALA G 91 -43.46 -37.20 41.80
CA ALA G 91 -44.61 -37.29 42.70
C ALA G 91 -45.89 -37.75 41.96
N ALA G 92 -46.07 -37.29 40.74
CA ALA G 92 -47.20 -37.70 39.89
C ALA G 92 -47.14 -39.19 39.54
N VAL G 93 -45.95 -39.68 39.22
CA VAL G 93 -45.74 -41.09 38.90
C VAL G 93 -46.08 -41.97 40.09
N GLU G 94 -45.68 -41.55 41.29
CA GLU G 94 -45.96 -42.28 42.54
C GLU G 94 -47.46 -42.34 42.86
N ALA G 95 -48.16 -41.22 42.69
CA ALA G 95 -49.62 -41.18 42.93
C ALA G 95 -50.39 -42.05 41.93
N ILE G 96 -49.94 -42.05 40.67
CA ILE G 96 -50.50 -42.96 39.67
C ILE G 96 -50.28 -44.42 40.07
N SER G 97 -49.05 -44.77 40.44
CA SER G 97 -48.69 -46.17 40.76
C SER G 97 -49.39 -46.73 41.98
N ILE G 98 -49.63 -45.88 42.98
CA ILE G 98 -50.41 -46.26 44.19
C ILE G 98 -51.89 -46.47 43.85
N ALA G 99 -52.42 -45.62 42.96
CA ALA G 99 -53.79 -45.77 42.46
C ALA G 99 -54.04 -47.01 41.57
N GLY G 100 -52.97 -47.70 41.14
CA GLY G 100 -53.08 -48.91 40.32
C GLY G 100 -52.88 -48.70 38.83
N GLY G 101 -52.36 -47.52 38.46
CA GLY G 101 -52.08 -47.20 37.06
C GLY G 101 -50.64 -47.50 36.71
N ARG G 102 -50.35 -47.48 35.41
CA ARG G 102 -49.02 -47.75 34.90
C ARG G 102 -48.51 -46.50 34.19
N ALA G 103 -47.39 -45.97 34.65
CA ALA G 103 -46.92 -44.65 34.21
C ALA G 103 -45.56 -44.71 33.49
N VAL G 104 -45.47 -43.99 32.36
CA VAL G 104 -44.18 -43.62 31.77
C VAL G 104 -44.06 -42.10 31.81
N VAL G 105 -42.82 -41.61 31.73
CA VAL G 105 -42.53 -40.18 31.68
C VAL G 105 -42.15 -39.78 30.26
N MET G 106 -42.74 -38.70 29.75
CA MET G 106 -42.33 -38.11 28.47
C MET G 106 -41.66 -36.78 28.77
N THR G 107 -40.42 -36.64 28.31
CA THR G 107 -39.61 -35.47 28.60
C THR G 107 -38.64 -35.21 27.47
N TYR G 108 -38.36 -33.92 27.25
CA TYR G 108 -37.21 -33.51 26.47
C TYR G 108 -35.95 -33.86 27.26
N TRP G 109 -34.82 -33.94 26.60
CA TRP G 109 -33.65 -34.52 27.19
C TRP G 109 -32.89 -33.62 28.18
N ASN G 110 -32.87 -32.29 27.99
CA ASN G 110 -32.06 -31.47 28.89
C ASN G 110 -32.45 -31.56 30.37
N PRO G 111 -33.75 -31.57 30.69
CA PRO G 111 -34.14 -31.80 32.11
C PRO G 111 -33.55 -33.08 32.72
N VAL G 112 -33.39 -34.14 31.92
CA VAL G 112 -32.79 -35.38 32.38
C VAL G 112 -31.29 -35.23 32.61
N LEU G 113 -30.57 -34.64 31.65
CA LEU G 113 -29.12 -34.31 31.81
C LEU G 113 -28.82 -33.51 33.09
N ARG G 114 -29.65 -32.50 33.33
CA ARG G 114 -29.48 -31.60 34.46
C ARG G 114 -29.63 -32.31 35.80
N TYR G 115 -30.67 -33.14 35.88
CA TYR G 115 -30.96 -33.98 37.04
C TYR G 115 -29.84 -34.99 37.26
N GLY G 116 -29.32 -35.53 36.16
CA GLY G 116 -28.41 -36.69 36.15
C GLY G 116 -29.15 -37.88 35.56
N VAL G 117 -28.63 -38.44 34.48
CA VAL G 117 -29.33 -39.50 33.74
C VAL G 117 -29.55 -40.75 34.59
N ASP G 118 -28.50 -41.21 35.26
CA ASP G 118 -28.60 -42.33 36.20
C ASP G 118 -29.53 -42.02 37.38
N ALA G 119 -29.37 -40.84 37.97
CA ALA G 119 -30.18 -40.45 39.14
C ALA G 119 -31.65 -40.34 38.79
N PHE G 120 -31.94 -39.81 37.62
CA PHE G 120 -33.33 -39.71 37.15
C PHE G 120 -33.94 -41.10 36.91
N ALA G 121 -33.16 -42.00 36.34
CA ALA G 121 -33.60 -43.39 36.11
C ALA G 121 -33.90 -44.06 37.45
N ARG G 122 -32.95 -43.94 38.36
CA ARG G 122 -33.05 -44.48 39.73
C ARG G 122 -34.34 -43.99 40.42
N ASP G 123 -34.54 -42.69 40.43
CA ASP G 123 -35.69 -42.09 41.12
C ASP G 123 -37.01 -42.31 40.38
N LEU G 124 -36.97 -42.39 39.05
CA LEU G 124 -38.17 -42.75 38.26
C LEU G 124 -38.62 -44.16 38.61
N ALA G 125 -37.65 -45.09 38.63
CA ALA G 125 -37.90 -46.47 39.01
C ALA G 125 -38.42 -46.61 40.44
N ALA G 126 -37.87 -45.83 41.39
CA ALA G 126 -38.33 -45.89 42.79
C ALA G 126 -39.76 -45.34 43.00
N ALA G 127 -40.15 -44.36 42.18
CA ALA G 127 -41.53 -43.89 42.14
C ALA G 127 -42.52 -44.90 41.53
N GLY G 128 -42.03 -45.99 40.94
CA GLY G 128 -42.87 -46.98 40.25
C GLY G 128 -43.00 -46.72 38.76
N GLY G 129 -42.22 -45.78 38.22
CA GLY G 129 -42.23 -45.51 36.77
C GLY G 129 -41.72 -46.68 35.95
N LEU G 130 -42.32 -46.87 34.77
CA LEU G 130 -42.03 -48.03 33.91
C LEU G 130 -41.15 -47.72 32.72
N GLY G 131 -40.92 -46.45 32.42
CA GLY G 131 -40.14 -46.09 31.24
C GLY G 131 -40.15 -44.62 30.87
N LEU G 132 -39.50 -44.33 29.75
CA LEU G 132 -39.22 -42.96 29.32
C LEU G 132 -39.48 -42.83 27.83
N ILE G 133 -40.23 -41.79 27.47
CA ILE G 133 -40.45 -41.41 26.07
C ILE G 133 -39.56 -40.20 25.81
N THR G 134 -38.76 -40.25 24.74
CA THR G 134 -37.68 -39.29 24.51
C THR G 134 -37.78 -38.65 23.10
N PRO G 135 -38.60 -37.59 22.95
CA PRO G 135 -38.82 -37.03 21.63
C PRO G 135 -37.61 -36.36 20.96
N ASP G 136 -36.66 -35.81 21.73
CA ASP G 136 -35.44 -35.24 21.15
C ASP G 136 -34.17 -36.05 21.46
N LEU G 137 -34.32 -37.34 21.78
CA LEU G 137 -33.17 -38.23 21.98
C LEU G 137 -33.27 -39.39 20.99
N ILE G 138 -32.42 -39.36 19.98
CA ILE G 138 -32.27 -40.47 19.04
C ILE G 138 -31.28 -41.47 19.66
N PRO G 139 -31.35 -42.75 19.25
CA PRO G 139 -30.40 -43.77 19.77
C PRO G 139 -28.93 -43.38 19.64
N ASP G 140 -28.58 -42.66 18.56
CA ASP G 140 -27.22 -42.14 18.31
C ASP G 140 -26.57 -41.42 19.52
N GLU G 141 -27.40 -40.76 20.33
CA GLU G 141 -26.93 -40.03 21.50
C GLU G 141 -27.30 -40.70 22.82
N ALA G 142 -27.84 -41.92 22.78
CA ALA G 142 -28.51 -42.51 23.94
C ALA G 142 -27.64 -43.50 24.75
N GLN G 143 -26.32 -43.36 24.70
CA GLN G 143 -25.41 -44.33 25.37
C GLN G 143 -25.63 -44.36 26.89
N GLN G 144 -25.63 -43.19 27.52
CA GLN G 144 -25.91 -43.06 28.95
C GLN G 144 -27.29 -43.58 29.33
N TRP G 145 -28.29 -43.25 28.50
CA TRP G 145 -29.65 -43.71 28.71
C TRP G 145 -29.81 -45.23 28.55
N LEU G 146 -29.18 -45.80 27.52
CA LEU G 146 -29.19 -47.26 27.33
C LEU G 146 -28.69 -47.95 28.60
N ALA G 147 -27.56 -47.52 29.15
CA ALA G 147 -26.98 -48.10 30.37
C ALA G 147 -27.88 -47.91 31.59
N ALA G 148 -28.40 -46.71 31.77
CA ALA G 148 -29.34 -46.38 32.85
C ALA G 148 -30.66 -47.18 32.77
N SER G 149 -31.16 -47.32 31.55
CA SER G 149 -32.35 -48.11 31.25
C SER G 149 -32.18 -49.60 31.61
N GLU G 150 -31.05 -50.19 31.21
CA GLU G 150 -30.76 -51.59 31.51
C GLU G 150 -30.65 -51.82 33.01
N GLU G 151 -29.94 -50.93 33.71
CA GLU G 151 -29.72 -51.10 35.15
C GLU G 151 -30.96 -50.91 36.03
N HIS G 152 -31.77 -49.91 35.74
CA HIS G 152 -32.96 -49.61 36.54
C HIS G 152 -34.26 -50.18 35.95
N ARG G 153 -34.12 -51.05 34.95
CA ARG G 153 -35.23 -51.83 34.37
C ARG G 153 -36.38 -50.94 33.90
N LEU G 154 -36.06 -49.99 33.02
CA LEU G 154 -37.03 -49.06 32.45
C LEU G 154 -37.12 -49.26 30.94
N ASP G 155 -38.36 -49.21 30.43
CA ASP G 155 -38.57 -49.24 29.00
C ASP G 155 -38.07 -47.94 28.39
N ARG G 156 -37.63 -48.02 27.14
CA ARG G 156 -37.12 -46.88 26.41
C ARG G 156 -37.91 -46.80 25.11
N ILE G 157 -38.83 -45.83 25.07
CA ILE G 157 -39.71 -45.61 23.96
C ILE G 157 -39.12 -44.50 23.11
N PHE G 158 -38.57 -44.86 21.95
CA PHE G 158 -38.09 -43.88 20.98
C PHE G 158 -39.21 -43.63 19.96
N LEU G 159 -39.09 -42.53 19.23
CA LEU G 159 -40.03 -42.18 18.17
C LEU G 159 -39.50 -42.53 16.78
N VAL G 160 -40.37 -43.07 15.92
CA VAL G 160 -40.11 -43.14 14.48
C VAL G 160 -41.09 -42.21 13.74
N ALA G 161 -40.75 -41.90 12.49
CA ALA G 161 -41.50 -40.94 11.70
C ALA G 161 -41.75 -41.47 10.29
N PRO G 162 -42.74 -40.89 9.56
CA PRO G 162 -42.92 -41.24 8.14
C PRO G 162 -41.65 -41.05 7.31
N SER G 163 -40.91 -39.99 7.61
CA SER G 163 -39.67 -39.67 6.91
C SER G 163 -38.51 -40.62 7.20
N SER G 164 -38.59 -41.39 8.29
CA SER G 164 -37.50 -42.28 8.71
C SER G 164 -37.01 -43.16 7.58
N THR G 165 -35.70 -43.17 7.33
CA THR G 165 -35.10 -44.05 6.33
C THR G 165 -35.22 -45.51 6.82
N PRO G 166 -35.12 -46.49 5.90
CA PRO G 166 -35.18 -47.89 6.34
C PRO G 166 -34.12 -48.26 7.39
N GLU G 167 -32.90 -47.78 7.20
CA GLU G 167 -31.77 -48.07 8.09
C GLU G 167 -32.02 -47.54 9.51
N ARG G 168 -32.45 -46.28 9.58
CA ARG G 168 -32.72 -45.61 10.85
C ARG G 168 -33.97 -46.13 11.55
N LEU G 169 -34.97 -46.52 10.78
CA LEU G 169 -36.14 -47.20 11.34
C LEU G 169 -35.75 -48.51 12.04
N ALA G 170 -34.94 -49.32 11.36
CA ALA G 170 -34.44 -50.57 11.94
C ALA G 170 -33.66 -50.30 13.24
N ALA G 171 -32.69 -49.38 13.18
CA ALA G 171 -31.88 -49.00 14.34
C ALA G 171 -32.69 -48.48 15.54
N THR G 172 -33.75 -47.70 15.26
CA THR G 172 -34.60 -47.13 16.31
C THR G 172 -35.48 -48.20 16.98
N VAL G 173 -36.01 -49.10 16.16
CA VAL G 173 -36.86 -50.19 16.64
C VAL G 173 -36.04 -51.17 17.51
N GLU G 174 -34.86 -51.56 17.03
CA GLU G 174 -33.89 -52.38 17.77
C GLU G 174 -33.49 -51.76 19.14
N ALA G 175 -33.34 -50.43 19.19
CA ALA G 175 -32.97 -49.74 20.44
C ALA G 175 -34.13 -49.55 21.44
N SER G 176 -35.37 -49.75 20.98
CA SER G 176 -36.55 -49.57 21.82
C SER G 176 -36.91 -50.82 22.63
N ARG G 177 -37.35 -50.62 23.88
CA ARG G 177 -38.00 -51.67 24.69
C ARG G 177 -39.35 -51.14 25.14
N GLY G 178 -40.35 -52.01 25.18
CA GLY G 178 -41.70 -51.63 25.60
C GLY G 178 -42.60 -51.40 24.41
N PHE G 179 -42.55 -50.19 23.85
CA PHE G 179 -43.17 -49.89 22.55
C PHE G 179 -42.42 -48.80 21.78
N VAL G 180 -42.79 -48.64 20.51
CA VAL G 180 -42.27 -47.60 19.65
C VAL G 180 -43.40 -46.59 19.42
N TYR G 181 -43.11 -45.31 19.66
CA TYR G 181 -44.06 -44.22 19.45
C TYR G 181 -43.96 -43.84 17.97
N ALA G 182 -44.93 -44.28 17.17
CA ALA G 182 -45.02 -43.87 15.77
C ALA G 182 -45.78 -42.54 15.69
N ALA G 183 -45.04 -41.45 15.53
CA ALA G 183 -45.59 -40.10 15.53
C ALA G 183 -45.88 -39.59 14.12
N SER G 184 -47.05 -38.96 13.94
CA SER G 184 -47.31 -38.05 12.79
C SER G 184 -48.47 -37.10 13.11
N SER G 196 -52.37 -39.21 5.57
CA SER G 196 -53.53 -39.81 4.91
C SER G 196 -53.57 -41.33 5.16
N GLN G 197 -52.61 -42.05 4.55
CA GLN G 197 -52.33 -43.47 4.81
C GLN G 197 -50.94 -43.61 5.47
N ALA G 198 -50.45 -42.55 6.11
CA ALA G 198 -49.08 -42.49 6.63
C ALA G 198 -48.89 -43.31 7.90
N ALA G 199 -49.84 -43.16 8.84
CA ALA G 199 -49.84 -43.93 10.09
C ALA G 199 -49.84 -45.46 9.91
N PRO G 200 -50.82 -46.03 9.15
CA PRO G 200 -50.76 -47.50 8.93
C PRO G 200 -49.53 -47.98 8.15
N GLU G 201 -49.02 -47.16 7.24
CA GLU G 201 -47.84 -47.49 6.46
C GLU G 201 -46.58 -47.51 7.33
N LEU G 202 -46.48 -46.56 8.25
CA LEU G 202 -45.37 -46.52 9.21
C LEU G 202 -45.45 -47.67 10.21
N VAL G 203 -46.65 -47.96 10.71
CA VAL G 203 -46.85 -49.13 11.58
C VAL G 203 -46.49 -50.42 10.85
N GLY G 204 -46.90 -50.52 9.58
CA GLY G 204 -46.52 -51.66 8.72
C GLY G 204 -45.04 -51.90 8.60
N ARG G 205 -44.27 -50.83 8.40
CA ARG G 205 -42.80 -50.92 8.27
C ARG G 205 -42.09 -51.35 9.56
N VAL G 206 -42.65 -51.00 10.72
CA VAL G 206 -42.15 -51.48 12.01
C VAL G 206 -42.45 -52.99 12.20
N LYS G 207 -43.68 -53.41 11.86
CA LYS G 207 -44.08 -54.82 11.93
C LYS G 207 -43.23 -55.75 11.03
N ALA G 208 -42.71 -55.21 9.93
CA ALA G 208 -41.88 -55.98 9.00
C ALA G 208 -40.49 -56.35 9.53
N VAL G 209 -40.00 -55.65 10.56
CA VAL G 209 -38.68 -55.94 11.16
C VAL G 209 -38.72 -56.28 12.66
N SER G 210 -39.89 -56.28 13.30
CA SER G 210 -39.96 -56.47 14.76
C SER G 210 -41.38 -56.77 15.25
N ASP G 211 -41.46 -57.52 16.36
CA ASP G 211 -42.74 -57.86 17.03
C ASP G 211 -43.04 -56.95 18.23
N ILE G 212 -42.24 -55.90 18.42
CA ILE G 212 -42.46 -54.92 19.47
C ILE G 212 -43.77 -54.15 19.25
N PRO G 213 -44.56 -53.90 20.31
CA PRO G 213 -45.76 -53.07 20.18
C PRO G 213 -45.49 -51.68 19.61
N VAL G 214 -46.48 -51.16 18.87
CA VAL G 214 -46.39 -49.84 18.24
C VAL G 214 -47.56 -49.00 18.73
N GLY G 215 -47.26 -47.82 19.27
CA GLY G 215 -48.27 -46.83 19.64
C GLY G 215 -48.39 -45.80 18.54
N VAL G 216 -49.59 -45.29 18.30
CA VAL G 216 -49.83 -44.31 17.24
C VAL G 216 -50.51 -43.06 17.82
N GLY G 217 -49.85 -41.91 17.62
CA GLY G 217 -50.36 -40.59 18.02
C GLY G 217 -50.66 -39.77 16.78
N LEU G 218 -51.93 -39.42 16.61
CA LEU G 218 -52.44 -38.85 15.36
C LEU G 218 -53.39 -37.67 15.59
N GLY G 219 -53.27 -36.97 16.73
CA GLY G 219 -54.25 -35.93 17.10
C GLY G 219 -55.65 -36.48 17.29
N VAL G 220 -55.77 -37.57 18.02
CA VAL G 220 -57.04 -38.28 18.21
C VAL G 220 -57.97 -37.44 19.10
N ARG G 221 -59.18 -37.19 18.60
CA ARG G 221 -60.20 -36.41 19.33
C ARG G 221 -61.39 -37.25 19.82
N SER G 222 -61.69 -38.36 19.15
CA SER G 222 -62.99 -39.01 19.24
C SER G 222 -62.90 -40.53 19.33
N ARG G 223 -64.06 -41.11 19.64
CA ARG G 223 -64.23 -42.56 19.72
C ARG G 223 -63.95 -43.26 18.39
N ALA G 224 -64.54 -42.75 17.31
CA ALA G 224 -64.33 -43.30 15.97
C ALA G 224 -62.86 -43.29 15.54
N GLN G 225 -62.15 -42.19 15.83
CA GLN G 225 -60.72 -42.07 15.48
C GLN G 225 -59.83 -43.08 16.22
N ALA G 226 -60.12 -43.30 17.50
CA ALA G 226 -59.41 -44.31 18.31
C ALA G 226 -59.66 -45.73 17.82
N ALA G 227 -60.88 -45.97 17.32
CA ALA G 227 -61.25 -47.28 16.77
C ALA G 227 -60.50 -47.61 15.49
N GLN G 228 -60.42 -46.64 14.58
CA GLN G 228 -59.66 -46.77 13.32
C GLN G 228 -58.21 -47.14 13.58
N ILE G 229 -57.60 -46.48 14.56
CA ILE G 229 -56.20 -46.70 14.92
C ILE G 229 -56.02 -48.07 15.57
N ALA G 230 -56.99 -48.50 16.37
CA ALA G 230 -56.92 -49.80 17.06
C ALA G 230 -56.91 -51.01 16.13
N GLN G 231 -57.38 -50.84 14.89
CA GLN G 231 -57.40 -51.89 13.86
C GLN G 231 -56.00 -52.35 13.42
N TYR G 232 -54.99 -51.47 13.53
CA TYR G 232 -53.60 -51.79 13.15
C TYR G 232 -52.53 -51.54 14.25
N ALA G 233 -52.75 -50.56 15.12
CA ALA G 233 -51.80 -50.24 16.19
C ALA G 233 -52.09 -51.02 17.47
N ASP G 234 -51.05 -51.39 18.20
CA ASP G 234 -51.20 -52.03 19.51
C ASP G 234 -51.60 -51.00 20.58
N GLY G 235 -51.26 -49.74 20.37
CA GLY G 235 -51.64 -48.65 21.27
C GLY G 235 -52.15 -47.42 20.56
N VAL G 236 -53.12 -46.75 21.18
CA VAL G 236 -53.61 -45.46 20.74
C VAL G 236 -53.16 -44.42 21.75
N ILE G 237 -52.41 -43.41 21.29
CA ILE G 237 -51.89 -42.35 22.15
C ILE G 237 -52.75 -41.10 21.98
N VAL G 238 -53.24 -40.58 23.10
CA VAL G 238 -54.05 -39.36 23.12
C VAL G 238 -53.44 -38.38 24.12
N GLY G 239 -53.42 -37.10 23.75
CA GLY G 239 -52.81 -36.05 24.56
C GLY G 239 -53.50 -34.71 24.40
N SER G 240 -53.32 -34.08 23.24
CA SER G 240 -54.01 -32.82 22.91
C SER G 240 -55.47 -32.79 23.36
N ALA G 241 -56.21 -33.83 22.98
CA ALA G 241 -57.63 -33.91 23.30
C ALA G 241 -57.90 -34.01 24.81
N LEU G 242 -57.04 -34.73 25.52
CA LEU G 242 -57.16 -34.85 26.98
C LEU G 242 -56.91 -33.52 27.69
N VAL G 243 -55.93 -32.75 27.21
CA VAL G 243 -55.66 -31.44 27.79
C VAL G 243 -56.84 -30.49 27.52
N THR G 244 -57.31 -30.44 26.28
CA THR G 244 -58.52 -29.67 25.92
C THR G 244 -59.70 -30.02 26.85
N ALA G 245 -59.87 -31.31 27.14
CA ALA G 245 -60.96 -31.78 28.00
C ALA G 245 -60.81 -31.28 29.45
N LEU G 246 -59.61 -31.42 30.00
CA LEU G 246 -59.29 -30.94 31.35
C LEU G 246 -59.48 -29.43 31.53
N THR G 247 -59.17 -28.65 30.50
CA THR G 247 -59.36 -27.20 30.52
C THR G 247 -60.83 -26.80 30.73
N GLU G 248 -61.76 -27.52 30.08
CA GLU G 248 -63.19 -27.29 30.31
C GLU G 248 -63.61 -27.78 31.70
N GLY G 249 -63.18 -28.98 32.08
CA GLY G 249 -63.42 -29.47 33.43
C GLY G 249 -62.94 -30.90 33.65
N LEU G 250 -62.76 -31.27 34.90
CA LEU G 250 -62.40 -32.64 35.29
C LEU G 250 -63.47 -33.69 34.92
N PRO G 251 -64.79 -33.33 35.02
CA PRO G 251 -65.82 -34.27 34.55
C PRO G 251 -65.78 -34.50 33.03
N ARG G 252 -65.51 -33.43 32.27
CA ARG G 252 -65.35 -33.54 30.83
C ARG G 252 -64.19 -34.46 30.42
N LEU G 253 -63.14 -34.55 31.25
CA LEU G 253 -62.03 -35.48 31.01
C LEU G 253 -62.44 -36.93 31.22
N ARG G 254 -63.19 -37.20 32.29
CA ARG G 254 -63.70 -38.55 32.57
C ARG G 254 -64.58 -39.06 31.43
N ALA G 255 -65.51 -38.22 30.99
CA ALA G 255 -66.42 -38.55 29.90
C ALA G 255 -65.68 -38.89 28.61
N LEU G 256 -64.71 -38.05 28.24
CA LEU G 256 -63.92 -38.27 27.02
C LEU G 256 -63.06 -39.53 27.13
N THR G 257 -62.40 -39.71 28.28
CA THR G 257 -61.53 -40.87 28.47
C THR G 257 -62.32 -42.18 28.40
N GLY G 258 -63.53 -42.18 28.96
CA GLY G 258 -64.46 -43.31 28.83
C GLY G 258 -64.92 -43.59 27.41
N GLU G 259 -65.14 -42.52 26.62
CA GLU G 259 -65.44 -42.65 25.20
C GLU G 259 -64.29 -43.28 24.41
N LEU G 260 -63.07 -42.85 24.70
CA LEU G 260 -61.87 -43.41 24.06
C LEU G 260 -61.56 -44.84 24.51
N ALA G 261 -61.92 -45.17 25.76
CA ALA G 261 -61.79 -46.55 26.27
C ALA G 261 -62.65 -47.52 25.47
N ALA G 262 -63.87 -47.10 25.13
CA ALA G 262 -64.77 -47.88 24.28
C ALA G 262 -64.25 -47.99 22.83
N GLY G 263 -63.66 -46.90 22.33
CA GLY G 263 -63.06 -46.88 21.00
C GLY G 263 -62.04 -47.97 20.73
N VAL G 264 -61.09 -48.15 21.65
CA VAL G 264 -60.02 -49.13 21.44
C VAL G 264 -60.46 -50.60 21.53
N ARG G 265 -61.63 -50.85 22.11
CA ARG G 265 -62.22 -52.22 22.17
C ARG G 265 -62.97 -52.64 20.88
N LEU G 266 -63.23 -51.70 19.98
CA LEU G 266 -63.85 -52.01 18.67
C LEU G 266 -62.85 -52.61 17.67
N THR H 9 -9.65 -32.87 9.60
CA THR H 9 -8.52 -32.11 10.24
C THR H 9 -8.45 -32.39 11.75
N SER H 10 -7.36 -31.92 12.36
CA SER H 10 -7.13 -31.96 13.81
C SER H 10 -8.33 -31.41 14.63
N HIS H 11 -9.03 -30.40 14.08
CA HIS H 11 -10.11 -29.69 14.78
C HIS H 11 -11.54 -30.15 14.45
N ASP H 12 -11.71 -31.00 13.44
CA ASP H 12 -13.04 -31.47 13.06
C ASP H 12 -13.62 -32.49 14.06
N PRO H 13 -14.98 -32.58 14.12
CA PRO H 13 -15.61 -33.57 14.99
C PRO H 13 -15.65 -34.94 14.34
N ASP H 14 -16.06 -35.95 15.10
CA ASP H 14 -16.30 -37.28 14.53
C ASP H 14 -17.53 -37.24 13.61
N SER H 15 -17.85 -38.38 12.98
CA SER H 15 -19.00 -38.46 12.04
C SER H 15 -20.38 -38.18 12.67
N GLY H 16 -20.50 -38.39 13.98
CA GLY H 16 -21.68 -37.99 14.75
C GLY H 16 -21.78 -36.52 15.11
N GLY H 17 -20.70 -35.77 14.95
CA GLY H 17 -20.65 -34.33 15.23
C GLY H 17 -20.12 -33.98 16.61
N HIS H 18 -19.38 -34.90 17.22
CA HIS H 18 -18.84 -34.68 18.56
C HIS H 18 -17.43 -34.12 18.52
N PHE H 19 -17.20 -33.04 19.27
CA PHE H 19 -15.88 -32.46 19.49
C PHE H 19 -15.33 -32.96 20.83
N GLY H 20 -14.04 -33.29 20.83
CA GLY H 20 -13.31 -33.57 22.08
C GLY H 20 -13.53 -34.96 22.65
N GLY H 21 -14.07 -35.87 21.85
CA GLY H 21 -14.28 -37.25 22.30
C GLY H 21 -15.37 -37.38 23.37
N PRO H 22 -14.98 -37.71 24.64
CA PRO H 22 -16.00 -38.09 25.65
C PRO H 22 -16.64 -36.95 26.46
N SER H 23 -16.13 -35.71 26.34
CA SER H 23 -16.88 -34.49 26.75
C SER H 23 -18.23 -34.45 26.00
N GLY H 24 -18.17 -34.80 24.71
CA GLY H 24 -19.36 -35.03 23.89
C GLY H 24 -19.99 -33.75 23.39
N TRP H 25 -19.20 -32.69 23.19
CA TRP H 25 -19.75 -31.41 22.72
C TRP H 25 -20.27 -31.57 21.30
N GLY H 26 -21.44 -31.01 21.03
CA GLY H 26 -22.03 -31.02 19.71
C GLY H 26 -23.04 -32.13 19.57
N GLY H 27 -22.89 -32.93 18.52
CA GLY H 27 -23.81 -34.02 18.25
C GLY H 27 -25.11 -33.52 17.69
N ARG H 28 -26.15 -34.33 17.83
CA ARG H 28 -27.46 -34.08 17.24
C ARG H 28 -28.56 -34.40 18.27
N TYR H 29 -29.12 -33.35 18.86
CA TYR H 29 -30.24 -33.49 19.79
C TYR H 29 -31.50 -32.96 19.10
N VAL H 30 -32.05 -33.85 18.29
CA VAL H 30 -33.13 -33.55 17.37
C VAL H 30 -34.09 -34.73 17.33
N PRO H 31 -35.33 -34.50 16.91
CA PRO H 31 -36.25 -35.62 16.75
C PRO H 31 -35.94 -36.45 15.50
N GLU H 32 -36.25 -37.75 15.56
CA GLU H 32 -36.10 -38.65 14.42
C GLU H 32 -36.76 -38.09 13.15
N ALA H 33 -37.88 -37.37 13.32
CA ALA H 33 -38.55 -36.66 12.20
C ALA H 33 -37.62 -35.75 11.37
N LEU H 34 -36.56 -35.23 11.98
CA LEU H 34 -35.57 -34.39 11.28
C LEU H 34 -34.35 -35.12 10.74
N MET H 35 -34.17 -36.38 11.08
CA MET H 35 -32.89 -37.03 10.78
C MET H 35 -32.67 -37.34 9.31
N ALA H 36 -33.74 -37.63 8.57
CA ALA H 36 -33.63 -37.83 7.11
C ALA H 36 -33.04 -36.59 6.42
N VAL H 37 -33.53 -35.39 6.75
CA VAL H 37 -33.03 -34.16 6.11
C VAL H 37 -31.67 -33.73 6.67
N ILE H 38 -31.46 -33.89 7.97
CA ILE H 38 -30.15 -33.68 8.54
C ILE H 38 -29.06 -34.57 7.90
N GLU H 39 -29.38 -35.85 7.69
CA GLU H 39 -28.46 -36.76 7.00
C GLU H 39 -28.26 -36.40 5.52
N GLU H 40 -29.34 -35.92 4.89
CA GLU H 40 -29.31 -35.42 3.50
C GLU H 40 -28.37 -34.22 3.33
N VAL H 41 -28.49 -33.25 4.23
CA VAL H 41 -27.65 -32.04 4.22
C VAL H 41 -26.18 -32.38 4.51
N THR H 42 -25.96 -33.24 5.50
CA THR H 42 -24.61 -33.67 5.85
C THR H 42 -23.92 -34.31 4.66
N ALA H 43 -24.60 -35.25 4.01
CA ALA H 43 -24.06 -35.93 2.82
C ALA H 43 -23.79 -34.97 1.67
N ALA H 44 -24.71 -34.02 1.45
CA ALA H 44 -24.58 -33.06 0.35
C ALA H 44 -23.42 -32.09 0.58
N TYR H 45 -23.24 -31.67 1.83
CA TYR H 45 -22.08 -30.87 2.21
C TYR H 45 -20.76 -31.60 1.98
N GLN H 46 -20.66 -32.85 2.41
CA GLN H 46 -19.43 -33.65 2.23
C GLN H 46 -19.09 -33.85 0.75
N LYS H 47 -20.11 -34.09 -0.07
CA LYS H 47 -19.93 -34.16 -1.51
C LYS H 47 -19.48 -32.82 -2.13
N GLU H 48 -20.20 -31.74 -1.82
CA GLU H 48 -19.96 -30.44 -2.47
C GLU H 48 -18.70 -29.70 -2.01
N ARG H 49 -18.30 -29.85 -0.74
CA ARG H 49 -17.06 -29.20 -0.26
C ARG H 49 -15.77 -29.58 -1.04
N VAL H 50 -15.77 -30.71 -1.75
CA VAL H 50 -14.62 -31.14 -2.57
C VAL H 50 -14.88 -31.08 -4.09
N SER H 51 -16.02 -30.51 -4.48
CA SER H 51 -16.39 -30.35 -5.89
C SER H 51 -15.85 -29.01 -6.38
N GLN H 52 -15.00 -29.04 -7.40
CA GLN H 52 -14.38 -27.82 -7.91
C GLN H 52 -15.43 -26.83 -8.48
N ASP H 53 -16.50 -27.35 -9.09
CA ASP H 53 -17.61 -26.52 -9.57
C ASP H 53 -18.23 -25.68 -8.46
N PHE H 54 -18.49 -26.32 -7.32
CA PHE H 54 -19.08 -25.65 -6.15
C PHE H 54 -18.13 -24.60 -5.57
N LEU H 55 -16.86 -24.97 -5.43
CA LEU H 55 -15.87 -24.05 -4.84
C LEU H 55 -15.60 -22.86 -5.78
N ASP H 56 -15.56 -23.11 -7.09
CA ASP H 56 -15.47 -22.05 -8.10
C ASP H 56 -16.66 -21.08 -8.04
N ASP H 57 -17.87 -21.62 -7.92
CA ASP H 57 -19.08 -20.81 -7.78
C ASP H 57 -19.05 -19.96 -6.52
N LEU H 58 -18.68 -20.58 -5.40
CA LEU H 58 -18.61 -19.87 -4.13
C LEU H 58 -17.56 -18.76 -4.17
N ASP H 59 -16.42 -19.07 -4.76
CA ASP H 59 -15.32 -18.13 -4.91
C ASP H 59 -15.67 -16.93 -5.79
N ARG H 60 -16.26 -17.19 -6.94
CA ARG H 60 -16.72 -16.17 -7.89
C ARG H 60 -17.68 -15.17 -7.19
N LEU H 61 -18.62 -15.70 -6.42
CA LEU H 61 -19.57 -14.87 -5.68
C LEU H 61 -18.90 -14.10 -4.54
N GLN H 62 -18.01 -14.73 -3.78
CA GLN H 62 -17.28 -14.04 -2.71
C GLN H 62 -16.51 -12.82 -3.25
N ALA H 63 -15.86 -12.98 -4.40
CA ALA H 63 -15.08 -11.90 -5.01
C ALA H 63 -15.99 -10.83 -5.62
N ASN H 64 -16.73 -11.20 -6.66
CA ASN H 64 -17.44 -10.23 -7.48
C ASN H 64 -18.74 -9.70 -6.89
N TYR H 65 -19.37 -10.46 -6.00
CA TYR H 65 -20.69 -10.12 -5.46
C TYR H 65 -20.61 -9.55 -4.04
N ALA H 66 -19.92 -10.28 -3.17
CA ALA H 66 -19.80 -9.93 -1.76
C ALA H 66 -18.67 -8.96 -1.44
N GLY H 67 -17.71 -8.82 -2.34
CA GLY H 67 -16.61 -7.89 -2.16
C GLY H 67 -15.40 -8.37 -1.37
N ARG H 68 -15.15 -9.67 -1.31
CA ARG H 68 -13.96 -10.19 -0.59
C ARG H 68 -12.66 -9.95 -1.38
N PRO H 69 -11.51 -9.84 -0.71
CA PRO H 69 -11.38 -9.83 0.74
C PRO H 69 -11.86 -8.55 1.40
N SER H 70 -12.22 -8.65 2.67
CA SER H 70 -12.43 -7.47 3.48
C SER H 70 -11.05 -6.99 3.93
N PRO H 71 -10.89 -5.68 4.11
CA PRO H 71 -9.59 -5.18 4.52
C PRO H 71 -9.34 -5.35 6.00
N LEU H 72 -8.06 -5.21 6.37
CA LEU H 72 -7.62 -5.15 7.74
C LEU H 72 -7.09 -3.74 7.95
N TYR H 73 -7.63 -3.03 8.94
CA TYR H 73 -7.34 -1.59 9.13
C TYR H 73 -6.78 -1.29 10.52
N GLU H 74 -5.60 -0.69 10.60
CA GLU H 74 -5.02 -0.32 11.89
C GLU H 74 -5.68 0.97 12.39
N ALA H 75 -6.49 0.83 13.44
CA ALA H 75 -7.19 1.96 14.05
C ALA H 75 -6.29 2.72 15.02
N THR H 76 -5.43 3.58 14.47
CA THR H 76 -4.38 4.25 15.26
C THR H 76 -4.90 5.28 16.26
N ARG H 77 -6.06 5.88 15.98
CA ARG H 77 -6.70 6.83 16.90
C ARG H 77 -7.36 6.15 18.10
N LEU H 78 -7.61 4.84 18.03
CA LEU H 78 -8.00 4.05 19.20
C LEU H 78 -6.88 3.73 20.15
N SER H 79 -5.63 3.78 19.67
CA SER H 79 -4.48 3.26 20.42
C SER H 79 -4.33 3.87 21.82
N GLN H 80 -4.52 5.19 21.92
CA GLN H 80 -4.41 5.88 23.22
C GLN H 80 -5.50 5.47 24.21
N HIS H 81 -6.62 4.93 23.70
CA HIS H 81 -7.71 4.44 24.53
C HIS H 81 -7.57 2.94 24.89
N ALA H 82 -6.46 2.32 24.47
CA ALA H 82 -6.25 0.89 24.60
C ALA H 82 -4.82 0.59 25.09
N GLY H 83 -4.34 1.38 26.04
CA GLY H 83 -2.99 1.24 26.57
C GLY H 83 -1.85 1.36 25.57
N SER H 84 -2.06 2.14 24.52
CA SER H 84 -1.09 2.29 23.42
C SER H 84 -0.83 1.00 22.61
N ALA H 85 -1.70 0.01 22.76
CA ALA H 85 -1.66 -1.18 21.92
C ALA H 85 -2.10 -0.82 20.51
N ARG H 86 -1.91 -1.76 19.58
CA ARG H 86 -2.27 -1.54 18.18
C ARG H 86 -3.48 -2.38 17.81
N ILE H 87 -4.62 -1.72 17.66
CA ILE H 87 -5.88 -2.36 17.31
C ILE H 87 -6.04 -2.44 15.78
N PHE H 88 -6.12 -3.66 15.25
CA PHE H 88 -6.41 -3.87 13.83
C PHE H 88 -7.83 -4.36 13.66
N LEU H 89 -8.62 -3.66 12.86
CA LEU H 89 -10.01 -4.00 12.63
C LEU H 89 -10.16 -4.81 11.35
N LYS H 90 -10.64 -6.04 11.47
CA LYS H 90 -10.95 -6.86 10.31
C LYS H 90 -12.33 -6.45 9.85
N ARG H 91 -12.42 -5.84 8.66
CA ARG H 91 -13.60 -5.05 8.30
C ARG H 91 -14.70 -5.85 7.59
N GLU H 92 -15.30 -6.79 8.32
CA GLU H 92 -16.44 -7.55 7.81
C GLU H 92 -17.66 -6.63 7.58
N ASP H 93 -17.70 -5.48 8.26
CA ASP H 93 -18.71 -4.42 8.01
C ASP H 93 -18.82 -3.92 6.55
N LEU H 94 -17.76 -4.07 5.77
CA LEU H 94 -17.77 -3.66 4.36
C LEU H 94 -18.30 -4.72 3.37
N ASN H 95 -18.58 -5.94 3.84
CA ASN H 95 -19.15 -6.98 2.95
C ASN H 95 -20.53 -6.55 2.44
N HIS H 96 -20.91 -7.04 1.27
CA HIS H 96 -22.29 -6.93 0.81
C HIS H 96 -23.27 -7.38 1.91
N THR H 97 -24.28 -6.55 2.14
CA THR H 97 -25.29 -6.69 3.22
C THR H 97 -24.82 -6.19 4.58
N GLY H 98 -23.52 -5.95 4.74
CA GLY H 98 -23.01 -5.27 5.92
C GLY H 98 -22.62 -6.11 7.10
N SER H 99 -22.35 -7.39 6.87
CA SER H 99 -21.83 -8.26 7.93
C SER H 99 -21.18 -9.51 7.37
N HIS H 100 -20.55 -10.25 8.29
CA HIS H 100 -20.05 -11.59 8.02
C HIS H 100 -21.08 -12.64 7.60
N LYS H 101 -22.36 -12.42 7.92
CA LYS H 101 -23.39 -13.42 7.66
C LYS H 101 -23.42 -13.88 6.20
N ILE H 102 -23.12 -12.97 5.29
CA ILE H 102 -23.13 -13.30 3.88
C ILE H 102 -22.20 -14.46 3.51
N ASN H 103 -21.10 -14.65 4.24
CA ASN H 103 -20.11 -15.72 3.92
C ASN H 103 -20.75 -17.12 3.99
N ASN H 104 -21.35 -17.38 5.14
CA ASN H 104 -22.10 -18.61 5.42
C ASN H 104 -23.32 -18.79 4.48
N VAL H 105 -24.05 -17.71 4.24
CA VAL H 105 -25.25 -17.75 3.41
C VAL H 105 -24.98 -18.16 1.96
N LEU H 106 -23.92 -17.62 1.35
CA LEU H 106 -23.63 -17.96 -0.06
C LEU H 106 -23.28 -19.43 -0.19
N GLY H 107 -22.53 -19.96 0.77
CA GLY H 107 -22.24 -21.37 0.84
C GLY H 107 -23.49 -22.24 0.99
N GLN H 108 -24.29 -21.97 2.01
CA GLN H 108 -25.49 -22.77 2.26
C GLN H 108 -26.58 -22.61 1.17
N ALA H 109 -26.70 -21.41 0.61
CA ALA H 109 -27.69 -21.16 -0.46
C ALA H 109 -27.32 -21.87 -1.75
N LEU H 110 -26.05 -21.86 -2.11
CA LEU H 110 -25.56 -22.67 -3.25
C LEU H 110 -25.80 -24.15 -3.01
N LEU H 111 -25.60 -24.59 -1.77
CA LEU H 111 -25.83 -25.98 -1.39
C LEU H 111 -27.32 -26.35 -1.49
N ALA H 112 -28.21 -25.44 -1.09
CA ALA H 112 -29.64 -25.70 -1.17
C ALA H 112 -30.07 -25.97 -2.60
N ARG H 113 -29.54 -25.18 -3.53
CA ARG H 113 -29.81 -25.34 -4.95
C ARG H 113 -29.22 -26.64 -5.52
N ARG H 114 -28.01 -27.02 -5.07
CA ARG H 114 -27.40 -28.31 -5.47
C ARG H 114 -28.22 -29.53 -5.03
N MET H 115 -28.84 -29.44 -3.85
CA MET H 115 -29.70 -30.50 -3.30
C MET H 115 -31.08 -30.57 -3.95
N GLY H 116 -31.45 -29.57 -4.75
CA GLY H 116 -32.77 -29.52 -5.38
C GLY H 116 -33.89 -29.04 -4.48
N LYS H 117 -33.56 -28.45 -3.33
CA LYS H 117 -34.55 -27.83 -2.45
C LYS H 117 -35.13 -26.57 -3.12
N THR H 118 -36.43 -26.34 -2.93
CA THR H 118 -37.13 -25.23 -3.60
C THR H 118 -37.60 -24.11 -2.67
N ARG H 119 -37.12 -24.12 -1.43
CA ARG H 119 -37.59 -23.19 -0.41
C ARG H 119 -36.50 -23.08 0.64
N VAL H 120 -36.20 -21.88 1.10
CA VAL H 120 -35.20 -21.67 2.14
C VAL H 120 -35.84 -20.97 3.31
N ILE H 121 -35.53 -21.44 4.51
CA ILE H 121 -35.97 -20.75 5.72
C ILE H 121 -34.77 -20.36 6.56
N ALA H 122 -34.97 -19.31 7.35
CA ALA H 122 -33.95 -18.85 8.27
C ALA H 122 -34.57 -18.10 9.45
N GLU H 123 -33.84 -18.13 10.56
CA GLU H 123 -34.07 -17.31 11.74
C GLU H 123 -33.21 -16.05 11.65
N THR H 124 -33.66 -14.95 12.26
CA THR H 124 -32.77 -13.81 12.44
C THR H 124 -33.08 -13.05 13.73
N GLY H 125 -32.05 -12.46 14.34
CA GLY H 125 -32.18 -11.63 15.54
C GLY H 125 -31.88 -10.17 15.21
N ALA H 126 -30.63 -9.90 14.83
CA ALA H 126 -30.26 -8.57 14.34
C ALA H 126 -30.83 -8.24 12.95
N GLY H 127 -31.30 -9.24 12.21
CA GLY H 127 -31.80 -9.03 10.85
C GLY H 127 -30.75 -9.13 9.76
N GLN H 128 -29.49 -9.32 10.14
CA GLN H 128 -28.39 -9.38 9.17
C GLN H 128 -28.34 -10.73 8.48
N HIS H 129 -28.56 -11.81 9.23
CA HIS H 129 -28.67 -13.14 8.64
C HIS H 129 -29.91 -13.25 7.76
N GLY H 130 -31.02 -12.67 8.22
CA GLY H 130 -32.22 -12.58 7.42
C GLY H 130 -32.00 -11.87 6.08
N VAL H 131 -31.34 -10.71 6.12
CA VAL H 131 -31.07 -9.91 4.93
C VAL H 131 -30.11 -10.65 3.98
N ALA H 132 -29.06 -11.24 4.53
CA ALA H 132 -28.14 -12.05 3.73
C ALA H 132 -28.86 -13.24 3.07
N THR H 133 -29.66 -13.98 3.84
CA THR H 133 -30.43 -15.10 3.29
C THR H 133 -31.37 -14.65 2.14
N ALA H 134 -32.11 -13.58 2.38
CA ALA H 134 -32.98 -12.96 1.36
C ALA H 134 -32.23 -12.53 0.09
N THR H 135 -31.10 -11.87 0.30
CA THR H 135 -30.14 -11.56 -0.74
C THR H 135 -29.79 -12.79 -1.61
N ALA H 136 -29.27 -13.85 -1.00
CA ALA H 136 -28.87 -15.05 -1.77
C ALA H 136 -30.05 -15.71 -2.47
N CYS H 137 -31.21 -15.74 -1.81
CA CYS H 137 -32.41 -16.28 -2.44
C CYS H 137 -32.93 -15.45 -3.62
N ALA H 138 -32.77 -14.13 -3.57
CA ALA H 138 -33.06 -13.26 -4.71
C ALA H 138 -32.15 -13.63 -5.87
N LEU H 139 -30.87 -13.69 -5.56
CA LEU H 139 -29.82 -14.03 -6.51
C LEU H 139 -30.01 -15.39 -7.20
N LEU H 140 -30.47 -16.39 -6.44
CA LEU H 140 -30.61 -17.75 -6.96
C LEU H 140 -32.04 -18.15 -7.30
N GLY H 141 -33.03 -17.32 -6.99
CA GLY H 141 -34.43 -17.60 -7.35
C GLY H 141 -35.08 -18.65 -6.48
N LEU H 142 -34.79 -18.64 -5.18
CA LEU H 142 -35.39 -19.58 -4.21
C LEU H 142 -36.45 -18.85 -3.42
N ASP H 143 -37.60 -19.48 -3.13
CA ASP H 143 -38.55 -18.93 -2.13
C ASP H 143 -37.89 -18.82 -0.76
N CYS H 144 -38.18 -17.73 -0.04
CA CYS H 144 -37.50 -17.41 1.21
C CYS H 144 -38.49 -16.97 2.28
N VAL H 145 -38.34 -17.54 3.48
CA VAL H 145 -39.15 -17.19 4.64
C VAL H 145 -38.22 -16.98 5.83
N ILE H 146 -38.24 -15.79 6.40
CA ILE H 146 -37.40 -15.47 7.54
C ILE H 146 -38.27 -15.38 8.79
N TYR H 147 -37.87 -16.08 9.84
CA TYR H 147 -38.52 -15.98 11.16
C TYR H 147 -37.74 -15.01 12.04
N MET H 148 -38.45 -14.05 12.61
CA MET H 148 -37.84 -12.99 13.42
C MET H 148 -38.71 -12.73 14.65
N GLY H 149 -38.11 -12.72 15.83
CA GLY H 149 -38.83 -12.42 17.05
C GLY H 149 -39.44 -11.03 17.03
N GLY H 150 -40.64 -10.88 17.61
CA GLY H 150 -41.38 -9.62 17.58
C GLY H 150 -40.72 -8.40 18.22
N ILE H 151 -39.92 -8.62 19.25
CA ILE H 151 -39.12 -7.56 19.86
C ILE H 151 -37.98 -7.15 18.92
N ASP H 152 -37.42 -8.12 18.20
CA ASP H 152 -36.39 -7.84 17.19
C ASP H 152 -36.94 -7.10 15.95
N THR H 153 -38.16 -7.42 15.52
CA THR H 153 -38.75 -6.72 14.36
C THR H 153 -38.86 -5.23 14.63
N ALA H 154 -39.19 -4.88 15.86
CA ALA H 154 -39.32 -3.49 16.29
C ALA H 154 -37.98 -2.74 16.38
N ARG H 155 -36.98 -3.33 17.04
CA ARG H 155 -35.65 -2.67 17.23
C ARG H 155 -34.65 -2.86 16.09
N GLN H 156 -34.97 -3.68 15.10
CA GLN H 156 -34.14 -3.82 13.90
C GLN H 156 -34.98 -3.65 12.63
N ALA H 157 -35.90 -2.68 12.66
CA ALA H 157 -36.92 -2.48 11.62
C ALA H 157 -36.39 -2.17 10.22
N LEU H 158 -35.23 -1.51 10.15
CA LEU H 158 -34.57 -1.28 8.87
C LEU H 158 -34.36 -2.60 8.13
N ASN H 159 -33.86 -3.61 8.84
CA ASN H 159 -33.62 -4.91 8.24
C ASN H 159 -34.90 -5.68 7.83
N VAL H 160 -36.01 -5.48 8.55
CA VAL H 160 -37.28 -6.07 8.12
C VAL H 160 -37.68 -5.53 6.75
N ALA H 161 -37.55 -4.22 6.54
CA ALA H 161 -37.94 -3.59 5.28
C ALA H 161 -37.00 -3.98 4.13
N ARG H 162 -35.71 -4.11 4.41
CA ARG H 162 -34.76 -4.67 3.43
C ARG H 162 -35.11 -6.08 3.00
N MET H 163 -35.40 -6.94 3.97
CA MET H 163 -35.81 -8.31 3.66
C MET H 163 -37.05 -8.33 2.73
N ARG H 164 -38.04 -7.50 3.02
CA ARG H 164 -39.28 -7.45 2.25
C ARG H 164 -39.01 -6.92 0.83
N LEU H 165 -38.14 -5.91 0.71
CA LEU H 165 -37.71 -5.39 -0.59
C LEU H 165 -36.96 -6.43 -1.43
N LEU H 166 -36.18 -7.28 -0.76
CA LEU H 166 -35.48 -8.37 -1.39
C LEU H 166 -36.35 -9.58 -1.80
N GLY H 167 -37.65 -9.53 -1.53
CA GLY H 167 -38.56 -10.61 -1.91
C GLY H 167 -38.75 -11.71 -0.89
N ALA H 168 -38.17 -11.56 0.30
CA ALA H 168 -38.33 -12.54 1.37
C ALA H 168 -39.62 -12.28 2.10
N GLU H 169 -40.28 -13.34 2.52
CA GLU H 169 -41.42 -13.24 3.41
C GLU H 169 -40.88 -13.22 4.84
N VAL H 170 -41.45 -12.39 5.70
CA VAL H 170 -41.04 -12.30 7.09
C VAL H 170 -42.19 -12.64 8.03
N VAL H 171 -41.94 -13.56 8.94
CA VAL H 171 -42.91 -13.98 9.95
C VAL H 171 -42.42 -13.53 11.33
N ALA H 172 -43.19 -12.64 11.97
CA ALA H 172 -42.88 -12.15 13.31
C ALA H 172 -43.26 -13.21 14.33
N VAL H 173 -42.30 -13.64 15.14
CA VAL H 173 -42.54 -14.69 16.14
C VAL H 173 -42.87 -14.06 17.50
N GLN H 174 -44.03 -14.39 18.04
CA GLN H 174 -44.54 -13.76 19.28
C GLN H 174 -44.44 -14.63 20.54
N THR H 175 -43.86 -15.83 20.42
CA THR H 175 -43.74 -16.75 21.54
C THR H 175 -42.46 -16.53 22.35
N GLY H 176 -42.47 -17.07 23.57
CA GLY H 176 -41.35 -16.97 24.51
C GLY H 176 -40.84 -15.55 24.71
N SER H 177 -39.53 -15.36 24.58
CA SER H 177 -38.90 -14.06 24.70
C SER H 177 -38.99 -13.17 23.45
N LYS H 178 -39.59 -13.66 22.36
CA LYS H 178 -39.76 -12.91 21.10
C LYS H 178 -38.44 -12.39 20.55
N THR H 179 -37.40 -13.20 20.69
CA THR H 179 -36.06 -12.86 20.24
C THR H 179 -35.49 -14.10 19.56
N LEU H 180 -34.18 -14.11 19.33
CA LEU H 180 -33.53 -15.08 18.45
C LEU H 180 -33.82 -16.54 18.81
N LYS H 181 -33.86 -16.89 20.09
CA LYS H 181 -34.07 -18.31 20.43
C LYS H 181 -35.47 -18.76 20.02
N ASP H 182 -36.41 -17.83 20.05
CA ASP H 182 -37.80 -18.13 19.76
C ASP H 182 -38.01 -18.20 18.25
N ALA H 183 -37.32 -17.34 17.51
CA ALA H 183 -37.30 -17.44 16.05
C ALA H 183 -36.70 -18.78 15.60
N ILE H 184 -35.68 -19.25 16.30
CA ILE H 184 -35.07 -20.54 15.96
C ILE H 184 -36.04 -21.69 16.19
N ASN H 185 -36.78 -21.64 17.31
CA ASN H 185 -37.79 -22.64 17.60
C ASN H 185 -38.86 -22.72 16.50
N GLU H 186 -39.32 -21.56 16.01
CA GLU H 186 -40.35 -21.54 14.94
C GLU H 186 -39.86 -22.06 13.60
N ALA H 187 -38.64 -21.67 13.23
CA ALA H 187 -38.03 -22.14 12.00
C ALA H 187 -37.78 -23.64 12.06
N PHE H 188 -37.39 -24.14 13.23
CA PHE H 188 -37.24 -25.58 13.43
C PHE H 188 -38.56 -26.31 13.16
N ARG H 189 -39.67 -25.78 13.69
N ARG H 189 -39.66 -25.78 13.70
CA ARG H 189 -40.99 -26.40 13.51
CA ARG H 189 -40.99 -26.38 13.54
C ARG H 189 -41.42 -26.41 12.05
C ARG H 189 -41.46 -26.38 12.08
N ASP H 190 -41.08 -25.34 11.34
CA ASP H 190 -41.31 -25.26 9.88
C ASP H 190 -40.52 -26.38 9.16
N TRP H 191 -39.24 -26.53 9.51
CA TRP H 191 -38.38 -27.52 8.84
C TRP H 191 -38.88 -28.94 9.08
N VAL H 192 -39.29 -29.23 10.31
CA VAL H 192 -39.88 -30.53 10.64
C VAL H 192 -41.05 -30.86 9.71
N ALA H 193 -41.93 -29.88 9.47
CA ALA H 193 -43.10 -30.08 8.61
C ALA H 193 -42.78 -30.13 7.11
N ASN H 194 -41.79 -29.35 6.66
CA ASN H 194 -41.54 -29.14 5.23
C ASN H 194 -40.14 -29.58 4.77
N ALA H 195 -39.57 -30.55 5.48
CA ALA H 195 -38.23 -31.07 5.24
C ALA H 195 -37.97 -31.54 3.81
N ASP H 196 -38.95 -32.19 3.19
CA ASP H 196 -38.75 -32.74 1.83
C ASP H 196 -38.41 -31.70 0.75
N ASN H 197 -38.94 -30.48 0.90
CA ASN H 197 -38.74 -29.39 -0.07
C ASN H 197 -37.88 -28.21 0.46
N THR H 198 -37.69 -28.13 1.79
CA THR H 198 -37.12 -26.95 2.44
C THR H 198 -35.71 -27.19 3.00
N TYR H 199 -34.83 -26.23 2.72
CA TYR H 199 -33.51 -26.12 3.31
C TYR H 199 -33.54 -25.11 4.47
N TYR H 200 -33.00 -25.48 5.63
CA TYR H 200 -32.84 -24.54 6.75
C TYR H 200 -31.44 -23.91 6.71
N CYS H 201 -31.41 -22.63 6.35
CA CYS H 201 -30.18 -21.86 6.29
C CYS H 201 -29.90 -21.28 7.68
N PHE H 202 -29.23 -22.07 8.52
CA PHE H 202 -28.96 -21.66 9.89
C PHE H 202 -27.76 -20.72 9.94
N GLY H 203 -27.91 -19.61 10.64
CA GLY H 203 -26.96 -18.49 10.56
C GLY H 203 -25.85 -18.37 11.59
N THR H 204 -25.75 -19.32 12.51
CA THR H 204 -24.67 -19.29 13.49
C THR H 204 -24.05 -20.68 13.69
N ALA H 205 -22.97 -20.71 14.46
CA ALA H 205 -22.16 -21.93 14.59
C ALA H 205 -22.64 -22.78 15.76
N ALA H 206 -23.94 -23.03 15.80
CA ALA H 206 -24.56 -23.90 16.78
C ALA H 206 -25.45 -24.89 15.99
N GLY H 207 -26.37 -25.55 16.68
CA GLY H 207 -27.25 -26.52 16.03
C GLY H 207 -26.69 -27.94 16.02
N PRO H 208 -27.47 -28.88 15.49
CA PRO H 208 -26.96 -30.23 15.34
C PRO H 208 -25.95 -30.29 14.21
N HIS H 209 -25.07 -31.29 14.26
CA HIS H 209 -24.24 -31.64 13.12
C HIS H 209 -25.18 -31.76 11.88
N PRO H 210 -24.85 -31.13 10.75
CA PRO H 210 -23.54 -30.60 10.41
C PRO H 210 -23.35 -29.08 10.59
N PHE H 211 -24.31 -28.37 11.18
CA PHE H 211 -24.29 -26.89 11.14
C PHE H 211 -23.08 -26.22 11.80
N PRO H 212 -22.67 -26.65 13.00
CA PRO H 212 -21.48 -26.00 13.59
C PRO H 212 -20.24 -26.10 12.72
N THR H 213 -19.97 -27.28 12.18
CA THR H 213 -18.82 -27.46 11.31
C THR H 213 -18.96 -26.72 9.99
N MET H 214 -20.11 -26.86 9.35
CA MET H 214 -20.38 -26.22 8.07
C MET H 214 -20.36 -24.68 8.14
N VAL H 215 -21.00 -24.11 9.16
CA VAL H 215 -21.02 -22.65 9.30
C VAL H 215 -19.59 -22.12 9.52
N ARG H 216 -18.85 -22.81 10.37
CA ARG H 216 -17.43 -22.47 10.60
C ARG H 216 -16.57 -22.60 9.33
N ASP H 217 -16.74 -23.68 8.57
CA ASP H 217 -16.02 -23.82 7.28
C ASP H 217 -16.31 -22.69 6.30
N PHE H 218 -17.54 -22.22 6.22
CA PHE H 218 -17.85 -21.07 5.38
C PHE H 218 -17.32 -19.73 5.95
N GLN H 219 -17.20 -19.60 7.27
CA GLN H 219 -16.65 -18.39 7.92
C GLN H 219 -15.12 -18.34 8.10
N ARG H 220 -14.46 -19.49 8.00
CA ARG H 220 -13.00 -19.63 8.07
C ARG H 220 -12.22 -18.64 7.21
N ILE H 221 -12.78 -18.30 6.06
CA ILE H 221 -12.22 -17.30 5.15
C ILE H 221 -11.79 -16.01 5.88
N ILE H 222 -12.50 -15.63 6.95
CA ILE H 222 -12.20 -14.39 7.68
C ILE H 222 -10.81 -14.47 8.31
N GLY H 223 -10.59 -15.55 9.07
CA GLY H 223 -9.34 -15.78 9.75
C GLY H 223 -8.17 -16.06 8.82
N MET H 224 -8.43 -16.74 7.70
CA MET H 224 -7.39 -17.01 6.70
C MET H 224 -6.89 -15.73 6.06
N GLU H 225 -7.82 -14.83 5.74
CA GLU H 225 -7.46 -13.50 5.25
C GLU H 225 -6.73 -12.72 6.34
N ALA H 226 -7.27 -12.72 7.56
CA ALA H 226 -6.69 -11.94 8.66
C ALA H 226 -5.27 -12.35 8.97
N ARG H 227 -5.02 -13.66 8.97
CA ARG H 227 -3.71 -14.19 9.29
C ARG H 227 -2.63 -13.73 8.30
N VAL H 228 -2.97 -13.75 7.01
CA VAL H 228 -2.10 -13.27 5.95
C VAL H 228 -1.92 -11.74 6.03
N GLN H 229 -3.03 -11.01 6.19
CA GLN H 229 -3.03 -9.56 6.23
C GLN H 229 -2.22 -8.96 7.38
N ILE H 230 -2.36 -9.53 8.58
CA ILE H 230 -1.61 -9.05 9.75
C ILE H 230 -0.08 -9.29 9.62
N GLN H 231 0.31 -10.43 9.07
CA GLN H 231 1.72 -10.72 8.81
C GLN H 231 2.27 -9.74 7.77
N GLY H 232 1.49 -9.44 6.74
CA GLY H 232 1.86 -8.43 5.75
C GLY H 232 2.01 -7.03 6.30
N GLN H 233 1.05 -6.58 7.11
CA GLN H 233 1.04 -5.19 7.62
C GLN H 233 1.90 -4.97 8.85
N ALA H 234 1.87 -5.93 9.78
CA ALA H 234 2.59 -5.79 11.05
C ALA H 234 3.89 -6.56 11.10
N GLY H 235 4.13 -7.45 10.13
CA GLY H 235 5.35 -8.25 10.07
C GLY H 235 5.41 -9.46 11.00
N ARG H 236 4.29 -9.82 11.62
CA ARG H 236 4.24 -10.94 12.56
C ARG H 236 2.79 -11.28 12.90
N LEU H 237 2.63 -12.43 13.54
CA LEU H 237 1.33 -12.85 14.04
C LEU H 237 0.91 -11.96 15.20
N PRO H 238 -0.39 -11.79 15.42
CA PRO H 238 -0.82 -10.94 16.52
C PRO H 238 -0.54 -11.49 17.91
N ASP H 239 -0.63 -10.63 18.89
CA ASP H 239 -0.54 -11.04 20.28
C ASP H 239 -1.90 -11.59 20.73
N ALA H 240 -2.99 -11.02 20.18
CA ALA H 240 -4.34 -11.54 20.39
C ALA H 240 -5.23 -11.36 19.20
N VAL H 241 -6.20 -12.26 19.06
CA VAL H 241 -7.34 -12.11 18.15
C VAL H 241 -8.66 -12.18 18.94
N VAL H 242 -9.54 -11.19 18.75
CA VAL H 242 -10.77 -11.09 19.52
C VAL H 242 -12.01 -10.88 18.65
N ALA H 243 -13.16 -11.28 19.21
CA ALA H 243 -14.46 -11.16 18.53
C ALA H 243 -15.60 -11.22 19.54
N CYS H 244 -16.76 -10.71 19.14
CA CYS H 244 -17.96 -10.90 19.95
C CYS H 244 -18.52 -12.29 19.68
N VAL H 245 -19.29 -12.81 20.62
CA VAL H 245 -19.84 -14.18 20.55
C VAL H 245 -21.33 -14.19 20.88
N GLY H 246 -22.13 -14.42 19.83
CA GLY H 246 -23.56 -14.68 19.95
C GLY H 246 -23.71 -16.18 20.06
N GLY H 247 -24.05 -16.82 18.94
CA GLY H 247 -23.96 -18.28 18.81
C GLY H 247 -22.55 -18.73 18.47
N GLY H 248 -21.78 -17.87 17.79
CA GLY H 248 -20.34 -18.08 17.62
C GLY H 248 -19.70 -18.07 16.25
N SER H 249 -20.44 -17.70 15.19
CA SER H 249 -19.94 -17.85 13.81
C SER H 249 -18.81 -16.88 13.40
N ASN H 250 -18.95 -15.59 13.73
CA ASN H 250 -17.88 -14.61 13.40
C ASN H 250 -16.59 -14.87 14.21
N ALA H 251 -16.77 -15.25 15.48
CA ALA H 251 -15.64 -15.58 16.37
C ALA H 251 -14.89 -16.80 15.90
N ILE H 252 -15.61 -17.90 15.67
CA ILE H 252 -14.98 -19.11 15.19
C ILE H 252 -14.38 -18.87 13.79
N GLY H 253 -15.02 -18.05 12.96
CA GLY H 253 -14.49 -17.74 11.63
C GLY H 253 -13.11 -17.08 11.65
N ILE H 254 -12.97 -16.05 12.48
CA ILE H 254 -11.69 -15.37 12.63
C ILE H 254 -10.68 -16.20 13.45
N PHE H 255 -11.13 -16.97 14.45
CA PHE H 255 -10.19 -17.74 15.32
C PHE H 255 -9.55 -18.92 14.63
N HIS H 256 -10.24 -19.55 13.69
CA HIS H 256 -9.88 -20.90 13.29
C HIS H 256 -8.47 -21.03 12.72
N ALA H 257 -8.05 -20.04 11.95
CA ALA H 257 -6.72 -20.03 11.31
C ALA H 257 -5.58 -19.77 12.29
N PHE H 258 -5.90 -19.31 13.50
CA PHE H 258 -4.91 -19.08 14.55
C PHE H 258 -4.86 -20.19 15.60
N LEU H 259 -5.71 -21.22 15.51
CA LEU H 259 -5.77 -22.24 16.55
C LEU H 259 -4.40 -22.89 16.83
N ASP H 260 -3.63 -23.17 15.78
CA ASP H 260 -2.34 -23.84 15.92
C ASP H 260 -1.11 -22.91 16.03
N ASP H 261 -1.33 -21.62 16.25
CA ASP H 261 -0.27 -20.66 16.58
C ASP H 261 -0.30 -20.42 18.10
N PRO H 262 0.62 -21.06 18.85
CA PRO H 262 0.48 -21.09 20.32
C PRO H 262 0.59 -19.75 21.07
N GLY H 263 1.31 -18.78 20.52
CA GLY H 263 1.43 -17.43 21.11
C GLY H 263 0.30 -16.44 20.83
N VAL H 264 -0.68 -16.84 20.02
CA VAL H 264 -1.81 -15.97 19.69
C VAL H 264 -2.95 -16.23 20.69
N ARG H 265 -3.17 -15.28 21.60
CA ARG H 265 -4.29 -15.33 22.55
C ARG H 265 -5.59 -15.15 21.78
N LEU H 266 -6.61 -15.90 22.16
CA LEU H 266 -7.92 -15.83 21.53
C LEU H 266 -8.93 -15.49 22.61
N VAL H 267 -9.68 -14.42 22.41
CA VAL H 267 -10.64 -13.98 23.40
C VAL H 267 -11.99 -13.71 22.72
N GLY H 268 -13.02 -14.38 23.21
CA GLY H 268 -14.39 -14.10 22.80
C GLY H 268 -15.07 -13.25 23.86
N PHE H 269 -15.83 -12.25 23.42
CA PHE H 269 -16.55 -11.39 24.33
C PHE H 269 -18.05 -11.58 24.16
N GLU H 270 -18.70 -11.98 25.24
CA GLU H 270 -20.15 -12.24 25.25
C GLU H 270 -20.90 -11.09 25.92
N ALA H 271 -22.19 -10.97 25.59
CA ALA H 271 -23.01 -9.86 26.06
C ALA H 271 -23.46 -10.04 27.52
N ALA H 272 -23.17 -9.04 28.35
CA ALA H 272 -23.55 -9.08 29.76
C ALA H 272 -24.74 -8.18 30.12
N GLY H 273 -25.38 -7.57 29.11
CA GLY H 273 -26.58 -6.75 29.32
C GLY H 273 -26.46 -5.70 30.41
N ASP H 274 -27.35 -5.75 31.40
CA ASP H 274 -27.29 -4.83 32.56
C ASP H 274 -26.20 -5.20 33.57
N GLY H 275 -25.54 -6.35 33.37
CA GLY H 275 -24.47 -6.84 34.25
C GLY H 275 -24.78 -8.28 34.61
N VAL H 276 -23.75 -9.09 34.83
CA VAL H 276 -23.94 -10.55 35.04
C VAL H 276 -24.65 -10.87 36.35
N GLU H 277 -24.50 -9.99 37.35
CA GLU H 277 -25.22 -10.13 38.62
C GLU H 277 -26.75 -9.85 38.55
N THR H 278 -27.24 -9.28 37.44
CA THR H 278 -28.63 -8.78 37.37
C THR H 278 -29.68 -9.77 36.84
N GLY H 279 -29.27 -10.89 36.26
CA GLY H 279 -30.22 -11.79 35.60
C GLY H 279 -30.82 -11.23 34.32
N ARG H 280 -30.08 -10.30 33.68
CA ARG H 280 -30.49 -9.65 32.44
C ARG H 280 -29.24 -9.52 31.58
N HIS H 281 -28.82 -10.67 31.06
CA HIS H 281 -27.58 -10.82 30.29
C HIS H 281 -27.71 -11.96 29.29
N ALA H 282 -26.68 -12.11 28.47
CA ALA H 282 -26.55 -13.26 27.60
C ALA H 282 -25.14 -13.89 27.75
N ALA H 283 -24.60 -13.80 28.98
CA ALA H 283 -23.25 -14.25 29.33
C ALA H 283 -23.16 -15.75 29.58
N THR H 284 -23.20 -16.52 28.50
CA THR H 284 -23.37 -17.96 28.54
C THR H 284 -22.23 -18.72 29.20
N PHE H 285 -20.99 -18.39 28.82
CA PHE H 285 -19.83 -19.00 29.46
C PHE H 285 -19.60 -18.51 30.89
N THR H 286 -19.89 -17.24 31.18
CA THR H 286 -19.67 -16.69 32.51
C THR H 286 -20.65 -17.23 33.54
N ALA H 287 -21.91 -17.41 33.15
CA ALA H 287 -23.00 -17.78 34.07
C ALA H 287 -23.75 -19.06 33.72
N GLY H 288 -23.57 -19.61 32.52
CA GLY H 288 -24.26 -20.82 32.12
C GLY H 288 -23.56 -22.12 32.50
N SER H 289 -24.09 -23.22 32.01
CA SER H 289 -23.53 -24.55 32.29
C SER H 289 -23.88 -25.52 31.14
N PRO H 290 -23.18 -26.67 31.08
CA PRO H 290 -23.44 -27.68 30.03
C PRO H 290 -24.90 -28.15 29.93
N GLY H 291 -25.36 -28.31 28.70
CA GLY H 291 -26.71 -28.83 28.45
C GLY H 291 -26.99 -29.02 26.97
N ALA H 292 -28.09 -29.72 26.69
CA ALA H 292 -28.58 -29.94 25.32
C ALA H 292 -29.66 -28.91 24.98
N PHE H 293 -29.40 -28.10 23.96
CA PHE H 293 -30.32 -27.06 23.54
C PHE H 293 -30.10 -26.74 22.06
N HIS H 294 -31.18 -26.56 21.33
CA HIS H 294 -31.13 -26.26 19.91
C HIS H 294 -30.22 -27.20 19.12
N GLY H 295 -30.32 -28.50 19.41
CA GLY H 295 -29.63 -29.50 18.62
C GLY H 295 -28.24 -29.91 19.04
N SER H 296 -27.62 -29.23 20.01
CA SER H 296 -26.24 -29.54 20.43
C SER H 296 -26.10 -29.67 21.94
N PHE H 297 -25.04 -30.37 22.36
CA PHE H 297 -24.58 -30.35 23.74
C PHE H 297 -23.49 -29.28 23.80
N SER H 298 -23.79 -28.18 24.48
CA SER H 298 -22.88 -27.05 24.61
C SER H 298 -23.16 -26.34 25.93
N TYR H 299 -22.76 -25.09 26.09
CA TYR H 299 -23.19 -24.30 27.26
C TYR H 299 -24.51 -23.57 26.97
N LEU H 300 -25.32 -23.44 28.02
CA LEU H 300 -26.45 -22.52 27.98
C LEU H 300 -26.83 -22.00 29.35
N LEU H 301 -27.51 -20.86 29.35
CA LEU H 301 -28.12 -20.29 30.53
C LEU H 301 -29.38 -21.10 30.84
N GLN H 302 -29.38 -21.75 32.00
CA GLN H 302 -30.47 -22.61 32.42
C GLN H 302 -30.60 -22.60 33.94
N ASP H 303 -31.80 -22.88 34.41
CA ASP H 303 -32.10 -22.92 35.83
C ASP H 303 -31.82 -24.33 36.39
N GLU H 304 -32.13 -24.54 37.67
CA GLU H 304 -31.77 -25.77 38.39
C GLU H 304 -32.39 -27.06 37.80
N ASP H 305 -33.54 -26.95 37.12
CA ASP H 305 -34.18 -28.10 36.46
C ASP H 305 -33.78 -28.24 34.98
N GLY H 306 -33.05 -27.28 34.44
CA GLY H 306 -32.67 -27.31 33.03
C GLY H 306 -33.62 -26.60 32.09
N GLN H 307 -34.45 -25.70 32.62
CA GLN H 307 -35.28 -24.84 31.78
C GLN H 307 -34.39 -23.73 31.27
N THR H 308 -34.43 -23.46 29.95
CA THR H 308 -33.69 -22.35 29.35
C THR H 308 -34.06 -21.02 30.01
N ILE H 309 -33.05 -20.24 30.38
CA ILE H 309 -33.29 -18.90 30.91
C ILE H 309 -33.23 -17.95 29.74
N GLU H 310 -34.18 -17.01 29.71
CA GLU H 310 -34.23 -15.99 28.67
C GLU H 310 -33.07 -15.01 28.83
N SER H 311 -32.40 -14.74 27.72
CA SER H 311 -31.31 -13.79 27.67
C SER H 311 -31.85 -12.38 27.48
N HIS H 312 -30.99 -11.40 27.76
CA HIS H 312 -31.27 -9.99 27.52
C HIS H 312 -29.96 -9.27 27.13
N SER H 313 -30.06 -8.44 26.11
CA SER H 313 -28.97 -7.57 25.69
C SER H 313 -29.53 -6.41 24.89
N ILE H 314 -28.85 -5.28 24.90
CA ILE H 314 -29.21 -4.19 23.99
C ILE H 314 -28.94 -4.61 22.53
N SER H 315 -28.03 -5.56 22.34
CA SER H 315 -27.69 -6.09 21.05
C SER H 315 -28.58 -7.29 20.70
N ALA H 316 -29.35 -7.17 19.62
CA ALA H 316 -30.24 -8.26 19.18
C ALA H 316 -29.46 -9.49 18.72
N GLY H 317 -28.29 -9.25 18.13
CA GLY H 317 -27.42 -10.32 17.66
C GLY H 317 -26.75 -11.22 18.70
N LEU H 318 -26.44 -10.65 19.87
CA LEU H 318 -25.85 -11.40 21.00
C LEU H 318 -26.86 -11.88 22.05
N ASP H 319 -28.14 -11.54 21.86
CA ASP H 319 -29.22 -11.84 22.78
C ASP H 319 -29.68 -13.28 22.57
N TYR H 320 -28.84 -14.21 22.99
CA TYR H 320 -29.08 -15.62 22.78
C TYR H 320 -28.47 -16.35 23.97
N PRO H 321 -29.25 -17.19 24.69
CA PRO H 321 -28.71 -17.85 25.88
C PRO H 321 -27.81 -19.06 25.62
N GLY H 322 -27.70 -19.49 24.36
CA GLY H 322 -26.81 -20.58 23.99
C GLY H 322 -25.47 -20.15 23.43
N VAL H 323 -24.65 -21.14 23.10
CA VAL H 323 -23.44 -20.91 22.34
C VAL H 323 -23.07 -22.20 21.62
N GLY H 324 -22.36 -22.06 20.51
CA GLY H 324 -21.95 -23.18 19.68
C GLY H 324 -20.99 -24.16 20.35
N PRO H 325 -21.10 -25.46 20.02
CA PRO H 325 -20.32 -26.51 20.67
C PRO H 325 -18.82 -26.49 20.46
N GLU H 326 -18.33 -25.98 19.34
CA GLU H 326 -16.88 -25.87 19.10
C GLU H 326 -16.25 -24.89 20.10
N HIS H 327 -16.98 -23.83 20.45
CA HIS H 327 -16.57 -22.89 21.50
C HIS H 327 -16.53 -23.53 22.88
N ALA H 328 -17.52 -24.34 23.20
CA ALA H 328 -17.50 -25.10 24.47
C ALA H 328 -16.22 -25.96 24.56
N TRP H 329 -15.87 -26.59 23.45
CA TRP H 329 -14.68 -27.43 23.36
C TRP H 329 -13.41 -26.60 23.52
N LEU H 330 -13.37 -25.42 22.90
CA LEU H 330 -12.17 -24.56 22.99
C LEU H 330 -12.01 -23.93 24.36
N LYS H 331 -13.13 -23.65 25.04
CA LYS H 331 -13.11 -23.22 26.42
C LYS H 331 -12.61 -24.33 27.33
N GLU H 332 -13.11 -25.55 27.16
CA GLU H 332 -12.66 -26.70 27.94
C GLU H 332 -11.15 -26.91 27.81
N ALA H 333 -10.66 -26.88 26.57
CA ALA H 333 -9.24 -27.08 26.28
C ALA H 333 -8.32 -25.94 26.77
N GLY H 334 -8.89 -24.77 27.08
CA GLY H 334 -8.10 -23.61 27.52
C GLY H 334 -7.46 -22.85 26.36
N ARG H 335 -7.93 -23.08 25.14
CA ARG H 335 -7.39 -22.41 23.95
C ARG H 335 -8.00 -21.02 23.78
N VAL H 336 -9.29 -20.88 24.06
CA VAL H 336 -9.96 -19.58 24.04
C VAL H 336 -10.45 -19.22 25.45
N ASP H 337 -10.35 -17.93 25.79
CA ASP H 337 -10.94 -17.37 27.00
C ASP H 337 -12.16 -16.54 26.62
N TYR H 338 -13.23 -16.64 27.41
CA TYR H 338 -14.49 -15.93 27.10
C TYR H 338 -14.83 -14.97 28.23
N ARG H 339 -15.09 -13.72 27.90
CA ARG H 339 -15.23 -12.66 28.91
C ARG H 339 -16.48 -11.82 28.65
N PRO H 340 -17.11 -11.33 29.73
CA PRO H 340 -18.36 -10.55 29.58
C PRO H 340 -18.12 -9.06 29.31
N ILE H 341 -18.98 -8.49 28.47
CA ILE H 341 -18.99 -7.05 28.20
C ILE H 341 -20.43 -6.55 28.33
N THR H 342 -20.63 -5.50 29.13
CA THR H 342 -21.95 -4.96 29.43
C THR H 342 -22.46 -4.05 28.32
N ASP H 343 -23.76 -3.80 28.31
CA ASP H 343 -24.40 -2.80 27.45
C ASP H 343 -23.68 -1.45 27.47
N SER H 344 -23.33 -0.96 28.66
CA SER H 344 -22.68 0.34 28.83
C SER H 344 -21.30 0.37 28.23
N GLU H 345 -20.50 -0.65 28.52
CA GLU H 345 -19.15 -0.80 27.92
C GLU H 345 -19.23 -0.83 26.40
N ALA H 346 -20.16 -1.62 25.87
CA ALA H 346 -20.33 -1.74 24.43
C ALA H 346 -20.70 -0.42 23.78
N MET H 347 -21.65 0.31 24.38
CA MET H 347 -22.05 1.60 23.84
C MET H 347 -20.96 2.67 23.95
N ASP H 348 -20.19 2.69 25.05
CA ASP H 348 -19.03 3.59 25.13
C ASP H 348 -18.08 3.39 23.94
N ALA H 349 -17.75 2.13 23.65
CA ALA H 349 -16.90 1.74 22.53
C ALA H 349 -17.53 2.07 21.18
N PHE H 350 -18.84 1.91 21.05
CA PHE H 350 -19.60 2.33 19.87
C PHE H 350 -19.32 3.81 19.56
N GLY H 351 -19.56 4.65 20.55
CA GLY H 351 -19.36 6.07 20.41
C GLY H 351 -17.90 6.42 20.10
N LEU H 352 -16.99 5.68 20.71
CA LEU H 352 -15.56 5.97 20.55
C LEU H 352 -15.08 5.64 19.15
N LEU H 353 -15.55 4.52 18.61
CA LEU H 353 -15.20 4.11 17.24
C LEU H 353 -15.76 5.10 16.23
N CYS H 354 -16.97 5.62 16.48
CA CYS H 354 -17.57 6.68 15.66
C CYS H 354 -16.70 7.93 15.60
N ARG H 355 -16.23 8.41 16.75
CA ARG H 355 -15.49 9.68 16.85
C ARG H 355 -14.02 9.61 16.48
N MET H 356 -13.39 8.45 16.67
CA MET H 356 -11.95 8.26 16.46
C MET H 356 -11.63 7.78 15.06
N GLU H 357 -12.38 6.81 14.56
CA GLU H 357 -12.09 6.19 13.26
C GLU H 357 -13.13 6.44 12.19
N GLY H 358 -14.23 7.13 12.51
CA GLY H 358 -15.30 7.37 11.55
C GLY H 358 -16.02 6.11 11.10
N ILE H 359 -16.07 5.09 11.97
CA ILE H 359 -16.71 3.82 11.65
C ILE H 359 -17.87 3.61 12.63
N ILE H 360 -19.06 3.41 12.08
CA ILE H 360 -20.25 3.16 12.88
C ILE H 360 -20.42 1.64 12.94
N PRO H 361 -20.11 1.03 14.08
CA PRO H 361 -20.13 -0.42 14.13
C PRO H 361 -21.53 -0.95 14.42
N ALA H 362 -21.73 -2.24 14.20
CA ALA H 362 -22.88 -2.91 14.78
C ALA H 362 -22.68 -2.94 16.31
N ILE H 363 -23.78 -2.89 17.05
CA ILE H 363 -23.72 -2.95 18.51
C ILE H 363 -23.13 -4.30 18.93
N GLU H 364 -23.32 -5.32 18.11
CA GLU H 364 -22.69 -6.62 18.32
C GLU H 364 -21.18 -6.44 18.32
N SER H 365 -20.65 -5.92 17.21
CA SER H 365 -19.21 -5.71 17.04
C SER H 365 -18.62 -4.74 18.08
N ALA H 366 -19.42 -3.77 18.54
CA ALA H 366 -19.00 -2.84 19.60
C ALA H 366 -18.56 -3.52 20.91
N HIS H 367 -19.13 -4.69 21.19
CA HIS H 367 -18.73 -5.50 22.35
C HIS H 367 -17.30 -6.00 22.21
N ALA H 368 -16.93 -6.39 20.99
CA ALA H 368 -15.56 -6.82 20.71
C ALA H 368 -14.55 -5.68 20.79
N VAL H 369 -14.94 -4.50 20.30
CA VAL H 369 -14.08 -3.33 20.39
C VAL H 369 -13.88 -2.94 21.87
N ALA H 370 -14.94 -2.97 22.65
CA ALA H 370 -14.86 -2.64 24.07
C ALA H 370 -13.90 -3.57 24.82
N GLY H 371 -14.03 -4.87 24.53
CA GLY H 371 -13.12 -5.88 25.08
C GLY H 371 -11.68 -5.72 24.65
N ALA H 372 -11.49 -5.35 23.38
CA ALA H 372 -10.17 -5.05 22.83
C ALA H 372 -9.48 -3.89 23.52
N LEU H 373 -10.24 -2.84 23.85
CA LEU H 373 -9.73 -1.70 24.60
C LEU H 373 -9.20 -2.10 25.97
N LYS H 374 -9.92 -2.98 26.65
CA LYS H 374 -9.50 -3.50 27.96
C LYS H 374 -8.30 -4.42 27.84
N LEU H 375 -8.27 -5.24 26.79
CA LEU H 375 -7.17 -6.16 26.55
C LEU H 375 -5.90 -5.40 26.16
N GLY H 376 -6.05 -4.28 25.47
CA GLY H 376 -4.93 -3.40 25.18
C GLY H 376 -4.25 -2.86 26.42
N VAL H 377 -5.04 -2.48 27.43
CA VAL H 377 -4.51 -2.00 28.70
C VAL H 377 -3.77 -3.10 29.46
N GLU H 378 -4.22 -4.35 29.35
CA GLU H 378 -3.51 -5.50 29.94
C GLU H 378 -2.19 -5.82 29.23
N LEU H 379 -2.22 -5.89 27.90
CA LEU H 379 -1.06 -6.31 27.10
C LEU H 379 -0.03 -5.20 26.92
N GLY H 380 -0.48 -3.95 26.89
CA GLY H 380 0.41 -2.80 26.89
C GLY H 380 0.89 -2.31 25.54
N ARG H 381 1.82 -1.37 25.58
CA ARG H 381 2.26 -0.64 24.41
C ARG H 381 2.83 -1.57 23.35
N GLY H 382 2.45 -1.33 22.10
CA GLY H 382 2.96 -2.12 20.98
C GLY H 382 2.34 -3.50 20.76
N ALA H 383 1.45 -3.95 21.66
CA ALA H 383 0.79 -5.23 21.47
C ALA H 383 -0.15 -5.14 20.29
N VAL H 384 -0.20 -6.19 19.48
CA VAL H 384 -0.97 -6.22 18.26
C VAL H 384 -2.23 -7.04 18.49
N ILE H 385 -3.39 -6.40 18.39
CA ILE H 385 -4.69 -7.03 18.66
C ILE H 385 -5.57 -6.94 17.39
N VAL H 386 -5.92 -8.08 16.81
CA VAL H 386 -6.86 -8.12 15.70
C VAL H 386 -8.28 -8.30 16.27
N VAL H 387 -9.17 -7.37 15.94
CA VAL H 387 -10.57 -7.38 16.33
C VAL H 387 -11.42 -7.66 15.09
N ASN H 388 -12.26 -8.68 15.13
CA ASN H 388 -13.25 -8.90 14.07
C ASN H 388 -14.35 -7.85 14.19
N LEU H 389 -14.43 -6.93 13.22
CA LEU H 389 -15.49 -5.94 13.16
C LEU H 389 -16.62 -6.53 12.31
N SER H 390 -17.53 -7.24 12.98
CA SER H 390 -18.42 -8.19 12.34
C SER H 390 -19.50 -7.56 11.48
N GLY H 391 -19.96 -6.37 11.85
CA GLY H 391 -20.96 -5.64 11.09
C GLY H 391 -20.93 -4.14 11.27
N ARG H 392 -21.68 -3.46 10.39
CA ARG H 392 -21.90 -2.01 10.44
C ARG H 392 -23.20 -1.68 11.17
N GLY H 393 -23.35 -0.40 11.51
CA GLY H 393 -24.36 0.07 12.44
C GLY H 393 -25.63 0.70 11.90
N ASP H 394 -25.80 0.77 10.57
CA ASP H 394 -27.06 1.20 9.92
C ASP H 394 -28.33 0.87 10.76
N LYS H 395 -28.44 -0.42 11.09
CA LYS H 395 -29.59 -0.97 11.79
C LYS H 395 -29.76 -0.48 13.23
N ASP H 396 -28.66 -0.01 13.84
CA ASP H 396 -28.60 0.44 15.23
C ASP H 396 -28.50 1.95 15.44
N VAL H 397 -28.55 2.72 14.36
CA VAL H 397 -28.40 4.19 14.44
C VAL H 397 -29.46 4.85 15.32
N GLU H 398 -30.72 4.42 15.22
CA GLU H 398 -31.79 4.94 16.08
C GLU H 398 -31.55 4.63 17.57
N THR H 399 -31.21 3.38 17.89
CA THR H 399 -30.89 2.97 19.27
C THR H 399 -29.74 3.80 19.86
N ALA H 400 -28.66 3.92 19.10
CA ALA H 400 -27.47 4.65 19.53
C ALA H 400 -27.70 6.17 19.63
N ALA H 401 -28.44 6.74 18.68
CA ALA H 401 -28.80 8.17 18.76
C ALA H 401 -29.67 8.45 19.98
N LYS H 402 -30.58 7.52 20.29
CA LYS H 402 -31.39 7.60 21.51
C LYS H 402 -30.51 7.47 22.77
N TRP H 403 -29.60 6.49 22.77
CA TRP H 403 -28.63 6.31 23.86
C TRP H 403 -27.81 7.58 24.18
N PHE H 404 -27.25 8.21 23.14
CA PHE H 404 -26.43 9.43 23.27
C PHE H 404 -27.20 10.78 23.25
N GLY H 405 -28.54 10.73 23.21
CA GLY H 405 -29.37 11.93 23.29
C GLY H 405 -29.29 12.83 22.06
N LEU H 406 -29.26 12.21 20.89
CA LEU H 406 -29.07 12.92 19.62
C LEU H 406 -30.37 12.92 18.80
N LEU H 407 -31.39 13.59 19.34
CA LEU H 407 -32.71 13.66 18.68
C LEU H 407 -33.45 14.92 19.10
C1 MLI I . -23.91 47.28 2.36
C2 MLI I . -22.82 46.45 2.99
C3 MLI I . -24.99 47.68 3.34
O6 MLI I . -21.81 46.16 2.29
O7 MLI I . -22.94 46.07 4.19
O8 MLI I . -24.71 48.54 4.22
O9 MLI I . -26.12 47.15 3.23
C FMT J . -25.62 47.07 -0.90
O1 FMT J . -25.86 45.88 -0.83
O2 FMT J . -24.50 47.48 -1.50
OP1 P1T K . -22.24 11.56 -8.43
P P1T K . -22.92 12.91 -8.46
OP2 P1T K . -22.11 14.04 -7.88
OP3 P1T K . -23.54 13.22 -9.81
OP4 P1T K . -24.16 12.77 -7.46
C5A P1T K . -25.25 11.88 -7.70
C5 P1T K . -25.26 10.74 -6.70
C6 P1T K . -25.20 9.42 -7.14
N1 P1T K . -25.21 8.37 -6.29
C2 P1T K . -25.28 8.49 -4.94
C2A P1T K . -25.28 7.26 -4.09
C3 P1T K . -25.36 9.84 -4.32
O3A P1T K . -25.42 10.00 -2.97
C4 P1T K . -25.33 11.01 -5.23
C4A P1T K . -25.42 12.44 -4.77
N P1T K . -25.29 12.66 -3.34
CA P1T K . -25.35 13.86 -2.78
CB P1T K . -25.65 15.00 -3.42
C P1T K . -25.03 13.89 -1.35
O P1T K . -25.11 12.82 -0.69
OXT P1T K . -24.65 14.95 -0.83
CS CS L . -28.80 17.64 -12.82
CS CS M . -12.81 -5.28 -1.57
CS CS N . -47.73 3.04 -3.28
C19 79V O . -24.67 31.09 -7.10
C17 79V O . -22.23 34.44 -5.44
C16 79V O . -22.94 33.28 -6.00
C14 79V O . -24.58 31.92 -5.82
C10 79V O . -22.23 30.86 -5.03
C11 79V O . -20.92 30.89 -5.63
C12 79V O . -20.04 29.78 -5.55
C13 79V O . -23.22 32.04 -5.08
C01 79V O . -18.97 24.94 -4.92
C02 79V O . -17.69 25.13 -4.35
C03 79V O . -17.29 26.42 -3.95
C04 79V O . -18.16 27.55 -4.13
C05 79V O . -19.46 27.37 -4.74
C06 79V O . -19.84 26.05 -5.10
C07 79V O . -20.40 28.57 -4.87
C08 79V O . -21.69 28.55 -4.27
C09 79V O . -22.57 29.65 -4.35
N15 79V O . -24.46 33.46 -6.06
N18 79V O . -21.64 35.35 -5.00
O20 79V O . -24.45 31.84 -8.39
F21 79V O . -17.75 28.74 -3.76
C FMT P . -0.04 22.37 1.30
O1 FMT P . 0.58 23.40 1.11
O2 FMT P . 0.40 21.22 0.78
C FMT Q . -39.76 -5.38 -5.01
O1 FMT Q . -39.28 -4.72 -4.10
O2 FMT Q . -40.41 -4.75 -5.98
C FMT R . -34.80 -14.45 -13.95
O1 FMT R . -35.86 -15.01 -14.20
O2 FMT R . -33.86 -14.34 -14.89
C FMT S . -20.77 9.56 19.80
O1 FMT S . -20.55 9.90 20.95
O2 FMT S . -21.71 10.18 19.10
C1 MLI T . 20.71 -46.30 -13.66
C2 MLI T . 19.87 -45.81 -12.49
C3 MLI T . 22.10 -46.75 -13.24
O6 MLI T . 20.37 -45.69 -11.35
O7 MLI T . 18.68 -45.51 -12.76
O8 MLI T . 23.07 -46.12 -13.72
O9 MLI T . 22.22 -47.72 -12.46
C FMT U . 28.53 -65.90 -12.65
O1 FMT U . 28.15 -66.32 -11.56
O2 FMT U . 29.51 -65.00 -12.70
C FMT V . 20.86 -45.61 -17.16
O1 FMT V . 21.23 -44.46 -17.00
O2 FMT V . 19.55 -45.86 -17.32
C FMT W . 16.77 -68.06 -19.74
O1 FMT W . 17.62 -68.52 -18.99
O2 FMT W . 16.96 -68.08 -21.06
OP1 P1T X . 16.15 -11.97 -17.95
P P1T X . 16.79 -10.88 -18.77
OP2 P1T X . 16.84 -11.20 -20.25
OP3 P1T X . 16.30 -9.49 -18.43
OP4 P1T X . 18.33 -10.91 -18.31
C5A P1T X . 19.31 -10.04 -18.89
C5 P1T X . 19.78 -9.01 -17.87
C6 P1T X . 19.57 -7.66 -18.09
N1 P1T X . 19.97 -6.70 -17.22
C2 P1T X . 20.58 -6.97 -16.04
C2A P1T X . 20.97 -5.84 -15.14
C3 P1T X . 20.87 -8.39 -15.67
O3A P1T X . 21.47 -8.71 -14.49
C4 P1T X . 20.43 -9.45 -16.62
C4A P1T X . 20.66 -10.92 -16.38
N P1T X . 21.15 -11.28 -15.08
CA P1T X . 21.47 -12.53 -14.73
CB P1T X . 21.50 -13.57 -15.57
C P1T X . 21.72 -12.72 -13.31
O P1T X . 21.66 -13.87 -12.81
OXT P1T X . 21.97 -11.72 -12.60
CS CS Y . 20.17 -14.98 -25.70
C19 79V Z . 18.39 -29.09 -20.52
C17 79V Z . 16.51 -32.74 -18.52
C16 79V Z . 16.87 -31.47 -19.20
C14 79V Z . 18.60 -30.20 -19.55
C10 79V Z . 16.86 -29.21 -17.69
C11 79V Z . 15.43 -29.08 -17.74
C12 79V Z . 14.76 -27.99 -17.11
C13 79V Z . 17.63 -30.41 -18.34
C01 79V Z . 14.31 -23.38 -15.30
C02 79V Z . 13.34 -23.68 -14.31
C03 79V Z . 13.05 -25.03 -14.00
C04 79V Z . 13.73 -26.10 -14.67
C05 79V Z . 14.72 -25.81 -15.69
C06 79V Z . 14.99 -24.44 -15.97
C07 79V Z . 15.47 -26.97 -16.39
C08 79V Z . 16.88 -27.11 -16.33
C09 79V Z . 17.55 -28.20 -16.94
N15 79V Z . 18.10 -31.58 -20.11
N18 79V Z . 16.23 -33.73 -17.97
O20 79V Z . 17.51 -29.44 -21.68
F21 79V Z . 13.44 -27.37 -14.36
C FMT AA . 26.48 17.02 -25.02
O1 FMT AA . 27.34 17.54 -25.75
O2 FMT AA . 25.20 17.07 -25.37
C FMT BA . -0.44 -21.65 -2.00
O1 FMT BA . -0.60 -20.60 -1.40
O2 FMT BA . -0.59 -22.81 -1.36
C FMT CA . 2.89 -15.24 4.82
O1 FMT CA . 1.74 -14.84 4.77
O2 FMT CA . 3.24 -16.34 4.16
C FMT DA . 26.66 -11.94 7.86
O1 FMT DA . 26.94 -11.75 9.04
O2 FMT DA . 27.59 -11.71 6.93
C FMT EA . 20.76 16.91 -31.05
O1 FMT EA . 20.66 17.41 -29.94
O2 FMT EA . 20.66 17.68 -32.12
C1 MLI FA . 55.84 34.52 2.25
C2 MLI FA . 57.15 34.04 1.64
C3 MLI FA . 54.89 35.10 1.22
O6 MLI FA . 57.83 34.83 0.96
O7 MLI FA . 57.50 32.86 1.85
O8 MLI FA . 54.99 34.74 0.01
O9 MLI FA . 54.02 35.91 1.62
OP1 P1T GA . 26.19 12.89 6.30
P P1T GA . 27.54 13.41 6.73
OP2 P1T GA . 27.97 14.64 6.01
OP3 P1T GA . 27.72 13.49 8.22
OP4 P1T GA . 28.60 12.32 6.25
C5A P1T GA . 28.58 10.98 6.76
C5 P1T GA . 28.18 9.96 5.71
C6 P1T GA . 27.07 9.14 5.94
N1 P1T GA . 26.67 8.22 5.05
C2 P1T GA . 27.26 7.99 3.86
C2A P1T GA . 26.72 6.93 2.94
C3 P1T GA . 28.46 8.79 3.48
O3A P1T GA . 29.08 8.59 2.29
C4 P1T GA . 28.93 9.82 4.44
C4A P1T GA . 30.13 10.70 4.19
N P1T GA . 30.77 10.55 2.90
CA P1T GA . 31.81 11.30 2.50
CB P1T GA . 32.47 12.14 3.30
C P1T GA . 32.14 11.21 1.08
O P1T GA . 31.47 10.45 0.34
OXT P1T GA . 33.06 11.89 0.60
CS CS HA . 32.92 13.63 13.52
CS CS IA . 32.85 16.19 -16.92
CS CS JA . 11.52 6.06 -6.00
C19 79V KA . 42.30 24.39 8.22
C17 79V KA . 43.14 28.58 6.63
C16 79V KA . 42.63 27.31 7.17
C14 79V KA . 43.07 25.18 7.19
C10 79V KA . 40.95 25.88 5.60
C11 79V KA . 39.94 26.90 5.61
C12 79V KA . 38.65 26.68 5.04
C13 79V KA . 42.37 26.14 6.16
C01 79V KA . 34.88 23.81 3.49
C02 79V KA . 34.37 24.71 2.53
C03 79V KA . 35.12 25.85 2.19
C04 79V KA . 36.39 26.11 2.80
C05 79V KA . 36.92 25.20 3.78
C06 79V KA . 36.14 24.05 4.09
C07 79V KA . 38.30 25.45 4.43
C08 79V KA . 39.31 24.46 4.40
C09 79V KA . 40.60 24.66 4.95
N15 79V KA . 43.72 26.44 7.81
N18 79V KA . 43.55 29.59 6.20
O20 79V KA . 41.20 25.14 8.86
F21 79V KA . 37.05 27.20 2.45
C FMT LA . 33.48 19.84 -20.00
O1 FMT LA . 33.70 19.19 -18.98
O2 FMT LA . 33.67 19.26 -21.19
C FMT MA . 23.95 34.00 -10.31
O1 FMT MA . 24.16 35.20 -10.34
O2 FMT MA . 22.69 33.54 -10.31
C FMT NA . 33.99 32.60 19.16
O1 FMT NA . 33.02 33.30 19.40
O2 FMT NA . 34.95 32.50 20.07
C FMT OA . 34.50 7.02 -20.43
O1 FMT OA . 34.13 6.54 -19.37
O2 FMT OA . 34.51 6.25 -21.51
C FMT PA . 40.02 2.36 12.98
O1 FMT PA . 39.53 2.83 13.99
O2 FMT PA . 40.76 3.15 12.18
C1 MLI QA . -50.50 -37.18 20.31
C2 MLI QA . -50.00 -36.73 18.96
C3 MLI QA . -51.81 -36.51 20.72
O6 MLI QA . -49.14 -37.44 18.39
O7 MLI QA . -50.44 -35.66 18.45
O8 MLI QA . -51.76 -35.51 21.47
O9 MLI QA . -52.89 -36.98 20.28
C FMT RA . -23.46 -35.99 27.15
O1 FMT RA . -23.47 -35.67 28.32
O2 FMT RA . -22.35 -35.83 26.45
OP1 P1T SA . -21.86 -15.09 17.15
P P1T SA . -22.30 -14.82 15.72
OP2 P1T SA . -21.27 -14.10 14.88
OP3 P1T SA . -22.93 -15.99 15.03
OP4 P1T SA . -23.50 -13.77 15.89
C5A P1T SA . -23.33 -12.51 16.57
C5 P1T SA . -23.33 -11.35 15.58
C6 P1T SA . -22.20 -10.55 15.43
N1 P1T SA . -22.14 -9.51 14.58
C2 P1T SA . -23.19 -9.14 13.79
C2A P1T SA . -23.04 -7.97 12.86
C3 P1T SA . -24.45 -9.90 13.84
O3A P1T SA . -25.52 -9.57 13.05
C4 P1T SA . -24.53 -11.06 14.76
C4A P1T SA . -25.77 -11.92 14.94
N P1T SA . -26.78 -11.74 13.94
CA P1T SA . -27.94 -12.42 13.94
CB P1T SA . -28.32 -13.25 14.92
C P1T SA . -28.76 -12.26 12.75
O P1T SA . -29.71 -13.04 12.56
OXT P1T SA . -28.49 -11.36 11.92
CS CS TA . -24.28 -16.10 24.07
CS CS UA . -36.96 -14.88 -3.79
C19 79V VA . -35.13 -26.62 21.69
C17 79V VA . -36.75 -30.50 19.88
C16 79V VA . -36.00 -29.33 20.39
C14 79V VA . -36.27 -27.24 20.93
C10 79V VA . -35.01 -27.63 18.52
C11 79V VA . -34.06 -28.59 18.03
C12 79V VA . -33.10 -28.26 17.02
C13 79V VA . -36.09 -28.00 19.58
C01 79V VA . -30.34 -25.05 14.45
C02 79V VA . -30.29 -25.79 13.26
C03 79V VA . -31.12 -26.91 13.09
C04 79V VA . -32.02 -27.30 14.12
C05 79V VA . -32.07 -26.57 15.36
C06 79V VA . -31.23 -25.44 15.49
C07 79V VA . -33.05 -26.96 16.45
C08 79V VA . -34.01 -26.02 16.93
C09 79V VA . -34.96 -26.34 17.92
N15 79V VA . -36.68 -28.62 21.54
N18 79V VA . -37.36 -31.42 19.47
O20 79V VA . -33.83 -27.23 21.45
F21 79V VA . -32.78 -28.35 13.93
C FMT WA . -26.03 -32.79 -3.85
O1 FMT WA . -26.70 -33.81 -3.80
O2 FMT WA . -25.15 -32.64 -4.84
C FMT XA . -34.35 -7.26 25.42
O1 FMT XA . -35.49 -7.45 25.02
O2 FMT XA . -33.47 -8.25 25.38
C FMT YA . -36.29 -35.07 3.79
O1 FMT YA . -36.92 -35.71 4.62
O2 FMT YA . -35.31 -35.67 3.11
#